data_8H9E
#
_entry.id   8H9E
#
_cell.length_a   1.00
_cell.length_b   1.00
_cell.length_c   1.00
_cell.angle_alpha   90.00
_cell.angle_beta   90.00
_cell.angle_gamma   90.00
#
_symmetry.space_group_name_H-M   'P 1'
#
loop_
_entity.id
_entity.type
_entity.pdbx_description
1 polymer 'ATP synthase subunit alpha, mitochondrial'
2 polymer 'ATP synthase subunit beta, mitochondrial'
3 polymer 'ATP synthase subunit gamma, mitochondrial'
4 polymer 'ATP synthase subunit O, mitochondrial'
5 polymer 'ATPase inhibitor, mitochondrial'
6 non-polymer "ADENOSINE-5'-TRIPHOSPHATE"
7 non-polymer 'MAGNESIUM ION'
8 non-polymer "ADENOSINE-5'-DIPHOSPHATE"
#
loop_
_entity_poly.entity_id
_entity_poly.type
_entity_poly.pdbx_seq_one_letter_code
_entity_poly.pdbx_strand_id
1 'polypeptide(L)'
;QKTGTAEMSSILEERILGADTSVDLEETGRVLSIGDGIARVHGLRNVQAEEMVEFSSGLKGMSLNLEPDNVGVVVFGNDK
LIKEGDIVKRTGAIVDVPVGEELLGRVVDALGNAIDGKGPIGSKTRRRVGLKAPGIIPRISVREPMQTGIKAVDSLVPIG
RGQRELIIGDRQTGKTSIAIDTIINQKRFNDGSDEKKKLYCIYVAIGQKRSTVAQLVKRLTDADAMKYTIVVSATASDAA
PLQYLAPYSGCSMGEYFRDNGKHALIIYDDLSKQAVAYRQMSLLLRRPPGREAYPGDVFYLHSRLLERAAKMNDAFGGGS
LTALPVIETQAGDVSAYIPTNVISITDGQIFLETELFYKGIRPAINVGLSVSRVGSAAQTRAMKQVAGTMKLELAQYREV
AAFAQFGSDLDAATQQLLSRGVRLTELLKQGQYSPMAIEEQVAVIYAGVRGYLDKLEPSKITKFENAFLSHVVSQHQALL
GTIRADGKISEQSDAKLKEIVTNFLAGFEA
;
A,B,C
2 'polypeptide(L)'
;AQTSPSPKAGAATGRIVAVIGAVVDVQFDEGLPPILNALEVQGRETRLVLEVAQHLGESTVRTIAMDGTEGLVRGQKVLD
SGAPIKIPVGPETLGRIMNVIGEPIDERGPIKTKQFAPIHAEAPEFMEMSVEQEILVTGIKVVDLLAPYAKGGKIGLFGG
AGVGKTVLIMELINNVAKAHGGYSVFAGVGERTREGNDLYHEMIESGVINLKDATSKVALVYGQMNEPPGARARVALTGL
TVAEYFRDQEGQDVLLFIDNIFRFTQAGSEVSALLGRIPSAVGYQPTLATDMGTMQERITTTKKGSITSVQAIYVPADDL
TDPAPATTFAHLDATTVLSRAIAELGIYPAVDPLDSTSRIMDPNIVGSEHYDVARGVQKILQDYKSLQDIIAILGMDELS
EEDKLTVSRARKIQRFLSQPFQVAEVFTGHMGKLVPLKETIKGFQQILAGEYDHLPEQAFYMVGPIEEAVAKADKLAEEH
SS
;
E,F,D
3 'polypeptide(L)'
;ATLKDITRRLKSIKNIQKITKSMKMVAAAKYARAERELKPARIYGLGSLALYEKADIKGPEDKKKHLLIGVSSDRGLCGA
IHSSIAKQMKSEVATLTAAGKEVMLVGIGDKIRGILYRTHSDQFLVAFKEVGRKPPTFGDASVIALELLNSGYEFDEGSI
IFNKFRSVISYKTEEKPIFSLNTVASADSMSIYDDIDADVLQNYQEYNLANIIYYSLKESTTSEQSARMTAMDNASKNAS
EMIDKLTLTFNRTRQAVITKELIEIISGAAALD
;
G
4 'polypeptide(L)'
;FAKLVRPPVQVYGIEGRYATALYSAASKQNKLEQVEKELLRVAQILKEPKVAASVLNPYVKRSIKVKSLNDITAKERFSP
LTTNLINLLAENGRLSNTQGVVSAFSTMMSVHRGEVPCTVTSASPLEEATLSELKTVLKSFLSQGQVLKLEAKTDPSILG
GMIVRIGEKYVDMSVKTKIQKLGRAMREIV
;
O
5 'polypeptide(L)'
;GSDQSENVDRGAGSIREAGGAFGKREQAEEERYFRAQSREQLAALKKHHEEEIVHHKKEIERLQKEIERHKQKIKMLKHD
D
;
J
#
loop_
_chem_comp.id
_chem_comp.type
_chem_comp.name
_chem_comp.formula
ADP non-polymer ADENOSINE-5'-DIPHOSPHATE 'C10 H15 N5 O10 P2'
ATP non-polymer ADENOSINE-5'-TRIPHOSPHATE 'C10 H16 N5 O13 P3'
MG non-polymer 'MAGNESIUM ION' 'Mg 2'
#
# COMPACT_ATOMS: atom_id res chain seq x y z
N THR A 3 30.69 -4.45 15.31
CA THR A 3 30.33 -3.30 14.48
C THR A 3 31.47 -2.96 13.52
N GLY A 4 31.17 -2.93 12.23
CA GLY A 4 32.19 -2.61 11.25
C GLY A 4 32.56 -3.78 10.36
N THR A 5 32.55 -3.57 9.05
CA THR A 5 32.86 -4.64 8.13
C THR A 5 34.33 -5.05 8.24
N ALA A 6 35.22 -4.08 8.37
CA ALA A 6 36.64 -4.37 8.47
C ALA A 6 37.11 -4.63 9.90
N GLU A 7 36.20 -4.67 10.87
CA GLU A 7 36.57 -4.97 12.24
C GLU A 7 36.55 -6.46 12.55
N MET A 8 36.66 -7.30 11.53
CA MET A 8 36.81 -8.74 11.73
C MET A 8 38.04 -9.01 12.59
N SER A 9 37.98 -10.10 13.37
CA SER A 9 39.03 -10.38 14.34
C SER A 9 40.37 -10.66 13.69
N SER A 10 40.37 -11.23 12.48
CA SER A 10 41.62 -11.57 11.82
C SER A 10 42.38 -10.32 11.39
N ILE A 11 41.68 -9.36 10.79
CA ILE A 11 42.32 -8.09 10.43
C ILE A 11 42.88 -7.41 11.67
N LEU A 12 42.11 -7.38 12.75
CA LEU A 12 42.54 -6.66 13.94
C LEU A 12 43.73 -7.34 14.60
N GLU A 13 43.73 -8.67 14.65
CA GLU A 13 44.85 -9.35 15.28
C GLU A 13 46.08 -9.33 14.38
N GLU A 14 45.89 -9.18 13.07
CA GLU A 14 47.03 -9.00 12.19
C GLU A 14 47.62 -7.61 12.35
N ARG A 15 46.77 -6.62 12.63
CA ARG A 15 47.28 -5.28 12.94
C ARG A 15 47.94 -5.25 14.31
N ILE A 16 47.47 -6.08 15.23
CA ILE A 16 48.07 -6.15 16.56
C ILE A 16 49.42 -6.86 16.52
N LEU A 17 49.53 -7.92 15.71
CA LEU A 17 50.82 -8.59 15.56
C LEU A 17 51.83 -7.68 14.88
N GLY A 18 51.41 -6.92 13.88
CA GLY A 18 52.31 -6.00 13.19
C GLY A 18 52.81 -6.54 11.87
N VAL A 23 52.11 -7.49 2.86
CA VAL A 23 50.94 -7.48 1.99
C VAL A 23 50.72 -6.08 1.42
N ASP A 24 50.22 -6.03 0.19
CA ASP A 24 50.00 -4.77 -0.52
C ASP A 24 48.50 -4.48 -0.51
N LEU A 25 48.08 -3.57 0.34
CA LEU A 25 46.67 -3.18 0.41
C LEU A 25 46.34 -2.04 -0.54
N GLU A 26 47.16 -1.82 -1.56
CA GLU A 26 46.92 -0.76 -2.55
C GLU A 26 46.30 -1.33 -3.82
N GLU A 27 46.95 -2.31 -4.43
CA GLU A 27 46.48 -2.93 -5.65
C GLU A 27 45.88 -4.30 -5.42
N THR A 28 45.73 -4.71 -4.16
CA THR A 28 45.33 -6.05 -3.82
C THR A 28 44.37 -5.99 -2.64
N GLY A 29 43.45 -6.95 -2.58
CA GLY A 29 42.47 -6.99 -1.52
C GLY A 29 42.23 -8.40 -1.02
N ARG A 30 41.34 -8.51 -0.05
CA ARG A 30 40.96 -9.78 0.54
C ARG A 30 39.48 -9.77 0.87
N VAL A 31 38.79 -10.84 0.47
CA VAL A 31 37.34 -10.92 0.63
C VAL A 31 37.02 -11.04 2.11
N LEU A 32 36.31 -10.04 2.65
CA LEU A 32 35.84 -10.12 4.02
C LEU A 32 34.60 -10.98 4.13
N SER A 33 33.69 -10.84 3.18
CA SER A 33 32.45 -11.59 3.17
C SER A 33 31.94 -11.68 1.73
N ILE A 34 31.28 -12.78 1.41
CA ILE A 34 30.70 -12.99 0.09
C ILE A 34 29.32 -13.60 0.26
N GLY A 35 28.33 -13.05 -0.41
CA GLY A 35 26.99 -13.58 -0.38
C GLY A 35 26.09 -12.93 -1.40
N ASP A 36 25.37 -13.74 -2.17
CA ASP A 36 24.39 -13.27 -3.15
C ASP A 36 25.03 -12.42 -4.25
N GLY A 37 26.30 -12.68 -4.56
CA GLY A 37 26.97 -11.95 -5.62
C GLY A 37 27.62 -10.65 -5.22
N ILE A 38 27.74 -10.39 -3.92
CA ILE A 38 28.35 -9.16 -3.42
C ILE A 38 29.52 -9.57 -2.53
N ALA A 39 30.72 -9.18 -2.92
CA ALA A 39 31.92 -9.47 -2.15
C ALA A 39 32.39 -8.18 -1.48
N ARG A 40 32.41 -8.17 -0.16
CA ARG A 40 33.04 -7.09 0.58
C ARG A 40 34.54 -7.35 0.65
N VAL A 41 35.32 -6.43 0.09
CA VAL A 41 36.75 -6.63 -0.10
C VAL A 41 37.50 -5.64 0.80
N HIS A 42 38.42 -6.17 1.60
CA HIS A 42 39.28 -5.32 2.43
C HIS A 42 40.48 -4.85 1.63
N GLY A 43 40.87 -3.61 1.84
CA GLY A 43 42.00 -3.07 1.11
C GLY A 43 41.59 -2.45 -0.21
N LEU A 44 42.39 -2.67 -1.25
CA LEU A 44 42.16 -2.08 -2.56
C LEU A 44 42.05 -0.57 -2.48
N ARG A 45 42.96 0.04 -1.73
CA ARG A 45 42.85 1.46 -1.43
C ARG A 45 43.06 2.35 -2.64
N ASN A 46 43.55 1.81 -3.75
CA ASN A 46 43.77 2.59 -4.95
C ASN A 46 42.73 2.31 -6.03
N VAL A 47 41.74 1.47 -5.75
CA VAL A 47 40.78 1.09 -6.78
C VAL A 47 39.83 2.26 -7.05
N GLN A 48 39.37 2.35 -8.29
CA GLN A 48 38.46 3.40 -8.71
C GLN A 48 37.02 2.94 -8.63
N ALA A 49 36.11 3.91 -8.58
CA ALA A 49 34.70 3.59 -8.68
C ALA A 49 34.40 3.04 -10.07
N GLU A 50 33.62 1.97 -10.11
CA GLU A 50 33.23 1.29 -11.35
C GLU A 50 34.41 0.65 -12.07
N GLU A 51 35.46 0.30 -11.35
CA GLU A 51 36.62 -0.33 -11.94
C GLU A 51 36.49 -1.84 -11.89
N MET A 52 36.96 -2.50 -12.94
CA MET A 52 36.90 -3.95 -13.01
C MET A 52 38.04 -4.55 -12.19
N VAL A 53 37.71 -5.50 -11.32
CA VAL A 53 38.70 -6.17 -10.50
C VAL A 53 38.75 -7.65 -10.87
N GLU A 54 39.63 -8.39 -10.22
CA GLU A 54 39.95 -9.76 -10.60
C GLU A 54 40.03 -10.61 -9.34
N PHE A 55 39.20 -11.64 -9.27
CA PHE A 55 39.23 -12.54 -8.13
C PHE A 55 40.23 -13.67 -8.36
N SER A 56 40.59 -14.37 -7.28
CA SER A 56 41.63 -15.37 -7.37
C SER A 56 41.20 -16.57 -8.21
N SER A 57 39.91 -16.86 -8.25
CA SER A 57 39.39 -17.96 -9.05
C SER A 57 39.23 -17.61 -10.51
N GLY A 58 39.58 -16.39 -10.91
CA GLY A 58 39.43 -15.95 -12.28
C GLY A 58 38.18 -15.16 -12.56
N LEU A 59 37.21 -15.17 -11.65
CA LEU A 59 36.01 -14.35 -11.82
C LEU A 59 36.37 -12.88 -11.78
N LYS A 60 35.65 -12.08 -12.56
CA LYS A 60 35.81 -10.64 -12.56
C LYS A 60 34.71 -9.99 -11.74
N GLY A 61 34.97 -8.75 -11.34
CA GLY A 61 34.00 -7.99 -10.58
C GLY A 61 34.04 -6.53 -11.00
N MET A 62 33.20 -5.74 -10.36
CA MET A 62 33.17 -4.30 -10.59
C MET A 62 32.99 -3.59 -9.26
N SER A 63 33.85 -2.62 -8.99
CA SER A 63 33.84 -1.89 -7.72
C SER A 63 32.76 -0.82 -7.78
N LEU A 64 31.61 -1.13 -7.20
CA LEU A 64 30.49 -0.18 -7.21
C LEU A 64 30.42 0.65 -5.95
N ASN A 65 30.58 0.03 -4.79
CA ASN A 65 30.58 0.73 -3.50
C ASN A 65 32.02 0.88 -3.04
N LEU A 66 32.52 2.12 -3.01
CA LEU A 66 33.77 2.43 -2.35
C LEU A 66 33.43 2.98 -0.98
N GLU A 67 33.70 2.21 0.06
CA GLU A 67 33.37 2.59 1.42
C GLU A 67 34.65 2.83 2.22
N PRO A 68 34.55 3.47 3.38
CA PRO A 68 35.77 3.82 4.12
C PRO A 68 36.65 2.65 4.48
N ASP A 69 36.08 1.45 4.68
CA ASP A 69 36.87 0.32 5.12
C ASP A 69 36.66 -0.94 4.29
N ASN A 70 35.78 -0.93 3.30
CA ASN A 70 35.61 -2.08 2.43
C ASN A 70 35.17 -1.61 1.07
N VAL A 71 35.25 -2.51 0.10
CA VAL A 71 34.80 -2.26 -1.26
C VAL A 71 33.66 -3.23 -1.54
N GLY A 72 32.54 -2.70 -2.00
CA GLY A 72 31.45 -3.55 -2.43
C GLY A 72 31.62 -3.90 -3.90
N VAL A 73 31.93 -5.16 -4.17
CA VAL A 73 32.23 -5.64 -5.52
C VAL A 73 31.13 -6.58 -5.95
N VAL A 74 30.58 -6.34 -7.14
CA VAL A 74 29.58 -7.23 -7.72
C VAL A 74 30.29 -8.25 -8.60
N VAL A 75 29.91 -9.51 -8.48
CA VAL A 75 30.65 -10.63 -9.08
C VAL A 75 30.03 -10.98 -10.42
N PHE A 76 30.87 -11.16 -11.43
CA PHE A 76 30.42 -11.51 -12.78
C PHE A 76 30.32 -13.03 -12.94
N GLY A 77 29.66 -13.67 -12.00
CA GLY A 77 29.59 -15.13 -12.07
C GLY A 77 28.93 -15.70 -10.84
N ASN A 78 29.37 -16.90 -10.47
CA ASN A 78 28.79 -17.64 -9.37
C ASN A 78 29.54 -17.36 -8.08
N ASP A 79 28.80 -17.41 -6.96
CA ASP A 79 29.35 -17.13 -5.65
C ASP A 79 30.23 -18.25 -5.12
N LYS A 80 30.06 -19.48 -5.60
CA LYS A 80 30.76 -20.61 -4.97
C LYS A 80 32.26 -20.55 -5.21
N LEU A 81 32.70 -19.92 -6.28
CA LEU A 81 34.13 -19.85 -6.57
C LEU A 81 34.84 -18.77 -5.78
N ILE A 82 34.15 -18.07 -4.88
CA ILE A 82 34.74 -17.03 -4.06
C ILE A 82 34.50 -17.38 -2.61
N LYS A 83 35.57 -17.38 -1.82
CA LYS A 83 35.50 -17.68 -0.41
C LYS A 83 36.14 -16.53 0.37
N GLU A 84 35.87 -16.47 1.66
CA GLU A 84 36.45 -15.44 2.49
C GLU A 84 37.96 -15.61 2.54
N GLY A 85 38.68 -14.50 2.36
CA GLY A 85 40.12 -14.53 2.32
C GLY A 85 40.72 -14.66 0.95
N ASP A 86 39.90 -14.79 -0.09
CA ASP A 86 40.42 -14.83 -1.45
C ASP A 86 41.07 -13.51 -1.81
N ILE A 87 42.02 -13.56 -2.72
CA ILE A 87 42.79 -12.39 -3.10
C ILE A 87 42.15 -11.72 -4.30
N VAL A 88 41.98 -10.40 -4.23
CA VAL A 88 41.39 -9.62 -5.30
C VAL A 88 42.47 -8.68 -5.85
N LYS A 89 42.58 -8.63 -7.16
CA LYS A 89 43.56 -7.78 -7.82
C LYS A 89 42.86 -6.60 -8.50
N ARG A 90 43.62 -5.55 -8.76
CA ARG A 90 43.16 -4.48 -9.62
C ARG A 90 43.50 -4.79 -11.07
N THR A 91 42.65 -4.31 -11.97
CA THR A 91 42.97 -4.27 -13.39
C THR A 91 43.28 -2.86 -13.86
N GLY A 92 43.03 -1.85 -13.03
CA GLY A 92 43.36 -0.48 -13.34
C GLY A 92 42.52 0.18 -14.40
N ALA A 93 41.45 -0.46 -14.87
CA ALA A 93 40.68 0.06 -15.98
C ALA A 93 39.19 0.00 -15.67
N ILE A 94 38.46 0.99 -16.18
CA ILE A 94 37.00 0.91 -16.19
C ILE A 94 36.57 -0.12 -17.24
N VAL A 95 35.37 -0.66 -17.06
CA VAL A 95 34.87 -1.71 -17.93
C VAL A 95 34.82 -1.20 -19.37
N ASP A 96 35.28 -2.04 -20.30
CA ASP A 96 35.26 -1.70 -21.72
C ASP A 96 34.99 -2.97 -22.54
N VAL A 97 34.45 -2.76 -23.73
CA VAL A 97 34.10 -3.86 -24.63
C VAL A 97 34.85 -3.66 -25.92
N PRO A 98 34.98 -4.71 -26.74
CA PRO A 98 35.52 -4.52 -28.08
C PRO A 98 34.46 -4.03 -29.04
N VAL A 99 34.87 -3.19 -29.99
CA VAL A 99 33.96 -2.65 -31.00
C VAL A 99 34.62 -2.79 -32.36
N GLY A 100 33.85 -2.48 -33.39
CA GLY A 100 34.31 -2.55 -34.76
C GLY A 100 33.35 -3.34 -35.61
N GLU A 101 33.67 -3.39 -36.91
CA GLU A 101 32.89 -4.21 -37.83
C GLU A 101 33.16 -5.68 -37.67
N GLU A 102 34.20 -6.05 -36.92
CA GLU A 102 34.51 -7.45 -36.65
C GLU A 102 33.43 -8.14 -35.83
N LEU A 103 32.49 -7.39 -35.27
CA LEU A 103 31.43 -7.96 -34.45
C LEU A 103 30.17 -8.26 -35.23
N LEU A 104 30.08 -7.80 -36.48
CA LEU A 104 28.89 -8.07 -37.27
C LEU A 104 28.81 -9.54 -37.62
N GLY A 105 27.69 -10.18 -37.26
CA GLY A 105 27.53 -11.59 -37.47
C GLY A 105 27.88 -12.45 -36.29
N ARG A 106 28.28 -11.86 -35.16
CA ARG A 106 28.68 -12.61 -33.99
C ARG A 106 27.61 -12.52 -32.91
N VAL A 107 27.57 -13.53 -32.05
CA VAL A 107 26.76 -13.49 -30.83
C VAL A 107 27.73 -13.44 -29.67
N VAL A 108 27.73 -12.32 -28.95
CA VAL A 108 28.67 -12.10 -27.86
C VAL A 108 27.88 -11.98 -26.57
N ASP A 109 28.59 -12.01 -25.45
CA ASP A 109 27.95 -11.78 -24.16
C ASP A 109 28.13 -10.32 -23.75
N ALA A 110 27.74 -9.97 -22.53
CA ALA A 110 27.77 -8.60 -22.09
C ALA A 110 29.16 -7.99 -22.05
N LEU A 111 30.21 -8.77 -22.29
CA LEU A 111 31.57 -8.26 -22.28
C LEU A 111 32.27 -8.41 -23.64
N GLY A 112 31.52 -8.71 -24.69
CA GLY A 112 32.12 -8.86 -26.00
C GLY A 112 32.87 -10.15 -26.21
N ASN A 113 32.57 -11.19 -25.44
CA ASN A 113 33.15 -12.51 -25.63
C ASN A 113 32.23 -13.35 -26.50
N ALA A 114 32.79 -13.93 -27.55
CA ALA A 114 31.99 -14.74 -28.46
C ALA A 114 31.42 -15.95 -27.72
N ILE A 115 30.12 -16.20 -27.91
CA ILE A 115 29.47 -17.37 -27.38
C ILE A 115 28.92 -18.26 -28.49
N ASP A 116 29.37 -18.07 -29.72
CA ASP A 116 28.92 -18.87 -30.86
C ASP A 116 29.95 -19.88 -31.33
N GLY A 117 31.12 -19.94 -30.69
CA GLY A 117 32.13 -20.90 -31.07
C GLY A 117 32.87 -20.61 -32.36
N LYS A 118 32.58 -19.48 -33.01
CA LYS A 118 33.19 -19.17 -34.29
C LYS A 118 34.55 -18.50 -34.16
N GLY A 119 35.18 -18.58 -32.99
CA GLY A 119 36.50 -18.02 -32.81
C GLY A 119 36.47 -16.71 -32.07
N PRO A 120 37.66 -16.17 -31.77
CA PRO A 120 37.72 -14.91 -31.03
C PRO A 120 37.43 -13.72 -31.92
N ILE A 121 36.75 -12.72 -31.34
CA ILE A 121 36.46 -11.48 -32.06
C ILE A 121 37.79 -10.80 -32.38
N GLY A 122 38.10 -10.69 -33.67
CA GLY A 122 39.37 -10.14 -34.05
C GLY A 122 39.42 -8.63 -34.12
N SER A 123 38.63 -7.97 -33.26
CA SER A 123 38.54 -6.52 -33.30
C SER A 123 39.82 -5.89 -32.79
N LYS A 124 40.11 -4.69 -33.28
CA LYS A 124 41.31 -3.95 -32.88
C LYS A 124 41.00 -2.79 -31.95
N THR A 125 39.74 -2.39 -31.83
CA THR A 125 39.36 -1.21 -31.07
C THR A 125 38.54 -1.63 -29.85
N ARG A 126 38.75 -0.93 -28.74
CA ARG A 126 37.94 -1.11 -27.55
C ARG A 126 37.34 0.24 -27.14
N ARG A 127 36.22 0.17 -26.44
CA ARG A 127 35.48 1.37 -26.06
C ARG A 127 34.91 1.18 -24.67
N ARG A 128 34.95 2.23 -23.87
CA ARG A 128 34.38 2.17 -22.53
C ARG A 128 32.86 2.09 -22.61
N VAL A 129 32.28 1.28 -21.73
CA VAL A 129 30.84 1.08 -21.76
C VAL A 129 30.09 2.24 -21.11
N GLY A 130 30.77 3.09 -20.36
CA GLY A 130 30.10 4.14 -19.64
C GLY A 130 30.50 5.53 -20.06
N LEU A 131 30.66 5.75 -21.36
CA LEU A 131 30.94 7.08 -21.86
C LEU A 131 29.67 7.93 -21.84
N LYS A 132 29.86 9.24 -21.83
CA LYS A 132 28.72 10.15 -21.82
C LYS A 132 28.19 10.37 -23.24
N ALA A 133 26.91 10.69 -23.32
CA ALA A 133 26.25 10.92 -24.59
C ALA A 133 26.79 12.19 -25.24
N PRO A 134 26.54 12.38 -26.54
CA PRO A 134 26.87 13.66 -27.17
C PRO A 134 26.03 14.79 -26.57
N GLY A 135 26.62 15.98 -26.56
CA GLY A 135 25.98 17.14 -25.99
C GLY A 135 24.89 17.71 -26.87
N ILE A 136 24.72 19.03 -26.77
CA ILE A 136 23.69 19.70 -27.54
C ILE A 136 24.19 20.02 -28.94
N ILE A 137 25.40 20.55 -29.05
CA ILE A 137 25.93 21.05 -30.31
C ILE A 137 26.28 19.92 -31.28
N PRO A 138 26.91 18.82 -30.84
CA PRO A 138 27.25 17.75 -31.80
C PRO A 138 26.05 17.15 -32.52
N ARG A 139 24.83 17.46 -32.13
CA ARG A 139 23.66 16.81 -32.69
C ARG A 139 23.02 17.66 -33.78
N ILE A 140 22.16 17.01 -34.56
CA ILE A 140 21.31 17.68 -35.54
C ILE A 140 19.94 17.05 -35.41
N SER A 141 18.95 17.69 -36.04
CA SER A 141 17.58 17.23 -35.90
C SER A 141 17.38 15.91 -36.63
N VAL A 142 16.53 15.06 -36.07
CA VAL A 142 16.26 13.74 -36.64
C VAL A 142 15.45 13.94 -37.92
N ARG A 143 16.02 13.52 -39.05
CA ARG A 143 15.52 13.93 -40.35
C ARG A 143 15.36 12.78 -41.33
N GLU A 144 16.12 11.70 -41.16
CA GLU A 144 16.10 10.60 -42.12
C GLU A 144 15.23 9.46 -41.61
N PRO A 145 14.44 8.82 -42.47
CA PRO A 145 13.59 7.72 -41.99
C PRO A 145 14.40 6.49 -41.64
N MET A 146 14.04 5.86 -40.52
CA MET A 146 14.48 4.52 -40.18
C MET A 146 13.33 3.59 -40.53
N GLN A 147 13.49 2.83 -41.60
CA GLN A 147 12.38 2.04 -42.12
C GLN A 147 12.27 0.72 -41.37
N THR A 148 11.09 0.45 -40.83
CA THR A 148 10.82 -0.79 -40.14
C THR A 148 10.19 -1.84 -41.03
N GLY A 149 9.60 -1.43 -42.16
CA GLY A 149 8.88 -2.35 -43.01
C GLY A 149 7.49 -2.70 -42.55
N ILE A 150 7.07 -2.18 -41.40
CA ILE A 150 5.74 -2.42 -40.88
C ILE A 150 4.86 -1.24 -41.25
N LYS A 151 3.71 -1.52 -41.84
CA LYS A 151 2.87 -0.45 -42.38
C LYS A 151 2.37 0.48 -41.28
N ALA A 152 1.90 -0.09 -40.17
CA ALA A 152 1.37 0.73 -39.09
C ALA A 152 2.45 1.63 -38.50
N VAL A 153 3.65 1.09 -38.28
CA VAL A 153 4.74 1.91 -37.76
C VAL A 153 5.16 2.95 -38.78
N ASP A 154 5.50 2.52 -39.99
CA ASP A 154 6.03 3.45 -40.99
C ASP A 154 5.05 4.53 -41.38
N SER A 155 3.75 4.30 -41.22
CA SER A 155 2.77 5.31 -41.59
C SER A 155 2.33 6.17 -40.41
N LEU A 156 1.98 5.55 -39.29
CA LEU A 156 1.37 6.28 -38.19
C LEU A 156 2.30 6.53 -37.02
N VAL A 157 3.34 5.74 -36.85
CA VAL A 157 4.29 5.97 -35.76
C VAL A 157 5.69 6.01 -36.35
N PRO A 158 6.02 6.97 -37.20
CA PRO A 158 7.28 6.89 -37.93
C PRO A 158 8.48 7.15 -37.04
N ILE A 159 9.56 6.42 -37.33
CA ILE A 159 10.80 6.49 -36.58
C ILE A 159 11.88 7.09 -37.46
N GLY A 160 12.69 7.98 -36.91
CA GLY A 160 13.80 8.54 -37.65
C GLY A 160 15.14 8.05 -37.16
N ARG A 161 16.18 8.27 -37.94
CA ARG A 161 17.51 7.82 -37.55
C ARG A 161 18.08 8.76 -36.51
N GLY A 162 18.23 8.26 -35.28
CA GLY A 162 18.60 9.05 -34.15
C GLY A 162 17.53 9.15 -33.08
N GLN A 163 16.33 8.66 -33.34
CA GLN A 163 15.24 8.71 -32.39
C GLN A 163 15.39 7.59 -31.37
N ARG A 164 14.58 7.65 -30.32
CA ARG A 164 14.46 6.60 -29.31
C ARG A 164 12.99 6.30 -29.16
N GLU A 165 12.55 5.20 -29.77
CA GLU A 165 11.14 4.84 -29.81
C GLU A 165 10.93 3.60 -28.94
N LEU A 166 10.01 3.70 -28.00
CA LEU A 166 9.77 2.63 -27.05
C LEU A 166 8.74 1.66 -27.59
N ILE A 167 9.08 0.38 -27.62
CA ILE A 167 8.11 -0.68 -27.91
C ILE A 167 7.61 -1.19 -26.56
N ILE A 168 6.39 -0.84 -26.21
CA ILE A 168 5.86 -1.11 -24.89
C ILE A 168 4.55 -1.88 -25.02
N GLY A 169 4.34 -2.82 -24.11
CA GLY A 169 3.11 -3.58 -24.09
C GLY A 169 3.23 -4.72 -23.10
N ASP A 170 2.12 -5.41 -22.91
CA ASP A 170 2.11 -6.55 -22.02
C ASP A 170 2.90 -7.71 -22.62
N ARG A 171 2.94 -8.82 -21.89
CA ARG A 171 3.64 -10.00 -22.36
C ARG A 171 2.92 -10.62 -23.55
N GLN A 172 3.69 -11.16 -24.48
CA GLN A 172 3.17 -11.91 -25.62
C GLN A 172 2.23 -11.07 -26.46
N THR A 173 2.67 -9.86 -26.82
CA THR A 173 1.89 -8.97 -27.65
C THR A 173 2.53 -8.67 -28.99
N GLY A 174 3.80 -9.01 -29.19
CA GLY A 174 4.46 -8.83 -30.45
C GLY A 174 5.60 -7.84 -30.48
N LYS A 175 6.24 -7.57 -29.34
CA LYS A 175 7.28 -6.55 -29.31
C LYS A 175 8.56 -7.03 -29.98
N THR A 176 9.03 -8.23 -29.60
CA THR A 176 10.20 -8.79 -30.25
C THR A 176 9.98 -8.98 -31.73
N SER A 177 8.75 -9.26 -32.15
CA SER A 177 8.48 -9.44 -33.56
C SER A 177 8.62 -8.12 -34.32
N ILE A 178 8.21 -7.01 -33.72
CA ILE A 178 8.43 -5.71 -34.32
C ILE A 178 9.91 -5.43 -34.45
N ALA A 179 10.68 -5.71 -33.39
CA ALA A 179 12.12 -5.50 -33.46
C ALA A 179 12.76 -6.35 -34.55
N ILE A 180 12.32 -7.60 -34.68
CA ILE A 180 12.97 -8.51 -35.60
C ILE A 180 12.56 -8.21 -37.04
N ASP A 181 11.32 -7.80 -37.27
CA ASP A 181 10.96 -7.33 -38.60
C ASP A 181 11.74 -6.08 -38.97
N THR A 182 11.97 -5.19 -38.01
CA THR A 182 12.78 -4.01 -38.28
C THR A 182 14.21 -4.39 -38.64
N ILE A 183 14.76 -5.40 -37.97
CA ILE A 183 16.12 -5.83 -38.28
C ILE A 183 16.17 -6.50 -39.64
N ILE A 184 15.17 -7.33 -39.96
CA ILE A 184 15.15 -8.04 -41.23
C ILE A 184 14.96 -7.08 -42.39
N ASN A 185 14.22 -5.99 -42.17
CA ASN A 185 13.90 -5.05 -43.25
C ASN A 185 15.14 -4.42 -43.86
N GLN A 186 16.17 -4.16 -43.06
CA GLN A 186 17.32 -3.38 -43.52
C GLN A 186 18.17 -4.13 -44.54
N LYS A 187 17.78 -5.32 -44.96
CA LYS A 187 18.58 -6.09 -45.89
C LYS A 187 18.58 -5.44 -47.27
N ARG A 188 17.45 -4.85 -47.65
CA ARG A 188 17.35 -4.17 -48.97
C ARG A 188 18.35 -3.01 -49.02
N PHE A 189 18.55 -2.31 -47.90
CA PHE A 189 19.45 -1.17 -47.88
C PHE A 189 20.90 -1.61 -47.73
N ASN A 190 21.14 -2.65 -46.93
CA ASN A 190 22.51 -3.10 -46.71
C ASN A 190 23.07 -3.86 -47.89
N ASP A 191 22.21 -4.44 -48.74
CA ASP A 191 22.68 -5.09 -49.95
C ASP A 191 23.00 -4.08 -51.05
N GLY A 192 22.16 -3.07 -51.22
CA GLY A 192 22.37 -2.06 -52.24
C GLY A 192 23.64 -1.27 -52.03
N SER A 193 23.84 -0.30 -52.92
CA SER A 193 25.07 0.47 -52.97
C SER A 193 24.98 1.84 -52.29
N ASP A 194 23.77 2.37 -52.14
CA ASP A 194 23.61 3.64 -51.43
C ASP A 194 24.11 3.49 -50.00
N GLU A 195 25.23 4.16 -49.69
CA GLU A 195 25.96 3.89 -48.47
C GLU A 195 25.38 4.57 -47.24
N LYS A 196 24.55 5.60 -47.39
CA LYS A 196 24.01 6.24 -46.21
C LYS A 196 22.56 5.83 -45.93
N LYS A 197 22.04 4.84 -46.63
CA LYS A 197 20.82 4.16 -46.21
C LYS A 197 21.11 2.88 -45.46
N LYS A 198 22.37 2.47 -45.38
CA LYS A 198 22.72 1.23 -44.70
C LYS A 198 22.57 1.38 -43.18
N LEU A 199 22.00 0.37 -42.55
CA LEU A 199 21.74 0.37 -41.12
C LEU A 199 22.27 -0.92 -40.52
N TYR A 200 23.24 -0.81 -39.62
CA TYR A 200 23.72 -1.96 -38.87
C TYR A 200 22.91 -2.11 -37.60
N CYS A 201 22.63 -3.34 -37.21
CA CYS A 201 21.72 -3.62 -36.12
C CYS A 201 22.43 -4.28 -34.96
N ILE A 202 22.02 -3.94 -33.75
CA ILE A 202 22.48 -4.59 -32.53
C ILE A 202 21.25 -5.04 -31.76
N TYR A 203 21.14 -6.33 -31.50
CA TYR A 203 20.08 -6.87 -30.68
C TYR A 203 20.69 -7.21 -29.34
N VAL A 204 20.20 -6.57 -28.28
CA VAL A 204 20.64 -6.87 -26.93
C VAL A 204 19.54 -7.70 -26.25
N ALA A 205 19.87 -8.92 -25.87
CA ALA A 205 18.95 -9.81 -25.19
C ALA A 205 19.30 -9.79 -23.71
N ILE A 206 18.34 -9.38 -22.88
CA ILE A 206 18.58 -9.14 -21.47
C ILE A 206 17.62 -10.02 -20.68
N GLY A 207 18.16 -11.01 -19.99
CA GLY A 207 17.34 -11.83 -19.13
C GLY A 207 16.38 -12.77 -19.82
N GLN A 208 16.72 -13.26 -21.01
CA GLN A 208 15.88 -14.18 -21.74
C GLN A 208 16.41 -15.60 -21.63
N LYS A 209 15.66 -16.55 -22.17
CA LYS A 209 16.16 -17.91 -22.31
C LYS A 209 17.26 -17.94 -23.36
N ARG A 210 18.16 -18.91 -23.22
CA ARG A 210 19.12 -19.17 -24.29
C ARG A 210 18.44 -19.81 -25.49
N SER A 211 17.36 -20.55 -25.26
CA SER A 211 16.59 -21.11 -26.36
C SER A 211 15.93 -20.01 -27.17
N THR A 212 15.42 -18.98 -26.51
CA THR A 212 14.80 -17.87 -27.22
C THR A 212 15.81 -17.15 -28.10
N VAL A 213 17.01 -16.91 -27.58
CA VAL A 213 18.03 -16.22 -28.36
C VAL A 213 18.53 -17.12 -29.49
N ALA A 214 18.54 -18.43 -29.29
CA ALA A 214 18.92 -19.34 -30.36
C ALA A 214 17.89 -19.32 -31.47
N GLN A 215 16.60 -19.34 -31.12
CA GLN A 215 15.55 -19.23 -32.13
C GLN A 215 15.62 -17.90 -32.86
N LEU A 216 15.93 -16.82 -32.14
CA LEU A 216 16.04 -15.52 -32.77
C LEU A 216 17.23 -15.45 -33.71
N VAL A 217 18.36 -16.03 -33.33
CA VAL A 217 19.53 -16.03 -34.20
C VAL A 217 19.30 -16.90 -35.42
N LYS A 218 18.59 -18.02 -35.25
CA LYS A 218 18.21 -18.82 -36.41
C LYS A 218 17.30 -18.03 -37.35
N ARG A 219 16.32 -17.33 -36.79
CA ARG A 219 15.41 -16.54 -37.60
C ARG A 219 16.14 -15.44 -38.35
N LEU A 220 17.16 -14.85 -37.73
CA LEU A 220 17.93 -13.81 -38.40
C LEU A 220 18.89 -14.38 -39.41
N THR A 221 19.35 -15.61 -39.22
CA THR A 221 20.24 -16.24 -40.19
C THR A 221 19.47 -16.70 -41.41
N ASP A 222 18.25 -17.19 -41.23
CA ASP A 222 17.44 -17.60 -42.37
C ASP A 222 17.06 -16.42 -43.24
N ALA A 223 16.78 -15.28 -42.63
CA ALA A 223 16.50 -14.06 -43.36
C ALA A 223 17.77 -13.37 -43.85
N ASP A 224 18.93 -13.98 -43.64
CA ASP A 224 20.22 -13.39 -44.03
C ASP A 224 20.43 -12.02 -43.43
N ALA A 225 19.93 -11.83 -42.21
CA ALA A 225 20.07 -10.57 -41.50
C ALA A 225 21.22 -10.58 -40.50
N MET A 226 21.93 -11.69 -40.36
CA MET A 226 22.99 -11.76 -39.35
C MET A 226 24.28 -11.11 -39.82
N LYS A 227 24.48 -10.99 -41.13
CA LYS A 227 25.74 -10.46 -41.62
C LYS A 227 25.93 -8.99 -41.28
N TYR A 228 24.88 -8.30 -40.84
CA TYR A 228 24.99 -6.92 -40.40
C TYR A 228 24.40 -6.72 -39.01
N THR A 229 24.26 -7.78 -38.21
CA THR A 229 23.68 -7.71 -36.88
C THR A 229 24.69 -8.19 -35.85
N ILE A 230 24.74 -7.48 -34.72
CA ILE A 230 25.43 -7.94 -33.53
C ILE A 230 24.37 -8.36 -32.52
N VAL A 231 24.58 -9.50 -31.87
CA VAL A 231 23.68 -9.96 -30.82
C VAL A 231 24.46 -9.98 -29.53
N VAL A 232 24.02 -9.19 -28.56
CA VAL A 232 24.56 -9.21 -27.22
C VAL A 232 23.52 -9.89 -26.33
N SER A 233 23.90 -10.97 -25.67
CA SER A 233 22.95 -11.72 -24.85
C SER A 233 23.49 -11.88 -23.44
N ALA A 234 22.78 -11.33 -22.48
CA ALA A 234 22.97 -11.60 -21.06
C ALA A 234 21.68 -12.29 -20.62
N THR A 235 21.68 -13.62 -20.67
CA THR A 235 20.48 -14.39 -20.50
C THR A 235 20.09 -14.50 -19.02
N ALA A 236 19.08 -15.31 -18.74
CA ALA A 236 18.46 -15.32 -17.42
C ALA A 236 19.35 -15.98 -16.38
N SER A 237 20.24 -16.89 -16.79
CA SER A 237 21.13 -17.54 -15.86
C SER A 237 22.44 -16.80 -15.67
N ASP A 238 22.61 -15.65 -16.32
CA ASP A 238 23.81 -14.86 -16.14
C ASP A 238 23.68 -14.01 -14.89
N ALA A 239 24.82 -13.58 -14.37
CA ALA A 239 24.83 -12.79 -13.15
C ALA A 239 24.14 -11.46 -13.40
N ALA A 240 23.47 -10.95 -12.37
CA ALA A 240 22.83 -9.64 -12.45
C ALA A 240 23.78 -8.53 -12.90
N PRO A 241 25.07 -8.52 -12.54
CA PRO A 241 25.97 -7.53 -13.15
C PRO A 241 26.04 -7.62 -14.66
N LEU A 242 26.01 -8.82 -15.23
CA LEU A 242 26.09 -8.95 -16.68
C LEU A 242 24.82 -8.44 -17.35
N GLN A 243 23.66 -8.73 -16.77
CA GLN A 243 22.41 -8.22 -17.33
C GLN A 243 22.30 -6.71 -17.15
N TYR A 244 22.90 -6.19 -16.08
CA TYR A 244 23.02 -4.75 -15.91
C TYR A 244 23.92 -4.13 -16.96
N LEU A 245 25.02 -4.80 -17.31
CA LEU A 245 26.02 -4.16 -18.21
C LEU A 245 25.73 -4.40 -19.69
N ALA A 246 24.91 -5.39 -20.05
CA ALA A 246 24.74 -5.69 -21.46
C ALA A 246 24.19 -4.53 -22.29
N PRO A 247 23.20 -3.76 -21.86
CA PRO A 247 22.76 -2.63 -22.69
C PRO A 247 23.86 -1.62 -22.96
N TYR A 248 24.77 -1.40 -22.02
CA TYR A 248 25.84 -0.44 -22.26
C TYR A 248 26.89 -1.00 -23.20
N SER A 249 27.14 -2.31 -23.14
CA SER A 249 28.00 -2.95 -24.13
C SER A 249 27.44 -2.78 -25.54
N GLY A 250 26.15 -3.10 -25.70
CA GLY A 250 25.52 -2.90 -26.99
C GLY A 250 25.55 -1.45 -27.44
N CYS A 251 25.33 -0.52 -26.51
CA CYS A 251 25.35 0.88 -26.86
C CYS A 251 26.73 1.34 -27.31
N SER A 252 27.80 0.83 -26.70
CA SER A 252 29.14 1.20 -27.16
C SER A 252 29.41 0.59 -28.54
N MET A 253 28.97 -0.64 -28.76
CA MET A 253 29.14 -1.25 -30.07
C MET A 253 28.42 -0.45 -31.15
N GLY A 254 27.27 0.13 -30.82
CA GLY A 254 26.56 0.97 -31.78
C GLY A 254 27.11 2.38 -31.87
N GLU A 255 27.71 2.87 -30.78
CA GLU A 255 28.30 4.20 -30.79
C GLU A 255 29.55 4.23 -31.64
N TYR A 256 30.23 3.10 -31.78
CA TYR A 256 31.30 3.02 -32.78
C TYR A 256 30.80 3.44 -34.15
N PHE A 257 29.71 2.81 -34.61
CA PHE A 257 29.14 3.16 -35.90
C PHE A 257 28.64 4.60 -35.92
N ARG A 258 27.96 5.03 -34.85
CA ARG A 258 27.46 6.40 -34.79
C ARG A 258 28.59 7.42 -34.88
N ASP A 259 29.77 7.08 -34.40
CA ASP A 259 30.91 7.97 -34.42
C ASP A 259 31.69 7.92 -35.72
N ASN A 260 31.59 6.81 -36.47
CA ASN A 260 32.34 6.69 -37.71
C ASN A 260 31.48 6.91 -38.94
N GLY A 261 30.53 7.84 -38.87
CA GLY A 261 29.76 8.23 -40.03
C GLY A 261 28.72 7.23 -40.50
N LYS A 262 28.53 6.14 -39.78
CA LYS A 262 27.55 5.13 -40.14
C LYS A 262 26.34 5.21 -39.23
N HIS A 263 25.32 4.42 -39.55
CA HIS A 263 24.05 4.45 -38.85
C HIS A 263 23.79 3.08 -38.25
N ALA A 264 23.48 3.05 -36.95
CA ALA A 264 23.21 1.81 -36.25
C ALA A 264 21.84 1.87 -35.60
N LEU A 265 21.25 0.70 -35.40
CA LEU A 265 19.99 0.56 -34.68
C LEU A 265 20.23 -0.45 -33.55
N ILE A 266 19.70 -0.14 -32.36
CA ILE A 266 19.89 -1.00 -31.21
C ILE A 266 18.54 -1.28 -30.57
N ILE A 267 18.31 -2.55 -30.22
CA ILE A 267 17.09 -2.98 -29.55
C ILE A 267 17.47 -3.49 -28.17
N TYR A 268 16.91 -2.88 -27.13
CA TYR A 268 17.11 -3.32 -25.76
C TYR A 268 15.91 -4.16 -25.39
N ASP A 269 16.07 -5.47 -25.38
CA ASP A 269 14.98 -6.41 -25.21
C ASP A 269 15.24 -7.28 -23.97
N ASP A 270 14.83 -6.82 -22.80
CA ASP A 270 14.16 -5.54 -22.64
C ASP A 270 14.73 -4.80 -21.43
N LEU A 271 14.31 -3.56 -21.23
CA LEU A 271 14.87 -2.76 -20.15
C LEU A 271 14.24 -3.05 -18.80
N SER A 272 13.07 -3.70 -18.78
CA SER A 272 12.46 -4.11 -17.53
C SER A 272 13.36 -5.09 -16.78
N LYS A 273 13.88 -6.07 -17.49
CA LYS A 273 14.74 -7.07 -16.85
C LYS A 273 16.08 -6.48 -16.45
N GLN A 274 16.56 -5.48 -17.18
CA GLN A 274 17.78 -4.80 -16.80
C GLN A 274 17.58 -3.98 -15.53
N ALA A 275 16.42 -3.31 -15.41
CA ALA A 275 16.11 -2.60 -14.19
C ALA A 275 15.97 -3.55 -13.01
N VAL A 276 15.41 -4.73 -13.24
CA VAL A 276 15.30 -5.72 -12.18
C VAL A 276 16.66 -6.22 -11.72
N ALA A 277 17.57 -6.50 -12.67
CA ALA A 277 18.93 -6.90 -12.30
C ALA A 277 19.64 -5.81 -11.51
N TYR A 278 19.49 -4.55 -11.94
CA TYR A 278 20.09 -3.45 -11.22
C TYR A 278 19.50 -3.31 -9.83
N ARG A 279 18.18 -3.49 -9.69
CA ARG A 279 17.56 -3.41 -8.38
C ARG A 279 18.09 -4.48 -7.45
N GLN A 280 18.31 -5.70 -7.97
CA GLN A 280 18.87 -6.74 -7.14
C GLN A 280 20.27 -6.36 -6.67
N MET A 281 21.12 -5.93 -7.60
CA MET A 281 22.47 -5.52 -7.24
C MET A 281 22.46 -4.40 -6.20
N SER A 282 21.50 -3.48 -6.30
CA SER A 282 21.46 -2.34 -5.39
C SER A 282 20.94 -2.74 -4.02
N LEU A 283 19.91 -3.59 -3.97
CA LEU A 283 19.37 -4.03 -2.69
C LEU A 283 20.38 -4.87 -1.94
N LEU A 284 21.19 -5.65 -2.66
CA LEU A 284 22.19 -6.45 -1.96
C LEU A 284 23.38 -5.62 -1.51
N LEU A 285 23.67 -4.51 -2.17
CA LEU A 285 24.67 -3.57 -1.68
C LEU A 285 24.12 -2.68 -0.59
N ARG A 286 22.85 -2.83 -0.24
CA ARG A 286 22.19 -2.06 0.83
C ARG A 286 22.15 -0.57 0.51
N ARG A 287 21.86 -0.26 -0.74
CA ARG A 287 21.54 1.12 -1.09
C ARG A 287 20.07 1.39 -0.80
N PRO A 288 19.72 2.59 -0.37
CA PRO A 288 18.37 2.85 0.14
C PRO A 288 17.31 2.61 -0.92
N PRO A 289 16.38 1.69 -0.67
CA PRO A 289 15.35 1.39 -1.67
C PRO A 289 14.29 2.47 -1.74
N GLY A 290 13.68 2.58 -2.91
CA GLY A 290 12.61 3.52 -3.12
C GLY A 290 11.32 2.84 -3.51
N ARG A 291 10.58 3.43 -4.44
CA ARG A 291 9.31 2.87 -4.87
C ARG A 291 9.53 1.55 -5.59
N GLU A 292 8.81 0.51 -5.18
CA GLU A 292 8.97 -0.85 -5.69
C GLU A 292 10.37 -1.38 -5.42
N ALA A 293 10.99 -0.93 -4.34
CA ALA A 293 12.34 -1.31 -3.91
C ALA A 293 13.42 -0.91 -4.91
N TYR A 294 13.08 -0.15 -5.92
CA TYR A 294 14.08 0.28 -6.87
C TYR A 294 14.99 1.34 -6.26
N PRO A 295 16.26 1.38 -6.66
CA PRO A 295 17.17 2.39 -6.13
C PRO A 295 16.77 3.79 -6.58
N GLY A 296 17.45 4.77 -6.00
CA GLY A 296 17.12 6.15 -6.31
C GLY A 296 17.57 6.57 -7.69
N ASP A 297 18.59 5.90 -8.23
CA ASP A 297 19.16 6.29 -9.52
C ASP A 297 18.88 5.27 -10.61
N VAL A 298 17.68 4.69 -10.63
CA VAL A 298 17.32 3.81 -11.73
C VAL A 298 16.87 4.62 -12.94
N PHE A 299 16.22 5.76 -12.71
CA PHE A 299 15.97 6.71 -13.80
C PHE A 299 17.27 7.17 -14.40
N TYR A 300 18.26 7.47 -13.57
CA TYR A 300 19.58 7.88 -14.07
C TYR A 300 20.19 6.78 -14.92
N LEU A 301 20.09 5.54 -14.48
CA LEU A 301 20.50 4.38 -15.26
C LEU A 301 19.94 4.42 -16.67
N HIS A 302 18.61 4.39 -16.78
CA HIS A 302 18.01 4.25 -18.10
C HIS A 302 18.17 5.53 -18.93
N SER A 303 18.22 6.70 -18.28
CA SER A 303 18.33 7.93 -19.04
C SER A 303 19.73 8.11 -19.61
N ARG A 304 20.76 7.81 -18.83
CA ARG A 304 22.10 7.90 -19.40
C ARG A 304 22.37 6.79 -20.37
N LEU A 305 21.62 5.69 -20.31
CA LEU A 305 21.70 4.70 -21.39
C LEU A 305 21.06 5.22 -22.66
N LEU A 306 19.88 5.82 -22.55
CA LEU A 306 19.10 6.13 -23.75
C LEU A 306 19.49 7.45 -24.39
N GLU A 307 20.16 8.35 -23.66
CA GLU A 307 20.57 9.61 -24.29
C GLU A 307 21.72 9.40 -25.26
N ARG A 308 22.33 8.22 -25.26
CA ARG A 308 23.46 7.96 -26.14
C ARG A 308 23.04 7.65 -27.56
N ALA A 309 21.76 7.44 -27.81
CA ALA A 309 21.24 7.33 -29.16
C ALA A 309 21.00 8.73 -29.70
N ALA A 310 21.71 9.10 -30.76
CA ALA A 310 21.71 10.47 -31.23
C ALA A 310 21.94 10.52 -32.73
N LYS A 311 21.43 11.57 -33.36
CA LYS A 311 21.78 11.91 -34.74
C LYS A 311 22.87 12.99 -34.70
N MET A 312 23.98 12.72 -35.35
CA MET A 312 25.12 13.63 -35.33
C MET A 312 25.03 14.61 -36.49
N ASN A 313 25.62 15.79 -36.30
CA ASN A 313 25.65 16.76 -37.37
C ASN A 313 26.74 16.39 -38.38
N ASP A 314 26.83 17.16 -39.46
CA ASP A 314 27.75 16.81 -40.52
C ASP A 314 29.20 17.02 -40.16
N ALA A 315 29.50 17.87 -39.18
CA ALA A 315 30.88 18.08 -38.76
C ALA A 315 31.40 16.94 -37.90
N PHE A 316 30.53 16.03 -37.45
CA PHE A 316 30.90 14.90 -36.63
C PHE A 316 30.70 13.59 -37.35
N GLY A 317 30.68 13.62 -38.68
CA GLY A 317 30.52 12.44 -39.49
C GLY A 317 29.11 12.20 -40.00
N GLY A 318 28.10 12.81 -39.39
CA GLY A 318 26.74 12.62 -39.83
C GLY A 318 26.11 11.30 -39.49
N GLY A 319 26.78 10.46 -38.71
CA GLY A 319 26.23 9.16 -38.34
C GLY A 319 25.11 9.30 -37.33
N SER A 320 24.55 8.16 -36.95
CA SER A 320 23.43 8.15 -36.03
C SER A 320 23.38 6.83 -35.28
N LEU A 321 22.63 6.84 -34.19
CA LEU A 321 22.29 5.64 -33.43
C LEU A 321 20.83 5.76 -33.03
N THR A 322 20.02 4.83 -33.50
CA THR A 322 18.60 4.78 -33.17
C THR A 322 18.41 3.68 -32.13
N ALA A 323 17.62 3.97 -31.11
CA ALA A 323 17.38 3.03 -30.04
C ALA A 323 15.92 2.61 -30.02
N LEU A 324 15.66 1.31 -29.87
CA LEU A 324 14.32 0.77 -29.69
C LEU A 324 14.30 -0.01 -28.39
N PRO A 325 14.13 0.66 -27.25
CA PRO A 325 13.98 -0.07 -26.00
C PRO A 325 12.65 -0.78 -25.94
N VAL A 326 12.62 -1.89 -25.23
CA VAL A 326 11.40 -2.66 -25.03
C VAL A 326 11.08 -2.66 -23.53
N ILE A 327 9.80 -2.52 -23.21
CA ILE A 327 9.33 -2.47 -21.83
C ILE A 327 8.08 -3.32 -21.74
N GLU A 328 8.06 -4.24 -20.79
CA GLU A 328 6.89 -5.09 -20.56
C GLU A 328 6.07 -4.50 -19.42
N THR A 329 4.82 -4.16 -19.70
CA THR A 329 3.94 -3.69 -18.64
C THR A 329 3.14 -4.84 -18.07
N GLN A 330 2.62 -4.63 -16.86
CA GLN A 330 1.82 -5.63 -16.16
C GLN A 330 0.37 -5.16 -16.18
N ALA A 331 -0.46 -5.82 -17.00
CA ALA A 331 -1.88 -5.48 -17.15
C ALA A 331 -2.05 -4.05 -17.68
N GLY A 332 -1.19 -3.66 -18.61
CA GLY A 332 -1.30 -2.36 -19.25
C GLY A 332 -0.97 -1.19 -18.36
N ASP A 333 -0.33 -1.42 -17.22
CA ASP A 333 -0.04 -0.38 -16.25
C ASP A 333 1.21 0.38 -16.70
N VAL A 334 1.01 1.47 -17.44
CA VAL A 334 2.12 2.32 -17.84
C VAL A 334 2.49 3.32 -16.76
N SER A 335 1.83 3.30 -15.62
CA SER A 335 2.15 4.18 -14.50
C SER A 335 3.01 3.50 -13.45
N ALA A 336 3.44 2.26 -13.70
CA ALA A 336 4.46 1.67 -12.86
C ALA A 336 5.75 2.46 -12.97
N TYR A 337 6.68 2.18 -12.07
CA TYR A 337 7.85 3.04 -11.90
C TYR A 337 8.72 3.05 -13.16
N ILE A 338 9.11 1.87 -13.64
CA ILE A 338 10.05 1.77 -14.75
C ILE A 338 9.37 2.11 -16.07
N PRO A 339 8.14 1.65 -16.34
CA PRO A 339 7.44 2.18 -17.51
C PRO A 339 7.33 3.69 -17.51
N THR A 340 7.06 4.31 -16.36
CA THR A 340 7.00 5.77 -16.30
C THR A 340 8.33 6.40 -16.67
N ASN A 341 9.41 5.91 -16.06
CA ASN A 341 10.74 6.46 -16.37
C ASN A 341 11.04 6.37 -17.85
N VAL A 342 10.87 5.19 -18.44
CA VAL A 342 11.29 4.99 -19.82
C VAL A 342 10.35 5.70 -20.80
N ILE A 343 9.07 5.84 -20.46
CA ILE A 343 8.19 6.65 -21.30
C ILE A 343 8.60 8.11 -21.23
N SER A 344 9.05 8.56 -20.06
CA SER A 344 9.50 9.94 -19.93
C SER A 344 10.77 10.20 -20.73
N ILE A 345 11.63 9.19 -20.85
CA ILE A 345 12.94 9.42 -21.46
C ILE A 345 12.84 9.45 -22.99
N THR A 346 11.96 8.64 -23.57
CA THR A 346 12.00 8.39 -25.00
C THR A 346 11.21 9.45 -25.78
N ASP A 347 11.29 9.35 -27.11
CA ASP A 347 10.65 10.28 -28.04
C ASP A 347 9.33 9.74 -28.59
N GLY A 348 8.65 8.89 -27.86
CA GLY A 348 7.43 8.30 -28.35
C GLY A 348 7.39 6.82 -28.06
N GLN A 349 6.24 6.18 -28.23
CA GLN A 349 6.10 4.79 -27.86
C GLN A 349 5.16 4.08 -28.80
N ILE A 350 5.57 2.90 -29.27
CA ILE A 350 4.70 1.99 -30.02
C ILE A 350 4.01 1.12 -28.98
N PHE A 351 2.71 1.30 -28.80
CA PHE A 351 1.97 0.59 -27.77
C PHE A 351 1.23 -0.59 -28.38
N LEU A 352 1.40 -1.77 -27.77
CA LEU A 352 0.79 -3.00 -28.24
C LEU A 352 -0.24 -3.48 -27.22
N GLU A 353 -1.34 -4.03 -27.72
CA GLU A 353 -2.47 -4.44 -26.89
C GLU A 353 -2.75 -5.92 -27.07
N THR A 354 -3.40 -6.52 -26.07
CA THR A 354 -3.79 -7.92 -26.17
C THR A 354 -5.13 -8.08 -26.88
N GLU A 355 -6.07 -7.18 -26.61
CA GLU A 355 -7.37 -7.26 -27.27
C GLU A 355 -7.22 -7.01 -28.76
N LEU A 356 -6.39 -6.04 -29.15
CA LEU A 356 -6.10 -5.86 -30.56
C LEU A 356 -5.47 -7.11 -31.15
N PHE A 357 -4.63 -7.80 -30.37
CA PHE A 357 -4.00 -9.02 -30.86
C PHE A 357 -5.03 -10.09 -31.17
N TYR A 358 -5.94 -10.34 -30.24
CA TYR A 358 -6.90 -11.41 -30.42
C TYR A 358 -8.12 -11.00 -31.24
N LYS A 359 -8.31 -9.72 -31.51
CA LYS A 359 -9.32 -9.26 -32.44
C LYS A 359 -8.89 -9.42 -33.89
N GLY A 360 -7.76 -10.07 -34.14
CA GLY A 360 -7.25 -10.23 -35.47
C GLY A 360 -6.30 -9.16 -35.93
N ILE A 361 -6.14 -8.09 -35.16
CA ILE A 361 -5.28 -6.97 -35.54
C ILE A 361 -3.86 -7.32 -35.12
N ARG A 362 -3.03 -7.73 -36.08
CA ARG A 362 -1.62 -8.04 -35.82
C ARG A 362 -0.80 -7.43 -36.93
N PRO A 363 0.22 -6.60 -36.63
CA PRO A 363 0.70 -6.22 -35.30
C PRO A 363 -0.31 -5.44 -34.47
N ALA A 364 -0.36 -5.73 -33.18
CA ALA A 364 -1.42 -5.21 -32.33
C ALA A 364 -1.13 -3.78 -31.91
N ILE A 365 -0.81 -2.92 -32.85
CA ILE A 365 -0.39 -1.55 -32.54
C ILE A 365 -1.63 -0.71 -32.27
N ASN A 366 -1.74 -0.22 -31.04
CA ASN A 366 -2.79 0.72 -30.67
C ASN A 366 -2.38 2.09 -31.18
N VAL A 367 -3.05 2.57 -32.22
CA VAL A 367 -2.66 3.83 -32.85
C VAL A 367 -3.12 5.01 -32.01
N GLY A 368 -4.16 4.84 -31.21
CA GLY A 368 -4.58 5.90 -30.32
C GLY A 368 -3.54 6.18 -29.25
N LEU A 369 -2.97 5.14 -28.67
CA LEU A 369 -1.99 5.30 -27.60
C LEU A 369 -0.57 5.47 -28.11
N SER A 370 -0.28 5.04 -29.33
CA SER A 370 1.08 5.18 -29.86
C SER A 370 1.32 6.61 -30.28
N VAL A 371 2.58 7.03 -30.21
CA VAL A 371 2.97 8.40 -30.54
C VAL A 371 4.41 8.40 -30.99
N SER A 372 4.74 9.32 -31.89
CA SER A 372 6.11 9.60 -32.29
C SER A 372 6.25 11.12 -32.25
N ARG A 373 7.16 11.62 -31.41
CA ARG A 373 7.34 13.06 -31.30
C ARG A 373 8.16 13.62 -32.45
N VAL A 374 8.96 12.80 -33.12
CA VAL A 374 9.66 13.26 -34.31
C VAL A 374 8.66 13.42 -35.46
N GLY A 375 7.76 12.45 -35.62
CA GLY A 375 6.63 12.64 -36.50
C GLY A 375 7.00 12.56 -37.97
N SER A 376 6.48 13.52 -38.74
CA SER A 376 6.62 13.49 -40.18
C SER A 376 8.01 13.88 -40.65
N ALA A 377 8.83 14.47 -39.78
CA ALA A 377 10.21 14.75 -40.17
C ALA A 377 10.96 13.46 -40.45
N ALA A 378 10.46 12.34 -39.94
CA ALA A 378 11.07 11.03 -40.10
C ALA A 378 10.42 10.21 -41.20
N GLN A 379 9.74 10.86 -42.13
CA GLN A 379 9.03 10.17 -43.21
C GLN A 379 9.52 10.67 -44.56
N THR A 380 9.30 9.86 -45.59
CA THR A 380 9.50 10.33 -46.94
C THR A 380 8.26 11.08 -47.41
N ARG A 381 8.43 11.87 -48.47
CA ARG A 381 7.34 12.73 -48.94
C ARG A 381 6.15 11.91 -49.44
N ALA A 382 6.39 10.73 -50.00
CA ALA A 382 5.30 9.90 -50.49
C ALA A 382 4.47 9.32 -49.34
N MET A 383 5.15 8.65 -48.41
CA MET A 383 4.47 8.15 -47.22
C MET A 383 3.84 9.29 -46.45
N LYS A 384 4.48 10.46 -46.47
CA LYS A 384 3.88 11.64 -45.83
C LYS A 384 2.54 11.98 -46.45
N GLN A 385 2.52 12.09 -47.79
CA GLN A 385 1.28 12.36 -48.53
C GLN A 385 0.17 11.39 -48.13
N VAL A 386 0.45 10.08 -48.18
CA VAL A 386 -0.64 9.12 -47.96
C VAL A 386 -0.98 8.98 -46.48
N ALA A 387 0.02 9.08 -45.60
CA ALA A 387 -0.18 8.81 -44.18
C ALA A 387 -0.84 9.96 -43.45
N GLY A 388 -0.67 11.21 -43.90
CA GLY A 388 -1.48 12.27 -43.33
C GLY A 388 -2.96 11.98 -43.44
N THR A 389 -3.40 11.62 -44.65
CA THR A 389 -4.79 11.27 -44.88
C THR A 389 -5.20 10.06 -44.07
N MET A 390 -4.36 9.02 -44.06
CA MET A 390 -4.69 7.82 -43.29
C MET A 390 -4.85 8.12 -41.80
N LYS A 391 -3.96 8.93 -41.25
CA LYS A 391 -4.03 9.25 -39.82
C LYS A 391 -5.29 10.04 -39.50
N LEU A 392 -5.61 11.06 -40.31
CA LEU A 392 -6.84 11.81 -40.08
C LEU A 392 -8.06 10.90 -40.13
N GLU A 393 -8.12 10.03 -41.14
CA GLU A 393 -9.30 9.17 -41.29
C GLU A 393 -9.41 8.16 -40.16
N LEU A 394 -8.28 7.63 -39.68
CA LEU A 394 -8.35 6.67 -38.58
C LEU A 394 -8.71 7.36 -37.27
N ALA A 395 -8.27 8.60 -37.05
CA ALA A 395 -8.70 9.34 -35.88
C ALA A 395 -10.21 9.59 -35.91
N GLN A 396 -10.72 10.00 -37.07
CA GLN A 396 -12.16 10.19 -37.21
C GLN A 396 -12.91 8.89 -36.95
N TYR A 397 -12.38 7.78 -37.44
CA TYR A 397 -13.00 6.47 -37.20
C TYR A 397 -13.01 6.14 -35.72
N ARG A 398 -11.91 6.45 -35.02
CA ARG A 398 -11.85 6.17 -33.59
C ARG A 398 -12.82 7.03 -32.81
N GLU A 399 -13.13 8.23 -33.30
CA GLU A 399 -14.13 9.05 -32.63
C GLU A 399 -15.50 8.37 -32.60
N VAL A 400 -15.87 7.67 -33.66
CA VAL A 400 -17.20 7.08 -33.77
C VAL A 400 -17.16 5.56 -33.76
N ALA A 401 -16.02 4.94 -33.44
CA ALA A 401 -15.95 3.49 -33.46
C ALA A 401 -16.86 2.85 -32.42
N ALA A 402 -17.15 3.57 -31.33
CA ALA A 402 -18.08 3.06 -30.34
C ALA A 402 -19.50 2.93 -30.89
N PHE A 403 -19.84 3.71 -31.90
CA PHE A 403 -21.17 3.65 -32.50
C PHE A 403 -21.32 2.47 -33.45
N ALA A 404 -20.25 1.73 -33.71
CA ALA A 404 -20.38 0.49 -34.46
C ALA A 404 -21.25 -0.50 -33.68
N GLN A 405 -21.73 -1.52 -34.38
CA GLN A 405 -22.73 -2.48 -33.91
C GLN A 405 -24.09 -1.81 -33.75
N PHE A 406 -24.17 -0.49 -33.95
CA PHE A 406 -25.42 0.20 -34.18
C PHE A 406 -25.33 1.11 -35.40
N GLY A 407 -24.18 1.16 -36.08
CA GLY A 407 -23.95 2.21 -37.05
C GLY A 407 -24.82 2.12 -38.28
N SER A 408 -25.48 0.99 -38.48
CA SER A 408 -26.39 0.86 -39.61
C SER A 408 -27.62 1.75 -39.45
N ASP A 409 -27.85 2.28 -38.25
CA ASP A 409 -28.96 3.16 -37.95
C ASP A 409 -28.48 4.59 -37.71
N LEU A 410 -27.39 4.99 -38.36
CA LEU A 410 -26.84 6.33 -38.21
C LEU A 410 -26.62 6.94 -39.58
N ASP A 411 -26.41 8.25 -39.59
CA ASP A 411 -26.40 9.01 -40.83
C ASP A 411 -25.25 8.58 -41.74
N ALA A 412 -25.33 9.02 -43.00
CA ALA A 412 -24.37 8.59 -44.01
C ALA A 412 -22.94 8.96 -43.65
N ALA A 413 -22.75 10.10 -42.98
CA ALA A 413 -21.39 10.52 -42.62
C ALA A 413 -20.76 9.57 -41.62
N THR A 414 -21.52 9.19 -40.58
CA THR A 414 -21.01 8.24 -39.60
C THR A 414 -20.75 6.87 -40.24
N GLN A 415 -21.66 6.41 -41.09
CA GLN A 415 -21.47 5.11 -41.73
C GLN A 415 -20.26 5.12 -42.65
N GLN A 416 -19.99 6.26 -43.31
CA GLN A 416 -18.83 6.32 -44.18
C GLN A 416 -17.54 6.38 -43.36
N LEU A 417 -17.54 7.12 -42.25
CA LEU A 417 -16.39 7.09 -41.36
C LEU A 417 -16.11 5.67 -40.88
N LEU A 418 -17.15 4.97 -40.44
CA LEU A 418 -16.99 3.60 -39.97
C LEU A 418 -16.45 2.70 -41.08
N SER A 419 -16.98 2.83 -42.30
CA SER A 419 -16.53 1.98 -43.39
C SER A 419 -15.07 2.24 -43.75
N ARG A 420 -14.71 3.49 -43.96
CA ARG A 420 -13.32 3.82 -44.29
C ARG A 420 -12.39 3.38 -43.18
N GLY A 421 -12.82 3.52 -41.92
CA GLY A 421 -11.99 3.08 -40.82
C GLY A 421 -11.76 1.59 -40.79
N VAL A 422 -12.82 0.81 -41.03
CA VAL A 422 -12.65 -0.64 -41.06
C VAL A 422 -11.75 -1.04 -42.22
N ARG A 423 -11.87 -0.37 -43.36
CA ARG A 423 -11.00 -0.69 -44.49
C ARG A 423 -9.54 -0.40 -44.18
N LEU A 424 -9.25 0.77 -43.61
CA LEU A 424 -7.86 1.08 -43.29
C LEU A 424 -7.32 0.18 -42.19
N THR A 425 -8.15 -0.16 -41.20
CA THR A 425 -7.73 -1.08 -40.14
C THR A 425 -7.38 -2.44 -40.72
N GLU A 426 -8.18 -2.94 -41.66
CA GLU A 426 -7.84 -4.20 -42.31
C GLU A 426 -6.60 -4.04 -43.18
N LEU A 427 -6.32 -2.82 -43.63
CA LEU A 427 -5.15 -2.58 -44.45
C LEU A 427 -3.87 -2.56 -43.64
N LEU A 428 -3.94 -2.17 -42.37
CA LEU A 428 -2.75 -2.09 -41.54
C LEU A 428 -2.28 -3.43 -40.99
N LYS A 429 -3.06 -4.49 -41.17
CA LYS A 429 -2.62 -5.81 -40.73
C LYS A 429 -1.43 -6.27 -41.55
N GLN A 430 -0.62 -7.15 -40.98
CA GLN A 430 0.62 -7.57 -41.62
C GLN A 430 1.06 -8.89 -41.02
N GLY A 431 1.70 -9.70 -41.85
CA GLY A 431 2.20 -10.97 -41.38
C GLY A 431 3.61 -10.87 -40.83
N GLN A 432 3.99 -11.87 -40.06
CA GLN A 432 5.27 -11.85 -39.37
C GLN A 432 6.42 -12.12 -40.33
N TYR A 433 7.57 -11.53 -40.02
CA TYR A 433 8.84 -11.77 -40.71
C TYR A 433 8.79 -11.40 -42.18
N SER A 434 7.88 -10.50 -42.57
CA SER A 434 7.75 -10.05 -43.95
C SER A 434 7.60 -8.55 -43.96
N PRO A 435 8.69 -7.81 -43.82
CA PRO A 435 8.63 -6.35 -43.93
C PRO A 435 8.53 -5.90 -45.38
N MET A 436 7.80 -4.80 -45.58
CA MET A 436 7.54 -4.28 -46.91
C MET A 436 8.46 -3.12 -47.24
N ALA A 437 8.73 -2.93 -48.52
CA ALA A 437 9.43 -1.74 -48.96
C ALA A 437 8.52 -0.52 -48.84
N ILE A 438 9.13 0.66 -48.76
CA ILE A 438 8.33 1.85 -48.49
C ILE A 438 7.42 2.19 -49.66
N GLU A 439 7.88 1.88 -50.87
CA GLU A 439 7.06 2.17 -52.09
C GLU A 439 5.82 1.27 -52.08
N GLU A 440 5.98 -0.02 -51.75
CA GLU A 440 4.85 -0.94 -51.71
C GLU A 440 3.85 -0.52 -50.64
N GLN A 441 4.34 -0.11 -49.47
CA GLN A 441 3.46 0.44 -48.45
C GLN A 441 2.72 1.67 -48.98
N VAL A 442 3.42 2.51 -49.75
CA VAL A 442 2.80 3.70 -50.29
C VAL A 442 1.70 3.33 -51.28
N ALA A 443 1.95 2.34 -52.14
CA ALA A 443 0.93 1.90 -53.08
C ALA A 443 -0.30 1.35 -52.36
N VAL A 444 -0.08 0.54 -51.32
CA VAL A 444 -1.21 -0.06 -50.61
C VAL A 444 -2.01 1.01 -49.86
N ILE A 445 -1.32 1.93 -49.18
CA ILE A 445 -2.03 2.99 -48.48
C ILE A 445 -2.74 3.91 -49.46
N TYR A 446 -2.15 4.11 -50.65
CA TYR A 446 -2.82 4.88 -51.69
C TYR A 446 -4.13 4.24 -52.09
N ALA A 447 -4.09 2.94 -52.39
CA ALA A 447 -5.33 2.23 -52.68
C ALA A 447 -6.34 2.39 -51.55
N GLY A 448 -5.87 2.39 -50.31
CA GLY A 448 -6.79 2.46 -49.18
C GLY A 448 -7.45 3.80 -48.92
N VAL A 449 -6.67 4.89 -48.98
CA VAL A 449 -7.20 6.18 -48.57
C VAL A 449 -7.88 6.94 -49.70
N ARG A 450 -7.61 6.59 -50.94
CA ARG A 450 -8.24 7.27 -52.07
C ARG A 450 -9.63 6.74 -52.36
N GLY A 451 -10.05 5.66 -51.71
CA GLY A 451 -11.41 5.18 -51.81
C GLY A 451 -11.63 4.00 -52.72
N TYR A 452 -10.57 3.33 -53.15
CA TYR A 452 -10.70 2.16 -54.01
C TYR A 452 -10.93 0.88 -53.23
N LEU A 453 -11.44 0.98 -52.01
CA LEU A 453 -11.76 -0.19 -51.20
C LEU A 453 -13.11 -0.10 -50.52
N ASP A 454 -13.80 1.04 -50.60
CA ASP A 454 -15.08 1.19 -49.91
C ASP A 454 -16.15 0.24 -50.45
N LYS A 455 -16.08 -0.14 -51.72
CA LYS A 455 -17.01 -1.09 -52.30
C LYS A 455 -16.67 -2.54 -51.99
N LEU A 456 -15.51 -2.78 -51.39
CA LEU A 456 -15.05 -4.13 -51.14
C LEU A 456 -15.49 -4.60 -49.77
N GLU A 457 -15.50 -5.91 -49.59
CA GLU A 457 -15.89 -6.44 -48.29
C GLU A 457 -14.68 -6.49 -47.35
N PRO A 458 -14.89 -6.23 -46.06
CA PRO A 458 -13.77 -6.26 -45.11
C PRO A 458 -13.01 -7.58 -45.10
N SER A 459 -13.71 -8.71 -45.27
CA SER A 459 -13.04 -9.99 -45.29
C SER A 459 -12.11 -10.13 -46.49
N LYS A 460 -12.31 -9.31 -47.52
CA LYS A 460 -11.56 -9.42 -48.75
C LYS A 460 -10.43 -8.41 -48.86
N ILE A 461 -10.27 -7.52 -47.88
CA ILE A 461 -9.27 -6.47 -47.99
C ILE A 461 -7.86 -7.05 -47.95
N THR A 462 -7.63 -8.03 -47.06
CA THR A 462 -6.31 -8.63 -46.98
C THR A 462 -5.94 -9.33 -48.28
N LYS A 463 -6.86 -10.08 -48.86
CA LYS A 463 -6.58 -10.80 -50.10
C LYS A 463 -6.39 -9.83 -51.26
N PHE A 464 -7.20 -8.76 -51.32
CA PHE A 464 -6.97 -7.74 -52.32
C PHE A 464 -5.58 -7.13 -52.17
N GLU A 465 -5.18 -6.84 -50.95
CA GLU A 465 -3.89 -6.20 -50.71
C GLU A 465 -2.76 -7.11 -51.14
N ASN A 466 -2.84 -8.38 -50.80
CA ASN A 466 -1.80 -9.33 -51.19
C ASN A 466 -1.74 -9.50 -52.71
N ALA A 467 -2.89 -9.69 -53.35
CA ALA A 467 -2.91 -9.89 -54.79
C ALA A 467 -2.46 -8.65 -55.54
N PHE A 468 -2.94 -7.48 -55.14
CA PHE A 468 -2.55 -6.23 -55.79
C PHE A 468 -1.06 -5.96 -55.59
N LEU A 469 -0.51 -6.32 -54.44
CA LEU A 469 0.91 -6.11 -54.22
C LEU A 469 1.72 -7.03 -55.11
N SER A 470 1.32 -8.30 -55.23
CA SER A 470 2.00 -9.21 -56.15
C SER A 470 1.92 -8.69 -57.58
N HIS A 471 0.75 -8.19 -57.98
CA HIS A 471 0.57 -7.69 -59.34
C HIS A 471 1.46 -6.49 -59.62
N VAL A 472 1.48 -5.52 -58.69
CA VAL A 472 2.24 -4.30 -58.93
C VAL A 472 3.74 -4.57 -58.84
N VAL A 473 4.15 -5.55 -58.04
CA VAL A 473 5.57 -5.88 -57.98
C VAL A 473 6.00 -6.59 -59.25
N SER A 474 5.14 -7.45 -59.80
CA SER A 474 5.48 -8.16 -61.03
C SER A 474 5.49 -7.20 -62.22
N GLN A 475 4.37 -6.55 -62.49
CA GLN A 475 4.19 -5.87 -63.76
C GLN A 475 4.32 -4.35 -63.68
N HIS A 476 4.73 -3.79 -62.56
CA HIS A 476 4.86 -2.34 -62.46
C HIS A 476 6.10 -1.95 -61.68
N GLN A 477 7.23 -2.61 -61.96
CA GLN A 477 8.49 -2.18 -61.34
C GLN A 477 8.89 -0.77 -61.74
N ALA A 478 8.35 -0.24 -62.83
CA ALA A 478 8.73 1.09 -63.29
C ALA A 478 8.21 2.17 -62.35
N LEU A 479 6.92 2.13 -62.04
CA LEU A 479 6.34 3.12 -61.14
C LEU A 479 6.89 2.96 -59.73
N LEU A 480 7.12 1.72 -59.30
CA LEU A 480 7.74 1.49 -57.99
C LEU A 480 9.13 2.09 -57.93
N GLY A 481 9.96 1.81 -58.94
CA GLY A 481 11.29 2.39 -58.98
C GLY A 481 11.27 3.90 -59.03
N THR A 482 10.29 4.48 -59.72
CA THR A 482 10.17 5.94 -59.78
C THR A 482 9.85 6.52 -58.41
N ILE A 483 8.84 5.95 -57.74
CA ILE A 483 8.49 6.42 -56.40
C ILE A 483 9.64 6.24 -55.43
N ARG A 484 10.40 5.15 -55.57
CA ARG A 484 11.51 4.91 -54.64
C ARG A 484 12.67 5.86 -54.90
N ALA A 485 12.92 6.18 -56.17
CA ALA A 485 14.07 7.02 -56.49
C ALA A 485 13.77 8.49 -56.21
N ASP A 486 12.54 8.92 -56.47
CA ASP A 486 12.17 10.31 -56.21
C ASP A 486 11.68 10.53 -54.79
N GLY A 487 11.34 9.46 -54.07
CA GLY A 487 10.84 9.59 -52.71
C GLY A 487 9.49 10.26 -52.59
N LYS A 488 8.89 10.71 -53.68
CA LYS A 488 7.58 11.34 -53.65
C LYS A 488 6.75 10.84 -54.82
N ILE A 489 5.42 10.95 -54.66
CA ILE A 489 4.47 10.58 -55.70
C ILE A 489 4.29 11.82 -56.58
N SER A 490 4.98 11.85 -57.72
CA SER A 490 4.77 12.94 -58.67
C SER A 490 3.40 12.81 -59.31
N GLU A 491 2.94 13.89 -59.94
CA GLU A 491 1.61 13.88 -60.54
C GLU A 491 1.51 12.85 -61.66
N GLN A 492 2.62 12.63 -62.36
CA GLN A 492 2.63 11.55 -63.38
C GLN A 492 2.54 10.21 -62.64
N SER A 493 3.28 10.07 -61.53
CA SER A 493 3.21 8.85 -60.74
C SER A 493 1.84 8.71 -60.07
N ASP A 494 1.22 9.83 -59.70
CA ASP A 494 -0.10 9.76 -59.10
C ASP A 494 -1.12 9.25 -60.11
N ALA A 495 -1.08 9.77 -61.34
CA ALA A 495 -1.99 9.29 -62.38
C ALA A 495 -1.73 7.83 -62.72
N LYS A 496 -0.45 7.42 -62.76
CA LYS A 496 -0.13 6.03 -63.06
C LYS A 496 -0.64 5.10 -61.96
N LEU A 497 -0.47 5.51 -60.69
CA LEU A 497 -1.02 4.73 -59.59
C LEU A 497 -2.53 4.63 -59.69
N LYS A 498 -3.20 5.75 -59.97
CA LYS A 498 -4.65 5.75 -60.11
C LYS A 498 -5.10 4.75 -61.17
N GLU A 499 -4.44 4.78 -62.33
CA GLU A 499 -4.78 3.89 -63.41
C GLU A 499 -4.58 2.43 -63.01
N ILE A 500 -3.43 2.14 -62.39
CA ILE A 500 -3.13 0.77 -61.98
C ILE A 500 -4.19 0.25 -61.02
N VAL A 501 -4.51 1.05 -60.00
CA VAL A 501 -5.42 0.56 -58.96
C VAL A 501 -6.83 0.43 -59.52
N THR A 502 -7.27 1.36 -60.36
CA THR A 502 -8.64 1.27 -60.87
C THR A 502 -8.79 0.10 -61.83
N ASN A 503 -7.77 -0.16 -62.66
CA ASN A 503 -7.86 -1.29 -63.57
C ASN A 503 -7.78 -2.61 -62.83
N PHE A 504 -6.90 -2.71 -61.82
CA PHE A 504 -6.84 -3.93 -61.02
C PHE A 504 -8.17 -4.17 -60.31
N LEU A 505 -8.71 -3.15 -59.66
CA LEU A 505 -9.99 -3.32 -58.96
C LEU A 505 -11.09 -3.71 -59.92
N ALA A 506 -11.06 -3.17 -61.15
CA ALA A 506 -11.99 -3.62 -62.18
C ALA A 506 -11.84 -5.12 -62.44
N GLY A 507 -10.60 -5.57 -62.56
CA GLY A 507 -10.36 -6.98 -62.83
C GLY A 507 -10.33 -7.87 -61.61
N PHE A 508 -10.50 -7.28 -60.42
CA PHE A 508 -10.34 -8.05 -59.19
C PHE A 508 -11.61 -8.82 -58.86
N GLU A 509 -11.43 -10.01 -58.28
CA GLU A 509 -12.54 -10.84 -57.82
C GLU A 509 -12.73 -10.69 -56.32
N ASP B 24 33.33 23.94 29.18
CA ASP B 24 32.48 23.41 30.24
C ASP B 24 31.25 22.73 29.65
N LEU B 25 31.28 21.40 29.63
CA LEU B 25 30.22 20.65 28.97
C LEU B 25 29.04 20.42 29.90
N GLU B 26 28.55 21.47 30.52
CA GLU B 26 27.34 21.36 31.33
C GLU B 26 26.31 22.41 30.97
N GLU B 27 26.75 23.58 30.51
CA GLU B 27 25.86 24.59 29.98
C GLU B 27 26.22 24.95 28.55
N THR B 28 27.05 24.14 27.90
CA THR B 28 27.61 24.46 26.60
C THR B 28 27.99 23.16 25.90
N GLY B 29 27.62 23.03 24.63
CA GLY B 29 27.91 21.84 23.88
C GLY B 29 28.53 22.17 22.53
N ARG B 30 28.99 21.11 21.86
CA ARG B 30 29.55 21.21 20.53
C ARG B 30 28.75 20.34 19.58
N VAL B 31 28.48 20.86 18.39
CA VAL B 31 27.69 20.11 17.41
C VAL B 31 28.48 18.92 16.92
N LEU B 32 27.87 17.73 17.02
CA LEU B 32 28.49 16.52 16.49
C LEU B 32 28.15 16.33 15.02
N SER B 33 26.86 16.33 14.71
CA SER B 33 26.37 16.15 13.35
C SER B 33 25.25 17.14 13.10
N ILE B 34 25.07 17.49 11.84
CA ILE B 34 23.95 18.35 11.44
C ILE B 34 23.48 17.88 10.07
N GLY B 35 22.19 17.91 9.88
CA GLY B 35 21.57 17.39 8.68
C GLY B 35 20.26 16.76 9.09
N ASP B 36 19.30 16.77 8.17
CA ASP B 36 17.93 16.32 8.43
C ASP B 36 17.25 17.18 9.49
N GLY B 37 17.66 18.42 9.63
CA GLY B 37 17.02 19.35 10.55
C GLY B 37 17.29 19.09 12.01
N ILE B 38 18.06 18.05 12.33
CA ILE B 38 18.41 17.70 13.70
C ILE B 38 19.91 17.82 13.85
N ALA B 39 20.33 18.50 14.91
CA ALA B 39 21.74 18.66 15.23
C ALA B 39 22.06 17.82 16.47
N ARG B 40 22.96 16.85 16.32
CA ARG B 40 23.44 16.08 17.45
C ARG B 40 24.49 16.89 18.19
N VAL B 41 24.26 17.15 19.47
CA VAL B 41 25.12 18.05 20.25
C VAL B 41 25.77 17.24 21.36
N HIS B 42 27.08 17.40 21.51
CA HIS B 42 27.82 16.76 22.58
C HIS B 42 27.97 17.72 23.75
N GLY B 43 27.60 17.26 24.94
CA GLY B 43 27.64 18.11 26.10
C GLY B 43 26.26 18.52 26.56
N LEU B 44 26.14 19.76 27.06
CA LEU B 44 24.88 20.27 27.58
C LEU B 44 24.29 19.32 28.62
N ARG B 45 25.08 19.02 29.65
CA ARG B 45 24.68 17.98 30.59
C ARG B 45 23.53 18.42 31.47
N ASN B 46 23.38 19.72 31.71
CA ASN B 46 22.32 20.24 32.54
C ASN B 46 21.15 20.77 31.75
N VAL B 47 21.06 20.45 30.46
CA VAL B 47 19.96 20.96 29.65
C VAL B 47 18.69 20.20 29.98
N GLN B 48 17.56 20.90 29.95
CA GLN B 48 16.27 20.29 30.18
C GLN B 48 15.68 19.79 28.87
N ALA B 49 14.74 18.85 28.99
CA ALA B 49 13.97 18.44 27.83
C ALA B 49 13.07 19.57 27.40
N GLU B 50 13.00 19.80 26.08
CA GLU B 50 12.19 20.87 25.50
C GLU B 50 12.70 22.25 25.89
N GLU B 51 14.01 22.40 26.04
CA GLU B 51 14.59 23.69 26.39
C GLU B 51 15.17 24.35 25.14
N MET B 52 15.09 25.68 25.10
CA MET B 52 15.63 26.44 23.99
C MET B 52 17.15 26.56 24.13
N VAL B 53 17.87 26.18 23.08
CA VAL B 53 19.32 26.36 23.02
C VAL B 53 19.63 27.39 21.96
N GLU B 54 20.82 27.96 22.03
CA GLU B 54 21.21 29.04 21.15
C GLU B 54 22.53 28.68 20.47
N PHE B 55 22.51 28.58 19.15
CA PHE B 55 23.69 28.22 18.39
C PHE B 55 24.59 29.43 18.17
N SER B 56 25.86 29.15 17.89
CA SER B 56 26.83 30.24 17.72
C SER B 56 26.53 31.09 16.50
N SER B 57 25.71 30.60 15.58
CA SER B 57 25.32 31.34 14.39
C SER B 57 24.21 32.34 14.64
N GLY B 58 23.60 32.33 15.83
CA GLY B 58 22.44 33.14 16.10
C GLY B 58 21.12 32.42 15.94
N LEU B 59 21.14 31.16 15.54
CA LEU B 59 19.93 30.37 15.43
C LEU B 59 19.57 29.79 16.79
N LYS B 60 18.32 29.39 16.93
CA LYS B 60 17.83 28.77 18.14
C LYS B 60 17.32 27.37 17.85
N GLY B 61 17.34 26.53 18.88
CA GLY B 61 16.88 25.17 18.74
C GLY B 61 16.13 24.75 19.98
N MET B 62 15.62 23.52 19.93
CA MET B 62 14.91 22.93 21.05
C MET B 62 15.50 21.56 21.35
N SER B 63 15.81 21.31 22.62
CA SER B 63 16.29 20.00 23.03
C SER B 63 15.18 18.97 22.93
N LEU B 64 15.28 18.06 21.97
CA LEU B 64 14.22 17.07 21.77
C LEU B 64 14.54 15.75 22.43
N ASN B 65 15.69 15.16 22.10
CA ASN B 65 16.11 13.87 22.64
C ASN B 65 17.30 14.10 23.56
N LEU B 66 17.08 13.95 24.86
CA LEU B 66 18.20 13.83 25.79
C LEU B 66 18.64 12.38 25.79
N GLU B 67 19.87 12.14 25.37
CA GLU B 67 20.39 10.79 25.29
C GLU B 67 21.60 10.64 26.19
N PRO B 68 22.03 9.41 26.49
CA PRO B 68 23.18 9.24 27.37
C PRO B 68 24.45 9.89 26.86
N ASP B 69 24.61 10.08 25.56
CA ASP B 69 25.85 10.61 25.03
C ASP B 69 25.69 11.83 24.13
N ASN B 70 24.47 12.30 23.88
CA ASN B 70 24.26 13.46 23.04
C ASN B 70 22.87 14.04 23.27
N VAL B 71 22.63 15.20 22.67
CA VAL B 71 21.34 15.87 22.70
C VAL B 71 20.90 16.10 21.27
N GLY B 72 19.71 15.62 20.93
CA GLY B 72 19.16 15.89 19.61
C GLY B 72 18.37 17.17 19.65
N VAL B 73 18.77 18.14 18.83
CA VAL B 73 18.23 19.49 18.89
C VAL B 73 17.47 19.76 17.60
N VAL B 74 16.22 20.19 17.73
CA VAL B 74 15.41 20.61 16.59
C VAL B 74 15.78 22.05 16.26
N VAL B 75 16.32 22.27 15.06
CA VAL B 75 16.83 23.58 14.69
C VAL B 75 15.71 24.43 14.13
N PHE B 76 15.54 25.62 14.70
CA PHE B 76 14.51 26.56 14.24
C PHE B 76 15.12 27.50 13.21
N GLY B 77 15.36 26.96 12.03
CA GLY B 77 16.00 27.69 10.96
C GLY B 77 16.68 26.72 10.02
N ASN B 78 17.62 27.25 9.25
CA ASN B 78 18.27 26.47 8.20
C ASN B 78 19.50 25.75 8.73
N ASP B 79 19.64 24.48 8.36
CA ASP B 79 20.80 23.70 8.74
C ASP B 79 22.08 24.21 8.09
N LYS B 80 21.96 25.04 7.06
CA LYS B 80 23.13 25.61 6.40
C LYS B 80 23.94 26.47 7.36
N LEU B 81 23.30 27.06 8.38
CA LEU B 81 23.99 27.98 9.27
C LEU B 81 24.71 27.29 10.41
N ILE B 82 24.54 25.98 10.57
CA ILE B 82 25.10 25.24 11.69
C ILE B 82 26.09 24.21 11.17
N LYS B 83 27.31 24.25 11.69
CA LYS B 83 28.38 23.36 11.28
C LYS B 83 28.77 22.43 12.41
N GLU B 84 29.39 21.31 12.04
CA GLU B 84 30.02 20.45 13.03
C GLU B 84 31.10 21.19 13.78
N GLY B 85 31.04 21.15 15.11
CA GLY B 85 31.98 21.84 15.95
C GLY B 85 31.50 23.17 16.48
N ASP B 86 30.32 23.61 16.08
CA ASP B 86 29.80 24.89 16.57
C ASP B 86 29.38 24.77 18.03
N ILE B 87 29.41 25.90 18.72
CA ILE B 87 29.11 25.95 20.14
C ILE B 87 27.62 26.15 20.34
N VAL B 88 27.03 25.36 21.24
CA VAL B 88 25.62 25.45 21.58
C VAL B 88 25.56 25.82 23.06
N LYS B 89 25.03 26.99 23.36
CA LYS B 89 24.79 27.40 24.74
C LYS B 89 23.32 27.21 25.06
N ARG B 90 23.03 26.88 26.31
CA ARG B 90 21.65 26.72 26.72
C ARG B 90 21.16 28.00 27.37
N THR B 91 19.91 28.35 27.08
CA THR B 91 19.29 29.57 27.59
C THR B 91 18.56 29.34 28.90
N GLY B 92 18.46 28.09 29.37
CA GLY B 92 17.82 27.79 30.62
C GLY B 92 16.32 27.86 30.64
N ALA B 93 15.69 28.22 29.53
CA ALA B 93 14.25 28.41 29.46
C ALA B 93 13.63 27.39 28.52
N ILE B 94 12.57 26.72 28.98
CA ILE B 94 11.75 25.92 28.09
C ILE B 94 11.13 26.85 27.05
N VAL B 95 11.00 26.36 25.81
CA VAL B 95 10.67 27.17 24.65
C VAL B 95 9.45 28.03 24.93
N ASP B 96 9.62 29.35 24.81
CA ASP B 96 8.56 30.29 25.10
C ASP B 96 8.63 31.44 24.10
N VAL B 97 7.55 32.21 24.04
CA VAL B 97 7.44 33.31 23.10
C VAL B 97 7.04 34.56 23.86
N PRO B 98 7.36 35.76 23.36
CA PRO B 98 6.87 36.97 24.00
C PRO B 98 5.37 37.11 23.80
N VAL B 99 4.66 37.49 24.85
CA VAL B 99 3.23 37.68 24.80
C VAL B 99 2.90 39.04 25.36
N GLY B 100 1.68 39.50 25.10
CA GLY B 100 1.17 40.72 25.66
C GLY B 100 0.44 41.56 24.63
N GLU B 101 0.04 42.75 25.07
CA GLU B 101 -0.60 43.74 24.20
C GLU B 101 0.38 44.34 23.21
N GLU B 102 1.67 44.28 23.48
CA GLU B 102 2.69 44.90 22.64
C GLU B 102 2.88 44.19 21.31
N LEU B 103 2.24 43.05 21.10
CA LEU B 103 2.28 42.34 19.84
C LEU B 103 1.17 42.74 18.90
N LEU B 104 0.18 43.49 19.37
CA LEU B 104 -0.93 43.89 18.52
C LEU B 104 -0.45 44.85 17.44
N GLY B 105 -0.80 44.56 16.19
CA GLY B 105 -0.34 45.35 15.07
C GLY B 105 0.99 44.92 14.50
N ARG B 106 1.62 43.91 15.08
CA ARG B 106 2.93 43.46 14.65
C ARG B 106 2.83 42.18 13.85
N VAL B 107 3.78 41.98 12.95
CA VAL B 107 3.96 40.75 12.22
C VAL B 107 5.24 40.11 12.75
N VAL B 108 5.12 38.93 13.34
CA VAL B 108 6.24 38.23 13.93
C VAL B 108 6.39 36.88 13.25
N ASP B 109 7.55 36.27 13.43
CA ASP B 109 7.75 34.91 12.95
C ASP B 109 7.39 33.93 14.06
N ALA B 110 7.65 32.65 13.85
CA ALA B 110 7.21 31.64 14.81
C ALA B 110 7.87 31.77 16.17
N LEU B 111 8.99 32.48 16.27
CA LEU B 111 9.71 32.62 17.52
C LEU B 111 9.41 33.93 18.23
N GLY B 112 8.54 34.76 17.66
CA GLY B 112 8.21 36.04 18.26
C GLY B 112 9.09 37.19 17.84
N ASN B 113 9.95 37.01 16.85
CA ASN B 113 10.78 38.09 16.35
C ASN B 113 10.05 38.88 15.28
N ALA B 114 10.03 40.20 15.41
CA ALA B 114 9.29 41.04 14.48
C ALA B 114 9.94 41.03 13.10
N ILE B 115 9.13 40.75 12.08
CA ILE B 115 9.59 40.73 10.71
C ILE B 115 8.95 41.82 9.87
N ASP B 116 8.36 42.83 10.49
CA ASP B 116 7.78 43.95 9.77
C ASP B 116 8.66 45.19 9.79
N GLY B 117 9.86 45.09 10.34
CA GLY B 117 10.79 46.21 10.34
C GLY B 117 10.41 47.37 11.22
N LYS B 118 9.38 47.24 12.04
CA LYS B 118 8.93 48.32 12.92
C LYS B 118 9.67 48.33 14.26
N GLY B 119 10.82 47.67 14.35
CA GLY B 119 11.56 47.64 15.59
C GLY B 119 11.20 46.45 16.44
N PRO B 120 11.81 46.34 17.61
CA PRO B 120 11.59 45.18 18.47
C PRO B 120 10.25 45.22 19.20
N ILE B 121 9.84 44.05 19.67
CA ILE B 121 8.63 43.93 20.49
C ILE B 121 8.99 44.31 21.92
N GLY B 122 8.21 45.21 22.51
CA GLY B 122 8.47 45.61 23.88
C GLY B 122 7.68 44.81 24.89
N SER B 123 7.78 43.47 24.83
CA SER B 123 6.96 42.63 25.68
C SER B 123 7.60 42.43 27.04
N LYS B 124 6.76 42.40 28.08
CA LYS B 124 7.21 42.21 29.45
C LYS B 124 7.07 40.78 29.93
N THR B 125 6.32 39.95 29.20
CA THR B 125 5.96 38.62 29.65
C THR B 125 6.26 37.62 28.54
N ARG B 126 6.78 36.46 28.93
CA ARG B 126 6.97 35.34 28.03
C ARG B 126 6.10 34.18 28.50
N ARG B 127 5.78 33.29 27.58
CA ARG B 127 4.87 32.19 27.87
C ARG B 127 5.29 30.96 27.08
N ARG B 128 5.36 29.82 27.75
CA ARG B 128 5.75 28.58 27.10
C ARG B 128 4.76 28.20 26.01
N VAL B 129 5.28 27.64 24.92
CA VAL B 129 4.43 27.32 23.77
C VAL B 129 3.79 25.95 23.90
N GLY B 130 4.24 25.13 24.85
CA GLY B 130 3.69 23.80 25.02
C GLY B 130 2.99 23.61 26.33
N LEU B 131 2.30 24.66 26.81
CA LEU B 131 1.54 24.54 28.04
C LEU B 131 0.27 23.73 27.79
N LYS B 132 -0.10 22.91 28.76
CA LYS B 132 -1.25 22.04 28.61
C LYS B 132 -2.54 22.86 28.73
N ALA B 133 -3.55 22.46 27.95
CA ALA B 133 -4.83 23.13 27.96
C ALA B 133 -5.46 23.09 29.33
N PRO B 134 -6.38 24.02 29.63
CA PRO B 134 -7.05 23.99 30.93
C PRO B 134 -7.83 22.70 31.13
N GLY B 135 -8.09 22.39 32.40
CA GLY B 135 -8.80 21.17 32.74
C GLY B 135 -10.30 21.26 32.55
N ILE B 136 -11.04 20.46 33.30
CA ILE B 136 -12.49 20.46 33.18
C ILE B 136 -13.09 21.58 34.02
N ILE B 137 -12.56 21.80 35.22
CA ILE B 137 -13.11 22.76 36.17
C ILE B 137 -12.94 24.20 35.70
N PRO B 138 -11.79 24.63 35.17
CA PRO B 138 -11.65 26.03 34.75
C PRO B 138 -12.58 26.44 33.62
N ARG B 139 -13.31 25.53 33.02
CA ARG B 139 -14.10 25.85 31.85
C ARG B 139 -15.56 26.10 32.20
N ILE B 140 -16.26 26.72 31.27
CA ILE B 140 -17.70 26.89 31.32
C ILE B 140 -18.21 26.78 29.90
N SER B 141 -19.51 26.59 29.77
CA SER B 141 -20.09 26.41 28.45
C SER B 141 -19.96 27.69 27.62
N VAL B 142 -19.91 27.52 26.31
CA VAL B 142 -19.83 28.66 25.41
C VAL B 142 -21.19 29.33 25.33
N ARG B 143 -21.25 30.62 25.64
CA ARG B 143 -22.52 31.29 25.85
C ARG B 143 -22.65 32.57 25.05
N GLU B 144 -21.54 33.24 24.79
CA GLU B 144 -21.59 34.53 24.13
C GLU B 144 -21.12 34.41 22.69
N PRO B 145 -21.64 35.24 21.78
CA PRO B 145 -21.40 35.02 20.36
C PRO B 145 -20.08 35.58 19.88
N MET B 146 -19.49 34.89 18.92
CA MET B 146 -18.36 35.39 18.15
C MET B 146 -18.90 35.71 16.76
N GLN B 147 -19.02 36.99 16.46
CA GLN B 147 -19.68 37.43 15.24
C GLN B 147 -18.67 37.46 14.10
N THR B 148 -18.97 36.73 13.02
CA THR B 148 -18.11 36.73 11.85
C THR B 148 -18.51 37.78 10.83
N GLY B 149 -19.74 38.28 10.90
CA GLY B 149 -20.25 39.20 9.91
C GLY B 149 -20.67 38.56 8.61
N ILE B 150 -20.56 37.25 8.49
CA ILE B 150 -20.95 36.52 7.30
C ILE B 150 -22.33 35.93 7.54
N LYS B 151 -23.27 36.24 6.65
CA LYS B 151 -24.67 35.88 6.89
C LYS B 151 -24.83 34.37 7.03
N ALA B 152 -24.20 33.61 6.15
CA ALA B 152 -24.34 32.15 6.19
C ALA B 152 -23.79 31.59 7.50
N VAL B 153 -22.63 32.06 7.92
CA VAL B 153 -22.05 31.59 9.17
C VAL B 153 -22.88 32.08 10.35
N ASP B 154 -23.04 33.40 10.47
CA ASP B 154 -23.70 33.97 11.64
C ASP B 154 -25.13 33.51 11.81
N SER B 155 -25.79 33.08 10.74
CA SER B 155 -27.16 32.61 10.81
C SER B 155 -27.29 31.10 10.91
N LEU B 156 -26.55 30.33 10.11
CA LEU B 156 -26.74 28.89 10.06
C LEU B 156 -25.68 28.13 10.83
N VAL B 157 -24.44 28.63 10.89
CA VAL B 157 -23.37 27.95 11.60
C VAL B 157 -22.81 28.91 12.65
N PRO B 158 -23.59 29.28 13.68
CA PRO B 158 -23.12 30.32 14.60
C PRO B 158 -21.95 29.82 15.44
N ILE B 159 -20.99 30.70 15.67
CA ILE B 159 -19.79 30.39 16.42
C ILE B 159 -19.82 31.18 17.73
N GLY B 160 -19.47 30.51 18.82
CA GLY B 160 -19.41 31.18 20.11
C GLY B 160 -18.00 31.35 20.59
N ARG B 161 -17.79 32.19 21.60
CA ARG B 161 -16.45 32.47 22.08
C ARG B 161 -15.97 31.34 22.99
N GLY B 162 -14.84 30.75 22.62
CA GLY B 162 -14.35 29.56 23.25
C GLY B 162 -14.49 28.32 22.40
N GLN B 163 -15.13 28.43 21.24
CA GLN B 163 -15.37 27.30 20.36
C GLN B 163 -14.16 27.03 19.49
N ARG B 164 -14.12 25.84 18.91
CA ARG B 164 -13.17 25.46 17.87
C ARG B 164 -14.02 25.10 16.66
N GLU B 165 -14.05 25.97 15.66
CA GLU B 165 -14.80 25.73 14.45
C GLU B 165 -13.83 25.58 13.29
N LEU B 166 -13.91 24.44 12.61
CA LEU B 166 -13.01 24.13 11.52
C LEU B 166 -13.53 24.72 10.21
N ILE B 167 -12.64 25.30 9.41
CA ILE B 167 -12.95 25.75 8.07
C ILE B 167 -12.25 24.81 7.11
N ILE B 168 -13.01 23.94 6.46
CA ILE B 168 -12.45 22.87 5.66
C ILE B 168 -12.98 22.96 4.25
N GLY B 169 -12.12 22.73 3.27
CA GLY B 169 -12.53 22.78 1.88
C GLY B 169 -11.33 22.60 0.98
N ASP B 170 -11.61 22.53 -0.32
CA ASP B 170 -10.57 22.36 -1.32
C ASP B 170 -9.73 23.63 -1.41
N ARG B 171 -8.77 23.62 -2.32
CA ARG B 171 -7.96 24.81 -2.55
C ARG B 171 -8.78 25.84 -3.32
N GLN B 172 -8.60 27.11 -2.94
CA GLN B 172 -9.28 28.24 -3.58
C GLN B 172 -10.80 28.07 -3.53
N THR B 173 -11.32 27.90 -2.32
CA THR B 173 -12.77 27.87 -2.09
C THR B 173 -13.25 29.00 -1.19
N GLY B 174 -12.34 29.82 -0.67
CA GLY B 174 -12.72 30.95 0.13
C GLY B 174 -12.55 30.81 1.62
N LYS B 175 -11.58 30.02 2.09
CA LYS B 175 -11.42 29.79 3.52
C LYS B 175 -10.73 30.98 4.20
N THR B 176 -9.58 31.38 3.67
CA THR B 176 -8.89 32.56 4.18
C THR B 176 -9.78 33.78 4.12
N SER B 177 -10.68 33.85 3.14
CA SER B 177 -11.59 34.98 3.05
C SER B 177 -12.57 35.00 4.22
N ILE B 178 -13.05 33.84 4.65
CA ILE B 178 -13.91 33.77 5.82
C ILE B 178 -13.15 34.25 7.05
N ALA B 179 -11.91 33.79 7.21
CA ALA B 179 -11.13 34.22 8.36
C ALA B 179 -10.86 35.72 8.35
N ILE B 180 -10.56 36.27 7.17
CA ILE B 180 -10.23 37.69 7.08
C ILE B 180 -11.48 38.54 7.30
N ASP B 181 -12.63 38.08 6.81
CA ASP B 181 -13.87 38.79 7.08
C ASP B 181 -14.18 38.81 8.56
N THR B 182 -13.92 37.70 9.26
CA THR B 182 -14.12 37.70 10.71
C THR B 182 -13.24 38.73 11.39
N ILE B 183 -11.94 38.72 11.06
CA ILE B 183 -11.01 39.66 11.69
C ILE B 183 -11.45 41.09 11.42
N ILE B 184 -11.82 41.41 10.18
CA ILE B 184 -12.23 42.77 9.85
C ILE B 184 -13.53 43.12 10.56
N ASN B 185 -14.39 42.11 10.73
CA ASN B 185 -15.71 42.33 11.38
C ASN B 185 -15.50 42.77 12.84
N GLN B 186 -14.44 42.28 13.49
CA GLN B 186 -14.27 42.60 14.92
C GLN B 186 -14.03 44.09 15.20
N LYS B 187 -13.92 44.89 14.14
CA LYS B 187 -13.61 46.33 14.33
C LYS B 187 -14.79 47.04 15.02
N ARG B 188 -16.03 46.66 14.68
CA ARG B 188 -17.18 47.36 15.25
C ARG B 188 -17.26 47.18 16.75
N PHE B 189 -16.67 46.11 17.28
CA PHE B 189 -16.63 45.90 18.72
C PHE B 189 -15.36 46.43 19.36
N ASN B 190 -14.24 46.41 18.64
CA ASN B 190 -12.98 46.86 19.20
C ASN B 190 -12.85 48.38 19.24
N ASP B 191 -13.70 49.11 18.54
CA ASP B 191 -13.68 50.56 18.60
C ASP B 191 -14.59 51.13 19.68
N GLY B 192 -15.56 50.36 20.14
CA GLY B 192 -16.53 50.84 21.10
C GLY B 192 -15.97 50.89 22.52
N SER B 193 -16.88 51.13 23.46
CA SER B 193 -16.54 51.22 24.87
C SER B 193 -16.87 49.94 25.64
N ASP B 194 -17.52 48.98 25.01
CA ASP B 194 -17.84 47.72 25.66
C ASP B 194 -16.61 46.81 25.71
N GLU B 195 -15.85 46.88 26.80
CA GLU B 195 -14.66 46.05 26.93
C GLU B 195 -15.00 44.57 26.98
N LYS B 196 -16.21 44.24 27.42
CA LYS B 196 -16.68 42.86 27.40
C LYS B 196 -16.75 42.29 25.99
N LYS B 197 -17.09 43.11 25.00
CA LYS B 197 -17.41 42.62 23.67
C LYS B 197 -16.26 42.73 22.70
N LYS B 198 -15.07 43.09 23.16
CA LYS B 198 -13.92 43.19 22.28
C LYS B 198 -13.33 41.81 22.00
N LEU B 199 -12.61 41.71 20.89
CA LEU B 199 -12.00 40.45 20.47
C LEU B 199 -10.68 40.77 19.78
N TYR B 200 -9.57 40.33 20.36
CA TYR B 200 -8.28 40.48 19.74
C TYR B 200 -7.99 39.26 18.87
N CYS B 201 -7.48 39.50 17.68
CA CYS B 201 -7.32 38.45 16.69
C CYS B 201 -5.86 38.07 16.53
N ILE B 202 -5.63 36.79 16.25
CA ILE B 202 -4.31 36.27 15.91
C ILE B 202 -4.45 35.49 14.62
N TYR B 203 -3.62 35.81 13.64
CA TYR B 203 -3.60 35.09 12.39
C TYR B 203 -2.26 34.38 12.26
N VAL B 204 -2.30 33.06 12.17
CA VAL B 204 -1.10 32.25 12.03
C VAL B 204 -1.05 31.74 10.60
N ALA B 205 -0.06 32.18 9.85
CA ALA B 205 0.17 31.71 8.50
C ALA B 205 1.20 30.59 8.54
N ILE B 206 0.84 29.42 8.03
CA ILE B 206 1.67 28.24 8.10
C ILE B 206 1.83 27.69 6.69
N GLY B 207 3.03 27.81 6.14
CA GLY B 207 3.27 27.25 4.83
C GLY B 207 2.67 28.01 3.68
N GLN B 208 2.18 29.23 3.91
CA GLN B 208 1.64 30.03 2.83
C GLN B 208 2.77 30.70 2.04
N LYS B 209 2.41 31.32 0.93
CA LYS B 209 3.34 32.19 0.24
C LYS B 209 3.56 33.45 1.05
N ARG B 210 4.79 33.96 1.04
CA ARG B 210 5.08 35.17 1.80
C ARG B 210 4.36 36.38 1.20
N SER B 211 4.22 36.42 -0.12
CA SER B 211 3.52 37.53 -0.76
C SER B 211 2.04 37.52 -0.40
N THR B 212 1.45 36.34 -0.25
CA THR B 212 0.06 36.25 0.18
C THR B 212 -0.12 36.82 1.59
N VAL B 213 0.85 36.56 2.48
CA VAL B 213 0.76 37.11 3.83
C VAL B 213 0.97 38.62 3.81
N ALA B 214 1.85 39.11 2.94
CA ALA B 214 2.03 40.54 2.84
C ALA B 214 0.76 41.23 2.34
N GLN B 215 0.11 40.66 1.34
CA GLN B 215 -1.14 41.22 0.84
C GLN B 215 -2.26 41.12 1.87
N LEU B 216 -2.26 40.05 2.66
CA LEU B 216 -3.23 39.92 3.76
C LEU B 216 -3.00 40.99 4.82
N VAL B 217 -1.76 41.25 5.17
CA VAL B 217 -1.47 42.29 6.17
C VAL B 217 -1.84 43.65 5.62
N LYS B 218 -1.68 43.87 4.31
CA LYS B 218 -2.17 45.13 3.76
C LYS B 218 -3.69 45.23 3.80
N ARG B 219 -4.38 44.14 3.49
CA ARG B 219 -5.84 44.15 3.59
C ARG B 219 -6.30 44.47 5.00
N LEU B 220 -5.60 43.94 6.00
CA LEU B 220 -5.94 44.25 7.38
C LEU B 220 -5.56 45.68 7.75
N THR B 221 -4.52 46.22 7.13
CA THR B 221 -4.13 47.60 7.45
C THR B 221 -5.11 48.60 6.83
N ASP B 222 -5.61 48.32 5.63
CA ASP B 222 -6.58 49.22 5.00
C ASP B 222 -7.87 49.27 5.80
N ALA B 223 -8.39 48.12 6.18
CA ALA B 223 -9.59 48.04 6.99
C ALA B 223 -9.36 48.44 8.43
N ASP B 224 -8.16 48.90 8.77
CA ASP B 224 -7.80 49.32 10.11
C ASP B 224 -7.98 48.19 11.12
N ALA B 225 -7.79 46.95 10.67
CA ALA B 225 -7.92 45.78 11.51
C ALA B 225 -6.61 45.27 12.07
N MET B 226 -5.49 45.94 11.80
CA MET B 226 -4.21 45.45 12.32
C MET B 226 -4.00 45.88 13.76
N LYS B 227 -4.61 46.98 14.19
CA LYS B 227 -4.35 47.48 15.53
C LYS B 227 -4.84 46.54 16.62
N TYR B 228 -5.63 45.53 16.27
CA TYR B 228 -6.04 44.51 17.22
C TYR B 228 -5.73 43.10 16.74
N THR B 229 -4.74 42.94 15.86
CA THR B 229 -4.40 41.67 15.25
C THR B 229 -2.91 41.41 15.39
N ILE B 230 -2.56 40.18 15.71
CA ILE B 230 -1.19 39.69 15.64
C ILE B 230 -1.13 38.72 14.47
N VAL B 231 -0.09 38.83 13.66
CA VAL B 231 0.12 37.92 12.55
C VAL B 231 1.41 37.16 12.83
N VAL B 232 1.32 35.84 12.87
CA VAL B 232 2.47 34.97 13.04
C VAL B 232 2.72 34.30 11.69
N SER B 233 3.94 34.43 11.17
CA SER B 233 4.25 34.05 9.80
C SER B 233 5.33 32.99 9.79
N ALA B 234 4.97 31.79 9.36
CA ALA B 234 5.92 30.71 9.05
C ALA B 234 5.57 30.24 7.64
N THR B 235 6.21 30.84 6.64
CA THR B 235 5.78 30.66 5.26
C THR B 235 6.49 29.47 4.62
N ALA B 236 6.31 29.33 3.31
CA ALA B 236 6.69 28.12 2.59
C ALA B 236 8.20 27.94 2.52
N SER B 237 8.96 29.03 2.58
CA SER B 237 10.41 28.94 2.54
C SER B 237 11.03 28.76 3.91
N ASP B 238 10.25 28.84 4.98
CA ASP B 238 10.79 28.64 6.32
C ASP B 238 11.00 27.17 6.60
N ALA B 239 11.97 26.88 7.46
CA ALA B 239 12.25 25.49 7.81
C ALA B 239 11.03 24.84 8.42
N ALA B 240 10.92 23.53 8.25
CA ALA B 240 9.78 22.80 8.78
C ALA B 240 9.59 22.94 10.28
N PRO B 241 10.65 22.98 11.12
CA PRO B 241 10.41 23.24 12.55
C PRO B 241 9.72 24.57 12.83
N LEU B 242 9.95 25.60 12.02
CA LEU B 242 9.26 26.86 12.26
C LEU B 242 7.77 26.76 11.92
N GLN B 243 7.43 26.06 10.84
CA GLN B 243 6.03 25.87 10.52
C GLN B 243 5.35 24.95 11.53
N TYR B 244 6.11 24.06 12.15
CA TYR B 244 5.56 23.26 13.24
C TYR B 244 5.33 24.10 14.48
N LEU B 245 6.25 25.02 14.79
CA LEU B 245 6.16 25.79 16.02
C LEU B 245 5.17 26.94 15.93
N ALA B 246 4.92 27.49 14.75
CA ALA B 246 4.09 28.69 14.64
C ALA B 246 2.71 28.58 15.29
N PRO B 247 1.94 27.50 15.09
CA PRO B 247 0.62 27.46 15.74
C PRO B 247 0.68 27.53 17.25
N TYR B 248 1.70 26.94 17.86
CA TYR B 248 1.79 26.97 19.31
C TYR B 248 2.22 28.32 19.83
N SER B 249 3.08 29.03 19.09
CA SER B 249 3.42 30.40 19.44
C SER B 249 2.19 31.30 19.37
N GLY B 250 1.43 31.21 18.27
CA GLY B 250 0.20 31.96 18.18
C GLY B 250 -0.79 31.61 19.29
N CYS B 251 -0.91 30.32 19.60
CA CYS B 251 -1.83 29.91 20.65
C CYS B 251 -1.39 30.44 22.01
N SER B 252 -0.09 30.54 22.26
CA SER B 252 0.37 31.14 23.51
C SER B 252 0.03 32.63 23.57
N MET B 253 0.24 33.33 22.46
CA MET B 253 -0.15 34.74 22.40
C MET B 253 -1.63 34.90 22.67
N GLY B 254 -2.45 33.96 22.23
CA GLY B 254 -3.87 34.02 22.52
C GLY B 254 -4.24 33.60 23.93
N GLU B 255 -3.52 32.62 24.48
CA GLU B 255 -3.77 32.18 25.85
C GLU B 255 -3.48 33.30 26.83
N TYR B 256 -2.57 34.21 26.48
CA TYR B 256 -2.38 35.41 27.29
C TYR B 256 -3.71 36.14 27.53
N PHE B 257 -4.41 36.47 26.44
CA PHE B 257 -5.71 37.13 26.56
C PHE B 257 -6.72 36.23 27.25
N ARG B 258 -6.74 34.95 26.88
CA ARG B 258 -7.71 34.02 27.46
C ARG B 258 -7.57 33.94 28.98
N ASP B 259 -6.36 34.07 29.48
CA ASP B 259 -6.11 33.94 30.91
C ASP B 259 -6.10 35.26 31.64
N ASN B 260 -6.10 36.38 30.92
CA ASN B 260 -6.18 37.68 31.58
C ASN B 260 -7.52 38.37 31.39
N GLY B 261 -8.60 37.60 31.28
CA GLY B 261 -9.94 38.14 31.27
C GLY B 261 -10.43 38.64 29.94
N LYS B 262 -9.62 38.61 28.89
CA LYS B 262 -10.01 39.11 27.59
C LYS B 262 -10.36 37.95 26.65
N HIS B 263 -10.81 38.30 25.47
CA HIS B 263 -11.25 37.33 24.49
C HIS B 263 -10.39 37.43 23.23
N ALA B 264 -9.99 36.29 22.71
CA ALA B 264 -9.10 36.23 21.57
C ALA B 264 -9.66 35.26 20.53
N LEU B 265 -9.37 35.53 19.27
CA LEU B 265 -9.69 34.63 18.17
C LEU B 265 -8.41 34.31 17.43
N ILE B 266 -8.18 33.03 17.16
CA ILE B 266 -6.97 32.59 16.48
C ILE B 266 -7.34 31.77 15.26
N ILE B 267 -6.69 32.06 14.14
CA ILE B 267 -6.86 31.33 12.90
C ILE B 267 -5.56 30.63 12.58
N TYR B 268 -5.63 29.32 12.34
CA TYR B 268 -4.48 28.53 11.95
C TYR B 268 -4.63 28.18 10.47
N ASP B 269 -3.89 28.88 9.62
CA ASP B 269 -4.08 28.81 8.18
C ASP B 269 -2.78 28.33 7.51
N ASP B 270 -2.65 27.03 7.31
CA ASP B 270 -3.63 26.05 7.76
C ASP B 270 -2.93 24.87 8.41
N LEU B 271 -3.70 24.04 9.11
CA LEU B 271 -3.13 22.93 9.85
C LEU B 271 -2.72 21.77 8.96
N SER B 272 -3.16 21.76 7.71
CA SER B 272 -2.70 20.76 6.76
C SER B 272 -1.20 20.90 6.49
N LYS B 273 -0.75 22.13 6.25
CA LYS B 273 0.66 22.37 6.01
C LYS B 273 1.49 22.22 7.27
N GLN B 274 0.90 22.45 8.43
CA GLN B 274 1.60 22.18 9.68
C GLN B 274 1.76 20.69 9.90
N ALA B 275 0.76 19.90 9.54
CA ALA B 275 0.90 18.45 9.62
C ALA B 275 1.93 17.95 8.62
N VAL B 276 2.01 18.58 7.44
CA VAL B 276 3.02 18.18 6.45
C VAL B 276 4.42 18.54 6.95
N ALA B 277 4.59 19.69 7.59
CA ALA B 277 5.86 20.05 8.18
C ALA B 277 6.26 19.07 9.28
N TYR B 278 5.30 18.69 10.13
CA TYR B 278 5.59 17.73 11.18
C TYR B 278 5.90 16.36 10.61
N ARG B 279 5.26 15.97 9.52
CA ARG B 279 5.60 14.71 8.90
C ARG B 279 7.01 14.74 8.32
N GLN B 280 7.41 15.88 7.76
CA GLN B 280 8.80 16.01 7.32
C GLN B 280 9.76 15.81 8.49
N MET B 281 9.53 16.52 9.59
CA MET B 281 10.40 16.38 10.75
C MET B 281 10.43 14.95 11.28
N SER B 282 9.28 14.27 11.27
CA SER B 282 9.19 12.94 11.84
C SER B 282 9.87 11.91 10.96
N LEU B 283 9.70 12.01 9.64
CA LEU B 283 10.36 11.10 8.73
C LEU B 283 11.86 11.33 8.72
N LEU B 284 12.31 12.57 8.93
CA LEU B 284 13.75 12.80 9.01
C LEU B 284 14.34 12.29 10.32
N LEU B 285 13.53 12.11 11.35
CA LEU B 285 13.96 11.44 12.57
C LEU B 285 13.82 9.94 12.49
N ARG B 286 13.40 9.42 11.33
CA ARG B 286 13.28 7.99 11.09
C ARG B 286 12.24 7.34 12.00
N ARG B 287 11.11 8.00 12.16
CA ARG B 287 10.02 7.47 12.94
C ARG B 287 9.03 6.72 12.03
N PRO B 288 8.35 5.71 12.56
CA PRO B 288 7.51 4.86 11.72
C PRO B 288 6.35 5.62 11.12
N PRO B 289 6.27 5.69 9.79
CA PRO B 289 5.10 6.32 9.16
C PRO B 289 3.88 5.43 9.24
N GLY B 290 2.71 6.06 9.21
CA GLY B 290 1.45 5.35 9.25
C GLY B 290 0.59 5.59 8.01
N ARG B 291 -0.63 6.06 8.24
CA ARG B 291 -1.55 6.39 7.13
C ARG B 291 -1.00 7.61 6.37
N GLU B 292 -0.78 7.48 5.06
CA GLU B 292 -0.28 8.58 4.25
C GLU B 292 1.10 9.04 4.71
N ALA B 293 1.86 8.11 5.29
CA ALA B 293 3.20 8.32 5.82
C ALA B 293 3.23 9.31 6.98
N TYR B 294 2.11 9.55 7.61
CA TYR B 294 2.09 10.45 8.75
C TYR B 294 2.51 9.71 10.02
N PRO B 295 3.15 10.41 10.96
CA PRO B 295 3.52 9.77 12.22
C PRO B 295 2.30 9.42 13.05
N GLY B 296 2.52 8.61 14.08
CA GLY B 296 1.42 8.17 14.91
C GLY B 296 0.84 9.27 15.77
N ASP B 297 1.63 10.30 16.07
CA ASP B 297 1.19 11.39 16.94
C ASP B 297 0.76 12.62 16.17
N VAL B 298 0.37 12.48 14.91
CA VAL B 298 -0.11 13.62 14.16
C VAL B 298 -1.48 14.05 14.66
N PHE B 299 -2.21 13.16 15.33
CA PHE B 299 -3.45 13.57 15.98
C PHE B 299 -3.16 14.37 17.24
N TYR B 300 -2.22 13.90 18.05
CA TYR B 300 -1.84 14.63 19.26
C TYR B 300 -1.31 16.00 18.92
N LEU B 301 -0.57 16.11 17.81
CA LEU B 301 -0.05 17.38 17.33
C LEU B 301 -1.12 18.47 17.26
N HIS B 302 -2.29 18.12 16.75
CA HIS B 302 -3.37 19.08 16.60
C HIS B 302 -4.30 19.10 17.80
N SER B 303 -4.40 17.98 18.52
CA SER B 303 -5.33 17.91 19.64
C SER B 303 -4.84 18.73 20.82
N ARG B 304 -3.56 18.60 21.16
CA ARG B 304 -3.04 19.39 22.28
C ARG B 304 -3.09 20.88 21.96
N LEU B 305 -3.07 21.24 20.67
CA LEU B 305 -3.15 22.63 20.27
C LEU B 305 -4.57 23.16 20.35
N LEU B 306 -5.51 22.46 19.72
CA LEU B 306 -6.87 22.95 19.66
C LEU B 306 -7.63 22.74 20.96
N GLU B 307 -7.06 22.01 21.92
CA GLU B 307 -7.68 21.94 23.24
C GLU B 307 -7.48 23.23 24.01
N ARG B 308 -6.50 24.04 23.62
CA ARG B 308 -6.17 25.23 24.39
C ARG B 308 -7.14 26.37 24.10
N ALA B 309 -7.96 26.22 23.06
CA ALA B 309 -9.05 27.15 22.83
C ALA B 309 -10.20 26.79 23.77
N ALA B 310 -10.46 27.64 24.76
CA ALA B 310 -11.42 27.32 25.79
C ALA B 310 -12.15 28.58 26.21
N LYS B 311 -13.34 28.38 26.76
CA LYS B 311 -14.08 29.42 27.46
C LYS B 311 -13.90 29.20 28.95
N MET B 312 -13.44 30.22 29.65
CA MET B 312 -13.15 30.08 31.07
C MET B 312 -14.35 30.49 31.92
N ASN B 313 -14.49 29.85 33.07
CA ASN B 313 -15.50 30.29 34.02
C ASN B 313 -15.04 31.58 34.69
N ASP B 314 -15.93 32.17 35.49
CA ASP B 314 -15.67 33.49 36.01
C ASP B 314 -14.64 33.49 37.13
N ALA B 315 -14.42 32.34 37.77
CA ALA B 315 -13.37 32.26 38.79
C ALA B 315 -11.98 32.22 38.17
N PHE B 316 -11.89 32.14 36.85
CA PHE B 316 -10.62 32.14 36.14
C PHE B 316 -10.49 33.34 35.22
N GLY B 317 -11.30 34.37 35.42
CA GLY B 317 -11.25 35.57 34.65
C GLY B 317 -12.40 35.75 33.67
N GLY B 318 -13.01 34.65 33.23
CA GLY B 318 -14.11 34.73 32.30
C GLY B 318 -13.74 34.94 30.86
N GLY B 319 -12.45 34.97 30.53
CA GLY B 319 -12.01 35.18 29.17
C GLY B 319 -12.12 33.91 28.34
N SER B 320 -11.78 34.06 27.06
CA SER B 320 -11.92 32.94 26.15
C SER B 320 -10.86 33.02 25.06
N LEU B 321 -10.73 31.93 24.32
CA LEU B 321 -9.91 31.87 23.12
C LEU B 321 -10.62 31.01 22.10
N THR B 322 -11.00 31.61 20.98
CA THR B 322 -11.71 30.93 19.91
C THR B 322 -10.72 30.54 18.83
N ALA B 323 -10.87 29.34 18.29
CA ALA B 323 -9.96 28.82 17.27
C ALA B 323 -10.72 28.54 15.99
N LEU B 324 -10.21 29.05 14.89
CA LEU B 324 -10.73 28.75 13.57
C LEU B 324 -9.66 28.04 12.75
N PRO B 325 -9.40 26.75 12.99
CA PRO B 325 -8.39 26.06 12.18
C PRO B 325 -8.86 25.87 10.75
N VAL B 326 -7.91 25.87 9.83
CA VAL B 326 -8.19 25.69 8.42
C VAL B 326 -7.57 24.38 7.96
N ILE B 327 -8.29 23.63 7.15
CA ILE B 327 -7.82 22.36 6.61
C ILE B 327 -8.17 22.32 5.14
N GLU B 328 -7.20 21.93 4.31
CA GLU B 328 -7.40 21.83 2.88
C GLU B 328 -7.55 20.36 2.49
N THR B 329 -8.64 20.02 1.82
CA THR B 329 -8.87 18.67 1.34
C THR B 329 -8.39 18.51 -0.10
N GLN B 330 -8.26 17.26 -0.53
CA GLN B 330 -7.87 16.93 -1.89
C GLN B 330 -9.08 16.35 -2.61
N ALA B 331 -9.56 17.06 -3.63
CA ALA B 331 -10.72 16.65 -4.40
C ALA B 331 -11.94 16.39 -3.51
N GLY B 332 -12.12 17.25 -2.52
CA GLY B 332 -13.28 17.20 -1.67
C GLY B 332 -13.35 16.04 -0.70
N ASP B 333 -12.26 15.30 -0.52
CA ASP B 333 -12.26 14.12 0.34
C ASP B 333 -12.11 14.57 1.78
N VAL B 334 -13.22 14.52 2.54
CA VAL B 334 -13.19 14.90 3.94
C VAL B 334 -13.09 13.70 4.87
N SER B 335 -13.02 12.50 4.32
CA SER B 335 -12.78 11.29 5.11
C SER B 335 -11.33 10.86 5.09
N ALA B 336 -10.41 11.76 4.76
CA ALA B 336 -9.00 11.45 4.79
C ALA B 336 -8.48 11.49 6.23
N TYR B 337 -7.20 11.19 6.40
CA TYR B 337 -6.62 11.05 7.73
C TYR B 337 -6.68 12.36 8.52
N ILE B 338 -6.01 13.40 8.02
CA ILE B 338 -5.89 14.66 8.75
C ILE B 338 -7.23 15.39 8.86
N PRO B 339 -8.03 15.48 7.79
CA PRO B 339 -9.37 16.07 7.95
C PRO B 339 -10.19 15.39 9.03
N THR B 340 -10.22 14.06 9.06
CA THR B 340 -11.01 13.38 10.08
C THR B 340 -10.42 13.55 11.47
N ASN B 341 -9.09 13.62 11.59
CA ASN B 341 -8.50 13.95 12.88
C ASN B 341 -9.03 15.27 13.41
N VAL B 342 -8.96 16.31 12.57
CA VAL B 342 -9.35 17.64 13.04
C VAL B 342 -10.86 17.70 13.27
N ILE B 343 -11.64 16.97 12.47
CA ILE B 343 -13.09 16.91 12.71
C ILE B 343 -13.36 16.24 14.05
N SER B 344 -12.54 15.25 14.42
CA SER B 344 -12.67 14.64 15.73
C SER B 344 -12.24 15.56 16.86
N ILE B 345 -11.42 16.56 16.58
CA ILE B 345 -10.96 17.47 17.62
C ILE B 345 -11.90 18.65 17.82
N THR B 346 -12.45 19.21 16.75
CA THR B 346 -13.13 20.51 16.84
C THR B 346 -14.61 20.35 17.17
N ASP B 347 -15.28 21.49 17.37
CA ASP B 347 -16.67 21.56 17.77
C ASP B 347 -17.62 21.75 16.60
N GLY B 348 -17.25 21.31 15.40
CA GLY B 348 -18.05 21.57 14.24
C GLY B 348 -17.17 22.03 13.10
N GLN B 349 -17.73 22.15 11.90
CA GLN B 349 -16.95 22.49 10.73
C GLN B 349 -17.80 23.29 9.77
N ILE B 350 -17.13 24.13 8.99
CA ILE B 350 -17.76 24.91 7.92
C ILE B 350 -17.20 24.36 6.62
N PHE B 351 -17.99 23.57 5.92
CA PHE B 351 -17.54 22.97 4.66
C PHE B 351 -17.66 24.00 3.54
N LEU B 352 -16.64 24.09 2.71
CA LEU B 352 -16.66 24.92 1.51
C LEU B 352 -16.49 24.01 0.31
N GLU B 353 -17.43 24.07 -0.62
CA GLU B 353 -17.43 23.17 -1.77
C GLU B 353 -16.95 23.90 -3.02
N THR B 354 -16.26 23.15 -3.89
CA THR B 354 -15.80 23.72 -5.15
C THR B 354 -16.95 23.84 -6.15
N GLU B 355 -17.86 22.87 -6.13
CA GLU B 355 -18.98 22.88 -7.06
C GLU B 355 -19.86 24.10 -6.84
N LEU B 356 -20.01 24.52 -5.58
CA LEU B 356 -20.73 25.76 -5.30
C LEU B 356 -19.91 26.98 -5.67
N PHE B 357 -18.63 26.99 -5.31
CA PHE B 357 -17.78 28.15 -5.54
C PHE B 357 -17.69 28.50 -7.02
N TYR B 358 -17.69 27.46 -7.88
CA TYR B 358 -17.62 27.69 -9.34
C TYR B 358 -18.95 28.28 -9.83
N LYS B 359 -20.07 27.84 -9.24
CA LYS B 359 -21.39 28.30 -9.65
C LYS B 359 -21.68 29.72 -9.18
N GLY B 360 -20.74 30.36 -8.50
CA GLY B 360 -20.92 31.73 -8.04
C GLY B 360 -21.52 31.86 -6.65
N ILE B 361 -21.99 30.78 -6.06
CA ILE B 361 -22.48 30.82 -4.69
C ILE B 361 -21.29 31.03 -3.77
N ARG B 362 -21.12 32.25 -3.26
CA ARG B 362 -19.96 32.59 -2.46
C ARG B 362 -20.42 33.48 -1.31
N PRO B 363 -20.03 33.16 -0.07
CA PRO B 363 -19.19 32.05 0.39
C PRO B 363 -19.78 30.67 0.09
N ALA B 364 -18.96 29.77 -0.45
CA ALA B 364 -19.45 28.50 -0.96
C ALA B 364 -19.70 27.51 0.18
N ILE B 365 -20.50 27.95 1.14
CA ILE B 365 -20.76 27.17 2.34
C ILE B 365 -21.83 26.13 2.03
N ASN B 366 -21.50 24.86 2.25
CA ASN B 366 -22.46 23.77 2.19
C ASN B 366 -23.25 23.79 3.50
N VAL B 367 -24.56 24.02 3.40
CA VAL B 367 -25.37 24.18 4.60
C VAL B 367 -25.85 22.83 5.11
N GLY B 368 -25.89 21.83 4.24
CA GLY B 368 -26.29 20.50 4.68
C GLY B 368 -25.19 19.79 5.46
N LEU B 369 -23.95 20.22 5.28
CA LEU B 369 -22.82 19.55 5.91
C LEU B 369 -22.17 20.36 7.02
N SER B 370 -22.21 21.69 6.95
CA SER B 370 -21.65 22.50 8.01
C SER B 370 -22.51 22.39 9.26
N VAL B 371 -21.87 22.48 10.42
CA VAL B 371 -22.58 22.35 11.69
C VAL B 371 -21.80 23.13 12.74
N SER B 372 -22.51 23.55 13.78
CA SER B 372 -21.91 24.18 14.96
C SER B 372 -22.56 23.50 16.17
N ARG B 373 -21.79 22.67 16.88
CA ARG B 373 -22.37 21.89 17.95
C ARG B 373 -22.72 22.75 19.16
N VAL B 374 -21.85 23.71 19.49
CA VAL B 374 -22.00 24.48 20.71
C VAL B 374 -22.28 25.95 20.45
N GLY B 375 -22.49 26.34 19.20
CA GLY B 375 -22.66 27.74 18.89
C GLY B 375 -24.11 28.19 18.96
N SER B 376 -25.03 27.23 18.91
CA SER B 376 -26.45 27.56 18.99
C SER B 376 -26.77 28.32 20.27
N ALA B 377 -26.17 27.92 21.38
CA ALA B 377 -26.40 28.61 22.64
C ALA B 377 -25.80 30.01 22.66
N ALA B 378 -24.98 30.37 21.68
CA ALA B 378 -24.35 31.67 21.62
C ALA B 378 -25.09 32.65 20.71
N GLN B 379 -25.86 32.16 19.75
CA GLN B 379 -26.58 33.01 18.83
C GLN B 379 -27.51 33.96 19.58
N THR B 380 -27.56 35.21 19.12
CA THR B 380 -28.45 36.18 19.74
C THR B 380 -29.91 35.80 19.48
N ARG B 381 -30.81 36.47 20.19
CA ARG B 381 -32.22 36.11 20.11
C ARG B 381 -32.84 36.56 18.80
N ALA B 382 -32.46 37.74 18.31
CA ALA B 382 -32.98 38.23 17.04
C ALA B 382 -32.54 37.32 15.89
N MET B 383 -31.24 37.06 15.82
CA MET B 383 -30.73 36.17 14.81
C MET B 383 -31.35 34.79 14.92
N LYS B 384 -31.65 34.33 16.14
CA LYS B 384 -32.35 33.06 16.30
C LYS B 384 -33.74 33.12 15.71
N GLN B 385 -34.48 34.20 16.01
CA GLN B 385 -35.84 34.35 15.51
C GLN B 385 -35.88 34.27 13.99
N VAL B 386 -34.91 34.88 13.31
CA VAL B 386 -34.96 34.79 11.85
C VAL B 386 -34.31 33.50 11.33
N ALA B 387 -33.31 32.98 12.03
CA ALA B 387 -32.49 31.90 11.51
C ALA B 387 -33.09 30.53 11.71
N GLY B 388 -33.89 30.32 12.75
CA GLY B 388 -34.61 29.07 12.84
C GLY B 388 -35.49 28.85 11.64
N THR B 389 -36.24 29.88 11.24
CA THR B 389 -37.10 29.80 10.07
C THR B 389 -36.27 29.63 8.81
N MET B 390 -35.18 30.40 8.69
CA MET B 390 -34.35 30.28 7.49
C MET B 390 -33.76 28.88 7.36
N LYS B 391 -33.28 28.31 8.47
CA LYS B 391 -32.69 26.98 8.46
C LYS B 391 -33.72 25.93 8.08
N LEU B 392 -34.93 26.05 8.64
CA LEU B 392 -35.98 25.09 8.30
C LEU B 392 -36.36 25.17 6.83
N GLU B 393 -36.53 26.40 6.31
CA GLU B 393 -36.91 26.56 4.91
C GLU B 393 -35.80 26.04 3.99
N LEU B 394 -34.54 26.25 4.35
CA LEU B 394 -33.45 25.72 3.54
C LEU B 394 -33.41 24.21 3.60
N ALA B 395 -33.70 23.61 4.75
CA ALA B 395 -33.74 22.15 4.83
C ALA B 395 -34.83 21.59 3.93
N GLN B 396 -36.00 22.24 3.90
CA GLN B 396 -37.07 21.79 3.00
C GLN B 396 -36.66 21.96 1.55
N TYR B 397 -36.07 23.10 1.20
CA TYR B 397 -35.61 23.33 -0.18
C TYR B 397 -34.58 22.27 -0.59
N ARG B 398 -33.74 21.84 0.36
CA ARG B 398 -32.78 20.79 0.06
C ARG B 398 -33.48 19.46 -0.13
N GLU B 399 -34.48 19.18 0.70
CA GLU B 399 -35.12 17.86 0.66
C GLU B 399 -36.10 17.74 -0.50
N VAL B 400 -36.41 18.84 -1.19
CA VAL B 400 -37.25 18.75 -2.37
C VAL B 400 -36.46 18.71 -3.68
N ALA B 401 -35.37 19.46 -3.78
CA ALA B 401 -34.56 19.43 -4.99
C ALA B 401 -33.38 18.48 -4.82
N ASP B 411 -45.40 20.31 -8.00
CA ASP B 411 -46.82 20.65 -7.94
C ASP B 411 -47.03 22.13 -7.60
N ALA B 412 -47.87 22.40 -6.60
CA ALA B 412 -48.18 23.76 -6.20
C ALA B 412 -47.73 24.12 -4.80
N ALA B 413 -47.13 23.19 -4.06
CA ALA B 413 -46.54 23.49 -2.77
C ALA B 413 -45.02 23.32 -2.80
N THR B 414 -44.56 22.21 -3.37
CA THR B 414 -43.12 22.01 -3.54
C THR B 414 -42.52 23.10 -4.43
N GLN B 415 -43.30 23.63 -5.35
CA GLN B 415 -42.82 24.76 -6.15
C GLN B 415 -42.60 25.99 -5.27
N GLN B 416 -43.46 26.21 -4.29
CA GLN B 416 -43.26 27.34 -3.39
C GLN B 416 -42.05 27.11 -2.50
N LEU B 417 -41.85 25.86 -2.04
CA LEU B 417 -40.65 25.55 -1.29
C LEU B 417 -39.40 25.83 -2.12
N LEU B 418 -39.39 25.38 -3.38
CA LEU B 418 -38.24 25.63 -4.25
C LEU B 418 -38.00 27.12 -4.44
N SER B 419 -39.06 27.89 -4.68
CA SER B 419 -38.89 29.33 -4.89
C SER B 419 -38.32 29.99 -3.66
N ARG B 420 -38.88 29.70 -2.49
CA ARG B 420 -38.38 30.29 -1.25
C ARG B 420 -36.92 29.92 -1.01
N GLY B 421 -36.57 28.65 -1.25
CA GLY B 421 -35.20 28.23 -1.05
C GLY B 421 -34.23 28.90 -2.00
N VAL B 422 -34.61 29.03 -3.27
CA VAL B 422 -33.76 29.74 -4.23
C VAL B 422 -33.54 31.18 -3.79
N ARG B 423 -34.61 31.86 -3.38
CA ARG B 423 -34.48 33.23 -2.93
C ARG B 423 -33.55 33.30 -1.71
N LEU B 424 -33.64 32.33 -0.82
CA LEU B 424 -32.78 32.34 0.36
C LEU B 424 -31.32 32.07 0.00
N THR B 425 -31.07 31.21 -0.98
CA THR B 425 -29.68 30.93 -1.38
C THR B 425 -29.06 32.13 -2.07
N GLU B 426 -29.83 32.90 -2.83
CA GLU B 426 -29.27 34.17 -3.29
C GLU B 426 -29.15 35.18 -2.16
N LEU B 427 -29.97 35.05 -1.13
CA LEU B 427 -29.84 35.97 0.00
C LEU B 427 -28.61 35.67 0.84
N LEU B 428 -28.10 34.43 0.77
CA LEU B 428 -26.95 34.04 1.59
C LEU B 428 -25.64 34.46 0.95
N LYS B 429 -25.64 34.78 -0.33
CA LYS B 429 -24.42 35.22 -0.99
C LYS B 429 -23.94 36.52 -0.37
N GLN B 430 -22.67 36.82 -0.55
CA GLN B 430 -22.07 37.98 0.08
C GLN B 430 -20.75 38.29 -0.63
N GLY B 431 -20.32 39.54 -0.51
CA GLY B 431 -19.06 39.94 -1.09
C GLY B 431 -17.90 39.77 -0.14
N GLN B 432 -16.72 40.15 -0.63
CA GLN B 432 -15.49 39.98 0.12
C GLN B 432 -15.10 41.26 0.84
N TYR B 433 -14.53 41.10 2.03
CA TYR B 433 -13.98 42.19 2.84
C TYR B 433 -15.06 43.19 3.29
N SER B 434 -16.33 42.79 3.26
CA SER B 434 -17.43 43.61 3.74
C SER B 434 -18.33 42.78 4.64
N PRO B 435 -17.94 42.60 5.90
CA PRO B 435 -18.83 41.93 6.85
C PRO B 435 -19.92 42.86 7.35
N MET B 436 -21.03 42.26 7.75
CA MET B 436 -22.24 42.99 8.12
C MET B 436 -22.47 42.94 9.62
N ALA B 437 -23.03 44.02 10.16
CA ALA B 437 -23.45 44.03 11.56
C ALA B 437 -24.61 43.07 11.75
N ILE B 438 -24.82 42.64 12.99
CA ILE B 438 -25.79 41.59 13.26
C ILE B 438 -27.20 42.08 13.00
N GLU B 439 -27.47 43.35 13.24
CA GLU B 439 -28.81 43.88 13.02
C GLU B 439 -29.13 43.97 11.53
N GLU B 440 -28.13 44.32 10.71
CA GLU B 440 -28.35 44.35 9.27
C GLU B 440 -28.59 42.95 8.71
N GLN B 441 -27.83 41.97 9.19
CA GLN B 441 -28.10 40.58 8.81
C GLN B 441 -29.50 40.17 9.24
N VAL B 442 -29.92 40.58 10.43
CA VAL B 442 -31.25 40.24 10.90
C VAL B 442 -32.31 40.85 9.99
N ALA B 443 -32.11 42.11 9.59
CA ALA B 443 -33.08 42.75 8.70
C ALA B 443 -33.16 42.05 7.35
N VAL B 444 -32.01 41.68 6.78
CA VAL B 444 -32.00 41.02 5.47
C VAL B 444 -32.64 39.65 5.56
N ILE B 445 -32.26 38.86 6.55
CA ILE B 445 -32.85 37.53 6.70
C ILE B 445 -34.34 37.64 7.00
N TYR B 446 -34.74 38.69 7.71
CA TYR B 446 -36.16 38.92 7.97
C TYR B 446 -36.91 39.13 6.67
N ALA B 447 -36.44 40.07 5.84
CA ALA B 447 -37.03 40.27 4.52
C ALA B 447 -37.09 38.96 3.75
N GLY B 448 -36.11 38.08 3.96
CA GLY B 448 -36.09 36.84 3.22
C GLY B 448 -37.08 35.79 3.71
N VAL B 449 -37.27 35.70 5.02
CA VAL B 449 -37.98 34.56 5.58
C VAL B 449 -39.48 34.84 5.75
N ARG B 450 -39.88 36.09 5.85
CA ARG B 450 -41.31 36.38 5.91
C ARG B 450 -41.98 36.27 4.55
N GLY B 451 -41.22 36.32 3.45
CA GLY B 451 -41.74 36.03 2.14
C GLY B 451 -41.89 37.22 1.22
N TYR B 452 -41.22 38.34 1.51
CA TYR B 452 -41.35 39.50 0.63
C TYR B 452 -40.62 39.30 -0.69
N LEU B 453 -39.54 38.53 -0.68
CA LEU B 453 -38.75 38.36 -1.90
C LEU B 453 -39.38 37.37 -2.87
N ASP B 454 -40.51 36.76 -2.53
CA ASP B 454 -41.12 35.79 -3.44
C ASP B 454 -41.63 36.46 -4.72
N LYS B 455 -41.80 37.78 -4.69
CA LYS B 455 -42.24 38.50 -5.89
C LYS B 455 -41.13 38.62 -6.90
N LEU B 456 -39.93 39.01 -6.44
CA LEU B 456 -38.83 39.29 -7.32
C LEU B 456 -38.35 38.02 -8.03
N GLU B 457 -37.67 38.22 -9.14
CA GLU B 457 -37.06 37.04 -9.73
C GLU B 457 -35.66 36.84 -9.16
N PRO B 458 -35.17 35.60 -9.13
CA PRO B 458 -33.92 35.32 -8.39
C PRO B 458 -32.74 36.19 -8.81
N SER B 459 -32.66 36.59 -10.06
CA SER B 459 -31.52 37.38 -10.51
C SER B 459 -31.51 38.79 -9.93
N LYS B 460 -32.60 39.20 -9.29
CA LYS B 460 -32.74 40.52 -8.71
C LYS B 460 -32.59 40.54 -7.19
N ILE B 461 -32.34 39.38 -6.58
CA ILE B 461 -32.31 39.28 -5.12
C ILE B 461 -31.15 40.10 -4.56
N THR B 462 -30.00 40.03 -5.21
CA THR B 462 -28.83 40.77 -4.72
C THR B 462 -29.00 42.26 -4.89
N LYS B 463 -29.59 42.68 -6.01
CA LYS B 463 -29.94 44.08 -6.21
C LYS B 463 -30.83 44.59 -5.09
N PHE B 464 -31.92 43.86 -4.82
CA PHE B 464 -32.83 44.26 -3.76
C PHE B 464 -32.11 44.29 -2.41
N GLU B 465 -31.30 43.27 -2.15
CA GLU B 465 -30.61 43.19 -0.87
C GLU B 465 -29.71 44.40 -0.65
N ASN B 466 -28.89 44.75 -1.63
CA ASN B 466 -27.97 45.88 -1.46
C ASN B 466 -28.74 47.19 -1.32
N ALA B 467 -29.74 47.41 -2.18
CA ALA B 467 -30.49 48.66 -2.11
C ALA B 467 -31.23 48.79 -0.79
N PHE B 468 -31.88 47.72 -0.34
CA PHE B 468 -32.63 47.74 0.90
C PHE B 468 -31.72 47.92 2.10
N LEU B 469 -30.55 47.29 2.06
CA LEU B 469 -29.59 47.45 3.15
C LEU B 469 -29.12 48.89 3.24
N SER B 470 -28.84 49.51 2.09
CA SER B 470 -28.42 50.91 2.09
C SER B 470 -29.55 51.80 2.61
N HIS B 471 -30.79 51.50 2.23
CA HIS B 471 -31.93 52.28 2.70
C HIS B 471 -32.07 52.22 4.21
N VAL B 472 -32.07 50.99 4.76
CA VAL B 472 -32.20 50.82 6.20
C VAL B 472 -31.04 51.45 6.95
N VAL B 473 -29.83 51.39 6.40
CA VAL B 473 -28.71 52.05 7.04
C VAL B 473 -28.91 53.56 7.03
N SER B 474 -29.37 54.13 5.93
CA SER B 474 -29.45 55.58 5.81
C SER B 474 -30.56 56.15 6.69
N GLN B 475 -31.80 55.69 6.49
CA GLN B 475 -32.95 56.36 7.08
C GLN B 475 -33.56 55.63 8.26
N HIS B 476 -32.97 54.53 8.73
CA HIS B 476 -33.59 53.78 9.81
C HIS B 476 -32.56 53.30 10.83
N GLN B 477 -31.61 54.16 11.18
CA GLN B 477 -30.65 53.82 12.22
C GLN B 477 -31.29 53.64 13.59
N ALA B 478 -32.51 54.13 13.80
CA ALA B 478 -33.13 54.01 15.11
C ALA B 478 -33.65 52.59 15.34
N LEU B 479 -34.30 52.00 14.33
CA LEU B 479 -34.74 50.63 14.46
C LEU B 479 -33.57 49.67 14.60
N LEU B 480 -32.52 49.88 13.79
CA LEU B 480 -31.33 49.03 13.91
C LEU B 480 -30.67 49.21 15.27
N GLY B 481 -30.62 50.43 15.78
CA GLY B 481 -30.06 50.64 17.10
C GLY B 481 -30.87 49.97 18.19
N THR B 482 -32.19 50.00 18.06
CA THR B 482 -33.03 49.32 19.04
C THR B 482 -32.84 47.80 18.98
N ILE B 483 -32.80 47.23 17.78
CA ILE B 483 -32.57 45.78 17.67
C ILE B 483 -31.19 45.42 18.22
N ARG B 484 -30.21 46.28 17.99
CA ARG B 484 -28.85 45.98 18.46
C ARG B 484 -28.75 46.07 19.98
N ALA B 485 -29.42 47.05 20.58
CA ALA B 485 -29.36 47.17 22.03
C ALA B 485 -30.23 46.12 22.74
N ASP B 486 -31.34 45.74 22.12
CA ASP B 486 -32.25 44.77 22.72
C ASP B 486 -31.80 43.33 22.54
N GLY B 487 -30.98 43.05 21.53
CA GLY B 487 -30.59 41.70 21.21
C GLY B 487 -31.69 40.83 20.64
N LYS B 488 -32.88 41.38 20.44
CA LYS B 488 -34.02 40.62 19.96
C LYS B 488 -34.93 41.54 19.15
N ILE B 489 -35.94 40.94 18.54
CA ILE B 489 -36.94 41.68 17.77
C ILE B 489 -38.22 41.70 18.60
N SER B 490 -38.53 42.85 19.19
CA SER B 490 -39.81 43.03 19.85
C SER B 490 -40.92 43.22 18.80
N GLU B 491 -42.16 42.96 19.23
CA GLU B 491 -43.29 43.18 18.35
C GLU B 491 -43.34 44.61 17.81
N GLN B 492 -42.84 45.58 18.58
CA GLN B 492 -42.69 46.93 18.06
C GLN B 492 -41.70 46.94 16.90
N SER B 493 -40.52 46.36 17.11
CA SER B 493 -39.52 46.29 16.05
C SER B 493 -39.97 45.41 14.90
N ASP B 494 -40.73 44.35 15.19
CA ASP B 494 -41.25 43.50 14.13
C ASP B 494 -42.23 44.26 13.25
N ALA B 495 -43.11 45.05 13.87
CA ALA B 495 -44.03 45.88 13.09
C ALA B 495 -43.29 46.90 12.26
N LYS B 496 -42.30 47.58 12.86
CA LYS B 496 -41.53 48.57 12.11
C LYS B 496 -40.80 47.92 10.93
N LEU B 497 -40.27 46.70 11.15
CA LEU B 497 -39.60 45.99 10.07
C LEU B 497 -40.55 45.67 8.93
N LYS B 498 -41.74 45.15 9.27
CA LYS B 498 -42.73 44.84 8.24
C LYS B 498 -43.09 46.09 7.45
N GLU B 499 -43.32 47.20 8.15
CA GLU B 499 -43.61 48.45 7.46
C GLU B 499 -42.51 48.82 6.48
N ILE B 500 -41.26 48.85 6.97
CA ILE B 500 -40.15 49.31 6.15
C ILE B 500 -39.95 48.42 4.93
N VAL B 501 -40.08 47.11 5.12
CA VAL B 501 -39.81 46.21 4.00
C VAL B 501 -40.95 46.26 2.97
N THR B 502 -42.21 46.40 3.43
CA THR B 502 -43.30 46.55 2.46
C THR B 502 -43.15 47.83 1.66
N ASN B 503 -42.83 48.95 2.33
CA ASN B 503 -42.66 50.20 1.61
C ASN B 503 -41.51 50.12 0.61
N PHE B 504 -40.38 49.56 1.02
CA PHE B 504 -39.25 49.47 0.10
C PHE B 504 -39.58 48.57 -1.09
N LEU B 505 -40.18 47.41 -0.83
CA LEU B 505 -40.52 46.50 -1.93
C LEU B 505 -41.54 47.13 -2.86
N ALA B 506 -42.42 47.99 -2.32
CA ALA B 506 -43.35 48.71 -3.17
C ALA B 506 -42.61 49.68 -4.07
N GLY B 507 -41.73 50.50 -3.50
CA GLY B 507 -40.96 51.44 -4.28
C GLY B 507 -39.68 50.93 -4.88
N PHE B 508 -39.60 49.66 -5.23
CA PHE B 508 -38.37 49.08 -5.77
C PHE B 508 -38.60 48.51 -7.17
N GLU B 509 -37.53 48.52 -7.97
CA GLU B 509 -37.54 47.95 -9.32
C GLU B 509 -38.08 46.53 -9.33
N GLU C 7 -11.14 -29.81 53.58
CA GLU C 7 -10.82 -30.99 54.38
C GLU C 7 -9.31 -31.06 54.63
N MET C 8 -8.92 -31.14 55.90
CA MET C 8 -7.50 -31.11 56.25
C MET C 8 -6.83 -32.46 56.04
N SER C 9 -7.52 -33.41 55.41
CA SER C 9 -6.87 -34.64 54.98
C SER C 9 -6.57 -34.63 53.49
N SER C 10 -7.30 -33.83 52.71
CA SER C 10 -7.00 -33.60 51.31
C SER C 10 -5.84 -32.62 51.12
N ILE C 11 -5.11 -32.30 52.17
CA ILE C 11 -3.97 -31.39 52.06
C ILE C 11 -2.69 -31.95 52.63
N LEU C 12 -2.75 -33.00 53.45
CA LEU C 12 -1.56 -33.56 54.10
C LEU C 12 -1.33 -35.02 53.75
N GLU C 13 -2.32 -35.67 53.11
CA GLU C 13 -2.19 -37.08 52.77
C GLU C 13 -0.91 -37.34 51.98
N GLU C 14 -0.84 -36.84 50.76
CA GLU C 14 0.39 -36.81 49.99
C GLU C 14 0.65 -35.48 49.32
N ARG C 15 -0.28 -34.53 49.46
CA ARG C 15 -0.01 -33.17 49.00
C ARG C 15 1.24 -32.62 49.68
N ILE C 16 1.57 -33.12 50.87
CA ILE C 16 2.78 -32.72 51.57
C ILE C 16 3.83 -33.83 51.57
N LEU C 17 3.44 -35.04 51.95
CA LEU C 17 4.42 -36.12 52.09
C LEU C 17 5.01 -36.53 50.74
N GLY C 18 4.25 -36.38 49.66
CA GLY C 18 4.81 -36.62 48.34
C GLY C 18 4.87 -35.36 47.51
N ALA C 19 6.07 -34.80 47.35
CA ALA C 19 6.22 -33.54 46.63
C ALA C 19 7.46 -33.49 45.75
N ASP C 20 8.20 -34.59 45.59
CA ASP C 20 9.47 -34.59 44.87
C ASP C 20 10.41 -33.55 45.47
N THR C 21 10.77 -33.76 46.74
CA THR C 21 11.57 -32.82 47.50
C THR C 21 13.03 -32.76 47.04
N SER C 22 13.45 -33.67 46.16
CA SER C 22 14.85 -33.73 45.76
C SER C 22 15.25 -32.45 45.05
N VAL C 23 16.51 -32.05 45.26
CA VAL C 23 17.10 -30.92 44.55
C VAL C 23 18.02 -31.47 43.47
N ASP C 24 18.16 -30.71 42.39
CA ASP C 24 19.00 -31.08 41.27
C ASP C 24 20.02 -29.99 41.00
N LEU C 25 21.11 -30.38 40.34
CA LEU C 25 22.10 -29.45 39.82
C LEU C 25 21.59 -28.97 38.47
N GLU C 26 21.06 -27.75 38.44
CA GLU C 26 20.41 -27.23 37.24
C GLU C 26 21.39 -26.47 36.37
N GLU C 27 21.13 -26.49 35.07
CA GLU C 27 21.83 -25.62 34.13
C GLU C 27 20.97 -24.38 33.91
N THR C 28 21.54 -23.20 34.14
CA THR C 28 20.74 -21.99 34.17
C THR C 28 21.34 -20.90 33.31
N GLY C 29 20.50 -19.91 33.01
CA GLY C 29 20.97 -18.65 32.48
C GLY C 29 20.61 -17.51 33.41
N ARG C 30 20.74 -16.30 32.89
CA ARG C 30 20.47 -15.10 33.68
C ARG C 30 19.90 -14.03 32.76
N VAL C 31 18.74 -13.51 33.13
CA VAL C 31 18.02 -12.56 32.27
C VAL C 31 18.87 -11.31 32.10
N LEU C 32 19.21 -11.00 30.85
CA LEU C 32 19.89 -9.75 30.56
C LEU C 32 18.92 -8.59 30.46
N SER C 33 17.83 -8.79 29.70
CA SER C 33 16.78 -7.80 29.58
C SER C 33 15.45 -8.52 29.43
N ILE C 34 14.37 -7.83 29.77
CA ILE C 34 13.02 -8.37 29.69
C ILE C 34 12.08 -7.23 29.32
N GLY C 35 11.19 -7.48 28.38
CA GLY C 35 10.21 -6.49 28.00
C GLY C 35 9.33 -6.98 26.88
N ASP C 36 8.02 -6.78 27.03
CA ASP C 36 7.02 -7.19 26.04
C ASP C 36 7.02 -8.70 25.84
N GLY C 37 7.35 -9.44 26.89
CA GLY C 37 7.31 -10.88 26.81
C GLY C 37 8.46 -11.50 26.07
N ILE C 38 9.58 -10.82 25.96
CA ILE C 38 10.81 -11.35 25.38
C ILE C 38 11.90 -11.18 26.41
N ALA C 39 12.52 -12.27 26.81
CA ALA C 39 13.64 -12.24 27.75
C ALA C 39 14.92 -12.60 27.00
N ARG C 40 15.90 -11.72 27.05
CA ARG C 40 17.24 -12.03 26.57
C ARG C 40 18.05 -12.63 27.71
N VAL C 41 18.54 -13.84 27.51
CA VAL C 41 19.12 -14.63 28.59
C VAL C 41 20.59 -14.87 28.29
N HIS C 42 21.46 -14.46 29.22
CA HIS C 42 22.87 -14.82 29.14
C HIS C 42 23.06 -16.23 29.68
N GLY C 43 24.06 -16.91 29.16
CA GLY C 43 24.32 -18.27 29.58
C GLY C 43 23.45 -19.27 28.84
N LEU C 44 22.93 -20.26 29.56
CA LEU C 44 22.12 -21.33 28.96
C LEU C 44 22.84 -21.93 27.77
N ARG C 45 24.10 -22.30 27.98
CA ARG C 45 24.96 -22.67 26.85
C ARG C 45 24.40 -23.86 26.08
N ASN C 46 23.90 -24.86 26.79
CA ASN C 46 23.47 -26.09 26.16
C ASN C 46 21.97 -26.14 25.91
N VAL C 47 21.28 -25.00 25.92
CA VAL C 47 19.86 -25.01 25.65
C VAL C 47 19.63 -25.33 24.19
N GLN C 48 18.56 -26.03 23.90
CA GLN C 48 18.21 -26.42 22.55
C GLN C 48 17.23 -25.40 21.96
N ALA C 49 17.18 -25.38 20.63
CA ALA C 49 16.19 -24.56 19.96
C ALA C 49 14.81 -25.12 20.22
N GLU C 50 13.88 -24.24 20.57
CA GLU C 50 12.50 -24.57 20.89
C GLU C 50 12.35 -25.36 22.19
N GLU C 51 13.38 -25.33 23.04
CA GLU C 51 13.30 -25.99 24.34
C GLU C 51 12.54 -25.14 25.33
N MET C 52 11.78 -25.78 26.20
CA MET C 52 11.04 -25.08 27.23
C MET C 52 11.92 -24.80 28.44
N VAL C 53 12.07 -23.53 28.80
CA VAL C 53 12.85 -23.13 29.95
C VAL C 53 11.90 -22.62 31.02
N GLU C 54 12.45 -22.34 32.20
CA GLU C 54 11.64 -22.03 33.37
C GLU C 54 12.25 -20.86 34.11
N PHE C 55 11.43 -19.87 34.44
CA PHE C 55 11.92 -18.72 35.18
C PHE C 55 11.78 -18.96 36.69
N SER C 56 12.52 -18.16 37.46
CA SER C 56 12.53 -18.33 38.90
C SER C 56 11.19 -18.05 39.54
N SER C 57 10.25 -17.47 38.79
CA SER C 57 8.93 -17.12 39.29
C SER C 57 7.88 -18.17 38.93
N GLY C 58 8.29 -19.36 38.51
CA GLY C 58 7.36 -20.37 38.08
C GLY C 58 6.90 -20.24 36.65
N LEU C 59 7.19 -19.12 36.00
CA LEU C 59 6.82 -18.94 34.60
C LEU C 59 7.66 -19.85 33.71
N LYS C 60 7.07 -20.22 32.58
CA LYS C 60 7.76 -21.02 31.59
C LYS C 60 7.95 -20.22 30.32
N GLY C 61 9.00 -20.58 29.57
CA GLY C 61 9.28 -19.92 28.32
C GLY C 61 9.85 -20.91 27.32
N MET C 62 9.90 -20.48 26.07
CA MET C 62 10.45 -21.29 25.00
C MET C 62 11.60 -20.51 24.36
N SER C 63 12.72 -21.19 24.15
CA SER C 63 13.91 -20.54 23.59
C SER C 63 13.83 -20.62 22.06
N LEU C 64 13.61 -19.47 21.43
CA LEU C 64 13.40 -19.44 19.99
C LEU C 64 14.60 -18.90 19.22
N ASN C 65 15.28 -17.89 19.76
CA ASN C 65 16.43 -17.27 19.12
C ASN C 65 17.68 -17.71 19.86
N LEU C 66 18.42 -18.65 19.29
CA LEU C 66 19.72 -19.04 19.81
C LEU C 66 20.76 -18.18 19.11
N GLU C 67 21.31 -17.24 19.84
CA GLU C 67 22.25 -16.32 19.25
C GLU C 67 23.60 -16.42 19.96
N PRO C 68 24.67 -15.92 19.37
CA PRO C 68 25.99 -16.10 19.99
C PRO C 68 26.08 -15.60 21.42
N ASP C 69 25.52 -14.43 21.73
CA ASP C 69 25.70 -13.82 23.04
C ASP C 69 24.48 -13.91 23.95
N ASN C 70 23.33 -14.34 23.44
CA ASN C 70 22.13 -14.38 24.25
C ASN C 70 21.17 -15.40 23.66
N VAL C 71 20.15 -15.74 24.45
CA VAL C 71 19.06 -16.60 24.01
C VAL C 71 17.78 -15.78 24.14
N GLY C 72 17.06 -15.64 23.03
CA GLY C 72 15.77 -14.97 23.08
C GLY C 72 14.67 -15.92 23.51
N VAL C 73 14.07 -15.66 24.66
CA VAL C 73 13.07 -16.53 25.26
C VAL C 73 11.74 -15.82 25.24
N VAL C 74 10.71 -16.50 24.74
CA VAL C 74 9.36 -15.97 24.75
C VAL C 74 8.64 -16.49 25.99
N VAL C 75 7.99 -15.60 26.73
CA VAL C 75 7.43 -15.94 28.03
C VAL C 75 6.01 -16.44 27.86
N PHE C 76 5.71 -17.59 28.47
CA PHE C 76 4.38 -18.18 28.44
C PHE C 76 3.53 -17.61 29.58
N GLY C 77 3.47 -16.30 29.64
CA GLY C 77 2.74 -15.65 30.72
C GLY C 77 3.01 -14.16 30.73
N ASN C 78 2.94 -13.58 31.92
CA ASN C 78 3.15 -12.15 32.10
C ASN C 78 4.61 -11.89 32.43
N ASP C 79 5.24 -11.00 31.66
CA ASP C 79 6.63 -10.63 31.90
C ASP C 79 6.80 -9.69 33.08
N LYS C 80 5.74 -9.41 33.82
CA LYS C 80 5.84 -8.50 34.96
C LYS C 80 6.63 -9.12 36.10
N LEU C 81 6.56 -10.45 36.23
CA LEU C 81 7.22 -11.16 37.30
C LEU C 81 8.69 -11.44 37.02
N ILE C 82 9.18 -11.11 35.84
CA ILE C 82 10.57 -11.34 35.47
C ILE C 82 11.32 -10.03 35.57
N LYS C 83 12.47 -10.06 36.24
CA LYS C 83 13.33 -8.91 36.38
C LYS C 83 14.69 -9.22 35.76
N GLU C 84 15.49 -8.18 35.55
CA GLU C 84 16.83 -8.39 35.04
C GLU C 84 17.69 -9.04 36.11
N GLY C 85 18.36 -10.11 35.73
CA GLY C 85 19.16 -10.87 36.66
C GLY C 85 18.50 -12.12 37.21
N ASP C 86 17.23 -12.35 36.87
CA ASP C 86 16.55 -13.56 37.31
C ASP C 86 17.23 -14.78 36.71
N ILE C 87 17.10 -15.90 37.40
CA ILE C 87 17.68 -17.17 36.97
C ILE C 87 16.69 -17.90 36.09
N VAL C 88 17.15 -18.42 34.97
CA VAL C 88 16.32 -19.16 34.02
C VAL C 88 16.86 -20.58 33.97
N LYS C 89 16.06 -21.54 34.44
CA LYS C 89 16.49 -22.93 34.48
C LYS C 89 16.16 -23.66 33.19
N ARG C 90 16.99 -24.62 32.83
CA ARG C 90 16.69 -25.53 31.74
C ARG C 90 15.73 -26.62 32.22
N THR C 91 14.82 -27.02 31.34
CA THR C 91 14.02 -28.21 31.58
C THR C 91 14.47 -29.39 30.72
N GLY C 92 15.36 -29.17 29.76
CA GLY C 92 15.91 -30.22 28.95
C GLY C 92 14.98 -30.83 27.93
N ALA C 93 13.75 -30.33 27.82
CA ALA C 93 12.75 -30.93 26.96
C ALA C 93 12.20 -29.91 25.97
N ILE C 94 11.92 -30.37 24.76
CA ILE C 94 11.21 -29.55 23.80
C ILE C 94 9.74 -29.51 24.20
N VAL C 95 9.08 -28.38 23.88
CA VAL C 95 7.73 -28.13 24.36
C VAL C 95 6.81 -29.29 24.02
N ASP C 96 6.05 -29.76 25.01
CA ASP C 96 5.12 -30.86 24.84
C ASP C 96 3.92 -30.65 25.75
N VAL C 97 2.85 -31.41 25.47
CA VAL C 97 1.59 -31.26 26.19
C VAL C 97 1.08 -32.65 26.54
N PRO C 98 0.25 -32.76 27.57
CA PRO C 98 -0.40 -34.04 27.85
C PRO C 98 -1.41 -34.38 26.77
N VAL C 99 -1.48 -35.67 26.44
CA VAL C 99 -2.43 -36.17 25.45
C VAL C 99 -3.07 -37.43 26.00
N GLY C 100 -4.25 -37.74 25.47
CA GLY C 100 -4.93 -38.95 25.90
C GLY C 100 -6.42 -38.81 25.99
N GLU C 101 -7.08 -39.87 26.44
CA GLU C 101 -8.53 -39.85 26.58
C GLU C 101 -8.98 -39.05 27.80
N GLU C 102 -8.06 -38.78 28.73
CA GLU C 102 -8.43 -38.03 29.93
C GLU C 102 -8.69 -36.56 29.65
N LEU C 103 -8.31 -36.07 28.47
CA LEU C 103 -8.56 -34.70 28.11
C LEU C 103 -9.97 -34.48 27.59
N LEU C 104 -10.71 -35.53 27.30
CA LEU C 104 -12.08 -35.36 26.85
C LEU C 104 -12.94 -34.80 27.97
N GLY C 105 -13.78 -33.83 27.63
CA GLY C 105 -14.62 -33.18 28.60
C GLY C 105 -13.99 -32.02 29.32
N ARG C 106 -12.69 -31.80 29.15
CA ARG C 106 -11.97 -30.78 29.89
C ARG C 106 -11.70 -29.56 29.03
N VAL C 107 -11.66 -28.41 29.67
CA VAL C 107 -11.23 -27.17 29.06
C VAL C 107 -9.81 -26.91 29.56
N VAL C 108 -8.85 -26.87 28.65
CA VAL C 108 -7.46 -26.69 29.00
C VAL C 108 -6.93 -25.45 28.30
N ASP C 109 -5.78 -24.98 28.77
CA ASP C 109 -5.12 -23.85 28.14
C ASP C 109 -4.13 -24.38 27.10
N ALA C 110 -3.27 -23.51 26.59
CA ALA C 110 -2.42 -23.89 25.48
C ALA C 110 -1.35 -24.91 25.87
N LEU C 111 -1.03 -25.03 27.16
CA LEU C 111 -0.02 -25.99 27.60
C LEU C 111 -0.63 -27.22 28.26
N GLY C 112 -1.95 -27.32 28.33
CA GLY C 112 -2.60 -28.51 28.83
C GLY C 112 -3.03 -28.46 30.29
N ASN C 113 -2.87 -27.33 30.97
CA ASN C 113 -3.37 -27.20 32.33
C ASN C 113 -4.86 -26.95 32.31
N ALA C 114 -5.59 -27.68 33.13
CA ALA C 114 -7.04 -27.54 33.17
C ALA C 114 -7.42 -26.17 33.71
N ILE C 115 -8.26 -25.45 32.96
CA ILE C 115 -8.79 -24.17 33.39
C ILE C 115 -10.27 -24.23 33.69
N ASP C 116 -10.83 -25.42 33.82
CA ASP C 116 -12.24 -25.59 34.12
C ASP C 116 -12.51 -25.89 35.58
N GLY C 117 -11.50 -25.77 36.45
CA GLY C 117 -11.68 -25.99 37.86
C GLY C 117 -12.16 -27.35 38.27
N LYS C 118 -11.85 -28.41 37.50
CA LYS C 118 -12.28 -29.77 37.80
C LYS C 118 -11.13 -30.66 38.25
N GLY C 119 -9.96 -30.11 38.50
CA GLY C 119 -8.84 -30.90 38.97
C GLY C 119 -7.80 -31.14 37.89
N PRO C 120 -6.79 -31.93 38.20
CA PRO C 120 -5.77 -32.25 37.20
C PRO C 120 -6.26 -33.30 36.21
N ILE C 121 -5.72 -33.22 35.00
CA ILE C 121 -6.00 -34.22 33.98
C ILE C 121 -5.12 -35.43 34.28
N GLY C 122 -5.74 -36.57 34.53
CA GLY C 122 -4.98 -37.77 34.82
C GLY C 122 -4.31 -38.32 33.59
N SER C 123 -3.46 -37.51 32.97
CA SER C 123 -2.83 -37.86 31.70
C SER C 123 -1.46 -38.47 31.98
N LYS C 124 -1.22 -39.65 31.39
CA LYS C 124 0.06 -40.32 31.57
C LYS C 124 0.94 -40.15 30.34
N THR C 125 0.36 -39.83 29.20
CA THR C 125 1.10 -39.69 27.96
C THR C 125 1.34 -38.21 27.67
N ARG C 126 2.51 -37.92 27.09
CA ARG C 126 2.84 -36.58 26.64
C ARG C 126 3.35 -36.66 25.21
N ARG C 127 3.25 -35.54 24.50
CA ARG C 127 3.51 -35.52 23.07
C ARG C 127 3.98 -34.15 22.67
N ARG C 128 5.08 -34.09 21.92
CA ARG C 128 5.60 -32.81 21.46
C ARG C 128 4.57 -32.08 20.62
N VAL C 129 4.62 -30.75 20.64
CA VAL C 129 3.67 -29.98 19.84
C VAL C 129 4.17 -29.74 18.44
N GLY C 130 5.47 -29.89 18.19
CA GLY C 130 6.02 -29.61 16.88
C GLY C 130 6.47 -30.84 16.13
N LEU C 131 5.68 -31.91 16.21
CA LEU C 131 6.02 -33.13 15.51
C LEU C 131 5.80 -32.97 14.01
N LYS C 132 6.51 -33.79 13.24
CA LYS C 132 6.38 -33.76 11.78
C LYS C 132 5.14 -34.54 11.35
N ALA C 133 4.50 -34.07 10.29
CA ALA C 133 3.32 -34.73 9.76
C ALA C 133 3.71 -36.08 9.14
N PRO C 134 2.75 -36.98 9.00
CA PRO C 134 3.04 -38.26 8.33
C PRO C 134 3.38 -38.05 6.87
N GLY C 135 4.33 -38.84 6.38
CA GLY C 135 4.76 -38.72 5.00
C GLY C 135 3.79 -39.28 3.98
N ILE C 136 4.30 -39.63 2.80
CA ILE C 136 3.45 -40.15 1.74
C ILE C 136 2.93 -41.54 2.09
N ILE C 137 3.82 -42.42 2.55
CA ILE C 137 3.53 -43.84 2.70
C ILE C 137 2.46 -44.12 3.75
N PRO C 138 2.49 -43.53 4.95
CA PRO C 138 1.50 -43.90 5.98
C PRO C 138 0.08 -43.52 5.65
N ARG C 139 -0.16 -42.75 4.61
CA ARG C 139 -1.48 -42.24 4.32
C ARG C 139 -2.23 -43.15 3.35
N ILE C 140 -3.54 -42.93 3.28
CA ILE C 140 -4.39 -43.56 2.28
C ILE C 140 -5.50 -42.58 1.95
N SER C 141 -6.15 -42.80 0.83
CA SER C 141 -7.10 -41.82 0.29
C SER C 141 -8.24 -41.59 1.28
N VAL C 142 -8.85 -40.42 1.17
CA VAL C 142 -9.93 -40.01 2.06
C VAL C 142 -11.22 -40.61 1.54
N ARG C 143 -11.80 -41.52 2.30
CA ARG C 143 -13.00 -42.24 1.90
C ARG C 143 -14.16 -42.10 2.88
N GLU C 144 -13.88 -42.09 4.17
CA GLU C 144 -14.95 -42.05 5.16
C GLU C 144 -15.52 -40.64 5.24
N PRO C 145 -16.84 -40.49 5.33
CA PRO C 145 -17.42 -39.14 5.36
C PRO C 145 -17.37 -38.55 6.76
N MET C 146 -17.02 -37.28 6.85
CA MET C 146 -17.15 -36.51 8.08
C MET C 146 -18.48 -35.78 8.00
N GLN C 147 -19.45 -36.21 8.80
CA GLN C 147 -20.79 -35.66 8.74
C GLN C 147 -20.87 -34.41 9.58
N THR C 148 -21.28 -33.31 8.96
CA THR C 148 -21.44 -32.05 9.67
C THR C 148 -22.85 -31.84 10.20
N GLY C 149 -23.84 -32.51 9.63
CA GLY C 149 -25.22 -32.23 9.95
C GLY C 149 -25.81 -31.04 9.26
N ILE C 150 -25.04 -30.34 8.44
CA ILE C 150 -25.50 -29.17 7.70
C ILE C 150 -25.81 -29.61 6.29
N LYS C 151 -27.03 -29.33 5.84
CA LYS C 151 -27.48 -29.81 4.54
C LYS C 151 -26.57 -29.30 3.41
N ALA C 152 -26.33 -27.99 3.38
CA ALA C 152 -25.52 -27.41 2.31
C ALA C 152 -24.12 -28.01 2.28
N VAL C 153 -23.52 -28.21 3.45
CA VAL C 153 -22.18 -28.80 3.51
C VAL C 153 -22.23 -30.28 3.13
N ASP C 154 -23.04 -31.05 3.85
CA ASP C 154 -23.08 -32.49 3.63
C ASP C 154 -23.50 -32.86 2.22
N SER C 155 -24.13 -31.95 1.48
CA SER C 155 -24.56 -32.26 0.12
C SER C 155 -23.64 -31.67 -0.94
N LEU C 156 -23.30 -30.38 -0.84
CA LEU C 156 -22.59 -29.70 -1.91
C LEU C 156 -21.11 -29.50 -1.63
N VAL C 157 -20.69 -29.46 -0.38
CA VAL C 157 -19.28 -29.35 -0.04
C VAL C 157 -18.93 -30.47 0.94
N PRO C 158 -19.00 -31.73 0.55
CA PRO C 158 -18.80 -32.80 1.52
C PRO C 158 -17.38 -32.87 2.03
N ILE C 159 -17.22 -33.30 3.28
CA ILE C 159 -15.93 -33.40 3.93
C ILE C 159 -15.70 -34.85 4.33
N GLY C 160 -14.50 -35.35 4.04
CA GLY C 160 -14.10 -36.68 4.46
C GLY C 160 -13.23 -36.63 5.70
N ARG C 161 -12.94 -37.82 6.22
CA ARG C 161 -12.10 -37.94 7.40
C ARG C 161 -10.65 -38.00 6.99
N GLY C 162 -9.88 -37.01 7.43
CA GLY C 162 -8.51 -36.81 6.97
C GLY C 162 -8.34 -35.61 6.07
N GLN C 163 -9.38 -34.83 5.88
CA GLN C 163 -9.37 -33.68 4.99
C GLN C 163 -9.17 -32.40 5.79
N ARG C 164 -8.72 -31.36 5.11
CA ARG C 164 -8.61 -30.02 5.67
C ARG C 164 -9.55 -29.13 4.87
N GLU C 165 -10.66 -28.74 5.51
CA GLU C 165 -11.67 -27.88 4.85
C GLU C 165 -11.67 -26.52 5.56
N LEU C 166 -11.39 -25.44 4.83
CA LEU C 166 -11.30 -24.12 5.43
C LEU C 166 -12.68 -23.49 5.50
N ILE C 167 -12.99 -22.86 6.64
CA ILE C 167 -14.16 -22.01 6.78
C ILE C 167 -13.65 -20.57 6.74
N ILE C 168 -14.08 -19.82 5.75
CA ILE C 168 -13.54 -18.49 5.52
C ILE C 168 -14.69 -17.52 5.24
N GLY C 169 -14.60 -16.33 5.80
CA GLY C 169 -15.64 -15.34 5.64
C GLY C 169 -15.33 -14.13 6.49
N ASP C 170 -16.21 -13.14 6.41
CA ASP C 170 -16.04 -11.95 7.22
C ASP C 170 -16.41 -12.23 8.67
N ARG C 171 -16.44 -11.17 9.46
CA ARG C 171 -16.87 -11.28 10.84
C ARG C 171 -18.39 -11.47 10.91
N GLN C 172 -18.82 -12.31 11.83
CA GLN C 172 -20.24 -12.55 12.11
C GLN C 172 -20.99 -13.04 10.87
N THR C 173 -20.36 -13.94 10.11
CA THR C 173 -21.02 -14.58 8.99
C THR C 173 -21.50 -15.98 9.29
N GLY C 174 -21.07 -16.56 10.40
CA GLY C 174 -21.50 -17.88 10.81
C GLY C 174 -20.47 -18.99 10.77
N LYS C 175 -19.20 -18.70 11.01
CA LYS C 175 -18.16 -19.72 10.91
C LYS C 175 -18.14 -20.61 12.15
N THR C 176 -18.10 -19.99 13.33
CA THR C 176 -18.16 -20.76 14.56
C THR C 176 -19.43 -21.59 14.65
N SER C 177 -20.52 -21.09 14.06
CA SER C 177 -21.76 -21.85 14.06
C SER C 177 -21.62 -23.13 13.25
N ILE C 178 -20.91 -23.07 12.12
CA ILE C 178 -20.66 -24.27 11.33
C ILE C 178 -19.82 -25.26 12.14
N ALA C 179 -18.77 -24.77 12.78
CA ALA C 179 -17.92 -25.67 13.57
C ALA C 179 -18.70 -26.30 14.72
N ILE C 180 -19.54 -25.54 15.39
CA ILE C 180 -20.26 -26.05 16.55
C ILE C 180 -21.37 -26.99 16.13
N ASP C 181 -22.05 -26.73 15.01
CA ASP C 181 -23.00 -27.70 14.49
C ASP C 181 -22.30 -29.02 14.18
N THR C 182 -21.13 -28.95 13.54
CA THR C 182 -20.39 -30.16 13.25
C THR C 182 -20.03 -30.92 14.51
N ILE C 183 -19.68 -30.21 15.58
CA ILE C 183 -19.32 -30.90 16.82
C ILE C 183 -20.54 -31.51 17.49
N ILE C 184 -21.66 -30.78 17.50
CA ILE C 184 -22.89 -31.30 18.10
C ILE C 184 -23.38 -32.51 17.35
N ASN C 185 -23.15 -32.56 16.03
CA ASN C 185 -23.70 -33.62 15.21
C ASN C 185 -23.13 -34.99 15.57
N GLN C 186 -21.89 -35.05 16.05
CA GLN C 186 -21.22 -36.32 16.24
C GLN C 186 -21.76 -37.12 17.41
N LYS C 187 -22.81 -36.64 18.08
CA LYS C 187 -23.32 -37.36 19.24
C LYS C 187 -24.05 -38.64 18.83
N ARG C 188 -24.67 -38.64 17.65
CA ARG C 188 -25.36 -39.83 17.19
C ARG C 188 -24.41 -41.01 17.03
N PHE C 189 -23.18 -40.76 16.61
CA PHE C 189 -22.19 -41.81 16.45
C PHE C 189 -21.41 -42.06 17.74
N ASN C 190 -21.19 -41.01 18.54
CA ASN C 190 -20.33 -41.17 19.71
C ASN C 190 -21.01 -41.95 20.82
N ASP C 191 -22.34 -42.08 20.78
CA ASP C 191 -23.01 -42.94 21.74
C ASP C 191 -23.35 -44.30 21.15
N GLY C 192 -23.33 -44.44 19.83
CA GLY C 192 -23.63 -45.69 19.18
C GLY C 192 -22.58 -46.76 19.46
N SER C 193 -22.73 -47.87 18.76
CA SER C 193 -21.87 -49.04 18.96
C SER C 193 -20.77 -49.17 17.92
N ASP C 194 -20.94 -48.60 16.74
CA ASP C 194 -19.90 -48.58 15.72
C ASP C 194 -18.72 -47.75 16.23
N GLU C 195 -17.59 -48.40 16.46
CA GLU C 195 -16.44 -47.70 17.02
C GLU C 195 -15.69 -46.91 15.95
N LYS C 196 -15.78 -47.34 14.69
CA LYS C 196 -15.09 -46.63 13.62
C LYS C 196 -15.91 -45.46 13.09
N LYS C 197 -17.09 -45.22 13.65
CA LYS C 197 -17.89 -44.07 13.28
C LYS C 197 -17.81 -42.95 14.32
N LYS C 198 -17.20 -43.22 15.47
CA LYS C 198 -17.09 -42.20 16.51
C LYS C 198 -16.03 -41.18 16.13
N LEU C 199 -16.35 -39.90 16.37
CA LEU C 199 -15.46 -38.79 16.05
C LEU C 199 -15.29 -37.95 17.30
N TYR C 200 -14.08 -37.90 17.84
CA TYR C 200 -13.77 -37.08 19.00
C TYR C 200 -13.39 -35.69 18.52
N CYS C 201 -14.02 -34.67 19.08
CA CYS C 201 -13.83 -33.32 18.59
C CYS C 201 -12.85 -32.54 19.45
N ILE C 202 -12.24 -31.52 18.84
CA ILE C 202 -11.29 -30.64 19.52
C ILE C 202 -11.54 -29.23 19.02
N TYR C 203 -11.86 -28.32 19.93
CA TYR C 203 -12.09 -26.93 19.57
C TYR C 203 -10.95 -26.10 20.16
N VAL C 204 -10.18 -25.46 19.29
CA VAL C 204 -9.11 -24.57 19.71
C VAL C 204 -9.63 -23.14 19.57
N ALA C 205 -9.73 -22.45 20.70
CA ALA C 205 -10.14 -21.04 20.72
C ALA C 205 -8.88 -20.20 20.81
N ILE C 206 -8.63 -19.40 19.78
CA ILE C 206 -7.39 -18.65 19.65
C ILE C 206 -7.74 -17.16 19.65
N GLY C 207 -7.26 -16.45 20.66
CA GLY C 207 -7.45 -15.01 20.68
C GLY C 207 -8.88 -14.57 20.81
N GLN C 208 -9.74 -15.40 21.37
CA GLN C 208 -11.14 -15.05 21.55
C GLN C 208 -11.36 -14.43 22.91
N LYS C 209 -12.52 -13.78 23.05
CA LYS C 209 -12.97 -13.34 24.36
C LYS C 209 -13.26 -14.56 25.22
N ARG C 210 -12.95 -14.44 26.51
CA ARG C 210 -13.10 -15.59 27.40
C ARG C 210 -14.57 -15.92 27.65
N SER C 211 -15.44 -14.91 27.65
CA SER C 211 -16.88 -15.17 27.81
C SER C 211 -17.46 -15.82 26.57
N THR C 212 -16.87 -15.59 25.39
CA THR C 212 -17.30 -16.30 24.19
C THR C 212 -17.00 -17.79 24.31
N VAL C 213 -15.83 -18.14 24.84
CA VAL C 213 -15.51 -19.54 25.07
C VAL C 213 -16.40 -20.14 26.13
N ALA C 214 -16.77 -19.35 27.14
CA ALA C 214 -17.71 -19.86 28.14
C ALA C 214 -19.08 -20.12 27.54
N GLN C 215 -19.57 -19.22 26.68
CA GLN C 215 -20.80 -19.47 25.94
C GLN C 215 -20.71 -20.74 25.11
N LEU C 216 -19.58 -20.94 24.44
CA LEU C 216 -19.42 -22.11 23.59
C LEU C 216 -19.43 -23.40 24.40
N VAL C 217 -18.74 -23.40 25.54
CA VAL C 217 -18.75 -24.57 26.42
C VAL C 217 -20.15 -24.80 26.98
N LYS C 218 -20.91 -23.73 27.20
CA LYS C 218 -22.29 -23.89 27.63
C LYS C 218 -23.13 -24.59 26.55
N ARG C 219 -23.00 -24.14 25.30
CA ARG C 219 -23.71 -24.81 24.22
C ARG C 219 -23.29 -26.27 24.10
N LEU C 220 -22.00 -26.56 24.25
CA LEU C 220 -21.53 -27.92 24.12
C LEU C 220 -21.95 -28.80 25.28
N THR C 221 -22.17 -28.24 26.45
CA THR C 221 -22.66 -29.03 27.58
C THR C 221 -24.16 -29.20 27.54
N ASP C 222 -24.90 -28.21 27.04
CA ASP C 222 -26.34 -28.37 26.87
C ASP C 222 -26.65 -29.54 25.95
N ALA C 223 -26.02 -29.57 24.79
CA ALA C 223 -26.22 -30.66 23.83
C ALA C 223 -25.48 -31.92 24.20
N ASP C 224 -24.85 -31.95 25.37
CA ASP C 224 -24.11 -33.12 25.86
C ASP C 224 -22.98 -33.50 24.91
N ALA C 225 -22.38 -32.50 24.28
CA ALA C 225 -21.27 -32.71 23.36
C ALA C 225 -19.92 -32.60 24.04
N MET C 226 -19.86 -32.18 25.29
CA MET C 226 -18.56 -31.99 25.94
C MET C 226 -17.92 -33.31 26.33
N LYS C 227 -18.69 -34.39 26.42
CA LYS C 227 -18.12 -35.65 26.87
C LYS C 227 -17.12 -36.24 25.88
N TYR C 228 -17.13 -35.77 24.64
CA TYR C 228 -16.16 -36.23 23.65
C TYR C 228 -15.40 -35.07 23.02
N THR C 229 -15.39 -33.89 23.64
CA THR C 229 -14.76 -32.71 23.09
C THR C 229 -13.67 -32.23 24.04
N ILE C 230 -12.51 -31.90 23.48
CA ILE C 230 -11.48 -31.15 24.19
C ILE C 230 -11.55 -29.72 23.69
N VAL C 231 -11.56 -28.77 24.61
CA VAL C 231 -11.54 -27.36 24.27
C VAL C 231 -10.21 -26.78 24.72
N VAL C 232 -9.38 -26.40 23.77
CA VAL C 232 -8.12 -25.72 24.06
C VAL C 232 -8.36 -24.22 23.92
N SER C 233 -8.03 -23.46 24.96
CA SER C 233 -8.40 -22.05 25.01
C SER C 233 -7.17 -21.19 25.27
N ALA C 234 -6.74 -20.44 24.27
CA ALA C 234 -5.73 -19.40 24.40
C ALA C 234 -6.40 -18.10 23.98
N THR C 235 -6.93 -17.39 24.96
CA THR C 235 -7.82 -16.27 24.71
C THR C 235 -7.04 -14.97 24.54
N ALA C 236 -7.78 -13.86 24.49
CA ALA C 236 -7.20 -12.58 24.10
C ALA C 236 -6.25 -12.02 25.14
N SER C 237 -6.42 -12.39 26.41
CA SER C 237 -5.51 -11.92 27.45
C SER C 237 -4.33 -12.86 27.68
N ASP C 238 -4.28 -13.98 26.97
CA ASP C 238 -3.15 -14.88 27.09
C ASP C 238 -1.98 -14.36 26.28
N ALA C 239 -0.77 -14.70 26.73
CA ALA C 239 0.44 -14.25 26.06
C ALA C 239 0.45 -14.72 24.61
N ALA C 240 1.05 -13.90 23.75
CA ALA C 240 1.16 -14.26 22.34
C ALA C 240 1.84 -15.60 22.11
N PRO C 241 2.85 -16.03 22.87
CA PRO C 241 3.34 -17.40 22.72
C PRO C 241 2.27 -18.46 22.94
N LEU C 242 1.36 -18.25 23.89
CA LEU C 242 0.32 -19.24 24.15
C LEU C 242 -0.66 -19.34 22.98
N GLN C 243 -1.00 -18.21 22.38
CA GLN C 243 -1.91 -18.24 21.23
C GLN C 243 -1.21 -18.78 19.98
N TYR C 244 0.09 -18.54 19.86
CA TYR C 244 0.89 -19.19 18.84
C TYR C 244 0.93 -20.71 19.02
N LEU C 245 0.94 -21.16 20.26
CA LEU C 245 1.18 -22.57 20.53
C LEU C 245 -0.10 -23.37 20.66
N ALA C 246 -1.25 -22.71 20.85
CA ALA C 246 -2.49 -23.45 21.05
C ALA C 246 -2.88 -24.35 19.88
N PRO C 247 -2.80 -23.93 18.62
CA PRO C 247 -3.15 -24.86 17.54
C PRO C 247 -2.29 -26.11 17.51
N TYR C 248 -1.00 -26.00 17.85
CA TYR C 248 -0.14 -27.16 17.84
C TYR C 248 -0.43 -28.09 19.01
N SER C 249 -0.79 -27.54 20.16
CA SER C 249 -1.20 -28.36 21.28
C SER C 249 -2.47 -29.13 20.96
N GLY C 250 -3.45 -28.43 20.38
CA GLY C 250 -4.66 -29.13 19.95
C GLY C 250 -4.39 -30.19 18.91
N CYS C 251 -3.52 -29.90 17.96
CA CYS C 251 -3.18 -30.87 16.93
C CYS C 251 -2.49 -32.09 17.52
N SER C 252 -1.70 -31.90 18.58
CA SER C 252 -1.08 -33.05 19.24
C SER C 252 -2.13 -33.89 19.96
N MET C 253 -3.05 -33.23 20.67
CA MET C 253 -4.14 -33.93 21.32
C MET C 253 -4.95 -34.73 20.32
N GLY C 254 -5.08 -34.24 19.08
CA GLY C 254 -5.78 -35.00 18.06
C GLY C 254 -4.94 -36.05 17.37
N GLU C 255 -3.64 -35.79 17.25
CA GLU C 255 -2.72 -36.78 16.65
C GLU C 255 -2.77 -38.05 17.49
N TYR C 256 -2.89 -37.91 18.81
CA TYR C 256 -3.02 -39.10 19.65
C TYR C 256 -4.09 -40.04 19.11
N PHE C 257 -5.31 -39.53 18.91
CA PHE C 257 -6.37 -40.35 18.36
C PHE C 257 -6.04 -40.82 16.96
N ARG C 258 -5.50 -39.94 16.13
CA ARG C 258 -5.16 -40.33 14.75
C ARG C 258 -4.21 -41.51 14.74
N ASP C 259 -3.29 -41.58 15.69
CA ASP C 259 -2.31 -42.65 15.73
C ASP C 259 -2.80 -43.89 16.45
N ASN C 260 -3.85 -43.78 17.27
CA ASN C 260 -4.37 -44.95 17.97
C ASN C 260 -5.62 -45.53 17.32
N GLY C 261 -5.71 -45.44 15.99
CA GLY C 261 -6.82 -46.05 15.28
C GLY C 261 -8.16 -45.36 15.43
N LYS C 262 -8.23 -44.24 16.12
CA LYS C 262 -9.47 -43.50 16.29
C LYS C 262 -9.51 -42.29 15.38
N HIS C 263 -10.67 -41.67 15.28
CA HIS C 263 -10.90 -40.54 14.38
C HIS C 263 -11.20 -39.30 15.21
N ALA C 264 -10.55 -38.20 14.87
CA ALA C 264 -10.69 -36.95 15.59
C ALA C 264 -10.98 -35.82 14.62
N LEU C 265 -11.57 -34.75 15.14
CA LEU C 265 -11.87 -33.55 14.39
C LEU C 265 -11.35 -32.36 15.17
N ILE C 266 -10.65 -31.46 14.51
CA ILE C 266 -10.08 -30.29 15.16
C ILE C 266 -10.54 -29.04 14.43
N ILE C 267 -10.91 -28.02 15.18
CA ILE C 267 -11.30 -26.72 14.64
C ILE C 267 -10.32 -25.69 15.18
N TYR C 268 -9.73 -24.91 14.28
CA TYR C 268 -8.83 -23.83 14.66
C TYR C 268 -9.57 -22.51 14.46
N ASP C 269 -10.02 -21.91 15.55
CA ASP C 269 -10.89 -20.75 15.51
C ASP C 269 -10.24 -19.60 16.28
N ASP C 270 -9.51 -18.74 15.58
CA ASP C 270 -9.23 -18.90 14.16
C ASP C 270 -7.74 -18.74 13.91
N LEU C 271 -7.29 -19.06 12.70
CA LEU C 271 -5.87 -19.04 12.41
C LEU C 271 -5.36 -17.64 12.10
N SER C 272 -6.26 -16.68 11.83
CA SER C 272 -5.84 -15.30 11.63
C SER C 272 -5.27 -14.71 12.91
N LYS C 273 -5.88 -15.03 14.05
CA LYS C 273 -5.38 -14.53 15.32
C LYS C 273 -4.10 -15.22 15.73
N GLN C 274 -3.92 -16.48 15.35
CA GLN C 274 -2.63 -17.13 15.56
C GLN C 274 -1.55 -16.49 14.70
N ALA C 275 -1.88 -16.13 13.47
CA ALA C 275 -0.92 -15.41 12.64
C ALA C 275 -0.55 -14.07 13.26
N VAL C 276 -1.53 -13.38 13.84
CA VAL C 276 -1.27 -12.10 14.49
C VAL C 276 -0.35 -12.28 15.69
N ALA C 277 -0.59 -13.31 16.50
CA ALA C 277 0.24 -13.54 17.68
C ALA C 277 1.66 -13.94 17.28
N TYR C 278 1.80 -14.74 16.23
CA TYR C 278 3.11 -15.09 15.73
C TYR C 278 3.84 -13.87 15.20
N ARG C 279 3.13 -12.97 14.51
CA ARG C 279 3.73 -11.74 14.06
C ARG C 279 4.23 -10.90 15.24
N GLN C 280 3.46 -10.86 16.32
CA GLN C 280 3.91 -10.12 17.49
C GLN C 280 5.19 -10.71 18.05
N MET C 281 5.21 -12.02 18.29
CA MET C 281 6.42 -12.67 18.80
C MET C 281 7.61 -12.41 17.90
N SER C 282 7.41 -12.50 16.58
CA SER C 282 8.52 -12.35 15.65
C SER C 282 9.04 -10.92 15.62
N LEU C 283 8.14 -9.94 15.62
CA LEU C 283 8.58 -8.56 15.60
C LEU C 283 9.26 -8.17 16.90
N LEU C 284 8.87 -8.78 18.01
CA LEU C 284 9.54 -8.48 19.28
C LEU C 284 10.83 -9.26 19.44
N LEU C 285 10.98 -10.39 18.77
CA LEU C 285 12.27 -11.07 18.65
C LEU C 285 13.19 -10.42 17.65
N ARG C 286 12.78 -9.28 17.10
CA ARG C 286 13.54 -8.49 16.14
C ARG C 286 13.82 -9.24 14.85
N ARG C 287 12.95 -10.15 14.47
CA ARG C 287 13.01 -10.75 13.14
C ARG C 287 12.38 -9.81 12.13
N PRO C 288 12.98 -9.63 10.95
CA PRO C 288 12.52 -8.58 10.04
C PRO C 288 11.13 -8.87 9.51
N PRO C 289 10.29 -7.85 9.37
CA PRO C 289 8.93 -8.06 8.91
C PRO C 289 8.86 -8.29 7.40
N GLY C 290 7.76 -8.88 6.98
CA GLY C 290 7.50 -9.11 5.57
C GLY C 290 6.28 -8.37 5.09
N ARG C 291 5.42 -9.05 4.33
CA ARG C 291 4.19 -8.44 3.86
C ARG C 291 3.24 -8.21 5.02
N GLU C 292 2.70 -7.00 5.12
CA GLU C 292 1.80 -6.61 6.19
C GLU C 292 2.42 -6.85 7.56
N ALA C 293 3.75 -6.73 7.63
CA ALA C 293 4.59 -6.93 8.79
C ALA C 293 4.64 -8.38 9.26
N TYR C 294 3.93 -9.29 8.61
CA TYR C 294 3.99 -10.69 9.01
C TYR C 294 5.39 -11.24 8.78
N PRO C 295 5.82 -12.21 9.58
CA PRO C 295 7.12 -12.82 9.35
C PRO C 295 7.16 -13.53 8.00
N GLY C 296 8.36 -13.82 7.53
CA GLY C 296 8.50 -14.42 6.22
C GLY C 296 7.91 -15.81 6.13
N ASP C 297 7.91 -16.55 7.24
CA ASP C 297 7.51 -17.94 7.27
C ASP C 297 6.14 -18.14 7.91
N VAL C 298 5.20 -17.24 7.67
CA VAL C 298 3.86 -17.45 8.21
C VAL C 298 3.14 -18.55 7.42
N PHE C 299 3.45 -18.68 6.12
CA PHE C 299 2.94 -19.82 5.36
C PHE C 299 3.41 -21.13 5.96
N TYR C 300 4.70 -21.19 6.33
CA TYR C 300 5.21 -22.39 6.96
C TYR C 300 4.51 -22.64 8.29
N LEU C 301 4.25 -21.57 9.04
CA LEU C 301 3.49 -21.64 10.28
C LEU C 301 2.19 -22.41 10.10
N HIS C 302 1.41 -22.04 9.09
CA HIS C 302 0.13 -22.71 8.92
C HIS C 302 0.23 -24.03 8.16
N SER C 303 1.28 -24.18 7.35
CA SER C 303 1.41 -25.36 6.51
C SER C 303 1.87 -26.57 7.30
N ARG C 304 2.87 -26.39 8.16
CA ARG C 304 3.30 -27.50 9.00
C ARG C 304 2.24 -27.90 10.00
N LEU C 305 1.27 -27.02 10.26
CA LEU C 305 0.17 -27.35 11.16
C LEU C 305 -0.93 -28.09 10.43
N LEU C 306 -1.30 -27.62 9.24
CA LEU C 306 -2.40 -28.22 8.51
C LEU C 306 -2.01 -29.46 7.74
N GLU C 307 -0.72 -29.76 7.63
CA GLU C 307 -0.33 -31.05 7.06
C GLU C 307 -0.54 -32.20 8.03
N ARG C 308 -0.70 -31.91 9.32
CA ARG C 308 -0.81 -32.98 10.31
C ARG C 308 -2.21 -33.57 10.36
N ALA C 309 -3.17 -32.99 9.66
CA ALA C 309 -4.44 -33.65 9.43
C ALA C 309 -4.29 -34.65 8.30
N ALA C 310 -4.61 -35.91 8.55
CA ALA C 310 -4.33 -36.96 7.59
C ALA C 310 -5.21 -38.15 7.85
N LYS C 311 -5.46 -38.94 6.81
CA LYS C 311 -6.06 -40.25 6.95
C LYS C 311 -4.95 -41.28 6.83
N MET C 312 -4.88 -42.20 7.78
CA MET C 312 -3.83 -43.20 7.80
C MET C 312 -4.32 -44.49 7.16
N ASN C 313 -3.39 -45.33 6.74
CA ASN C 313 -3.77 -46.61 6.17
C ASN C 313 -3.92 -47.64 7.28
N ASP C 314 -4.15 -48.89 6.88
CA ASP C 314 -4.42 -49.94 7.85
C ASP C 314 -3.20 -50.30 8.67
N ALA C 315 -2.02 -50.25 8.05
CA ALA C 315 -0.80 -50.61 8.77
C ALA C 315 -0.50 -49.66 9.91
N PHE C 316 -1.08 -48.46 9.90
CA PHE C 316 -0.83 -47.45 10.92
C PHE C 316 -2.06 -47.21 11.79
N GLY C 317 -3.05 -48.09 11.74
CA GLY C 317 -4.20 -48.03 12.59
C GLY C 317 -5.49 -47.70 11.88
N GLY C 318 -5.43 -46.99 10.77
CA GLY C 318 -6.63 -46.55 10.10
C GLY C 318 -7.29 -45.32 10.71
N GLY C 319 -6.66 -44.68 11.69
CA GLY C 319 -7.22 -43.48 12.26
C GLY C 319 -7.07 -42.30 11.34
N SER C 320 -7.72 -41.20 11.73
CA SER C 320 -7.67 -40.00 10.92
C SER C 320 -7.73 -38.77 11.82
N LEU C 321 -7.44 -37.62 11.23
CA LEU C 321 -7.59 -36.33 11.87
C LEU C 321 -8.10 -35.36 10.81
N THR C 322 -9.29 -34.84 11.01
CA THR C 322 -9.88 -33.85 10.12
C THR C 322 -9.64 -32.47 10.72
N ALA C 323 -9.35 -31.49 9.86
CA ALA C 323 -9.05 -30.15 10.31
C ALA C 323 -10.01 -29.16 9.65
N LEU C 324 -10.61 -28.30 10.47
CA LEU C 324 -11.48 -27.23 9.99
C LEU C 324 -10.91 -25.89 10.44
N PRO C 325 -9.89 -25.39 9.75
CA PRO C 325 -9.38 -24.06 10.11
C PRO C 325 -10.37 -22.97 9.75
N VAL C 326 -10.36 -21.90 10.53
CA VAL C 326 -11.23 -20.76 10.32
C VAL C 326 -10.36 -19.55 10.01
N ILE C 327 -10.76 -18.78 9.02
CA ILE C 327 -10.04 -17.58 8.60
C ILE C 327 -11.05 -16.46 8.47
N GLU C 328 -10.73 -15.31 9.06
CA GLU C 328 -11.59 -14.14 8.97
C GLU C 328 -10.98 -13.16 7.97
N THR C 329 -11.76 -12.80 6.96
CA THR C 329 -11.34 -11.83 5.96
C THR C 329 -11.90 -10.46 6.27
N GLN C 330 -11.22 -9.43 5.78
CA GLN C 330 -11.63 -8.05 5.97
C GLN C 330 -12.36 -7.57 4.73
N ALA C 331 -13.64 -7.21 4.89
CA ALA C 331 -14.46 -6.68 3.81
C ALA C 331 -14.57 -7.64 2.64
N GLY C 332 -14.45 -8.95 2.92
CA GLY C 332 -14.52 -9.94 1.88
C GLY C 332 -13.28 -10.08 1.03
N ASP C 333 -12.15 -9.51 1.45
CA ASP C 333 -10.92 -9.58 0.69
C ASP C 333 -10.30 -10.96 0.91
N VAL C 334 -10.74 -11.92 0.10
CA VAL C 334 -10.12 -13.24 0.06
C VAL C 334 -8.68 -13.18 -0.42
N SER C 335 -8.29 -12.09 -1.07
CA SER C 335 -6.98 -11.97 -1.69
C SER C 335 -5.89 -11.53 -0.72
N ALA C 336 -6.19 -11.38 0.56
CA ALA C 336 -5.20 -10.91 1.51
C ALA C 336 -4.13 -11.99 1.73
N TYR C 337 -3.12 -11.64 2.51
CA TYR C 337 -1.93 -12.49 2.66
C TYR C 337 -2.29 -13.84 3.28
N ILE C 338 -2.75 -13.82 4.52
CA ILE C 338 -3.04 -15.03 5.29
C ILE C 338 -4.20 -15.81 4.69
N PRO C 339 -5.28 -15.16 4.24
CA PRO C 339 -6.33 -15.93 3.55
C PRO C 339 -5.82 -16.70 2.34
N THR C 340 -4.96 -16.08 1.51
CA THR C 340 -4.45 -16.79 0.34
C THR C 340 -3.52 -17.92 0.74
N ASN C 341 -2.69 -17.70 1.76
CA ASN C 341 -1.86 -18.79 2.27
C ASN C 341 -2.72 -20.00 2.63
N VAL C 342 -3.70 -19.78 3.51
CA VAL C 342 -4.48 -20.90 4.01
C VAL C 342 -5.34 -21.51 2.92
N ILE C 343 -5.77 -20.73 1.93
CA ILE C 343 -6.55 -21.30 0.83
C ILE C 343 -5.68 -22.20 -0.02
N SER C 344 -4.43 -21.79 -0.26
CA SER C 344 -3.53 -22.65 -1.01
C SER C 344 -3.14 -23.91 -0.24
N ILE C 345 -3.23 -23.89 1.08
CA ILE C 345 -2.85 -25.07 1.85
C ILE C 345 -3.94 -26.14 1.80
N THR C 346 -5.17 -25.78 2.11
CA THR C 346 -6.20 -26.75 2.47
C THR C 346 -6.78 -27.47 1.26
N ASP C 347 -7.64 -28.45 1.55
CA ASP C 347 -8.30 -29.29 0.57
C ASP C 347 -9.65 -28.75 0.11
N GLY C 348 -9.89 -27.47 0.28
CA GLY C 348 -11.17 -26.89 -0.08
C GLY C 348 -11.55 -25.81 0.90
N GLN C 349 -12.53 -25.00 0.52
CA GLN C 349 -12.95 -23.86 1.32
C GLN C 349 -14.47 -23.83 1.37
N ILE C 350 -15.02 -23.36 2.49
CA ILE C 350 -16.43 -23.06 2.61
C ILE C 350 -16.55 -21.55 2.75
N PHE C 351 -16.95 -20.88 1.68
CA PHE C 351 -16.99 -19.43 1.66
C PHE C 351 -18.33 -18.94 2.21
N LEU C 352 -18.28 -18.09 3.23
CA LEU C 352 -19.47 -17.49 3.81
C LEU C 352 -19.51 -16.01 3.43
N GLU C 353 -20.70 -15.50 3.20
CA GLU C 353 -20.85 -14.13 2.71
C GLU C 353 -21.85 -13.36 3.57
N THR C 354 -21.61 -12.06 3.66
CA THR C 354 -22.50 -11.18 4.42
C THR C 354 -23.77 -10.89 3.64
N GLU C 355 -23.65 -10.68 2.33
CA GLU C 355 -24.82 -10.49 1.49
C GLU C 355 -25.75 -11.70 1.55
N LEU C 356 -25.19 -12.90 1.41
CA LEU C 356 -26.02 -14.10 1.52
C LEU C 356 -26.60 -14.25 2.90
N PHE C 357 -25.86 -13.84 3.93
CA PHE C 357 -26.36 -13.95 5.30
C PHE C 357 -27.59 -13.08 5.48
N TYR C 358 -27.54 -11.84 5.00
CA TYR C 358 -28.66 -10.93 5.25
C TYR C 358 -29.81 -11.13 4.29
N LYS C 359 -29.57 -11.73 3.12
CA LYS C 359 -30.66 -12.05 2.22
C LYS C 359 -31.47 -13.25 2.67
N GLY C 360 -31.22 -13.76 3.87
CA GLY C 360 -31.98 -14.87 4.40
C GLY C 360 -31.32 -16.23 4.24
N ILE C 361 -30.28 -16.33 3.42
CA ILE C 361 -29.57 -17.58 3.21
C ILE C 361 -28.69 -17.86 4.40
N ARG C 362 -29.15 -18.74 5.29
CA ARG C 362 -28.39 -19.07 6.48
C ARG C 362 -28.43 -20.57 6.73
N PRO C 363 -27.26 -21.25 6.80
CA PRO C 363 -25.89 -20.76 6.73
C PRO C 363 -25.52 -20.11 5.41
N ALA C 364 -24.76 -19.02 5.46
CA ALA C 364 -24.52 -18.19 4.29
C ALA C 364 -23.42 -18.76 3.42
N ILE C 365 -23.52 -20.03 3.06
CA ILE C 365 -22.50 -20.69 2.26
C ILE C 365 -22.67 -20.27 0.80
N ASN C 366 -21.56 -19.87 0.18
CA ASN C 366 -21.54 -19.50 -1.24
C ASN C 366 -21.20 -20.75 -2.04
N VAL C 367 -22.24 -21.40 -2.56
CA VAL C 367 -22.05 -22.68 -3.26
C VAL C 367 -21.29 -22.47 -4.55
N GLY C 368 -21.32 -21.26 -5.08
CA GLY C 368 -20.53 -20.98 -6.27
C GLY C 368 -19.04 -21.06 -6.04
N LEU C 369 -18.58 -20.62 -4.86
CA LEU C 369 -17.16 -20.62 -4.52
C LEU C 369 -16.73 -21.79 -3.64
N SER C 370 -17.64 -22.34 -2.85
CA SER C 370 -17.28 -23.35 -1.88
C SER C 370 -17.01 -24.68 -2.58
N VAL C 371 -15.78 -25.18 -2.44
CA VAL C 371 -15.34 -26.38 -3.13
C VAL C 371 -14.82 -27.37 -2.10
N SER C 372 -14.87 -28.65 -2.47
CA SER C 372 -14.34 -29.73 -1.64
C SER C 372 -13.50 -30.64 -2.55
N ARG C 373 -12.19 -30.42 -2.56
CA ARG C 373 -11.30 -31.15 -3.45
C ARG C 373 -11.41 -32.66 -3.29
N VAL C 374 -11.96 -33.14 -2.18
CA VAL C 374 -12.23 -34.57 -2.06
C VAL C 374 -13.49 -34.94 -2.81
N GLY C 375 -14.52 -34.09 -2.74
CA GLY C 375 -15.70 -34.27 -3.55
C GLY C 375 -16.53 -35.46 -3.12
N SER C 376 -17.16 -36.10 -4.12
CA SER C 376 -18.07 -37.20 -3.84
C SER C 376 -17.36 -38.43 -3.33
N ALA C 377 -16.03 -38.43 -3.29
CA ALA C 377 -15.29 -39.60 -2.84
C ALA C 377 -15.59 -39.96 -1.40
N ALA C 378 -16.08 -39.00 -0.61
CA ALA C 378 -16.37 -39.19 0.80
C ALA C 378 -17.81 -38.86 1.14
N GLN C 379 -18.75 -39.36 0.34
CA GLN C 379 -20.17 -39.24 0.62
C GLN C 379 -20.78 -40.63 0.70
N THR C 380 -21.95 -40.72 1.32
CA THR C 380 -22.73 -41.94 1.21
C THR C 380 -23.42 -41.98 -0.15
N ARG C 381 -23.73 -43.19 -0.60
CA ARG C 381 -24.26 -43.36 -1.95
C ARG C 381 -25.62 -42.68 -2.10
N ALA C 382 -26.46 -42.73 -1.07
CA ALA C 382 -27.76 -42.07 -1.14
C ALA C 382 -27.60 -40.56 -1.27
N MET C 383 -26.76 -39.98 -0.41
CA MET C 383 -26.49 -38.56 -0.49
C MET C 383 -25.92 -38.20 -1.86
N LYS C 384 -25.05 -39.05 -2.41
CA LYS C 384 -24.50 -38.75 -3.73
C LYS C 384 -25.59 -38.76 -4.80
N GLN C 385 -26.48 -39.76 -4.76
CA GLN C 385 -27.54 -39.85 -5.75
C GLN C 385 -28.42 -38.60 -5.73
N VAL C 386 -28.86 -38.17 -4.56
CA VAL C 386 -29.70 -36.97 -4.51
C VAL C 386 -28.90 -35.68 -4.74
N ALA C 387 -27.63 -35.65 -4.34
CA ALA C 387 -26.88 -34.41 -4.29
C ALA C 387 -26.23 -34.07 -5.62
N GLY C 388 -25.93 -35.05 -6.47
CA GLY C 388 -25.52 -34.71 -7.82
C GLY C 388 -26.60 -33.96 -8.56
N THR C 389 -27.85 -34.44 -8.45
CA THR C 389 -28.98 -33.77 -9.06
C THR C 389 -29.20 -32.40 -8.43
N MET C 390 -29.15 -32.31 -7.10
CA MET C 390 -29.32 -31.02 -6.44
C MET C 390 -28.24 -30.03 -6.87
N LYS C 391 -26.99 -30.48 -6.99
CA LYS C 391 -25.90 -29.61 -7.42
C LYS C 391 -26.12 -29.10 -8.83
N LEU C 392 -26.49 -29.99 -9.76
CA LEU C 392 -26.73 -29.55 -11.13
C LEU C 392 -27.89 -28.56 -11.20
N GLU C 393 -28.98 -28.85 -10.51
CA GLU C 393 -30.15 -27.99 -10.58
C GLU C 393 -29.87 -26.64 -9.93
N LEU C 394 -29.10 -26.61 -8.84
CA LEU C 394 -28.77 -25.35 -8.21
C LEU C 394 -27.82 -24.53 -9.07
N ALA C 395 -26.89 -25.19 -9.76
CA ALA C 395 -26.04 -24.47 -10.70
C ALA C 395 -26.87 -23.83 -11.80
N GLN C 396 -27.83 -24.58 -12.36
CA GLN C 396 -28.66 -24.03 -13.41
C GLN C 396 -29.52 -22.88 -12.91
N TYR C 397 -30.04 -23.01 -11.68
CA TYR C 397 -30.81 -21.92 -11.10
C TYR C 397 -29.96 -20.67 -10.93
N ARG C 398 -28.71 -20.84 -10.48
CA ARG C 398 -27.80 -19.71 -10.41
C ARG C 398 -27.55 -19.13 -11.80
N GLU C 399 -27.59 -19.97 -12.83
CA GLU C 399 -27.41 -19.46 -14.18
C GLU C 399 -28.57 -18.58 -14.63
N VAL C 400 -29.80 -18.97 -14.31
CA VAL C 400 -30.97 -18.26 -14.84
C VAL C 400 -31.66 -17.43 -13.76
N ALA C 401 -30.92 -16.99 -12.75
CA ALA C 401 -31.53 -16.17 -11.70
C ALA C 401 -31.27 -14.69 -11.93
N LEU C 417 -34.82 -24.73 -14.36
CA LEU C 417 -36.01 -23.98 -13.96
C LEU C 417 -35.69 -23.11 -12.75
N LEU C 418 -36.53 -22.11 -12.50
CA LEU C 418 -36.24 -21.13 -11.47
C LEU C 418 -36.98 -21.44 -10.17
N SER C 419 -38.21 -21.93 -10.26
CA SER C 419 -38.97 -22.23 -9.04
C SER C 419 -38.39 -23.46 -8.33
N ARG C 420 -37.94 -24.46 -9.09
CA ARG C 420 -37.26 -25.59 -8.47
C ARG C 420 -35.97 -25.14 -7.78
N GLY C 421 -35.25 -24.20 -8.39
CA GLY C 421 -34.04 -23.68 -7.75
C GLY C 421 -34.35 -22.92 -6.48
N VAL C 422 -35.42 -22.14 -6.48
CA VAL C 422 -35.82 -21.44 -5.26
C VAL C 422 -36.20 -22.45 -4.18
N ARG C 423 -36.94 -23.49 -4.55
CA ARG C 423 -37.27 -24.54 -3.59
C ARG C 423 -36.02 -25.15 -3.02
N LEU C 424 -35.02 -25.41 -3.86
CA LEU C 424 -33.78 -26.02 -3.37
C LEU C 424 -33.02 -25.10 -2.44
N THR C 425 -32.93 -23.81 -2.77
CA THR C 425 -32.24 -22.88 -1.89
C THR C 425 -32.94 -22.79 -0.54
N GLU C 426 -34.26 -22.56 -0.55
CA GLU C 426 -35.00 -22.55 0.71
C GLU C 426 -34.93 -23.88 1.44
N LEU C 427 -34.59 -24.95 0.74
CA LEU C 427 -34.39 -26.24 1.40
C LEU C 427 -32.99 -26.35 1.97
N LEU C 428 -32.04 -25.57 1.44
CA LEU C 428 -30.68 -25.57 1.97
C LEU C 428 -30.57 -24.78 3.26
N LYS C 429 -31.48 -23.82 3.47
CA LYS C 429 -31.49 -23.08 4.73
C LYS C 429 -31.65 -24.02 5.90
N GLN C 430 -31.06 -23.64 7.02
CA GLN C 430 -31.08 -24.49 8.20
C GLN C 430 -30.93 -23.62 9.44
N GLY C 431 -31.60 -24.02 10.51
CA GLY C 431 -31.49 -23.29 11.75
C GLY C 431 -30.19 -23.60 12.46
N GLN C 432 -29.92 -22.81 13.50
CA GLN C 432 -28.69 -22.96 14.25
C GLN C 432 -28.83 -24.05 15.29
N TYR C 433 -27.73 -24.77 15.54
CA TYR C 433 -27.67 -25.83 16.54
C TYR C 433 -28.65 -26.96 16.21
N SER C 434 -28.96 -27.11 14.92
CA SER C 434 -29.90 -28.12 14.43
C SER C 434 -29.22 -29.00 13.39
N PRO C 435 -28.28 -29.86 13.79
CA PRO C 435 -27.62 -30.75 12.82
C PRO C 435 -28.47 -31.97 12.56
N MET C 436 -28.81 -32.18 11.29
CA MET C 436 -29.70 -33.26 10.88
C MET C 436 -28.92 -34.53 10.57
N ALA C 437 -29.58 -35.67 10.76
CA ALA C 437 -28.98 -36.94 10.38
C ALA C 437 -28.93 -37.06 8.86
N ILE C 438 -28.02 -37.89 8.38
CA ILE C 438 -27.80 -37.97 6.94
C ILE C 438 -28.99 -38.63 6.25
N GLU C 439 -29.68 -39.53 6.95
CA GLU C 439 -30.89 -40.14 6.40
C GLU C 439 -32.00 -39.10 6.24
N GLU C 440 -32.16 -38.25 7.25
CA GLU C 440 -33.17 -37.20 7.18
C GLU C 440 -32.83 -36.17 6.11
N GLN C 441 -31.54 -35.83 5.99
CA GLN C 441 -31.11 -34.98 4.89
C GLN C 441 -31.43 -35.62 3.55
N VAL C 442 -31.19 -36.92 3.41
CA VAL C 442 -31.49 -37.59 2.16
C VAL C 442 -32.98 -37.52 1.87
N ALA C 443 -33.80 -37.70 2.90
CA ALA C 443 -35.25 -37.64 2.72
C ALA C 443 -35.69 -36.26 2.25
N VAL C 444 -35.18 -35.19 2.86
CA VAL C 444 -35.66 -33.85 2.51
C VAL C 444 -35.15 -33.44 1.13
N ILE C 445 -33.87 -33.73 0.87
CA ILE C 445 -33.31 -33.43 -0.49
C ILE C 445 -34.15 -34.19 -1.52
N TYR C 446 -34.47 -35.46 -1.22
CA TYR C 446 -35.27 -36.26 -2.13
C TYR C 446 -36.62 -35.59 -2.39
N ALA C 447 -37.34 -35.25 -1.33
CA ALA C 447 -38.63 -34.58 -1.48
C ALA C 447 -38.52 -33.29 -2.29
N GLY C 448 -37.39 -32.60 -2.19
CA GLY C 448 -37.24 -31.36 -2.92
C GLY C 448 -36.79 -31.54 -4.35
N VAL C 449 -36.05 -32.61 -4.61
CA VAL C 449 -35.45 -32.82 -5.92
C VAL C 449 -36.34 -33.63 -6.85
N ARG C 450 -37.41 -34.23 -6.33
CA ARG C 450 -38.32 -35.05 -7.12
C ARG C 450 -39.59 -34.32 -7.51
N GLY C 451 -39.77 -33.09 -7.06
CA GLY C 451 -40.85 -32.26 -7.50
C GLY C 451 -42.00 -32.09 -6.53
N TYR C 452 -41.93 -32.70 -5.35
CA TYR C 452 -43.03 -32.62 -4.40
C TYR C 452 -43.04 -31.32 -3.61
N LEU C 453 -42.31 -30.31 -4.05
CA LEU C 453 -42.33 -29.01 -3.40
C LEU C 453 -42.58 -27.85 -4.34
N ASP C 454 -42.67 -28.10 -5.65
CA ASP C 454 -43.04 -27.01 -6.55
C ASP C 454 -44.53 -26.70 -6.48
N LYS C 455 -45.33 -27.62 -5.95
CA LYS C 455 -46.71 -27.30 -5.61
C LYS C 455 -46.77 -26.28 -4.48
N LEU C 456 -45.81 -26.39 -3.55
CA LEU C 456 -45.79 -25.48 -2.41
C LEU C 456 -45.14 -24.16 -2.79
N GLU C 457 -45.65 -23.09 -2.22
CA GLU C 457 -45.07 -21.78 -2.45
C GLU C 457 -43.78 -21.66 -1.63
N PRO C 458 -42.77 -20.92 -2.11
CA PRO C 458 -41.48 -20.90 -1.40
C PRO C 458 -41.56 -20.54 0.08
N SER C 459 -42.57 -19.78 0.50
CA SER C 459 -42.58 -19.26 1.86
C SER C 459 -42.77 -20.34 2.92
N LYS C 460 -43.52 -21.39 2.62
CA LYS C 460 -43.90 -22.39 3.62
C LYS C 460 -43.04 -23.65 3.55
N ILE C 461 -41.98 -23.63 2.75
CA ILE C 461 -41.12 -24.80 2.60
C ILE C 461 -40.50 -25.19 3.94
N THR C 462 -40.12 -24.20 4.74
CA THR C 462 -39.43 -24.50 5.99
C THR C 462 -40.32 -25.26 6.97
N LYS C 463 -41.58 -24.84 7.11
CA LYS C 463 -42.45 -25.55 8.03
C LYS C 463 -42.98 -26.84 7.43
N PHE C 464 -43.14 -26.90 6.11
CA PHE C 464 -43.40 -28.19 5.49
C PHE C 464 -42.31 -29.18 5.83
N GLU C 465 -41.06 -28.74 5.74
CA GLU C 465 -39.93 -29.60 6.06
C GLU C 465 -39.94 -30.00 7.53
N ASN C 466 -40.20 -29.05 8.42
CA ASN C 466 -40.25 -29.35 9.85
C ASN C 466 -41.27 -30.45 10.11
N ALA C 467 -42.52 -30.24 9.67
CA ALA C 467 -43.56 -31.24 9.88
C ALA C 467 -43.20 -32.56 9.19
N PHE C 468 -42.56 -32.48 8.03
CA PHE C 468 -42.23 -33.69 7.28
C PHE C 468 -41.26 -34.56 8.05
N LEU C 469 -40.16 -33.98 8.55
CA LEU C 469 -39.21 -34.80 9.28
C LEU C 469 -39.78 -35.25 10.63
N SER C 470 -40.60 -34.40 11.26
CA SER C 470 -41.29 -34.85 12.48
C SER C 470 -42.08 -36.12 12.20
N HIS C 471 -42.95 -36.07 11.18
CA HIS C 471 -43.75 -37.23 10.82
C HIS C 471 -42.88 -38.43 10.50
N VAL C 472 -41.83 -38.22 9.71
CA VAL C 472 -41.02 -39.34 9.23
C VAL C 472 -40.28 -40.01 10.38
N VAL C 473 -39.69 -39.24 11.29
CA VAL C 473 -38.97 -39.85 12.40
C VAL C 473 -39.95 -40.44 13.42
N SER C 474 -41.19 -39.94 13.42
CA SER C 474 -42.16 -40.46 14.37
C SER C 474 -42.76 -41.78 13.90
N GLN C 475 -42.94 -41.93 12.59
CA GLN C 475 -43.71 -43.07 12.08
C GLN C 475 -42.92 -43.96 11.12
N HIS C 476 -41.74 -43.54 10.67
CA HIS C 476 -41.01 -44.25 9.63
C HIS C 476 -39.56 -44.48 10.03
N GLN C 477 -39.33 -44.96 11.26
CA GLN C 477 -38.00 -45.37 11.64
C GLN C 477 -37.49 -46.53 10.81
N ALA C 478 -38.38 -47.29 10.18
CA ALA C 478 -37.95 -48.43 9.37
C ALA C 478 -37.18 -47.97 8.15
N LEU C 479 -37.74 -47.02 7.40
CA LEU C 479 -37.07 -46.54 6.19
C LEU C 479 -35.78 -45.81 6.50
N LEU C 480 -35.77 -45.00 7.56
CA LEU C 480 -34.57 -44.27 7.92
C LEU C 480 -33.49 -45.24 8.40
N GLY C 481 -33.86 -46.25 9.18
CA GLY C 481 -32.89 -47.26 9.57
C GLY C 481 -32.35 -48.04 8.39
N THR C 482 -33.21 -48.31 7.40
CA THR C 482 -32.75 -48.97 6.18
C THR C 482 -31.71 -48.12 5.45
N ILE C 483 -32.04 -46.85 5.21
CA ILE C 483 -31.10 -45.94 4.55
C ILE C 483 -29.80 -45.85 5.35
N ARG C 484 -29.91 -45.86 6.67
CA ARG C 484 -28.72 -45.79 7.52
C ARG C 484 -27.86 -47.03 7.35
N ALA C 485 -28.48 -48.21 7.31
CA ALA C 485 -27.70 -49.44 7.24
C ALA C 485 -27.05 -49.61 5.89
N ASP C 486 -27.85 -49.63 4.81
CA ASP C 486 -27.28 -50.00 3.52
C ASP C 486 -26.51 -48.86 2.88
N GLY C 487 -26.78 -47.62 3.28
CA GLY C 487 -26.07 -46.47 2.76
C GLY C 487 -26.62 -45.90 1.48
N LYS C 488 -27.39 -46.66 0.70
CA LYS C 488 -27.99 -46.18 -0.52
C LYS C 488 -29.51 -46.24 -0.41
N ILE C 489 -30.18 -45.46 -1.26
CA ILE C 489 -31.64 -45.47 -1.32
C ILE C 489 -32.02 -46.43 -2.44
N SER C 490 -32.21 -47.70 -2.08
CA SER C 490 -32.51 -48.73 -3.07
C SER C 490 -33.91 -48.54 -3.63
N GLU C 491 -34.15 -49.16 -4.80
CA GLU C 491 -35.40 -48.93 -5.52
C GLU C 491 -36.62 -49.33 -4.69
N GLN C 492 -36.48 -50.36 -3.86
CA GLN C 492 -37.52 -50.68 -2.89
C GLN C 492 -37.79 -49.48 -1.99
N SER C 493 -36.76 -49.04 -1.25
CA SER C 493 -36.94 -47.89 -0.36
C SER C 493 -37.18 -46.60 -1.16
N ASP C 494 -36.68 -46.54 -2.40
CA ASP C 494 -37.03 -45.42 -3.26
C ASP C 494 -38.53 -45.30 -3.43
N ALA C 495 -39.18 -46.39 -3.86
CA ALA C 495 -40.64 -46.36 -4.00
C ALA C 495 -41.31 -46.14 -2.65
N LYS C 496 -40.73 -46.68 -1.58
CA LYS C 496 -41.35 -46.53 -0.27
C LYS C 496 -41.44 -45.05 0.11
N LEU C 497 -40.31 -44.34 0.10
CA LEU C 497 -40.39 -42.93 0.49
C LEU C 497 -41.09 -42.12 -0.59
N LYS C 498 -41.09 -42.59 -1.84
CA LYS C 498 -41.99 -42.06 -2.85
C LYS C 498 -43.41 -41.93 -2.32
N GLU C 499 -44.04 -43.07 -1.97
CA GLU C 499 -45.42 -43.00 -1.51
C GLU C 499 -45.53 -42.26 -0.19
N ILE C 500 -44.53 -42.38 0.69
CA ILE C 500 -44.62 -41.71 1.99
C ILE C 500 -44.70 -40.19 1.81
N VAL C 501 -43.83 -39.63 0.98
CA VAL C 501 -43.83 -38.18 0.79
C VAL C 501 -45.03 -37.75 -0.04
N THR C 502 -45.50 -38.60 -0.95
CA THR C 502 -46.70 -38.24 -1.70
C THR C 502 -47.92 -38.16 -0.79
N ASN C 503 -48.09 -39.17 0.07
CA ASN C 503 -49.16 -39.13 1.07
C ASN C 503 -49.06 -37.90 1.95
N PHE C 504 -47.85 -37.60 2.44
CA PHE C 504 -47.72 -36.46 3.34
C PHE C 504 -48.05 -35.15 2.64
N LEU C 505 -47.58 -34.98 1.40
CA LEU C 505 -47.91 -33.75 0.67
C LEU C 505 -49.40 -33.65 0.41
N ALA C 506 -50.07 -34.78 0.15
CA ALA C 506 -51.52 -34.76 0.04
C ALA C 506 -52.16 -34.31 1.36
N GLY C 507 -51.63 -34.78 2.49
CA GLY C 507 -52.18 -34.38 3.77
C GLY C 507 -51.78 -32.97 4.17
N PHE C 508 -50.66 -32.48 3.64
CA PHE C 508 -50.18 -31.15 3.98
C PHE C 508 -51.04 -30.06 3.36
N ALA D 12 40.61 25.09 2.28
CA ALA D 12 40.45 23.80 2.94
C ALA D 12 40.50 22.67 1.92
N THR D 13 41.35 21.68 2.18
CA THR D 13 41.50 20.53 1.31
C THR D 13 41.01 19.28 2.02
N GLY D 14 40.20 18.49 1.33
CA GLY D 14 39.70 17.26 1.88
C GLY D 14 40.08 16.08 1.02
N ARG D 15 39.62 14.89 1.39
CA ARG D 15 39.92 13.69 0.62
C ARG D 15 38.71 12.77 0.64
N ILE D 16 38.44 12.15 -0.49
CA ILE D 16 37.29 11.26 -0.63
C ILE D 16 37.49 10.07 0.30
N VAL D 17 36.48 9.77 1.11
CA VAL D 17 36.50 8.58 1.94
C VAL D 17 35.47 7.54 1.52
N ALA D 18 34.53 7.88 0.65
CA ALA D 18 33.53 6.92 0.20
C ALA D 18 32.88 7.41 -1.09
N VAL D 19 32.64 6.47 -2.01
CA VAL D 19 31.95 6.76 -3.26
C VAL D 19 30.89 5.69 -3.48
N ILE D 20 29.63 6.03 -3.28
CA ILE D 20 28.53 5.10 -3.50
C ILE D 20 27.58 5.75 -4.49
N GLY D 21 27.79 5.49 -5.77
CA GLY D 21 26.93 6.07 -6.79
C GLY D 21 27.21 7.55 -6.94
N ALA D 22 26.15 8.35 -6.86
CA ALA D 22 26.26 9.80 -6.95
C ALA D 22 26.44 10.46 -5.59
N VAL D 23 26.64 9.68 -4.54
CA VAL D 23 26.88 10.21 -3.20
C VAL D 23 28.35 9.99 -2.86
N VAL D 24 29.04 11.05 -2.45
CA VAL D 24 30.45 11.00 -2.13
C VAL D 24 30.64 11.59 -0.73
N ASP D 25 31.36 10.87 0.12
CA ASP D 25 31.73 11.38 1.45
C ASP D 25 33.15 11.91 1.40
N VAL D 26 33.35 13.11 1.92
CA VAL D 26 34.63 13.80 1.86
C VAL D 26 35.03 14.18 3.28
N GLN D 27 36.23 13.81 3.68
CA GLN D 27 36.73 14.12 5.02
C GLN D 27 37.71 15.28 4.95
N PHE D 28 37.53 16.26 5.81
CA PHE D 28 38.39 17.43 5.88
C PHE D 28 39.19 17.38 7.18
N ASP D 29 40.50 17.59 7.09
CA ASP D 29 41.29 17.61 8.31
C ASP D 29 41.36 18.98 8.95
N GLU D 30 40.84 20.01 8.28
CA GLU D 30 40.73 21.34 8.87
C GLU D 30 39.71 22.15 8.07
N GLY D 31 38.91 22.93 8.79
CA GLY D 31 37.98 23.84 8.14
C GLY D 31 36.85 23.14 7.41
N LEU D 32 35.97 22.48 8.14
CA LEU D 32 34.86 21.77 7.53
C LEU D 32 33.97 22.75 6.77
N PRO D 33 33.58 22.43 5.53
CA PRO D 33 32.75 23.35 4.77
C PRO D 33 31.30 23.30 5.23
N PRO D 34 30.61 24.44 5.21
CA PRO D 34 29.18 24.44 5.55
C PRO D 34 28.38 23.61 4.57
N ILE D 35 27.10 23.42 4.92
CA ILE D 35 26.19 22.72 4.02
C ILE D 35 25.83 23.64 2.86
N LEU D 36 25.65 23.04 1.68
CA LEU D 36 25.34 23.65 0.38
C LEU D 36 26.58 24.22 -0.28
N ASN D 37 27.77 24.07 0.28
CA ASN D 37 28.99 24.47 -0.39
C ASN D 37 29.35 23.52 -1.52
N ALA D 38 29.88 24.08 -2.59
CA ALA D 38 30.40 23.28 -3.69
C ALA D 38 31.85 22.92 -3.41
N LEU D 39 32.22 21.69 -3.74
CA LEU D 39 33.59 21.22 -3.62
C LEU D 39 34.08 20.86 -5.01
N GLU D 40 35.38 20.96 -5.21
CA GLU D 40 36.00 20.68 -6.51
C GLU D 40 36.88 19.45 -6.38
N VAL D 41 36.50 18.38 -7.07
CA VAL D 41 37.33 17.19 -7.09
C VAL D 41 38.54 17.44 -7.96
N GLN D 42 39.72 17.09 -7.45
CA GLN D 42 40.98 17.40 -8.10
C GLN D 42 41.44 16.26 -8.99
N GLY D 43 42.21 16.60 -10.01
CA GLY D 43 42.80 15.60 -10.87
C GLY D 43 41.84 14.93 -11.83
N ARG D 44 40.84 15.64 -12.32
CA ARG D 44 39.91 15.11 -13.30
C ARG D 44 39.99 15.91 -14.59
N GLU D 45 39.69 15.26 -15.71
CA GLU D 45 39.80 15.92 -17.00
C GLU D 45 38.62 16.86 -17.23
N THR D 46 37.49 16.60 -16.59
CA THR D 46 36.34 17.48 -16.62
C THR D 46 36.02 17.94 -15.21
N ARG D 47 35.42 19.12 -15.09
CA ARG D 47 35.08 19.68 -13.78
C ARG D 47 34.04 18.82 -13.08
N LEU D 48 34.38 18.28 -11.93
CA LEU D 48 33.44 17.55 -11.07
C LEU D 48 33.20 18.38 -9.82
N VAL D 49 31.93 18.66 -9.53
CA VAL D 49 31.55 19.49 -8.40
C VAL D 49 30.67 18.67 -7.47
N LEU D 50 30.99 18.70 -6.18
CA LEU D 50 30.21 18.04 -5.15
C LEU D 50 29.58 19.11 -4.27
N GLU D 51 28.29 18.96 -3.97
CA GLU D 51 27.60 19.89 -3.09
C GLU D 51 27.37 19.24 -1.74
N VAL D 52 27.78 19.93 -0.68
CA VAL D 52 27.67 19.38 0.68
C VAL D 52 26.20 19.25 1.05
N ALA D 53 25.83 18.09 1.59
CA ALA D 53 24.47 17.82 2.02
C ALA D 53 24.33 17.67 3.52
N GLN D 54 25.25 16.99 4.19
CA GLN D 54 25.19 16.76 5.62
C GLN D 54 26.59 16.81 6.20
N HIS D 55 26.67 17.11 7.50
CA HIS D 55 27.87 16.90 8.28
C HIS D 55 27.68 15.61 9.07
N LEU D 56 28.44 14.58 8.72
CA LEU D 56 28.25 13.27 9.30
C LEU D 56 28.93 13.11 10.66
N GLY D 57 29.74 14.07 11.07
CA GLY D 57 30.57 13.91 12.24
C GLY D 57 31.92 13.33 11.87
N GLU D 58 32.87 13.49 12.79
CA GLU D 58 34.25 13.06 12.59
C GLU D 58 34.86 13.73 11.37
N SER D 59 34.56 15.01 11.20
CA SER D 59 35.12 15.86 10.15
C SER D 59 34.76 15.38 8.76
N THR D 60 33.72 14.57 8.63
CA THR D 60 33.29 14.06 7.34
C THR D 60 31.99 14.73 6.94
N VAL D 61 31.90 15.13 5.67
CA VAL D 61 30.66 15.64 5.09
C VAL D 61 30.20 14.65 4.03
N ARG D 62 28.90 14.56 3.84
CA ARG D 62 28.33 13.78 2.76
C ARG D 62 27.85 14.73 1.68
N THR D 63 28.20 14.42 0.43
CA THR D 63 27.94 15.30 -0.69
C THR D 63 27.17 14.55 -1.76
N ILE D 64 26.56 15.30 -2.67
CA ILE D 64 25.96 14.74 -3.87
C ILE D 64 26.74 15.28 -5.06
N ALA D 65 27.03 14.41 -6.01
CA ALA D 65 27.81 14.80 -7.19
C ALA D 65 26.93 15.50 -8.21
N MET D 66 27.51 16.45 -8.92
CA MET D 66 26.84 17.11 -10.03
C MET D 66 27.12 16.44 -11.37
N ASP D 67 28.09 15.52 -11.42
CA ASP D 67 28.40 14.77 -12.62
C ASP D 67 28.68 13.33 -12.22
N GLY D 68 29.10 12.52 -13.19
CA GLY D 68 29.37 11.12 -12.89
C GLY D 68 30.56 10.96 -11.96
N THR D 69 30.53 9.90 -11.17
CA THR D 69 31.55 9.63 -10.17
C THR D 69 32.46 8.48 -10.56
N GLU D 70 32.37 7.97 -11.78
CA GLU D 70 33.26 6.90 -12.18
C GLU D 70 34.69 7.38 -12.19
N GLY D 71 35.60 6.50 -11.81
CA GLY D 71 37.01 6.85 -11.75
C GLY D 71 37.44 7.57 -10.50
N LEU D 72 36.55 7.73 -9.53
CA LEU D 72 36.93 8.39 -8.28
C LEU D 72 37.64 7.40 -7.37
N VAL D 73 38.70 7.86 -6.71
CA VAL D 73 39.51 7.04 -5.83
C VAL D 73 39.38 7.55 -4.41
N ARG D 74 39.30 6.63 -3.45
CA ARG D 74 39.32 7.02 -2.05
C ARG D 74 40.67 7.63 -1.71
N GLY D 75 40.64 8.81 -1.11
CA GLY D 75 41.85 9.57 -0.86
C GLY D 75 42.13 10.66 -1.86
N GLN D 76 41.40 10.70 -2.97
CA GLN D 76 41.60 11.74 -3.96
C GLN D 76 41.26 13.11 -3.37
N LYS D 77 42.09 14.10 -3.67
CA LYS D 77 41.97 15.40 -3.02
C LYS D 77 40.76 16.16 -3.53
N VAL D 78 40.12 16.88 -2.63
CA VAL D 78 38.91 17.64 -2.91
C VAL D 78 39.10 19.03 -2.32
N LEU D 79 38.84 20.06 -3.11
CA LEU D 79 39.03 21.44 -2.67
C LEU D 79 37.71 22.07 -2.29
N ASP D 80 37.71 22.84 -1.20
CA ASP D 80 36.53 23.59 -0.82
C ASP D 80 36.47 24.91 -1.59
N SER D 81 35.34 25.17 -2.23
CA SER D 81 35.19 26.39 -3.00
C SER D 81 35.00 27.62 -2.12
N GLY D 82 34.44 27.45 -0.93
CA GLY D 82 34.21 28.58 -0.03
C GLY D 82 32.84 29.22 -0.16
N ALA D 83 32.03 28.78 -1.11
CA ALA D 83 30.68 29.30 -1.29
C ALA D 83 29.85 28.21 -1.96
N PRO D 84 28.54 28.39 -2.05
CA PRO D 84 27.74 27.49 -2.89
C PRO D 84 28.16 27.56 -4.35
N ILE D 85 27.52 26.75 -5.19
CA ILE D 85 27.80 26.79 -6.62
C ILE D 85 27.59 28.21 -7.12
N LYS D 86 28.61 28.77 -7.76
CA LYS D 86 28.56 30.14 -8.28
C LYS D 86 28.53 30.08 -9.80
N ILE D 87 27.61 30.82 -10.40
CA ILE D 87 27.44 30.83 -11.84
C ILE D 87 27.62 32.25 -12.37
N PRO D 88 28.09 32.42 -13.60
CA PRO D 88 28.15 33.76 -14.19
C PRO D 88 26.76 34.34 -14.39
N VAL D 89 26.56 35.56 -13.89
CA VAL D 89 25.29 36.26 -14.04
C VAL D 89 25.57 37.60 -14.70
N GLY D 90 24.75 37.95 -15.68
CA GLY D 90 24.90 39.21 -16.36
C GLY D 90 24.24 39.20 -17.73
N PRO D 91 24.31 40.32 -18.44
CA PRO D 91 23.78 40.35 -19.80
C PRO D 91 24.58 39.49 -20.76
N GLU D 92 25.77 39.03 -20.36
CA GLU D 92 26.58 38.16 -21.20
C GLU D 92 26.09 36.73 -21.19
N THR D 93 25.16 36.37 -20.30
CA THR D 93 24.57 35.04 -20.33
C THR D 93 23.43 34.93 -21.32
N LEU D 94 22.96 36.05 -21.87
CA LEU D 94 21.84 36.03 -22.79
C LEU D 94 22.26 35.45 -24.13
N GLY D 95 21.46 34.52 -24.64
CA GLY D 95 21.78 33.80 -25.85
C GLY D 95 22.74 32.65 -25.67
N ARG D 96 23.31 32.47 -24.49
CA ARG D 96 24.23 31.38 -24.23
C ARG D 96 23.50 30.22 -23.55
N ILE D 97 24.16 29.07 -23.52
CA ILE D 97 23.69 27.91 -22.77
C ILE D 97 24.74 27.57 -21.72
N MET D 98 24.30 27.40 -20.48
CA MET D 98 25.15 26.95 -19.41
C MET D 98 24.48 25.79 -18.70
N ASN D 99 25.27 24.95 -18.06
CA ASN D 99 24.73 23.83 -17.31
C ASN D 99 24.55 24.25 -15.85
N VAL D 100 24.33 23.28 -14.96
CA VAL D 100 23.94 23.59 -13.59
C VAL D 100 25.04 24.33 -12.84
N ILE D 101 26.30 24.09 -13.19
CA ILE D 101 27.41 24.72 -12.50
C ILE D 101 27.95 25.93 -13.25
N GLY D 102 27.23 26.40 -14.26
CA GLY D 102 27.54 27.66 -14.90
C GLY D 102 28.57 27.62 -15.99
N GLU D 103 28.93 26.47 -16.47
CA GLU D 103 29.90 26.54 -17.55
C GLU D 103 29.21 26.40 -18.90
N PRO D 104 29.75 27.01 -19.95
CA PRO D 104 29.06 27.02 -21.25
C PRO D 104 29.03 25.63 -21.88
N ILE D 105 27.87 25.25 -22.40
CA ILE D 105 27.71 23.98 -23.08
C ILE D 105 27.28 24.16 -24.53
N ASP D 106 27.52 25.33 -25.10
CA ASP D 106 27.22 25.58 -26.51
C ASP D 106 28.46 25.76 -27.36
N GLU D 107 29.65 25.64 -26.77
CA GLU D 107 30.92 25.67 -27.49
C GLU D 107 31.14 27.00 -28.20
N ARG D 108 30.72 28.10 -27.57
CA ARG D 108 30.91 29.44 -28.12
C ARG D 108 31.92 30.25 -27.32
N GLY D 109 32.65 29.61 -26.41
CA GLY D 109 33.63 30.30 -25.61
C GLY D 109 33.15 30.54 -24.21
N PRO D 110 34.00 31.15 -23.38
CA PRO D 110 33.62 31.41 -21.99
C PRO D 110 32.57 32.50 -21.90
N ILE D 111 31.81 32.48 -20.80
CA ILE D 111 30.80 33.49 -20.53
C ILE D 111 31.48 34.56 -19.68
N LYS D 112 31.73 35.72 -20.29
CA LYS D 112 32.61 36.72 -19.70
C LYS D 112 31.80 37.78 -18.95
N THR D 113 31.13 37.33 -17.90
CA THR D 113 30.46 38.28 -17.03
C THR D 113 31.45 38.85 -16.03
N LYS D 114 31.03 39.90 -15.33
CA LYS D 114 31.92 40.52 -14.36
C LYS D 114 31.75 39.96 -12.96
N GLN D 115 30.61 39.37 -12.65
CA GLN D 115 30.34 38.89 -11.30
C GLN D 115 29.67 37.54 -11.38
N PHE D 116 29.69 36.84 -10.25
CA PHE D 116 29.13 35.50 -10.11
C PHE D 116 28.21 35.49 -8.90
N ALA D 117 27.14 34.70 -9.00
CA ALA D 117 26.18 34.66 -7.92
C ALA D 117 25.98 33.23 -7.43
N PRO D 118 25.85 33.01 -6.13
CA PRO D 118 25.58 31.66 -5.63
C PRO D 118 24.15 31.24 -5.91
N ILE D 119 23.98 29.99 -6.32
CA ILE D 119 22.67 29.51 -6.71
C ILE D 119 21.76 29.24 -5.53
N HIS D 120 22.27 29.31 -4.31
CA HIS D 120 21.47 29.14 -3.11
C HIS D 120 21.33 30.50 -2.43
N ALA D 121 20.09 30.98 -2.35
CA ALA D 121 19.83 32.28 -1.76
C ALA D 121 18.50 32.22 -1.03
N GLU D 122 18.39 33.00 0.03
CA GLU D 122 17.12 33.10 0.73
C GLU D 122 16.13 33.92 -0.07
N ALA D 123 14.86 33.59 0.08
CA ALA D 123 13.81 34.35 -0.59
C ALA D 123 13.79 35.78 -0.07
N PRO D 124 13.18 36.70 -0.83
CA PRO D 124 13.07 38.08 -0.35
C PRO D 124 12.36 38.15 0.99
N GLU D 125 12.76 39.12 1.81
CA GLU D 125 12.20 39.28 3.13
C GLU D 125 10.74 39.73 3.06
N PHE D 126 10.15 39.88 4.24
CA PHE D 126 8.73 40.24 4.30
C PHE D 126 8.50 41.67 3.82
N MET D 127 9.38 42.59 4.18
CA MET D 127 9.17 43.99 3.84
C MET D 127 9.60 44.33 2.41
N GLU D 128 10.14 43.38 1.67
CA GLU D 128 10.48 43.59 0.27
C GLU D 128 9.36 43.17 -0.67
N MET D 129 8.25 42.67 -0.14
CA MET D 129 7.17 42.13 -0.94
C MET D 129 6.25 43.25 -1.41
N SER D 130 5.71 43.08 -2.61
CA SER D 130 4.70 44.00 -3.11
C SER D 130 3.36 43.66 -2.47
N VAL D 131 2.62 44.68 -2.07
CA VAL D 131 1.44 44.47 -1.23
C VAL D 131 0.14 44.44 -2.01
N GLU D 132 0.17 44.70 -3.32
CA GLU D 132 -1.02 44.50 -4.14
C GLU D 132 -0.58 43.92 -5.48
N GLN D 133 -1.44 43.06 -6.03
CA GLN D 133 -1.11 42.31 -7.23
C GLN D 133 -1.41 43.13 -8.48
N GLU D 134 -0.47 43.18 -9.40
CA GLU D 134 -0.67 43.80 -10.70
C GLU D 134 -0.61 42.74 -11.78
N ILE D 135 -1.07 43.11 -12.95
CA ILE D 135 -1.16 42.20 -14.09
C ILE D 135 0.10 42.34 -14.93
N LEU D 136 0.53 41.24 -15.52
CA LEU D 136 1.64 41.24 -16.47
C LEU D 136 1.04 41.08 -17.86
N VAL D 137 1.04 42.17 -18.63
CA VAL D 137 0.44 42.15 -19.96
C VAL D 137 1.41 41.47 -20.92
N THR D 138 0.94 40.43 -21.59
CA THR D 138 1.77 39.66 -22.50
C THR D 138 1.52 40.01 -23.97
N GLY D 139 0.49 40.79 -24.25
CA GLY D 139 0.12 41.06 -25.63
C GLY D 139 -0.59 39.93 -26.33
N ILE D 140 -0.85 38.82 -25.63
CA ILE D 140 -1.63 37.71 -26.17
C ILE D 140 -3.06 37.90 -25.70
N LYS D 141 -4.00 37.80 -26.63
CA LYS D 141 -5.37 38.20 -26.34
C LYS D 141 -6.04 37.25 -25.36
N VAL D 142 -5.98 35.95 -25.65
CA VAL D 142 -6.69 34.98 -24.82
C VAL D 142 -6.10 34.95 -23.41
N VAL D 143 -4.77 35.04 -23.31
CA VAL D 143 -4.12 35.03 -22.00
C VAL D 143 -4.48 36.29 -21.22
N ASP D 144 -4.20 37.45 -21.81
CA ASP D 144 -4.44 38.71 -21.11
C ASP D 144 -5.90 38.88 -20.72
N LEU D 145 -6.82 38.39 -21.52
CA LEU D 145 -8.23 38.56 -21.21
C LEU D 145 -8.73 37.53 -20.19
N LEU D 146 -8.66 36.25 -20.54
CA LEU D 146 -9.41 35.26 -19.78
C LEU D 146 -8.66 34.73 -18.56
N ALA D 147 -7.35 34.55 -18.67
CA ALA D 147 -6.54 34.01 -17.58
C ALA D 147 -5.26 34.82 -17.45
N PRO D 148 -5.36 36.06 -17.01
CA PRO D 148 -4.18 36.94 -17.02
C PRO D 148 -3.09 36.45 -16.08
N TYR D 149 -1.86 36.87 -16.39
CA TYR D 149 -0.70 36.53 -15.58
C TYR D 149 -0.44 37.66 -14.59
N ALA D 150 -0.02 37.30 -13.39
CA ALA D 150 0.36 38.31 -12.40
C ALA D 150 1.87 38.47 -12.39
N LYS D 151 2.34 39.69 -12.17
CA LYS D 151 3.76 39.92 -11.98
C LYS D 151 4.24 39.21 -10.74
N GLY D 152 5.37 38.50 -10.86
CA GLY D 152 5.86 37.74 -9.74
C GLY D 152 5.01 36.54 -9.40
N GLY D 153 4.20 36.06 -10.33
CA GLY D 153 3.39 34.89 -10.12
C GLY D 153 3.94 33.68 -10.83
N LYS D 154 3.33 32.54 -10.55
CA LYS D 154 3.69 31.27 -11.16
C LYS D 154 2.54 30.80 -12.02
N ILE D 155 2.85 30.40 -13.25
CA ILE D 155 1.85 30.00 -14.22
C ILE D 155 2.11 28.55 -14.61
N GLY D 156 1.07 27.73 -14.53
CA GLY D 156 1.19 26.36 -14.98
C GLY D 156 0.85 26.22 -16.45
N LEU D 157 1.79 25.73 -17.24
CA LEU D 157 1.58 25.53 -18.67
C LEU D 157 1.25 24.06 -18.91
N PHE D 158 -0.01 23.77 -19.17
CA PHE D 158 -0.47 22.42 -19.46
C PHE D 158 -0.50 22.19 -20.96
N GLY D 159 -0.35 20.93 -21.35
CA GLY D 159 -0.27 20.57 -22.74
C GLY D 159 1.16 20.49 -23.23
N GLY D 160 1.48 19.43 -23.96
CA GLY D 160 2.86 19.19 -24.36
C GLY D 160 3.15 19.37 -25.85
N ALA D 161 3.25 18.26 -26.57
CA ALA D 161 3.68 18.29 -27.96
C ALA D 161 2.50 18.41 -28.90
N GLY D 162 2.69 19.21 -29.96
CA GLY D 162 1.71 19.38 -31.00
C GLY D 162 0.73 20.50 -30.78
N VAL D 163 0.85 21.25 -29.69
CA VAL D 163 -0.05 22.35 -29.39
C VAL D 163 0.67 23.69 -29.40
N GLY D 164 1.87 23.74 -29.95
CA GLY D 164 2.61 24.99 -30.04
C GLY D 164 3.11 25.51 -28.71
N LYS D 165 3.66 24.63 -27.87
CA LYS D 165 4.19 25.09 -26.60
C LYS D 165 5.43 25.95 -26.79
N THR D 166 6.32 25.54 -27.70
CA THR D 166 7.54 26.29 -27.93
C THR D 166 7.26 27.64 -28.59
N VAL D 167 6.27 27.68 -29.49
CA VAL D 167 5.91 28.94 -30.14
C VAL D 167 5.37 29.92 -29.10
N LEU D 168 4.54 29.43 -28.17
CA LEU D 168 4.02 30.30 -27.12
C LEU D 168 5.13 30.76 -26.19
N ILE D 169 6.07 29.88 -25.87
CA ILE D 169 7.20 30.25 -25.02
C ILE D 169 8.01 31.36 -25.69
N MET D 170 8.37 31.18 -26.95
CA MET D 170 9.18 32.17 -27.65
C MET D 170 8.42 33.47 -27.83
N GLU D 171 7.11 33.40 -28.01
CA GLU D 171 6.32 34.61 -28.15
C GLU D 171 6.22 35.36 -26.84
N LEU D 172 6.11 34.64 -25.72
CA LEU D 172 6.15 35.30 -24.42
C LEU D 172 7.50 35.99 -24.20
N ILE D 173 8.58 35.32 -24.59
CA ILE D 173 9.91 35.94 -24.49
C ILE D 173 9.96 37.22 -25.29
N ASN D 174 9.55 37.15 -26.56
CA ASN D 174 9.59 38.32 -27.44
C ASN D 174 8.71 39.45 -26.92
N ASN D 175 7.51 39.12 -26.46
CA ASN D 175 6.56 40.14 -26.06
C ASN D 175 6.95 40.79 -24.73
N VAL D 176 7.51 40.03 -23.80
CA VAL D 176 7.97 40.66 -22.57
C VAL D 176 9.24 41.47 -22.82
N ALA D 177 10.04 41.08 -23.81
CA ALA D 177 11.21 41.91 -24.15
C ALA D 177 10.78 43.22 -24.79
N LYS D 178 9.76 43.19 -25.64
CA LYS D 178 9.32 44.41 -26.31
C LYS D 178 8.50 45.31 -25.37
N ALA D 179 7.47 44.75 -24.74
CA ALA D 179 6.53 45.57 -23.98
C ALA D 179 7.14 46.06 -22.68
N HIS D 180 7.89 45.21 -21.99
CA HIS D 180 8.38 45.53 -20.66
C HIS D 180 9.88 45.75 -20.60
N GLY D 181 10.63 45.37 -21.63
CA GLY D 181 12.07 45.45 -21.55
C GLY D 181 12.72 44.45 -20.64
N GLY D 182 12.01 43.41 -20.24
CA GLY D 182 12.55 42.41 -19.33
C GLY D 182 12.99 41.16 -20.07
N TYR D 183 14.18 40.68 -19.73
CA TYR D 183 14.74 39.50 -20.35
C TYR D 183 14.06 38.25 -19.81
N SER D 184 14.46 37.10 -20.36
CA SER D 184 13.91 35.82 -19.95
C SER D 184 15.03 34.85 -19.64
N VAL D 185 14.70 33.81 -18.89
CA VAL D 185 15.60 32.72 -18.58
C VAL D 185 14.82 31.44 -18.80
N PHE D 186 15.40 30.49 -19.49
CA PHE D 186 14.79 29.18 -19.71
C PHE D 186 15.64 28.14 -18.98
N ALA D 187 15.01 27.39 -18.08
CA ALA D 187 15.70 26.34 -17.35
C ALA D 187 15.17 25.00 -17.84
N GLY D 188 16.02 24.25 -18.51
CA GLY D 188 15.70 22.91 -18.96
C GLY D 188 15.91 21.85 -17.91
N VAL D 189 15.00 21.75 -16.95
CA VAL D 189 15.12 20.78 -15.86
C VAL D 189 14.84 19.39 -16.40
N GLY D 190 15.86 18.55 -16.47
CA GLY D 190 15.69 17.21 -16.96
C GLY D 190 15.34 17.20 -18.43
N GLU D 191 16.07 17.97 -19.22
CA GLU D 191 15.76 18.19 -20.62
C GLU D 191 16.27 17.03 -21.47
N ARG D 192 15.48 16.61 -22.44
CA ARG D 192 15.98 15.74 -23.48
C ARG D 192 16.98 16.50 -24.35
N THR D 193 18.13 15.88 -24.61
CA THR D 193 19.16 16.57 -25.38
C THR D 193 18.73 16.85 -26.80
N ARG D 194 17.94 15.95 -27.40
CA ARG D 194 17.41 16.18 -28.73
C ARG D 194 16.46 17.37 -28.74
N GLU D 195 15.55 17.43 -27.77
CA GLU D 195 14.62 18.55 -27.71
C GLU D 195 15.31 19.83 -27.25
N GLY D 196 16.41 19.73 -26.50
CA GLY D 196 17.17 20.92 -26.18
C GLY D 196 17.87 21.50 -27.38
N ASN D 197 18.45 20.64 -28.22
CA ASN D 197 19.00 21.10 -29.49
C ASN D 197 17.92 21.71 -30.38
N ASP D 198 16.75 21.05 -30.44
CA ASP D 198 15.65 21.59 -31.21
C ASP D 198 15.23 22.96 -30.71
N LEU D 199 15.10 23.13 -29.40
CA LEU D 199 14.70 24.41 -28.85
C LEU D 199 15.74 25.49 -29.13
N TYR D 200 17.02 25.15 -28.97
CA TYR D 200 18.08 26.09 -29.29
C TYR D 200 17.97 26.57 -30.73
N HIS D 201 17.70 25.67 -31.65
CA HIS D 201 17.67 26.09 -33.05
C HIS D 201 16.37 26.79 -33.44
N GLU D 202 15.24 26.43 -32.83
CA GLU D 202 14.03 27.24 -33.04
C GLU D 202 14.18 28.63 -32.45
N MET D 203 14.91 28.77 -31.35
CA MET D 203 15.14 30.10 -30.79
C MET D 203 16.12 30.89 -31.64
N ILE D 204 17.06 30.23 -32.29
CA ILE D 204 17.96 30.92 -33.19
C ILE D 204 17.21 31.38 -34.43
N GLU D 205 16.34 30.54 -34.98
CA GLU D 205 15.65 30.89 -36.21
C GLU D 205 14.52 31.89 -36.00
N SER D 206 14.00 32.03 -34.78
CA SER D 206 12.97 33.02 -34.53
C SER D 206 13.53 34.33 -34.01
N GLY D 207 14.85 34.50 -34.03
CA GLY D 207 15.47 35.75 -33.64
C GLY D 207 15.57 36.00 -32.16
N VAL D 208 14.94 35.17 -31.33
CA VAL D 208 15.02 35.35 -29.88
C VAL D 208 16.45 35.19 -29.40
N ILE D 209 17.19 34.24 -29.97
CA ILE D 209 18.62 34.12 -29.74
C ILE D 209 19.34 34.65 -30.96
N ASN D 210 20.36 35.47 -30.74
CA ASN D 210 21.15 36.06 -31.82
C ASN D 210 22.61 35.73 -31.58
N LEU D 211 23.20 34.95 -32.48
CA LEU D 211 24.58 34.51 -32.33
C LEU D 211 25.59 35.54 -32.83
N LYS D 212 25.16 36.68 -33.34
CA LYS D 212 26.05 37.63 -33.98
C LYS D 212 26.16 38.96 -33.26
N ASP D 213 25.09 39.43 -32.62
CA ASP D 213 25.15 40.66 -31.84
C ASP D 213 24.50 40.40 -30.49
N ALA D 214 24.48 41.40 -29.63
CA ALA D 214 24.03 41.26 -28.26
C ALA D 214 22.54 41.50 -28.09
N THR D 215 21.75 41.27 -29.13
CA THR D 215 20.30 41.44 -29.04
C THR D 215 19.57 40.16 -28.65
N SER D 216 20.25 39.22 -28.00
CA SER D 216 19.59 38.01 -27.52
C SER D 216 18.67 38.34 -26.36
N LYS D 217 17.50 37.71 -26.33
CA LYS D 217 16.49 38.02 -25.33
C LYS D 217 16.38 36.99 -24.21
N VAL D 218 16.90 35.79 -24.38
CA VAL D 218 16.72 34.70 -23.43
C VAL D 218 18.08 34.10 -23.09
N ALA D 219 18.20 33.62 -21.86
CA ALA D 219 19.35 32.83 -21.42
C ALA D 219 18.89 31.41 -21.18
N LEU D 220 19.69 30.44 -21.62
CA LEU D 220 19.33 29.04 -21.47
C LEU D 220 20.19 28.37 -20.42
N VAL D 221 19.56 27.57 -19.58
CA VAL D 221 20.24 26.74 -18.59
C VAL D 221 19.69 25.33 -18.76
N TYR D 222 20.57 24.38 -19.07
CA TYR D 222 20.15 23.03 -19.44
C TYR D 222 20.66 22.05 -18.40
N GLY D 223 19.74 21.35 -17.75
CA GLY D 223 20.09 20.18 -16.97
C GLY D 223 19.59 18.94 -17.69
N GLN D 224 20.47 18.20 -18.34
CA GLN D 224 20.06 17.14 -19.24
C GLN D 224 19.49 15.95 -18.45
N MET D 225 18.82 15.06 -19.19
CA MET D 225 18.24 13.88 -18.57
C MET D 225 19.28 12.87 -18.16
N ASN D 226 20.46 12.89 -18.79
CA ASN D 226 21.50 11.94 -18.47
C ASN D 226 22.48 12.46 -17.43
N GLU D 227 22.11 13.43 -16.68
CA GLU D 227 22.89 13.96 -15.58
C GLU D 227 22.38 13.40 -14.26
N PRO D 228 23.23 13.32 -13.24
CA PRO D 228 22.81 12.74 -11.96
C PRO D 228 21.72 13.59 -11.32
N PRO D 229 20.96 13.02 -10.38
CA PRO D 229 19.80 13.75 -9.84
C PRO D 229 20.14 15.05 -9.14
N GLY D 230 21.37 15.23 -8.65
CA GLY D 230 21.72 16.50 -8.05
C GLY D 230 21.73 17.64 -9.05
N ALA D 231 22.31 17.41 -10.23
CA ALA D 231 22.31 18.43 -11.26
C ALA D 231 20.89 18.79 -11.68
N ARG D 232 20.03 17.79 -11.82
CA ARG D 232 18.66 18.05 -12.20
C ARG D 232 17.87 18.72 -11.08
N ALA D 233 18.31 18.55 -9.84
CA ALA D 233 17.65 19.22 -8.73
C ALA D 233 18.14 20.64 -8.54
N ARG D 234 19.31 20.99 -9.07
CA ARG D 234 19.85 22.34 -8.91
C ARG D 234 19.78 23.21 -10.16
N VAL D 235 19.43 22.66 -11.32
CA VAL D 235 19.39 23.48 -12.53
C VAL D 235 18.31 24.56 -12.43
N ALA D 236 17.20 24.26 -11.76
CA ALA D 236 16.17 25.27 -11.56
C ALA D 236 16.69 26.42 -10.73
N LEU D 237 17.50 26.14 -9.73
CA LEU D 237 18.13 27.19 -8.94
C LEU D 237 19.13 27.99 -9.76
N THR D 238 19.85 27.34 -10.67
CA THR D 238 20.77 28.07 -11.55
C THR D 238 20.02 29.08 -12.41
N GLY D 239 18.95 28.62 -13.07
CA GLY D 239 18.14 29.53 -13.86
C GLY D 239 17.52 30.63 -13.02
N LEU D 240 17.04 30.28 -11.84
CA LEU D 240 16.45 31.26 -10.94
C LEU D 240 17.48 32.29 -10.49
N THR D 241 18.75 31.89 -10.39
CA THR D 241 19.81 32.81 -10.00
C THR D 241 20.09 33.81 -11.10
N VAL D 242 20.11 33.34 -12.36
CA VAL D 242 20.26 34.28 -13.47
C VAL D 242 19.11 35.29 -13.48
N ALA D 243 17.88 34.79 -13.33
CA ALA D 243 16.73 35.68 -13.33
C ALA D 243 16.75 36.63 -12.14
N GLU D 244 17.24 36.14 -11.00
CA GLU D 244 17.34 37.00 -9.80
C GLU D 244 18.31 38.15 -10.11
N TYR D 245 19.44 37.86 -10.77
CA TYR D 245 20.32 38.94 -11.15
C TYR D 245 19.58 39.97 -11.99
N PHE D 246 18.86 39.50 -13.02
CA PHE D 246 18.19 40.46 -13.90
C PHE D 246 17.15 41.27 -13.17
N ARG D 247 16.56 40.73 -12.11
CA ARG D 247 15.56 41.49 -11.36
C ARG D 247 16.20 42.46 -10.37
N ASP D 248 17.13 41.98 -9.56
CA ASP D 248 17.64 42.75 -8.43
C ASP D 248 18.69 43.78 -8.83
N GLN D 249 19.41 43.57 -9.93
CA GLN D 249 20.45 44.48 -10.34
C GLN D 249 20.03 45.41 -11.47
N GLU D 250 19.00 45.05 -12.23
CA GLU D 250 18.54 45.85 -13.34
C GLU D 250 17.06 46.20 -13.25
N GLY D 251 16.41 45.90 -12.13
CA GLY D 251 15.03 46.31 -11.90
C GLY D 251 14.06 45.94 -13.00
N GLN D 252 14.24 44.77 -13.61
CA GLN D 252 13.40 44.36 -14.73
C GLN D 252 12.26 43.49 -14.25
N ASP D 253 11.32 43.24 -15.16
CA ASP D 253 10.27 42.24 -14.97
C ASP D 253 10.69 41.02 -15.79
N VAL D 254 11.28 40.05 -15.12
CA VAL D 254 11.92 38.93 -15.80
C VAL D 254 10.92 37.79 -15.96
N LEU D 255 11.07 37.06 -17.07
CA LEU D 255 10.38 35.80 -17.26
C LEU D 255 11.34 34.65 -16.99
N LEU D 256 10.85 33.62 -16.31
CA LEU D 256 11.64 32.43 -16.03
C LEU D 256 10.81 31.23 -16.42
N PHE D 257 11.34 30.41 -17.33
CA PHE D 257 10.65 29.19 -17.73
C PHE D 257 11.30 28.00 -17.07
N ILE D 258 10.48 27.17 -16.44
CA ILE D 258 10.94 25.94 -15.81
C ILE D 258 10.21 24.81 -16.53
N ASP D 259 10.91 24.14 -17.42
CA ASP D 259 10.39 22.99 -18.17
C ASP D 259 11.35 21.84 -17.90
N ASN D 260 10.95 20.86 -17.10
CA ASN D 260 9.61 20.71 -16.54
C ASN D 260 9.70 20.87 -15.01
N ILE D 261 8.58 21.14 -14.35
CA ILE D 261 8.63 21.29 -12.89
C ILE D 261 8.44 19.94 -12.20
N PHE D 262 7.69 19.03 -12.84
CA PHE D 262 7.60 17.68 -12.29
C PHE D 262 8.96 17.01 -12.27
N ARG D 263 9.83 17.32 -13.22
CA ARG D 263 11.15 16.72 -13.22
C ARG D 263 12.01 17.32 -12.12
N PHE D 264 11.76 18.57 -11.76
CA PHE D 264 12.42 19.16 -10.60
C PHE D 264 12.03 18.41 -9.33
N THR D 265 10.72 18.14 -9.18
CA THR D 265 10.27 17.34 -8.04
C THR D 265 10.85 15.94 -8.06
N GLN D 266 10.89 15.32 -9.24
CA GLN D 266 11.41 13.97 -9.39
C GLN D 266 12.88 13.88 -9.04
N ALA D 267 13.66 14.87 -9.46
CA ALA D 267 15.08 14.89 -9.13
C ALA D 267 15.29 15.11 -7.64
N GLY D 268 14.47 15.95 -7.01
CA GLY D 268 14.57 16.11 -5.58
C GLY D 268 14.25 14.82 -4.84
N SER D 269 13.24 14.09 -5.32
CA SER D 269 12.90 12.80 -4.75
C SER D 269 14.04 11.80 -4.89
N GLU D 270 14.68 11.77 -6.04
CA GLU D 270 15.79 10.86 -6.27
C GLU D 270 16.99 11.21 -5.40
N VAL D 271 17.29 12.50 -5.26
CA VAL D 271 18.39 12.93 -4.40
C VAL D 271 18.11 12.55 -2.96
N SER D 272 16.87 12.75 -2.51
CA SER D 272 16.54 12.43 -1.13
C SER D 272 16.61 10.94 -0.87
N ALA D 273 16.20 10.13 -1.85
CA ALA D 273 16.33 8.69 -1.70
C ALA D 273 17.79 8.26 -1.68
N LEU D 274 18.64 8.92 -2.46
CA LEU D 274 20.06 8.58 -2.46
C LEU D 274 20.71 8.88 -1.11
N LEU D 275 20.24 9.91 -0.42
CA LEU D 275 20.77 10.27 0.88
C LEU D 275 20.23 9.42 2.01
N GLY D 276 19.46 8.39 1.71
CA GLY D 276 18.98 7.47 2.71
C GLY D 276 17.75 7.92 3.46
N ARG D 277 17.13 9.02 3.06
CA ARG D 277 15.98 9.53 3.79
C ARG D 277 14.74 8.69 3.49
N ILE D 278 13.91 8.52 4.52
CA ILE D 278 12.68 7.69 4.38
C ILE D 278 11.68 8.41 3.48
N PRO D 279 11.27 7.77 2.36
CA PRO D 279 10.30 8.38 1.46
C PRO D 279 8.98 8.71 2.18
N SER D 280 8.28 9.72 1.70
CA SER D 280 6.97 10.07 2.30
C SER D 280 5.88 9.35 1.52
N ALA D 281 4.73 9.99 1.35
CA ALA D 281 3.59 9.35 0.68
C ALA D 281 3.83 9.26 -0.83
N VAL D 282 3.55 8.10 -1.44
CA VAL D 282 3.68 7.89 -2.91
C VAL D 282 5.17 7.88 -3.30
N GLY D 283 6.07 7.88 -2.33
CA GLY D 283 7.51 7.75 -2.62
C GLY D 283 8.25 9.06 -2.78
N TYR D 284 7.63 10.18 -2.42
CA TYR D 284 8.25 11.52 -2.64
C TYR D 284 9.16 11.84 -1.45
N GLN D 285 10.10 12.77 -1.61
CA GLN D 285 10.97 13.09 -0.49
C GLN D 285 10.13 13.60 0.68
N PRO D 286 10.55 13.36 1.92
CA PRO D 286 9.84 13.96 3.05
C PRO D 286 9.86 15.48 3.01
N THR D 287 10.84 16.07 2.33
CA THR D 287 11.01 17.51 2.23
C THR D 287 10.38 18.09 0.98
N LEU D 288 9.34 17.47 0.44
CA LEU D 288 8.78 17.87 -0.84
C LEU D 288 8.27 19.30 -0.80
N ALA D 289 7.44 19.62 0.21
CA ALA D 289 6.86 20.95 0.29
C ALA D 289 7.91 22.01 0.56
N THR D 290 8.92 21.70 1.37
CA THR D 290 9.93 22.70 1.66
C THR D 290 10.92 22.89 0.52
N ASP D 291 11.24 21.84 -0.24
CA ASP D 291 12.03 22.01 -1.45
C ASP D 291 11.31 22.88 -2.46
N MET D 292 10.06 22.53 -2.74
CA MET D 292 9.25 23.35 -3.65
C MET D 292 9.16 24.78 -3.14
N GLY D 293 9.00 24.97 -1.84
CA GLY D 293 8.84 26.31 -1.30
C GLY D 293 10.10 27.13 -1.39
N THR D 294 11.25 26.55 -1.02
CA THR D 294 12.50 27.29 -1.10
C THR D 294 12.82 27.66 -2.54
N MET D 295 12.37 26.86 -3.51
CA MET D 295 12.56 27.28 -4.89
C MET D 295 11.57 28.38 -5.28
N GLN D 296 10.28 28.17 -5.01
CA GLN D 296 9.26 29.04 -5.57
C GLN D 296 9.22 30.40 -4.89
N GLU D 297 9.60 30.50 -3.63
CA GLU D 297 9.51 31.78 -2.94
C GLU D 297 10.48 32.82 -3.46
N ARG D 298 11.54 32.39 -4.16
CA ARG D 298 12.43 33.34 -4.79
C ARG D 298 11.83 33.90 -6.07
N ILE D 299 10.74 33.33 -6.57
CA ILE D 299 10.03 33.84 -7.73
C ILE D 299 8.94 34.76 -7.20
N THR D 300 9.21 36.05 -7.18
CA THR D 300 8.26 36.99 -6.58
C THR D 300 8.59 38.40 -7.03
N THR D 301 7.66 39.31 -6.77
CA THR D 301 7.85 40.72 -7.05
C THR D 301 8.48 41.39 -5.84
N THR D 302 9.67 41.94 -6.00
CA THR D 302 10.29 42.75 -4.97
C THR D 302 10.14 44.22 -5.33
N LYS D 303 10.82 45.08 -4.58
CA LYS D 303 10.75 46.50 -4.86
C LYS D 303 11.62 46.92 -6.03
N LYS D 304 12.65 46.15 -6.38
CA LYS D 304 13.45 46.44 -7.56
C LYS D 304 12.71 46.04 -8.84
N GLY D 305 12.30 44.78 -8.93
CA GLY D 305 11.62 44.30 -10.11
C GLY D 305 10.76 43.12 -9.75
N SER D 306 10.64 42.18 -10.68
CA SER D 306 9.86 40.98 -10.44
C SER D 306 10.38 39.84 -11.30
N ILE D 307 10.02 38.63 -10.92
CA ILE D 307 10.28 37.44 -11.73
C ILE D 307 8.96 36.70 -11.88
N THR D 308 8.48 36.58 -13.11
CA THR D 308 7.28 35.82 -13.42
C THR D 308 7.73 34.49 -14.00
N SER D 309 7.11 33.40 -13.58
CA SER D 309 7.57 32.07 -13.93
C SER D 309 6.47 31.30 -14.64
N VAL D 310 6.74 30.92 -15.89
CA VAL D 310 5.89 29.96 -16.60
C VAL D 310 6.51 28.59 -16.43
N GLN D 311 5.73 27.64 -15.94
CA GLN D 311 6.22 26.33 -15.53
C GLN D 311 5.36 25.25 -16.16
N ALA D 312 5.98 24.37 -16.92
CA ALA D 312 5.25 23.28 -17.56
C ALA D 312 4.93 22.22 -16.53
N ILE D 313 3.65 21.88 -16.41
CA ILE D 313 3.17 20.92 -15.43
C ILE D 313 2.94 19.59 -16.12
N TYR D 314 3.55 18.54 -15.60
CA TYR D 314 3.19 17.17 -15.95
C TYR D 314 2.48 16.57 -14.75
N VAL D 315 1.39 15.85 -15.01
CA VAL D 315 0.56 15.28 -13.96
C VAL D 315 0.73 13.77 -14.01
N PRO D 316 1.28 13.14 -12.98
CA PRO D 316 1.47 11.68 -13.01
C PRO D 316 0.14 10.94 -12.91
N ALA D 317 -0.08 10.02 -13.83
CA ALA D 317 -1.27 9.18 -13.88
C ALA D 317 -2.55 9.98 -14.01
N ASP D 318 -2.47 11.21 -14.54
CA ASP D 318 -3.62 12.11 -14.64
C ASP D 318 -4.26 12.35 -13.29
N ASP D 319 -3.49 12.18 -12.22
CA ASP D 319 -3.98 12.31 -10.85
C ASP D 319 -3.58 13.70 -10.36
N LEU D 320 -4.55 14.59 -10.24
CA LEU D 320 -4.25 15.95 -9.81
C LEU D 320 -4.06 16.03 -8.30
N THR D 321 -4.48 15.01 -7.56
CA THR D 321 -4.23 14.94 -6.13
C THR D 321 -2.92 14.24 -5.80
N ASP D 322 -2.16 13.87 -6.81
CA ASP D 322 -0.82 13.34 -6.58
C ASP D 322 0.02 14.38 -5.85
N PRO D 323 0.91 13.96 -4.95
CA PRO D 323 1.66 14.94 -4.15
C PRO D 323 2.47 15.95 -4.96
N ALA D 324 3.03 15.55 -6.11
CA ALA D 324 3.82 16.51 -6.87
C ALA D 324 2.96 17.62 -7.48
N PRO D 325 1.89 17.33 -8.22
CA PRO D 325 1.01 18.43 -8.66
C PRO D 325 0.35 19.16 -7.50
N ALA D 326 -0.11 18.43 -6.49
CA ALA D 326 -0.78 19.06 -5.36
C ALA D 326 0.13 20.04 -4.64
N THR D 327 1.42 19.77 -4.60
CA THR D 327 2.36 20.70 -3.99
C THR D 327 2.70 21.83 -4.95
N THR D 328 2.79 21.55 -6.25
CA THR D 328 3.04 22.61 -7.21
C THR D 328 1.85 23.56 -7.32
N PHE D 329 0.63 23.02 -7.29
CA PHE D 329 -0.55 23.85 -7.46
C PHE D 329 -0.76 24.83 -6.33
N ALA D 330 -0.14 24.60 -5.17
CA ALA D 330 -0.26 25.54 -4.06
C ALA D 330 0.46 26.83 -4.34
N HIS D 331 1.37 26.86 -5.31
CA HIS D 331 2.14 28.04 -5.64
C HIS D 331 1.69 28.71 -6.92
N LEU D 332 0.83 28.06 -7.70
CA LEU D 332 0.48 28.56 -9.02
C LEU D 332 -0.54 29.69 -8.91
N ASP D 333 -0.27 30.81 -9.58
CA ASP D 333 -1.19 31.93 -9.61
C ASP D 333 -2.08 31.92 -10.83
N ALA D 334 -1.75 31.13 -11.84
CA ALA D 334 -2.54 31.07 -13.06
C ALA D 334 -2.36 29.70 -13.69
N THR D 335 -2.92 29.54 -14.87
CA THR D 335 -2.91 28.28 -15.58
C THR D 335 -3.23 28.56 -17.04
N THR D 336 -2.40 28.05 -17.94
CA THR D 336 -2.62 28.14 -19.37
C THR D 336 -2.69 26.72 -19.91
N VAL D 337 -3.87 26.30 -20.36
CA VAL D 337 -4.06 24.96 -20.88
C VAL D 337 -4.05 25.03 -22.40
N LEU D 338 -3.03 24.40 -23.00
CA LEU D 338 -2.94 24.27 -24.45
C LEU D 338 -3.64 22.97 -24.84
N SER D 339 -4.75 23.09 -25.55
CA SER D 339 -5.58 21.95 -25.90
C SER D 339 -5.38 21.60 -27.36
N ARG D 340 -5.32 20.31 -27.66
CA ARG D 340 -5.28 19.88 -29.05
C ARG D 340 -6.66 19.97 -29.70
N ALA D 341 -7.72 19.93 -28.91
CA ALA D 341 -9.06 20.13 -29.45
C ALA D 341 -9.25 21.56 -29.94
N ILE D 342 -8.41 22.48 -29.47
CA ILE D 342 -8.46 23.85 -29.97
C ILE D 342 -7.54 24.01 -31.17
N ALA D 343 -6.41 23.28 -31.21
CA ALA D 343 -5.49 23.40 -32.32
C ALA D 343 -6.04 22.73 -33.58
N GLU D 344 -6.60 21.53 -33.44
CA GLU D 344 -7.20 20.85 -34.57
C GLU D 344 -8.43 21.60 -35.08
N LEU D 345 -8.97 22.49 -34.25
CA LEU D 345 -10.03 23.40 -34.65
C LEU D 345 -9.52 24.58 -35.45
N GLY D 346 -8.21 24.82 -35.48
CA GLY D 346 -7.62 25.86 -36.28
C GLY D 346 -7.14 27.09 -35.53
N ILE D 347 -7.33 27.14 -34.23
CA ILE D 347 -7.06 28.34 -33.44
C ILE D 347 -5.63 28.28 -32.91
N TYR D 348 -4.89 29.37 -33.07
CA TYR D 348 -3.51 29.47 -32.59
C TYR D 348 -3.31 30.85 -31.98
N PRO D 349 -2.80 30.94 -30.75
CA PRO D 349 -2.36 29.87 -29.85
C PRO D 349 -3.49 28.96 -29.40
N ALA D 350 -3.17 27.71 -29.10
CA ALA D 350 -4.17 26.68 -28.85
C ALA D 350 -4.67 26.68 -27.42
N VAL D 351 -4.60 27.84 -26.75
CA VAL D 351 -5.06 27.98 -25.38
C VAL D 351 -6.52 27.60 -25.29
N ASP D 352 -6.84 26.72 -24.37
CA ASP D 352 -8.22 26.38 -24.06
C ASP D 352 -8.83 27.49 -23.22
N PRO D 353 -9.76 28.29 -23.75
CA PRO D 353 -10.20 29.48 -23.03
C PRO D 353 -11.13 29.17 -21.86
N LEU D 354 -11.65 27.95 -21.77
CA LEU D 354 -12.55 27.60 -20.68
C LEU D 354 -11.86 26.87 -19.54
N ASP D 355 -10.69 26.28 -19.78
CA ASP D 355 -9.97 25.58 -18.75
C ASP D 355 -8.78 26.35 -18.21
N SER D 356 -8.35 27.40 -18.89
CA SER D 356 -7.32 28.27 -18.34
C SER D 356 -7.93 29.14 -17.25
N THR D 357 -7.25 29.22 -16.11
CA THR D 357 -7.74 29.94 -14.95
C THR D 357 -6.73 30.98 -14.52
N SER D 358 -7.16 31.85 -13.62
CA SER D 358 -6.27 32.84 -13.02
C SER D 358 -6.80 33.23 -11.66
N ARG D 359 -5.90 33.48 -10.73
CA ARG D 359 -6.30 33.91 -9.40
C ARG D 359 -6.58 35.41 -9.36
N ILE D 360 -5.96 36.18 -10.26
CA ILE D 360 -6.19 37.61 -10.32
C ILE D 360 -7.34 37.97 -11.25
N MET D 361 -8.05 36.99 -11.79
CA MET D 361 -9.32 37.28 -12.44
C MET D 361 -10.35 37.58 -11.37
N ASP D 362 -10.25 38.76 -10.77
CA ASP D 362 -11.04 39.21 -9.66
C ASP D 362 -11.29 40.69 -9.87
N PRO D 363 -12.53 41.16 -9.71
CA PRO D 363 -12.80 42.59 -9.93
C PRO D 363 -11.91 43.51 -9.11
N ASN D 364 -11.59 43.14 -7.87
CA ASN D 364 -10.75 43.98 -7.04
C ASN D 364 -9.33 44.09 -7.56
N ILE D 365 -8.91 43.22 -8.48
CA ILE D 365 -7.55 43.19 -8.99
C ILE D 365 -7.46 43.74 -10.41
N VAL D 366 -8.30 43.23 -11.32
CA VAL D 366 -8.24 43.62 -12.72
C VAL D 366 -9.29 44.67 -13.08
N GLY D 367 -10.13 45.06 -12.13
CA GLY D 367 -11.14 46.02 -12.51
C GLY D 367 -12.44 45.36 -12.90
N SER D 368 -13.53 46.07 -12.62
CA SER D 368 -14.86 45.55 -12.93
C SER D 368 -15.04 45.37 -14.43
N GLU D 369 -14.52 46.29 -15.23
CA GLU D 369 -14.72 46.19 -16.68
C GLU D 369 -14.05 44.95 -17.24
N HIS D 370 -12.77 44.75 -16.90
CA HIS D 370 -12.05 43.55 -17.31
C HIS D 370 -12.76 42.29 -16.84
N TYR D 371 -13.14 42.26 -15.56
CA TYR D 371 -13.79 41.08 -15.02
C TYR D 371 -15.09 40.76 -15.76
N ASP D 372 -15.87 41.79 -16.07
CA ASP D 372 -17.16 41.56 -16.70
C ASP D 372 -17.01 41.15 -18.15
N VAL D 373 -16.05 41.72 -18.87
CA VAL D 373 -15.82 41.29 -20.25
C VAL D 373 -15.36 39.82 -20.26
N ALA D 374 -14.42 39.48 -19.38
CA ALA D 374 -13.92 38.10 -19.34
C ALA D 374 -15.03 37.13 -18.97
N ARG D 375 -15.86 37.52 -17.99
CA ARG D 375 -16.96 36.63 -17.55
C ARG D 375 -17.96 36.46 -18.70
N GLY D 376 -18.28 37.54 -19.43
CA GLY D 376 -19.20 37.42 -20.54
C GLY D 376 -18.66 36.52 -21.64
N VAL D 377 -17.37 36.65 -21.96
CA VAL D 377 -16.77 35.79 -22.97
C VAL D 377 -16.85 34.33 -22.53
N GLN D 378 -16.52 34.06 -21.27
CA GLN D 378 -16.55 32.67 -20.80
C GLN D 378 -17.96 32.11 -20.78
N LYS D 379 -18.94 32.93 -20.37
CA LYS D 379 -20.32 32.47 -20.35
C LYS D 379 -20.84 32.19 -21.75
N ILE D 380 -20.50 33.03 -22.72
CA ILE D 380 -20.98 32.78 -24.07
C ILE D 380 -20.30 31.56 -24.67
N LEU D 381 -19.03 31.31 -24.31
CA LEU D 381 -18.37 30.12 -24.83
C LEU D 381 -18.94 28.85 -24.22
N GLN D 382 -19.28 28.90 -22.93
CA GLN D 382 -19.94 27.75 -22.30
C GLN D 382 -21.31 27.50 -22.90
N ASP D 383 -22.07 28.58 -23.13
CA ASP D 383 -23.37 28.45 -23.79
C ASP D 383 -23.23 27.82 -25.16
N TYR D 384 -22.20 28.21 -25.90
CA TYR D 384 -22.02 27.68 -27.25
C TYR D 384 -21.63 26.20 -27.20
N LYS D 385 -20.82 25.80 -26.21
CA LYS D 385 -20.56 24.38 -26.05
C LYS D 385 -21.85 23.61 -25.77
N SER D 386 -22.68 24.15 -24.87
CA SER D 386 -23.98 23.54 -24.60
C SER D 386 -24.80 23.39 -25.88
N LEU D 387 -24.93 24.46 -26.66
CA LEU D 387 -25.71 24.43 -27.90
C LEU D 387 -25.14 23.48 -28.93
N GLN D 388 -23.81 23.41 -29.05
CA GLN D 388 -23.21 22.37 -29.88
C GLN D 388 -23.62 20.97 -29.44
N ASP D 389 -23.77 20.76 -28.13
CA ASP D 389 -24.08 19.42 -27.67
C ASP D 389 -25.45 18.92 -28.15
N ILE D 390 -26.35 19.82 -28.53
CA ILE D 390 -27.69 19.41 -28.94
C ILE D 390 -27.89 19.44 -30.44
N ILE D 391 -27.00 20.05 -31.20
CA ILE D 391 -27.12 20.10 -32.65
C ILE D 391 -26.83 18.73 -33.25
N SER D 400 -32.52 27.52 -31.64
CA SER D 400 -33.86 28.02 -31.40
C SER D 400 -34.02 29.44 -31.96
N GLU D 401 -34.38 30.39 -31.10
CA GLU D 401 -34.73 31.74 -31.54
C GLU D 401 -33.52 32.67 -31.56
N GLU D 402 -32.92 32.90 -30.40
CA GLU D 402 -31.71 33.72 -30.33
C GLU D 402 -30.48 32.87 -30.05
N ASP D 403 -30.68 31.57 -29.83
CA ASP D 403 -29.56 30.67 -29.65
C ASP D 403 -28.68 30.62 -30.90
N LYS D 404 -29.28 30.85 -32.06
CA LYS D 404 -28.48 30.95 -33.28
C LYS D 404 -27.59 32.18 -33.25
N LEU D 405 -28.08 33.27 -32.65
CA LEU D 405 -27.26 34.46 -32.51
C LEU D 405 -26.16 34.24 -31.48
N THR D 406 -26.46 33.52 -30.40
CA THR D 406 -25.42 33.14 -29.47
C THR D 406 -24.36 32.28 -30.14
N VAL D 407 -24.78 31.35 -31.00
CA VAL D 407 -23.85 30.52 -31.75
C VAL D 407 -22.96 31.40 -32.63
N SER D 408 -23.55 32.37 -33.31
CA SER D 408 -22.78 33.24 -34.20
C SER D 408 -21.77 34.08 -33.42
N ARG D 409 -22.22 34.72 -32.35
CA ARG D 409 -21.31 35.54 -31.55
C ARG D 409 -20.22 34.71 -30.91
N ALA D 410 -20.53 33.46 -30.53
CA ALA D 410 -19.51 32.63 -29.91
C ALA D 410 -18.50 32.12 -30.93
N ARG D 411 -18.94 31.82 -32.16
CA ARG D 411 -17.99 31.50 -33.21
C ARG D 411 -17.07 32.69 -33.47
N LYS D 412 -17.63 33.90 -33.48
CA LYS D 412 -16.80 35.07 -33.71
C LYS D 412 -15.82 35.30 -32.56
N ILE D 413 -16.25 35.03 -31.32
CA ILE D 413 -15.36 35.15 -30.18
C ILE D 413 -14.24 34.13 -30.25
N GLN D 414 -14.60 32.88 -30.57
CA GLN D 414 -13.60 31.83 -30.79
C GLN D 414 -12.56 32.27 -31.81
N ARG D 415 -12.99 32.79 -32.96
CA ARG D 415 -12.02 33.24 -33.95
C ARG D 415 -11.18 34.38 -33.42
N PHE D 416 -11.81 35.34 -32.74
CA PHE D 416 -11.07 36.51 -32.29
C PHE D 416 -10.14 36.21 -31.13
N LEU D 417 -10.23 35.04 -30.52
CA LEU D 417 -9.22 34.67 -29.54
C LEU D 417 -7.88 34.32 -30.18
N SER D 418 -7.88 33.97 -31.46
CA SER D 418 -6.66 33.65 -32.19
C SER D 418 -5.81 34.90 -32.37
N GLN D 419 -4.57 34.69 -32.78
CA GLN D 419 -3.63 35.80 -32.92
C GLN D 419 -2.40 35.33 -33.69
N PRO D 420 -1.89 36.13 -34.63
CA PRO D 420 -0.62 35.80 -35.28
C PRO D 420 0.56 36.25 -34.43
N PHE D 421 1.58 35.41 -34.35
CA PHE D 421 2.74 35.67 -33.52
C PHE D 421 3.90 36.18 -34.36
N GLN D 422 4.75 37.01 -33.75
CA GLN D 422 5.90 37.54 -34.46
C GLN D 422 6.96 36.48 -34.70
N VAL D 423 7.03 35.48 -33.83
CA VAL D 423 8.05 34.43 -33.92
C VAL D 423 7.68 33.43 -34.99
N ALA D 424 6.47 33.55 -35.53
CA ALA D 424 6.03 32.72 -36.65
C ALA D 424 6.03 33.46 -37.98
N GLU D 425 6.62 34.65 -38.03
CA GLU D 425 6.51 35.50 -39.21
C GLU D 425 7.26 34.94 -40.41
N VAL D 426 8.44 34.38 -40.18
CA VAL D 426 9.24 33.91 -41.31
C VAL D 426 8.63 32.67 -41.94
N PHE D 427 7.97 31.83 -41.15
CA PHE D 427 7.34 30.61 -41.65
C PHE D 427 5.96 30.85 -42.23
N THR D 428 5.12 31.65 -41.57
CA THR D 428 3.76 31.83 -42.04
C THR D 428 3.62 33.03 -42.96
N GLY D 429 4.50 34.01 -42.84
CA GLY D 429 4.39 35.25 -43.59
C GLY D 429 3.53 36.30 -42.95
N HIS D 430 2.54 35.92 -42.15
CA HIS D 430 1.67 36.89 -41.50
C HIS D 430 2.44 37.69 -40.46
N MET D 431 2.09 38.96 -40.32
CA MET D 431 2.74 39.81 -39.34
C MET D 431 2.27 39.47 -37.93
N GLY D 432 3.17 39.59 -36.96
CA GLY D 432 2.81 39.32 -35.60
C GLY D 432 2.19 40.52 -34.91
N LYS D 433 1.30 40.27 -33.97
CA LYS D 433 0.51 41.30 -33.32
C LYS D 433 0.69 41.22 -31.82
N LEU D 434 1.02 42.36 -31.20
CA LEU D 434 1.13 42.49 -29.75
C LEU D 434 0.00 43.41 -29.31
N VAL D 435 -1.14 42.82 -28.98
CA VAL D 435 -2.35 43.59 -28.66
C VAL D 435 -2.28 44.12 -27.24
N PRO D 436 -2.40 45.43 -27.03
CA PRO D 436 -2.44 45.95 -25.66
C PRO D 436 -3.69 45.47 -24.93
N LEU D 437 -3.70 45.68 -23.62
CA LEU D 437 -4.78 45.15 -22.79
C LEU D 437 -6.10 45.85 -23.09
N LYS D 438 -6.09 47.17 -23.20
CA LYS D 438 -7.32 47.92 -23.44
C LYS D 438 -7.96 47.52 -24.76
N GLU D 439 -7.15 47.34 -25.80
CA GLU D 439 -7.69 46.97 -27.10
C GLU D 439 -8.33 45.60 -27.05
N THR D 440 -7.72 44.65 -26.33
CA THR D 440 -8.35 43.34 -26.14
C THR D 440 -9.69 43.46 -25.42
N ILE D 441 -9.69 44.17 -24.29
CA ILE D 441 -10.91 44.30 -23.49
C ILE D 441 -12.02 44.90 -24.34
N LYS D 442 -11.73 46.00 -25.03
CA LYS D 442 -12.79 46.68 -25.77
C LYS D 442 -13.20 45.91 -27.00
N GLY D 443 -12.28 45.21 -27.65
CA GLY D 443 -12.67 44.40 -28.80
C GLY D 443 -13.63 43.30 -28.43
N PHE D 444 -13.32 42.57 -27.36
CA PHE D 444 -14.24 41.52 -26.93
C PHE D 444 -15.54 42.10 -26.39
N GLN D 445 -15.48 43.25 -25.73
CA GLN D 445 -16.68 43.94 -25.27
C GLN D 445 -17.58 44.29 -26.44
N GLN D 446 -17.01 44.82 -27.51
CA GLN D 446 -17.79 45.19 -28.68
C GLN D 446 -18.37 43.97 -29.38
N ILE D 447 -17.59 42.91 -29.52
CA ILE D 447 -18.13 41.70 -30.13
C ILE D 447 -19.28 41.16 -29.28
N LEU D 448 -19.20 41.32 -27.97
CA LEU D 448 -20.27 40.81 -27.11
C LEU D 448 -21.52 41.67 -27.21
N ALA D 449 -21.35 42.98 -27.31
CA ALA D 449 -22.50 43.87 -27.42
C ALA D 449 -23.24 43.70 -28.74
N GLY D 450 -22.57 43.23 -29.78
CA GLY D 450 -23.19 43.05 -31.08
C GLY D 450 -22.78 44.06 -32.13
N GLU D 451 -21.73 44.84 -31.90
CA GLU D 451 -21.34 45.87 -32.84
C GLU D 451 -20.82 45.32 -34.16
N TYR D 452 -20.62 44.01 -34.26
CA TYR D 452 -20.09 43.40 -35.48
C TYR D 452 -20.87 42.13 -35.79
N ASP D 453 -22.18 42.15 -35.56
CA ASP D 453 -23.01 41.01 -35.88
C ASP D 453 -23.23 40.84 -37.37
N HIS D 454 -22.75 41.78 -38.18
CA HIS D 454 -22.87 41.69 -39.62
C HIS D 454 -21.63 41.14 -40.29
N LEU D 455 -20.45 41.36 -39.69
CA LEU D 455 -19.21 40.95 -40.30
C LEU D 455 -19.10 39.43 -40.31
N PRO D 456 -18.49 38.86 -41.34
CA PRO D 456 -18.36 37.39 -41.39
C PRO D 456 -17.44 36.88 -40.30
N GLU D 457 -17.64 35.61 -39.92
CA GLU D 457 -16.90 35.08 -38.79
C GLU D 457 -15.43 34.91 -39.10
N GLN D 458 -15.07 34.80 -40.38
CA GLN D 458 -13.67 34.66 -40.73
C GLN D 458 -12.95 36.00 -40.88
N ALA D 459 -13.62 37.09 -40.54
CA ALA D 459 -12.94 38.37 -40.47
C ALA D 459 -12.25 38.58 -39.13
N PHE D 460 -12.45 37.67 -38.18
CA PHE D 460 -11.80 37.73 -36.88
C PHE D 460 -10.66 36.73 -36.74
N TYR D 461 -10.55 35.77 -37.65
CA TYR D 461 -9.55 34.72 -37.55
C TYR D 461 -8.16 35.27 -37.83
N MET D 462 -7.27 35.16 -36.84
CA MET D 462 -5.86 35.50 -36.98
C MET D 462 -5.64 36.98 -37.22
N VAL D 463 -6.23 37.81 -36.38
CA VAL D 463 -6.04 39.25 -36.43
C VAL D 463 -5.65 39.74 -35.03
N GLY D 464 -5.23 41.00 -34.97
CA GLY D 464 -4.83 41.61 -33.72
C GLY D 464 -5.99 42.32 -33.07
N PRO D 465 -5.95 43.65 -33.05
CA PRO D 465 -7.10 44.41 -32.54
C PRO D 465 -8.31 44.26 -33.45
N ILE D 466 -9.44 44.79 -32.96
CA ILE D 466 -10.71 44.62 -33.67
C ILE D 466 -10.75 45.48 -34.93
N GLU D 467 -9.99 46.57 -34.95
CA GLU D 467 -9.86 47.37 -36.17
C GLU D 467 -9.32 46.54 -37.31
N GLU D 468 -8.38 45.63 -37.02
CA GLU D 468 -7.89 44.74 -38.07
C GLU D 468 -8.98 43.76 -38.50
N ALA D 469 -9.90 43.43 -37.60
CA ALA D 469 -11.03 42.58 -37.99
C ALA D 469 -11.94 43.30 -38.98
N VAL D 470 -12.24 44.58 -38.73
CA VAL D 470 -13.10 45.30 -39.66
C VAL D 470 -12.36 45.57 -40.97
N ALA D 471 -11.04 45.76 -40.89
CA ALA D 471 -10.25 45.96 -42.11
C ALA D 471 -10.18 44.69 -42.94
N LYS D 472 -10.16 43.52 -42.28
CA LYS D 472 -10.21 42.26 -43.02
C LYS D 472 -11.62 41.99 -43.53
N ALA D 473 -12.63 42.51 -42.84
CA ALA D 473 -14.01 42.35 -43.32
C ALA D 473 -14.26 43.20 -44.56
N ASP D 474 -13.58 44.34 -44.65
CA ASP D 474 -13.67 45.15 -45.87
C ASP D 474 -13.28 44.36 -47.11
N LYS D 475 -12.21 43.59 -47.03
CA LYS D 475 -11.73 42.82 -48.18
C LYS D 475 -12.56 41.56 -48.39
N ALA E 12 14.03 2.64 46.77
CA ALA E 12 15.12 2.65 45.79
C ALA E 12 15.10 3.94 44.98
N THR E 13 16.29 4.47 44.69
CA THR E 13 16.44 5.72 43.97
C THR E 13 17.30 5.50 42.74
N GLY E 14 16.82 5.97 41.58
CA GLY E 14 17.58 5.97 40.36
C GLY E 14 17.73 7.38 39.82
N ARG E 15 18.38 7.48 38.68
CA ARG E 15 18.62 8.75 38.03
C ARG E 15 18.26 8.65 36.55
N ILE E 16 17.74 9.75 36.01
CA ILE E 16 17.34 9.77 34.60
C ILE E 16 18.59 9.80 33.74
N VAL E 17 18.64 8.93 32.73
CA VAL E 17 19.74 8.92 31.79
C VAL E 17 19.33 9.28 30.37
N ALA E 18 18.04 9.22 30.05
CA ALA E 18 17.58 9.61 28.72
C ALA E 18 16.12 10.02 28.81
N VAL E 19 15.76 11.05 28.04
CA VAL E 19 14.38 11.53 27.94
C VAL E 19 14.08 11.73 26.46
N ILE E 20 13.20 10.92 25.91
CA ILE E 20 12.77 11.04 24.52
C ILE E 20 11.25 11.06 24.52
N GLY E 21 10.67 12.24 24.54
CA GLY E 21 9.22 12.33 24.51
C GLY E 21 8.61 11.89 25.82
N ALA E 22 7.64 10.98 25.73
CA ALA E 22 7.01 10.42 26.93
C ALA E 22 7.81 9.28 27.53
N VAL E 23 8.90 8.86 26.89
CA VAL E 23 9.70 7.73 27.35
C VAL E 23 10.91 8.28 28.11
N VAL E 24 11.19 7.68 29.26
CA VAL E 24 12.29 8.11 30.12
C VAL E 24 13.07 6.87 30.53
N ASP E 25 14.39 6.90 30.33
CA ASP E 25 15.26 5.84 30.81
C ASP E 25 15.79 6.23 32.18
N VAL E 26 15.73 5.29 33.13
CA VAL E 26 16.17 5.52 34.50
C VAL E 26 17.17 4.42 34.86
N GLN E 27 18.32 4.81 35.38
CA GLN E 27 19.36 3.87 35.76
C GLN E 27 19.45 3.77 37.28
N PHE E 28 19.34 2.55 37.79
CA PHE E 28 19.28 2.29 39.22
C PHE E 28 20.60 1.68 39.68
N ASP E 29 21.19 2.26 40.72
CA ASP E 29 22.37 1.67 41.33
C ASP E 29 22.00 0.47 42.17
N GLU E 30 20.92 0.58 42.95
CA GLU E 30 20.44 -0.49 43.81
C GLU E 30 18.93 -0.63 43.64
N GLY E 31 18.46 -1.88 43.68
CA GLY E 31 17.03 -2.13 43.68
C GLY E 31 16.31 -1.77 42.39
N LEU E 32 16.57 -2.50 41.33
CA LEU E 32 15.84 -2.30 40.09
C LEU E 32 14.35 -2.57 40.29
N PRO E 33 13.48 -1.63 39.97
CA PRO E 33 12.05 -1.82 40.20
C PRO E 33 11.43 -2.75 39.18
N PRO E 34 10.45 -3.54 39.58
CA PRO E 34 9.77 -4.43 38.65
C PRO E 34 9.07 -3.68 37.53
N ILE E 35 8.72 -4.44 36.48
CA ILE E 35 7.93 -3.87 35.40
C ILE E 35 6.54 -3.55 35.91
N LEU E 36 5.98 -2.43 35.46
CA LEU E 36 4.70 -1.83 35.81
C LEU E 36 4.74 -1.06 37.12
N ASN E 37 5.87 -0.96 37.80
CA ASN E 37 5.93 -0.16 39.01
C ASN E 37 5.85 1.31 38.69
N ALA E 38 5.30 2.08 39.61
CA ALA E 38 5.22 3.53 39.45
C ALA E 38 6.40 4.19 40.12
N LEU E 39 7.06 5.09 39.39
CA LEU E 39 8.20 5.83 39.88
C LEU E 39 7.84 7.30 40.03
N GLU E 40 8.39 7.95 41.04
CA GLU E 40 8.14 9.36 41.29
C GLU E 40 9.40 10.15 41.01
N VAL E 41 9.29 11.14 40.13
CA VAL E 41 10.41 12.02 39.82
C VAL E 41 10.54 13.07 40.92
N GLN E 42 11.76 13.30 41.39
CA GLN E 42 12.01 14.27 42.43
C GLN E 42 12.37 15.62 41.81
N GLY E 43 11.93 16.68 42.46
CA GLY E 43 12.24 18.01 41.99
C GLY E 43 11.27 18.58 40.99
N ARG E 44 10.04 18.11 40.98
CA ARG E 44 9.00 18.63 40.11
C ARG E 44 7.96 19.38 40.92
N GLU E 45 7.28 20.33 40.26
CA GLU E 45 6.26 21.11 40.93
C GLU E 45 5.02 20.27 41.20
N THR E 46 4.62 19.46 40.23
CA THR E 46 3.53 18.50 40.37
C THR E 46 4.07 17.08 40.32
N ARG E 47 3.19 16.13 40.54
CA ARG E 47 3.56 14.72 40.65
C ARG E 47 3.76 14.13 39.26
N LEU E 48 5.00 13.81 38.92
CA LEU E 48 5.32 13.18 37.64
C LEU E 48 5.62 11.71 37.87
N VAL E 49 4.70 10.84 37.46
CA VAL E 49 4.79 9.41 37.69
C VAL E 49 5.31 8.74 36.42
N LEU E 50 6.30 7.86 36.59
CA LEU E 50 6.82 7.04 35.50
C LEU E 50 6.41 5.60 35.78
N GLU E 51 5.90 4.92 34.76
CA GLU E 51 5.53 3.53 34.88
C GLU E 51 6.57 2.68 34.16
N VAL E 52 7.18 1.74 34.88
CA VAL E 52 8.25 0.92 34.32
C VAL E 52 7.66 0.05 33.21
N ALA E 53 8.25 0.09 32.03
CA ALA E 53 7.75 -0.67 30.90
C ALA E 53 8.68 -1.81 30.50
N GLN E 54 9.99 -1.58 30.56
CA GLN E 54 10.97 -2.54 30.10
C GLN E 54 12.20 -2.49 30.99
N HIS E 55 12.85 -3.63 31.14
CA HIS E 55 14.17 -3.70 31.75
C HIS E 55 15.19 -3.79 30.62
N LEU E 56 16.02 -2.76 30.49
CA LEU E 56 16.90 -2.65 29.35
C LEU E 56 18.22 -3.39 29.52
N GLY E 57 18.57 -3.79 30.74
CA GLY E 57 19.89 -4.31 31.01
C GLY E 57 20.83 -3.23 31.48
N GLU E 58 21.89 -3.67 32.17
CA GLU E 58 22.87 -2.77 32.80
C GLU E 58 22.20 -1.89 33.85
N SER E 59 21.20 -2.45 34.52
CA SER E 59 20.49 -1.79 35.62
C SER E 59 19.75 -0.53 35.17
N THR E 60 19.27 -0.53 33.93
CA THR E 60 18.50 0.58 33.38
C THR E 60 17.12 0.09 33.02
N VAL E 61 16.10 0.87 33.35
CA VAL E 61 14.72 0.57 32.98
C VAL E 61 14.25 1.64 32.01
N ARG E 62 13.23 1.29 31.24
CA ARG E 62 12.59 2.23 30.32
C ARG E 62 11.14 2.43 30.76
N THR E 63 10.77 3.68 31.00
CA THR E 63 9.49 3.99 31.60
C THR E 63 8.65 4.84 30.64
N ILE E 64 7.38 4.96 30.97
CA ILE E 64 6.44 5.81 30.25
C ILE E 64 5.91 6.84 31.23
N ALA E 65 6.05 8.12 30.90
CA ALA E 65 5.64 9.17 31.82
C ALA E 65 4.15 9.42 31.72
N MET E 66 3.52 9.61 32.88
CA MET E 66 2.09 9.90 32.93
C MET E 66 1.79 11.38 32.81
N ASP E 67 2.80 12.21 32.60
CA ASP E 67 2.60 13.64 32.43
C ASP E 67 3.68 14.16 31.49
N GLY E 68 3.70 15.47 31.31
CA GLY E 68 4.69 16.06 30.42
C GLY E 68 6.09 15.92 30.99
N THR E 69 7.05 15.66 30.10
CA THR E 69 8.43 15.45 30.49
C THR E 69 9.29 16.69 30.27
N GLU E 70 8.68 17.83 29.99
CA GLU E 70 9.45 19.05 29.81
C GLU E 70 10.09 19.46 31.13
N GLY E 71 11.35 19.85 31.06
CA GLY E 71 12.09 20.23 32.24
C GLY E 71 12.87 19.12 32.89
N LEU E 72 12.79 17.91 32.38
CA LEU E 72 13.55 16.81 32.97
C LEU E 72 15.02 16.94 32.56
N VAL E 73 15.91 16.77 33.51
CA VAL E 73 17.35 16.85 33.29
C VAL E 73 17.94 15.47 33.47
N ARG E 74 18.91 15.11 32.65
CA ARG E 74 19.62 13.86 32.84
C ARG E 74 20.35 13.88 34.17
N GLY E 75 20.13 12.84 34.97
CA GLY E 75 20.67 12.78 36.31
C GLY E 75 19.68 13.10 37.40
N GLN E 76 18.46 13.51 37.03
CA GLN E 76 17.44 13.84 38.02
C GLN E 76 17.02 12.59 38.79
N LYS E 77 16.79 12.75 40.08
CA LYS E 77 16.51 11.61 40.95
C LYS E 77 15.08 11.12 40.76
N VAL E 78 14.90 9.82 40.95
CA VAL E 78 13.62 9.16 40.75
C VAL E 78 13.46 8.13 41.87
N LEU E 79 12.35 8.20 42.59
CA LEU E 79 12.06 7.23 43.64
C LEU E 79 11.16 6.12 43.12
N ASP E 80 11.37 4.92 43.63
CA ASP E 80 10.50 3.78 43.34
C ASP E 80 9.44 3.67 44.42
N SER E 81 8.18 3.62 44.01
CA SER E 81 7.08 3.54 44.98
C SER E 81 6.97 2.18 45.63
N GLY E 82 7.38 1.12 44.94
CA GLY E 82 7.21 -0.22 45.44
C GLY E 82 5.96 -0.92 44.99
N ALA E 83 5.17 -0.30 44.11
CA ALA E 83 3.92 -0.86 43.65
C ALA E 83 3.49 -0.11 42.40
N PRO E 84 2.60 -0.68 41.60
CA PRO E 84 2.09 0.05 40.43
C PRO E 84 1.27 1.26 40.83
N ILE E 85 0.75 1.98 39.84
CA ILE E 85 -0.12 3.13 40.11
C ILE E 85 -1.33 2.66 40.89
N LYS E 86 -1.53 3.21 42.08
CA LYS E 86 -2.65 2.85 42.94
C LYS E 86 -3.59 4.04 43.05
N ILE E 87 -4.86 3.80 42.74
CA ILE E 87 -5.86 4.86 42.76
C ILE E 87 -6.82 4.61 43.92
N PRO E 88 -7.52 5.63 44.43
CA PRO E 88 -8.55 5.37 45.44
C PRO E 88 -9.78 4.72 44.83
N VAL E 89 -10.17 3.59 45.40
CA VAL E 89 -11.40 2.90 45.01
C VAL E 89 -12.35 2.90 46.20
N GLY E 90 -13.64 2.91 45.92
CA GLY E 90 -14.62 2.88 46.97
C GLY E 90 -15.85 3.67 46.61
N PRO E 91 -16.81 3.75 47.52
CA PRO E 91 -17.98 4.61 47.31
C PRO E 91 -17.65 6.08 47.44
N GLU E 92 -16.46 6.44 47.91
CA GLU E 92 -16.06 7.83 48.02
C GLU E 92 -15.69 8.44 46.67
N THR E 93 -15.44 7.61 45.65
CA THR E 93 -15.15 8.14 44.32
C THR E 93 -16.39 8.49 43.53
N LEU E 94 -17.57 8.18 44.05
CA LEU E 94 -18.80 8.49 43.34
C LEU E 94 -19.06 10.00 43.40
N GLY E 95 -19.34 10.58 42.24
CA GLY E 95 -19.54 12.00 42.14
C GLY E 95 -18.27 12.82 42.01
N ARG E 96 -17.11 12.20 42.07
CA ARG E 96 -15.84 12.89 41.97
C ARG E 96 -15.24 12.68 40.58
N ILE E 97 -14.29 13.54 40.22
CA ILE E 97 -13.50 13.38 39.01
C ILE E 97 -12.06 13.14 39.42
N MET E 98 -11.45 12.09 38.87
CA MET E 98 -10.05 11.82 39.09
C MET E 98 -9.36 11.64 37.74
N ASN E 99 -8.05 11.88 37.72
CA ASN E 99 -7.26 11.71 36.52
C ASN E 99 -6.65 10.31 36.49
N VAL E 100 -5.65 10.12 35.63
CA VAL E 100 -5.10 8.78 35.39
C VAL E 100 -4.44 8.21 36.64
N ILE E 101 -3.85 9.06 37.47
CA ILE E 101 -3.15 8.58 38.65
C ILE E 101 -3.99 8.74 39.91
N GLY E 102 -5.31 8.86 39.77
CA GLY E 102 -6.18 8.88 40.92
C GLY E 102 -6.24 10.18 41.67
N GLU E 103 -5.63 11.23 41.17
CA GLU E 103 -5.69 12.52 41.86
C GLU E 103 -7.01 13.22 41.51
N PRO E 104 -7.62 13.90 42.47
CA PRO E 104 -8.87 14.62 42.18
C PRO E 104 -8.60 15.85 41.32
N ILE E 105 -9.45 16.04 40.31
CA ILE E 105 -9.35 17.18 39.42
C ILE E 105 -10.65 17.98 39.41
N ASP E 106 -11.43 17.92 40.47
CA ASP E 106 -12.66 18.69 40.60
C ASP E 106 -12.58 19.73 41.69
N GLU E 107 -11.40 19.96 42.27
CA GLU E 107 -11.17 21.01 43.25
C GLU E 107 -12.06 20.86 44.49
N ARG E 108 -12.43 19.63 44.81
CA ARG E 108 -13.26 19.36 45.98
C ARG E 108 -12.49 18.64 47.08
N GLY E 109 -11.17 18.67 47.03
CA GLY E 109 -10.36 18.10 48.09
C GLY E 109 -10.01 16.65 47.84
N PRO E 110 -9.45 16.00 48.85
CA PRO E 110 -8.99 14.62 48.66
C PRO E 110 -10.14 13.63 48.63
N ILE E 111 -9.95 12.57 47.84
CA ILE E 111 -10.87 11.45 47.81
C ILE E 111 -10.46 10.52 48.94
N LYS E 112 -11.23 10.52 50.03
CA LYS E 112 -10.84 9.83 51.26
C LYS E 112 -11.44 8.41 51.28
N THR E 113 -10.90 7.58 50.39
CA THR E 113 -11.31 6.18 50.40
C THR E 113 -10.51 5.42 51.45
N LYS E 114 -10.95 4.19 51.71
CA LYS E 114 -10.33 3.37 52.73
C LYS E 114 -9.44 2.28 52.14
N GLN E 115 -9.38 2.19 50.81
CA GLN E 115 -8.55 1.22 50.12
C GLN E 115 -8.08 1.83 48.81
N PHE E 116 -7.01 1.26 48.27
CA PHE E 116 -6.45 1.68 46.99
C PHE E 116 -6.18 0.45 46.15
N ALA E 117 -6.47 0.54 44.87
CA ALA E 117 -6.27 -0.62 44.03
C ALA E 117 -5.33 -0.31 42.88
N PRO E 118 -4.37 -1.18 42.59
CA PRO E 118 -3.51 -0.95 41.43
C PRO E 118 -4.30 -1.02 40.13
N ILE E 119 -3.94 -0.14 39.18
CA ILE E 119 -4.66 -0.10 37.92
C ILE E 119 -4.28 -1.25 37.00
N HIS E 120 -3.25 -2.02 37.35
CA HIS E 120 -2.85 -3.20 36.60
C HIS E 120 -3.24 -4.43 37.41
N ALA E 121 -4.17 -5.20 36.88
CA ALA E 121 -4.65 -6.40 37.55
C ALA E 121 -4.83 -7.50 36.52
N GLU E 122 -4.99 -8.72 37.01
CA GLU E 122 -5.23 -9.86 36.13
C GLU E 122 -6.68 -9.90 35.69
N ALA E 123 -6.91 -10.41 34.49
CA ALA E 123 -8.26 -10.59 34.00
C ALA E 123 -8.94 -11.71 34.77
N PRO E 124 -10.26 -11.67 34.91
CA PRO E 124 -10.97 -12.75 35.61
C PRO E 124 -10.79 -14.08 34.90
N GLU E 125 -10.73 -15.14 35.69
CA GLU E 125 -10.46 -16.47 35.18
C GLU E 125 -11.62 -17.00 34.35
N PHE E 126 -11.42 -18.19 33.78
CA PHE E 126 -12.45 -18.80 32.96
C PHE E 126 -13.63 -19.29 33.79
N MET E 127 -13.36 -19.73 35.02
CA MET E 127 -14.41 -20.25 35.88
C MET E 127 -15.22 -19.16 36.56
N GLU E 128 -14.92 -17.90 36.29
CA GLU E 128 -15.72 -16.80 36.84
C GLU E 128 -16.70 -16.23 35.84
N MET E 129 -16.66 -16.67 34.59
CA MET E 129 -17.50 -16.08 33.56
C MET E 129 -18.98 -16.38 33.82
N SER E 130 -19.83 -15.48 33.34
CA SER E 130 -21.28 -15.57 33.50
C SER E 130 -21.90 -15.64 32.12
N VAL E 131 -22.87 -16.53 31.94
CA VAL E 131 -23.37 -16.83 30.60
C VAL E 131 -24.78 -16.29 30.37
N GLU E 132 -25.37 -15.63 31.36
CA GLU E 132 -26.76 -15.21 31.22
C GLU E 132 -26.87 -14.00 30.30
N GLN E 133 -27.92 -13.97 29.49
CA GLN E 133 -27.99 -13.03 28.37
C GLN E 133 -29.32 -12.29 28.26
N GLU E 134 -29.81 -11.74 29.36
CA GLU E 134 -31.06 -10.99 29.32
C GLU E 134 -30.87 -9.67 28.58
N ILE E 135 -31.93 -9.27 27.87
CA ILE E 135 -31.85 -8.10 27.00
C ILE E 135 -31.83 -6.82 27.83
N LEU E 136 -31.33 -5.74 27.23
CA LEU E 136 -31.33 -4.41 27.81
C LEU E 136 -31.99 -3.48 26.81
N VAL E 137 -33.25 -3.11 27.07
CA VAL E 137 -33.98 -2.25 26.15
C VAL E 137 -33.48 -0.82 26.32
N THR E 138 -33.25 -0.15 25.19
CA THR E 138 -32.64 1.17 25.19
C THR E 138 -33.58 2.28 24.73
N GLY E 139 -34.70 1.94 24.11
CA GLY E 139 -35.57 2.94 23.53
C GLY E 139 -35.16 3.42 22.16
N ILE E 140 -34.09 2.88 21.59
CA ILE E 140 -33.62 3.25 20.27
C ILE E 140 -34.08 2.17 19.30
N LYS E 141 -34.82 2.59 18.27
CA LYS E 141 -35.52 1.63 17.42
C LYS E 141 -34.55 0.70 16.70
N VAL E 142 -33.52 1.26 16.08
CA VAL E 142 -32.62 0.42 15.29
C VAL E 142 -31.81 -0.50 16.20
N VAL E 143 -31.35 0.02 17.33
CA VAL E 143 -30.60 -0.80 18.27
C VAL E 143 -31.49 -1.91 18.83
N ASP E 144 -32.66 -1.54 19.35
CA ASP E 144 -33.53 -2.54 19.97
C ASP E 144 -34.02 -3.56 18.97
N LEU E 145 -34.20 -3.17 17.71
CA LEU E 145 -34.72 -4.09 16.72
C LEU E 145 -33.64 -5.01 16.18
N LEU E 146 -32.58 -4.43 15.61
CA LEU E 146 -31.68 -5.20 14.77
C LEU E 146 -30.48 -5.74 15.53
N ALA E 147 -29.98 -5.02 16.53
CA ALA E 147 -28.81 -5.43 17.29
C ALA E 147 -29.02 -5.08 18.76
N PRO E 148 -29.92 -5.79 19.44
CA PRO E 148 -30.25 -5.42 20.83
C PRO E 148 -29.08 -5.64 21.77
N TYR E 149 -28.98 -4.78 22.77
CA TYR E 149 -27.94 -4.90 23.78
C TYR E 149 -28.37 -5.89 24.85
N ALA E 150 -27.39 -6.42 25.56
CA ALA E 150 -27.64 -7.36 26.65
C ALA E 150 -27.11 -6.79 27.96
N LYS E 151 -27.85 -7.05 29.04
CA LYS E 151 -27.37 -6.66 30.35
C LYS E 151 -26.11 -7.44 30.69
N GLY E 152 -25.13 -6.75 31.26
CA GLY E 152 -23.87 -7.39 31.56
C GLY E 152 -23.00 -7.69 30.38
N GLY E 153 -23.37 -7.22 29.18
CA GLY E 153 -22.59 -7.47 28.00
C GLY E 153 -21.71 -6.29 27.61
N LYS E 154 -20.96 -6.48 26.54
CA LYS E 154 -20.03 -5.48 26.05
C LYS E 154 -20.60 -4.89 24.76
N ILE E 155 -20.88 -3.60 24.78
CA ILE E 155 -21.44 -2.88 23.63
C ILE E 155 -20.33 -2.05 23.01
N GLY E 156 -20.24 -2.07 21.69
CA GLY E 156 -19.28 -1.24 20.99
C GLY E 156 -19.94 -0.38 19.94
N LEU E 157 -19.66 0.93 19.97
CA LEU E 157 -20.23 1.88 19.02
C LEU E 157 -19.11 2.34 18.09
N PHE E 158 -19.10 1.80 16.87
CA PHE E 158 -18.09 2.15 15.89
C PHE E 158 -18.53 3.36 15.07
N GLY E 159 -17.56 4.16 14.63
CA GLY E 159 -17.89 5.29 13.79
C GLY E 159 -16.71 6.17 13.46
N GLY E 160 -16.75 6.82 12.29
CA GLY E 160 -15.74 7.78 11.93
C GLY E 160 -15.94 9.10 12.64
N ALA E 161 -15.24 10.11 12.14
CA ALA E 161 -15.25 11.42 12.77
C ALA E 161 -16.56 12.14 12.49
N GLY E 162 -17.29 12.48 13.55
CA GLY E 162 -18.48 13.27 13.41
C GLY E 162 -19.70 12.54 12.89
N VAL E 163 -19.87 11.27 13.25
CA VAL E 163 -21.04 10.52 12.83
C VAL E 163 -22.03 10.32 13.98
N GLY E 164 -21.64 10.58 15.22
CA GLY E 164 -22.57 10.50 16.32
C GLY E 164 -22.28 9.47 17.37
N LYS E 165 -21.01 9.18 17.64
CA LYS E 165 -20.69 8.26 18.72
C LYS E 165 -20.94 8.90 20.07
N THR E 166 -20.55 10.16 20.24
CA THR E 166 -20.78 10.84 21.51
C THR E 166 -22.27 11.12 21.72
N VAL E 167 -22.97 11.50 20.66
CA VAL E 167 -24.41 11.71 20.79
C VAL E 167 -25.11 10.42 21.18
N LEU E 168 -24.71 9.30 20.57
CA LEU E 168 -25.34 8.03 20.89
C LEU E 168 -24.99 7.59 22.31
N ILE E 169 -23.74 7.80 22.74
CA ILE E 169 -23.39 7.34 24.07
C ILE E 169 -24.02 8.23 25.13
N MET E 170 -24.24 9.52 24.83
CA MET E 170 -24.96 10.39 25.76
C MET E 170 -26.44 10.04 25.79
N GLU E 171 -27.01 9.66 24.65
CA GLU E 171 -28.38 9.16 24.63
C GLU E 171 -28.51 7.90 25.47
N LEU E 172 -27.51 7.02 25.41
CA LEU E 172 -27.55 5.81 26.22
C LEU E 172 -27.37 6.11 27.70
N ILE E 173 -26.53 7.09 28.05
CA ILE E 173 -26.42 7.51 29.44
C ILE E 173 -27.75 8.05 29.92
N ASN E 174 -28.45 8.81 29.07
CA ASN E 174 -29.74 9.37 29.45
C ASN E 174 -30.81 8.30 29.58
N ASN E 175 -30.80 7.32 28.69
CA ASN E 175 -31.88 6.33 28.61
C ASN E 175 -31.69 5.13 29.52
N VAL E 176 -30.45 4.84 29.95
CA VAL E 176 -30.16 3.64 30.71
C VAL E 176 -29.59 3.96 32.09
N ALA E 177 -28.65 4.91 32.16
CA ALA E 177 -27.94 5.14 33.41
C ALA E 177 -28.80 5.81 34.47
N LYS E 178 -29.69 6.70 34.09
CA LYS E 178 -30.61 7.28 35.07
C LYS E 178 -31.61 6.25 35.57
N ALA E 179 -32.14 5.43 34.65
CA ALA E 179 -33.01 4.33 35.03
C ALA E 179 -32.25 3.15 35.64
N HIS E 180 -30.93 3.26 35.77
CA HIS E 180 -30.13 2.16 36.31
C HIS E 180 -30.21 2.14 37.82
N GLY E 181 -30.22 0.93 38.38
CA GLY E 181 -30.31 0.80 39.82
C GLY E 181 -28.97 0.80 40.52
N GLY E 182 -27.91 0.43 39.83
CA GLY E 182 -26.58 0.35 40.41
C GLY E 182 -25.77 1.60 40.21
N TYR E 183 -24.46 1.43 40.18
CA TYR E 183 -23.53 2.53 39.99
C TYR E 183 -23.13 2.64 38.53
N SER E 184 -22.38 3.70 38.23
CA SER E 184 -21.97 3.97 36.86
C SER E 184 -20.59 4.63 36.88
N VAL E 185 -19.77 4.32 35.88
CA VAL E 185 -18.44 4.91 35.74
C VAL E 185 -18.30 5.38 34.30
N PHE E 186 -17.97 6.65 34.12
CA PHE E 186 -17.67 7.20 32.80
C PHE E 186 -16.18 7.47 32.70
N ALA E 187 -15.50 6.76 31.83
CA ALA E 187 -14.07 6.96 31.59
C ALA E 187 -13.94 7.73 30.29
N GLY E 188 -13.56 9.00 30.40
CA GLY E 188 -13.26 9.80 29.23
C GLY E 188 -11.82 9.61 28.82
N VAL E 189 -11.59 8.99 27.67
CA VAL E 189 -10.25 8.62 27.22
C VAL E 189 -9.96 9.39 25.95
N GLY E 190 -9.09 10.38 26.04
CA GLY E 190 -8.59 11.06 24.86
C GLY E 190 -9.66 11.75 24.02
N GLU E 191 -10.60 12.42 24.67
CA GLU E 191 -11.68 13.12 24.00
C GLU E 191 -11.62 14.60 24.34
N ARG E 192 -12.66 15.33 23.96
CA ARG E 192 -12.72 16.77 24.20
C ARG E 192 -12.89 17.06 25.69
N THR E 193 -12.10 18.00 26.19
CA THR E 193 -12.24 18.41 27.59
C THR E 193 -13.55 19.15 27.83
N ARG E 194 -14.01 19.94 26.86
CA ARG E 194 -15.28 20.63 27.03
C ARG E 194 -16.44 19.64 27.06
N GLU E 195 -16.31 18.50 26.41
CA GLU E 195 -17.34 17.47 26.55
C GLU E 195 -17.36 16.89 27.95
N GLY E 196 -16.19 16.77 28.58
CA GLY E 196 -16.16 16.35 29.97
C GLY E 196 -16.78 17.37 30.89
N ASN E 197 -16.54 18.65 30.63
CA ASN E 197 -17.17 19.72 31.40
C ASN E 197 -18.68 19.69 31.23
N ASP E 198 -19.15 19.53 29.99
CA ASP E 198 -20.57 19.42 29.73
C ASP E 198 -21.18 18.25 30.49
N LEU E 199 -20.53 17.09 30.43
CA LEU E 199 -21.08 15.91 31.11
C LEU E 199 -21.14 16.11 32.61
N TYR E 200 -20.06 16.64 33.19
CA TYR E 200 -20.04 16.93 34.61
C TYR E 200 -21.22 17.81 35.02
N HIS E 201 -21.39 18.94 34.32
CA HIS E 201 -22.43 19.87 34.75
C HIS E 201 -23.82 19.35 34.46
N GLU E 202 -23.99 18.61 33.37
CA GLU E 202 -25.28 18.00 33.08
C GLU E 202 -25.66 16.99 34.16
N MET E 203 -24.68 16.22 34.64
CA MET E 203 -24.96 15.26 35.69
C MET E 203 -25.22 15.94 37.03
N ILE E 204 -24.62 17.12 37.25
CA ILE E 204 -24.92 17.86 38.48
C ILE E 204 -26.36 18.38 38.44
N GLU E 205 -26.77 19.01 37.35
CA GLU E 205 -28.15 19.48 37.27
C GLU E 205 -29.16 18.33 37.28
N SER E 206 -28.88 17.23 36.58
CA SER E 206 -29.82 16.12 36.57
C SER E 206 -29.79 15.30 37.85
N GLY E 207 -29.02 15.72 38.85
CA GLY E 207 -29.03 15.08 40.15
C GLY E 207 -28.27 13.79 40.25
N VAL E 208 -27.70 13.28 39.14
CA VAL E 208 -26.98 12.02 39.19
C VAL E 208 -25.67 12.18 39.95
N ILE E 209 -25.13 13.40 39.96
CA ILE E 209 -24.00 13.77 40.82
C ILE E 209 -24.51 14.79 41.83
N ASN E 210 -24.24 14.55 43.09
CA ASN E 210 -24.66 15.45 44.16
C ASN E 210 -23.43 15.96 44.87
N LEU E 211 -23.25 17.29 44.86
CA LEU E 211 -22.08 17.90 45.46
C LEU E 211 -22.19 18.07 46.97
N LYS E 212 -23.35 17.81 47.56
CA LYS E 212 -23.59 18.11 48.96
C LYS E 212 -23.66 16.91 49.89
N ASP E 213 -24.01 15.72 49.38
CA ASP E 213 -24.09 14.54 50.22
C ASP E 213 -23.52 13.35 49.45
N ALA E 214 -23.77 12.15 49.97
CA ALA E 214 -23.21 10.92 49.42
C ALA E 214 -24.21 10.12 48.60
N THR E 215 -25.05 10.78 47.82
CA THR E 215 -26.05 10.10 47.00
C THR E 215 -25.64 10.04 45.52
N SER E 216 -24.40 10.41 45.21
CA SER E 216 -23.94 10.38 43.83
C SER E 216 -23.87 8.95 43.32
N LYS E 217 -24.15 8.78 42.03
CA LYS E 217 -24.26 7.47 41.42
C LYS E 217 -23.27 7.25 40.29
N VAL E 218 -22.40 8.22 39.99
CA VAL E 218 -21.48 8.15 38.87
C VAL E 218 -20.11 8.55 39.35
N ALA E 219 -19.08 7.82 38.91
CA ALA E 219 -17.69 8.20 39.10
C ALA E 219 -17.10 8.55 37.76
N LEU E 220 -16.35 9.64 37.69
CA LEU E 220 -15.79 10.15 36.45
C LEU E 220 -14.27 10.02 36.49
N VAL E 221 -13.69 9.55 35.39
CA VAL E 221 -12.25 9.44 35.23
C VAL E 221 -11.91 10.01 33.86
N TYR E 222 -11.07 11.03 33.82
CA TYR E 222 -10.82 11.77 32.58
C TYR E 222 -9.33 11.90 32.34
N GLY E 223 -8.88 11.34 31.22
CA GLY E 223 -7.63 11.76 30.61
C GLY E 223 -7.90 12.05 29.15
N GLN E 224 -7.85 13.32 28.75
CA GLN E 224 -8.45 13.76 27.50
C GLN E 224 -7.37 14.01 26.46
N MET E 225 -7.79 14.55 25.31
CA MET E 225 -6.89 14.58 24.16
C MET E 225 -5.81 15.64 24.29
N ASN E 226 -5.79 16.40 25.39
CA ASN E 226 -4.67 17.29 25.67
C ASN E 226 -3.57 16.61 26.48
N GLU E 227 -3.74 15.35 26.83
CA GLU E 227 -2.83 14.64 27.70
C GLU E 227 -1.74 13.94 26.89
N PRO E 228 -0.53 13.83 27.44
CA PRO E 228 0.52 13.07 26.77
C PRO E 228 0.12 11.60 26.64
N PRO E 229 0.79 10.85 25.77
CA PRO E 229 0.29 9.50 25.45
C PRO E 229 0.30 8.50 26.60
N GLY E 230 1.11 8.69 27.64
CA GLY E 230 1.08 7.77 28.76
C GLY E 230 -0.22 7.87 29.54
N ALA E 231 -0.65 9.10 29.83
CA ALA E 231 -1.92 9.29 30.51
C ALA E 231 -3.08 8.78 29.67
N ARG E 232 -3.04 9.04 28.36
CA ARG E 232 -4.10 8.55 27.49
C ARG E 232 -4.08 7.03 27.37
N ALA E 233 -2.93 6.41 27.61
CA ALA E 233 -2.87 4.96 27.54
C ALA E 233 -3.31 4.29 28.84
N ARG E 234 -3.19 4.96 29.98
CA ARG E 234 -3.56 4.32 31.25
C ARG E 234 -4.86 4.82 31.88
N VAL E 235 -5.47 5.88 31.37
CA VAL E 235 -6.67 6.37 32.02
C VAL E 235 -7.84 5.38 31.86
N ALA E 236 -7.87 4.64 30.75
CA ALA E 236 -8.88 3.61 30.59
C ALA E 236 -8.74 2.55 31.68
N LEU E 237 -7.50 2.19 32.00
CA LEU E 237 -7.24 1.25 33.09
C LEU E 237 -7.69 1.80 34.44
N THR E 238 -7.50 3.10 34.66
CA THR E 238 -7.98 3.69 35.92
C THR E 238 -9.51 3.57 36.03
N GLY E 239 -10.23 3.89 34.96
CA GLY E 239 -11.67 3.70 34.96
C GLY E 239 -12.07 2.25 35.15
N LEU E 240 -11.38 1.34 34.46
CA LEU E 240 -11.55 -0.09 34.70
C LEU E 240 -11.44 -0.44 36.17
N THR E 241 -10.43 0.11 36.84
CA THR E 241 -10.18 -0.26 38.23
C THR E 241 -11.32 0.19 39.13
N VAL E 242 -11.83 1.40 38.89
CA VAL E 242 -12.98 1.86 39.68
C VAL E 242 -14.18 0.94 39.46
N ALA E 243 -14.47 0.63 38.19
CA ALA E 243 -15.61 -0.25 37.90
C ALA E 243 -15.41 -1.64 38.48
N GLU E 244 -14.17 -2.14 38.49
CA GLU E 244 -13.91 -3.48 39.02
C GLU E 244 -14.08 -3.52 40.52
N TYR E 245 -13.66 -2.46 41.22
CA TYR E 245 -13.98 -2.41 42.64
C TYR E 245 -15.47 -2.48 42.86
N PHE E 246 -16.24 -1.67 42.12
CA PHE E 246 -17.68 -1.71 42.32
C PHE E 246 -18.27 -3.08 42.01
N ARG E 247 -17.69 -3.79 41.05
CA ARG E 247 -18.22 -5.10 40.67
C ARG E 247 -17.84 -6.19 41.67
N ASP E 248 -16.62 -6.16 42.20
CA ASP E 248 -16.14 -7.24 43.04
C ASP E 248 -16.44 -7.01 44.53
N GLN E 249 -15.91 -5.94 45.10
CA GLN E 249 -16.02 -5.75 46.54
C GLN E 249 -17.39 -5.24 46.98
N GLU E 250 -18.18 -4.72 46.05
CA GLU E 250 -19.55 -4.31 46.35
C GLU E 250 -20.58 -5.28 45.81
N GLY E 251 -20.22 -6.12 44.86
CA GLY E 251 -21.16 -7.03 44.24
C GLY E 251 -22.20 -6.29 43.44
N GLN E 252 -21.89 -5.05 43.06
CA GLN E 252 -22.85 -4.15 42.46
C GLN E 252 -22.97 -4.39 40.96
N ASP E 253 -24.10 -3.98 40.40
CA ASP E 253 -24.25 -3.90 38.96
C ASP E 253 -23.70 -2.57 38.48
N VAL E 254 -22.73 -2.61 37.58
CA VAL E 254 -21.99 -1.42 37.17
C VAL E 254 -22.29 -1.12 35.72
N LEU E 255 -22.31 0.17 35.39
CA LEU E 255 -22.40 0.66 34.02
C LEU E 255 -21.11 1.39 33.72
N LEU E 256 -20.38 0.93 32.72
CA LEU E 256 -19.10 1.53 32.37
C LEU E 256 -19.20 2.08 30.95
N PHE E 257 -19.05 3.39 30.82
CA PHE E 257 -19.05 4.06 29.53
C PHE E 257 -17.64 4.54 29.24
N ILE E 258 -17.08 4.11 28.12
CA ILE E 258 -15.73 4.50 27.70
C ILE E 258 -15.84 5.22 26.37
N ASP E 259 -15.42 6.48 26.35
CA ASP E 259 -15.37 7.30 25.15
C ASP E 259 -14.11 8.12 25.25
N ASN E 260 -13.10 7.83 24.43
CA ASN E 260 -13.13 6.86 23.34
C ASN E 260 -12.08 5.78 23.59
N ILE E 261 -12.39 4.53 23.27
CA ILE E 261 -11.45 3.46 23.60
C ILE E 261 -10.40 3.26 22.51
N PHE E 262 -10.60 3.83 21.32
CA PHE E 262 -9.56 3.77 20.30
C PHE E 262 -8.32 4.55 20.73
N ARG E 263 -8.50 5.56 21.57
CA ARG E 263 -7.38 6.40 21.96
C ARG E 263 -6.39 5.65 22.84
N PHE E 264 -6.85 4.60 23.53
CA PHE E 264 -5.95 3.68 24.21
C PHE E 264 -4.93 3.09 23.24
N THR E 265 -5.41 2.55 22.13
CA THR E 265 -4.53 1.96 21.12
C THR E 265 -3.68 3.01 20.44
N GLN E 266 -4.26 4.17 20.13
CA GLN E 266 -3.50 5.23 19.48
C GLN E 266 -2.36 5.73 20.35
N ALA E 267 -2.60 5.87 21.65
CA ALA E 267 -1.54 6.29 22.56
C ALA E 267 -0.49 5.19 22.71
N GLY E 268 -0.92 3.93 22.73
CA GLY E 268 0.05 2.85 22.73
C GLY E 268 0.94 2.89 21.51
N SER E 269 0.38 3.23 20.37
CA SER E 269 1.16 3.38 19.15
C SER E 269 2.16 4.52 19.26
N GLU E 270 1.71 5.67 19.76
CA GLU E 270 2.60 6.82 19.91
C GLU E 270 3.78 6.48 20.79
N VAL E 271 3.56 5.77 21.91
CA VAL E 271 4.70 5.45 22.76
C VAL E 271 5.51 4.30 22.20
N SER E 272 4.88 3.38 21.47
CA SER E 272 5.60 2.25 20.89
C SER E 272 6.63 2.72 19.89
N ALA E 273 6.34 3.84 19.22
CA ALA E 273 7.34 4.47 18.38
C ALA E 273 8.68 4.57 19.10
N LEU E 274 8.66 5.04 20.35
CA LEU E 274 9.87 5.38 21.10
C LEU E 274 10.39 4.26 21.99
N LEU E 275 9.59 3.24 22.27
CA LEU E 275 10.04 2.11 23.08
C LEU E 275 10.98 1.17 22.32
N GLY E 276 11.31 1.49 21.07
CA GLY E 276 12.28 0.72 20.30
C GLY E 276 11.76 -0.56 19.70
N ARG E 277 10.52 -0.57 19.22
CA ARG E 277 9.90 -1.77 18.69
C ARG E 277 9.69 -1.63 17.19
N ILE E 278 9.88 -2.73 16.47
CA ILE E 278 9.69 -2.73 14.99
C ILE E 278 8.19 -2.55 14.73
N PRO E 279 7.78 -1.52 13.95
CA PRO E 279 6.36 -1.25 13.74
C PRO E 279 5.62 -2.40 13.07
N SER E 280 4.31 -2.51 13.30
CA SER E 280 3.50 -3.55 12.60
C SER E 280 2.74 -2.87 11.47
N ALA E 281 1.63 -3.47 11.03
CA ALA E 281 0.86 -2.93 9.88
C ALA E 281 0.29 -1.55 10.20
N VAL E 282 0.35 -0.61 9.24
CA VAL E 282 -0.18 0.77 9.39
C VAL E 282 0.57 1.51 10.51
N GLY E 283 1.78 1.08 10.85
CA GLY E 283 2.60 1.81 11.86
C GLY E 283 2.23 1.55 13.29
N TYR E 284 1.28 0.65 13.55
CA TYR E 284 0.80 0.36 14.92
C TYR E 284 1.83 -0.46 15.69
N GLN E 285 1.72 -0.52 17.01
CA GLN E 285 2.64 -1.34 17.78
C GLN E 285 2.44 -2.81 17.43
N PRO E 286 3.48 -3.64 17.55
CA PRO E 286 3.30 -5.07 17.32
C PRO E 286 2.44 -5.73 18.37
N THR E 287 2.24 -5.07 19.51
CA THR E 287 1.51 -5.62 20.65
C THR E 287 0.07 -5.13 20.70
N LEU E 288 -0.48 -4.63 19.59
CA LEU E 288 -1.81 -4.02 19.59
C LEU E 288 -2.85 -5.00 20.13
N ALA E 289 -2.86 -6.23 19.62
CA ALA E 289 -3.94 -7.15 19.95
C ALA E 289 -3.82 -7.65 21.38
N THR E 290 -2.60 -7.90 21.86
CA THR E 290 -2.46 -8.40 23.22
C THR E 290 -2.65 -7.30 24.24
N ASP E 291 -2.26 -6.06 23.92
CA ASP E 291 -2.58 -4.93 24.78
C ASP E 291 -4.07 -4.73 24.88
N MET E 292 -4.75 -4.73 23.73
CA MET E 292 -6.19 -4.60 23.71
C MET E 292 -6.86 -5.73 24.48
N GLY E 293 -6.34 -6.95 24.36
CA GLY E 293 -6.93 -8.06 25.08
C GLY E 293 -6.74 -7.97 26.57
N THR E 294 -5.52 -7.64 27.01
CA THR E 294 -5.27 -7.45 28.43
C THR E 294 -6.20 -6.40 29.02
N MET E 295 -6.44 -5.31 28.28
CA MET E 295 -7.34 -4.28 28.79
C MET E 295 -8.80 -4.75 28.74
N GLN E 296 -9.20 -5.39 27.65
CA GLN E 296 -10.62 -5.64 27.41
C GLN E 296 -11.14 -6.80 28.23
N GLU E 297 -10.28 -7.77 28.57
CA GLU E 297 -10.74 -8.91 29.33
C GLU E 297 -11.12 -8.55 30.75
N ARG E 298 -10.65 -7.41 31.26
CA ARG E 298 -11.05 -7.00 32.59
C ARG E 298 -12.43 -6.37 32.59
N ILE E 299 -12.85 -5.81 31.45
CA ILE E 299 -14.18 -5.24 31.32
C ILE E 299 -15.15 -6.38 31.03
N THR E 300 -15.70 -6.99 32.07
CA THR E 300 -16.50 -8.17 31.84
C THR E 300 -17.41 -8.41 33.03
N THR E 301 -18.46 -9.17 32.79
CA THR E 301 -19.32 -9.66 33.86
C THR E 301 -18.76 -10.99 34.37
N THR E 302 -18.52 -11.04 35.67
CA THR E 302 -18.17 -12.28 36.33
C THR E 302 -19.37 -12.78 37.12
N LYS E 303 -19.24 -13.94 37.74
CA LYS E 303 -20.31 -14.38 38.63
C LYS E 303 -20.19 -13.77 40.02
N LYS E 304 -19.39 -12.73 40.18
CA LYS E 304 -19.35 -11.93 41.39
C LYS E 304 -20.08 -10.60 41.24
N GLY E 305 -20.33 -10.18 40.00
CA GLY E 305 -21.00 -8.92 39.75
C GLY E 305 -21.05 -8.68 38.26
N SER E 306 -21.87 -7.72 37.87
CA SER E 306 -22.14 -7.43 36.48
C SER E 306 -21.53 -6.10 36.08
N ILE E 307 -21.02 -6.03 34.85
CA ILE E 307 -20.58 -4.79 34.23
C ILE E 307 -21.17 -4.75 32.84
N THR E 308 -22.16 -3.87 32.62
CA THR E 308 -22.60 -3.55 31.28
C THR E 308 -21.71 -2.43 30.76
N SER E 309 -21.06 -2.67 29.64
CA SER E 309 -19.99 -1.80 29.16
C SER E 309 -20.38 -1.24 27.80
N VAL E 310 -20.28 0.08 27.67
CA VAL E 310 -20.56 0.76 26.41
C VAL E 310 -19.28 1.50 26.02
N GLN E 311 -18.74 1.18 24.85
CA GLN E 311 -17.48 1.74 24.40
C GLN E 311 -17.65 2.33 23.02
N ALA E 312 -17.25 3.59 22.87
CA ALA E 312 -17.21 4.20 21.55
C ALA E 312 -15.85 3.94 20.93
N ILE E 313 -15.85 3.38 19.73
CA ILE E 313 -14.63 3.03 19.01
C ILE E 313 -14.52 3.96 17.82
N TYR E 314 -13.47 4.76 17.78
CA TYR E 314 -13.22 5.62 16.64
C TYR E 314 -12.66 4.78 15.50
N VAL E 315 -13.08 5.09 14.28
CA VAL E 315 -12.65 4.37 13.08
C VAL E 315 -11.81 5.33 12.24
N PRO E 316 -10.49 5.12 12.15
CA PRO E 316 -9.63 6.11 11.49
C PRO E 316 -9.89 6.17 9.99
N ALA E 317 -10.18 7.38 9.50
CA ALA E 317 -10.42 7.65 8.08
C ALA E 317 -11.59 6.83 7.54
N ASP E 318 -12.51 6.43 8.43
CA ASP E 318 -13.69 5.64 8.13
C ASP E 318 -13.35 4.23 7.64
N ASP E 319 -12.15 3.75 7.95
CA ASP E 319 -11.70 2.43 7.48
C ASP E 319 -11.96 1.40 8.57
N LEU E 320 -13.00 0.57 8.39
CA LEU E 320 -13.31 -0.44 9.38
C LEU E 320 -12.27 -1.55 9.42
N THR E 321 -11.46 -1.67 8.37
CA THR E 321 -10.41 -2.66 8.30
C THR E 321 -9.12 -2.21 8.97
N ASP E 322 -9.09 -1.00 9.52
CA ASP E 322 -7.95 -0.54 10.29
C ASP E 322 -7.69 -1.52 11.43
N PRO E 323 -6.44 -1.82 11.73
CA PRO E 323 -6.14 -2.80 12.78
C PRO E 323 -6.83 -2.56 14.11
N ALA E 324 -7.03 -1.30 14.52
CA ALA E 324 -7.58 -1.07 15.85
C ALA E 324 -9.07 -1.40 15.94
N PRO E 325 -9.95 -0.85 15.09
CA PRO E 325 -11.36 -1.30 15.17
C PRO E 325 -11.53 -2.75 14.77
N ALA E 326 -10.77 -3.23 13.80
CA ALA E 326 -10.83 -4.62 13.40
C ALA E 326 -10.47 -5.55 14.56
N THR E 327 -9.54 -5.13 15.41
CA THR E 327 -9.23 -5.94 16.59
C THR E 327 -10.28 -5.79 17.67
N THR E 328 -10.89 -4.61 17.79
CA THR E 328 -11.92 -4.43 18.82
C THR E 328 -13.15 -5.26 18.52
N PHE E 329 -13.41 -5.55 17.25
CA PHE E 329 -14.65 -6.25 16.88
C PHE E 329 -14.83 -7.56 17.63
N ALA E 330 -13.74 -8.25 17.95
CA ALA E 330 -13.83 -9.57 18.57
C ALA E 330 -14.14 -9.52 20.06
N HIS E 331 -14.07 -8.37 20.68
CA HIS E 331 -14.22 -8.25 22.13
C HIS E 331 -15.63 -7.86 22.55
N LEU E 332 -16.58 -7.78 21.63
CA LEU E 332 -17.87 -7.17 21.91
C LEU E 332 -18.99 -8.17 21.72
N ASP E 333 -20.07 -7.97 22.50
CA ASP E 333 -21.28 -8.84 22.34
C ASP E 333 -22.24 -8.14 21.37
N ALA E 334 -22.24 -6.81 21.35
CA ALA E 334 -23.09 -6.07 20.44
C ALA E 334 -22.27 -4.95 19.83
N THR E 335 -22.33 -4.82 18.51
CA THR E 335 -21.63 -3.75 17.80
C THR E 335 -22.66 -2.87 17.11
N THR E 336 -22.59 -1.57 17.36
CA THR E 336 -23.37 -0.58 16.63
C THR E 336 -22.39 0.15 15.72
N VAL E 337 -22.49 -0.09 14.42
CA VAL E 337 -21.58 0.49 13.46
C VAL E 337 -22.27 1.69 12.81
N LEU E 338 -21.82 2.89 13.13
CA LEU E 338 -22.36 4.10 12.52
C LEU E 338 -21.67 4.34 11.19
N SER E 339 -22.43 4.84 10.22
CA SER E 339 -21.95 5.01 8.86
C SER E 339 -22.04 6.47 8.45
N ARG E 340 -21.00 6.97 7.79
CA ARG E 340 -21.02 8.34 7.31
C ARG E 340 -21.97 8.50 6.14
N ALA E 341 -22.04 7.48 5.28
CA ALA E 341 -22.95 7.53 4.14
C ALA E 341 -24.40 7.62 4.62
N ILE E 342 -24.74 6.91 5.70
CA ILE E 342 -26.08 6.98 6.25
C ILE E 342 -26.32 8.31 6.92
N ALA E 343 -25.29 8.90 7.52
CA ALA E 343 -25.45 10.19 8.16
C ALA E 343 -25.63 11.32 7.15
N GLU E 344 -25.09 11.15 5.93
CA GLU E 344 -25.31 12.15 4.90
C GLU E 344 -26.69 12.07 4.28
N LEU E 345 -27.40 10.95 4.46
CA LEU E 345 -28.79 10.89 4.08
C LEU E 345 -29.72 11.52 5.11
N GLY E 346 -29.17 12.15 6.13
CA GLY E 346 -29.98 12.73 7.18
C GLY E 346 -30.53 11.75 8.20
N ILE E 347 -30.29 10.46 8.01
CA ILE E 347 -30.81 9.46 8.94
C ILE E 347 -29.94 9.45 10.18
N TYR E 348 -30.55 9.67 11.34
CA TYR E 348 -29.86 9.68 12.62
C TYR E 348 -30.70 8.89 13.62
N PRO E 349 -30.09 8.00 14.42
CA PRO E 349 -28.66 7.68 14.46
C PRO E 349 -28.20 6.98 13.19
N ALA E 350 -26.94 7.17 12.84
CA ALA E 350 -26.42 6.75 11.55
C ALA E 350 -26.08 5.27 11.51
N VAL E 351 -26.70 4.48 12.38
CA VAL E 351 -26.47 3.04 12.48
C VAL E 351 -26.59 2.38 11.10
N ASP E 352 -25.59 1.59 10.75
CA ASP E 352 -25.66 0.78 9.54
C ASP E 352 -26.40 -0.50 9.89
N PRO E 353 -27.62 -0.69 9.37
CA PRO E 353 -28.43 -1.83 9.81
C PRO E 353 -27.94 -3.16 9.31
N LEU E 354 -27.11 -3.18 8.27
CA LEU E 354 -26.54 -4.41 7.74
C LEU E 354 -25.10 -4.62 8.18
N ASP E 355 -24.62 -3.81 9.12
CA ASP E 355 -23.30 -3.96 9.71
C ASP E 355 -23.32 -4.05 11.21
N SER E 356 -24.46 -3.80 11.86
CA SER E 356 -24.57 -3.92 13.30
C SER E 356 -25.08 -5.30 13.66
N THR E 357 -24.46 -5.92 14.66
CA THR E 357 -24.82 -7.26 15.08
C THR E 357 -25.00 -7.32 16.59
N SER E 358 -25.59 -8.41 17.04
CA SER E 358 -25.75 -8.70 18.46
C SER E 358 -25.81 -10.21 18.62
N ARG E 359 -25.35 -10.69 19.77
CA ARG E 359 -25.34 -12.13 20.00
C ARG E 359 -26.66 -12.65 20.56
N ILE E 360 -27.48 -11.76 21.14
CA ILE E 360 -28.80 -12.18 21.60
C ILE E 360 -29.87 -12.00 20.53
N MET E 361 -29.48 -11.67 19.30
CA MET E 361 -30.41 -11.72 18.18
C MET E 361 -30.61 -13.17 17.80
N ASP E 362 -31.43 -13.87 18.58
CA ASP E 362 -31.57 -15.31 18.58
C ASP E 362 -33.03 -15.56 18.94
N PRO E 363 -33.77 -16.35 18.15
CA PRO E 363 -35.18 -16.57 18.46
C PRO E 363 -35.44 -17.09 19.86
N ASN E 364 -34.52 -17.87 20.43
CA ASN E 364 -34.72 -18.40 21.76
C ASN E 364 -34.42 -17.39 22.86
N ILE E 365 -33.99 -16.19 22.51
CA ILE E 365 -33.65 -15.16 23.47
C ILE E 365 -34.58 -13.96 23.34
N VAL E 366 -34.89 -13.55 22.11
CA VAL E 366 -35.76 -12.40 21.88
C VAL E 366 -37.14 -12.79 21.38
N GLY E 367 -37.42 -14.07 21.19
CA GLY E 367 -38.70 -14.48 20.67
C GLY E 367 -38.71 -14.55 19.15
N SER E 368 -39.66 -15.32 18.61
CA SER E 368 -39.71 -15.49 17.17
C SER E 368 -40.28 -14.26 16.47
N GLU E 369 -41.10 -13.48 17.16
CA GLU E 369 -41.67 -12.28 16.54
C GLU E 369 -40.59 -11.22 16.32
N HIS E 370 -39.85 -10.89 17.37
CA HIS E 370 -38.74 -9.95 17.24
C HIS E 370 -37.74 -10.43 16.21
N TYR E 371 -37.35 -11.70 16.28
CA TYR E 371 -36.34 -12.24 15.39
C TYR E 371 -36.80 -12.18 13.94
N ASP E 372 -38.05 -12.55 13.68
CA ASP E 372 -38.56 -12.55 12.32
C ASP E 372 -38.68 -11.14 11.77
N VAL E 373 -39.13 -10.19 12.60
CA VAL E 373 -39.21 -8.81 12.12
C VAL E 373 -37.84 -8.27 11.79
N ALA E 374 -36.85 -8.52 12.65
CA ALA E 374 -35.50 -8.03 12.39
C ALA E 374 -34.92 -8.65 11.13
N ARG E 375 -35.06 -9.96 10.98
CA ARG E 375 -34.50 -10.63 9.82
C ARG E 375 -35.20 -10.21 8.53
N GLY E 376 -36.50 -9.94 8.56
CA GLY E 376 -37.18 -9.46 7.38
C GLY E 376 -36.76 -8.04 7.00
N VAL E 377 -36.58 -7.18 8.01
CA VAL E 377 -36.07 -5.84 7.75
C VAL E 377 -34.70 -5.91 7.08
N GLN E 378 -33.82 -6.75 7.62
CA GLN E 378 -32.48 -6.85 7.05
C GLN E 378 -32.52 -7.45 5.65
N LYS E 379 -33.43 -8.40 5.40
CA LYS E 379 -33.58 -8.94 4.05
C LYS E 379 -33.98 -7.87 3.06
N ILE E 380 -34.95 -7.04 3.41
CA ILE E 380 -35.42 -6.06 2.43
C ILE E 380 -34.37 -4.97 2.23
N LEU E 381 -33.60 -4.64 3.27
CA LEU E 381 -32.54 -3.65 3.08
C LEU E 381 -31.41 -4.20 2.23
N GLN E 382 -31.07 -5.48 2.40
CA GLN E 382 -30.06 -6.08 1.53
C GLN E 382 -30.53 -6.13 0.08
N ASP E 383 -31.82 -6.42 -0.15
CA ASP E 383 -32.33 -6.45 -1.51
C ASP E 383 -32.27 -5.06 -2.15
N TYR E 384 -32.66 -4.03 -1.40
CA TYR E 384 -32.51 -2.66 -1.90
C TYR E 384 -31.06 -2.36 -2.25
N LYS E 385 -30.13 -2.73 -1.38
CA LYS E 385 -28.71 -2.46 -1.65
C LYS E 385 -28.25 -3.18 -2.91
N SER E 386 -28.78 -4.38 -3.15
CA SER E 386 -28.45 -5.09 -4.37
C SER E 386 -28.98 -4.38 -5.60
N LEU E 387 -30.16 -3.77 -5.50
CA LEU E 387 -30.72 -3.05 -6.64
C LEU E 387 -30.05 -1.71 -6.90
N GLN E 388 -29.29 -1.19 -5.93
CA GLN E 388 -28.72 0.15 -6.01
C GLN E 388 -28.04 0.51 -7.34
N ASP E 389 -27.26 -0.40 -7.94
CA ASP E 389 -26.55 -0.05 -9.18
C ASP E 389 -27.53 0.22 -10.32
N ILE E 390 -28.46 -0.70 -10.55
CA ILE E 390 -29.45 -0.51 -11.60
C ILE E 390 -30.27 0.75 -11.33
N ILE E 391 -30.62 1.00 -10.07
CA ILE E 391 -31.36 2.21 -9.76
C ILE E 391 -30.53 3.44 -10.08
N ALA E 392 -29.22 3.36 -9.90
CA ALA E 392 -28.37 4.53 -10.08
C ALA E 392 -28.18 4.85 -11.56
N ILE E 393 -27.97 3.83 -12.39
CA ILE E 393 -27.71 4.09 -13.80
C ILE E 393 -29.00 4.09 -14.60
N LEU E 394 -29.68 2.95 -14.66
CA LEU E 394 -30.84 2.81 -15.52
C LEU E 394 -32.10 3.41 -14.95
N GLY E 395 -32.00 4.20 -13.90
CA GLY E 395 -33.17 4.85 -13.32
C GLY E 395 -34.10 3.87 -12.63
N MET E 396 -35.12 4.46 -12.01
CA MET E 396 -36.09 3.67 -11.25
C MET E 396 -37.01 2.86 -12.16
N ASP E 397 -37.25 3.34 -13.38
CA ASP E 397 -38.32 2.79 -14.20
C ASP E 397 -37.98 1.45 -14.84
N GLU E 398 -36.71 1.04 -14.85
CA GLU E 398 -36.32 -0.20 -15.50
C GLU E 398 -36.40 -1.40 -14.57
N LEU E 399 -37.16 -1.32 -13.49
CA LEU E 399 -37.29 -2.42 -12.55
C LEU E 399 -38.61 -3.15 -12.74
N SER E 400 -38.74 -4.28 -12.05
CA SER E 400 -40.00 -4.98 -12.00
C SER E 400 -40.99 -4.20 -11.16
N GLU E 401 -42.18 -4.75 -10.96
CA GLU E 401 -43.09 -4.12 -10.00
C GLU E 401 -42.77 -4.61 -8.60
N GLU E 402 -42.34 -5.87 -8.48
CA GLU E 402 -41.90 -6.38 -7.18
C GLU E 402 -40.64 -5.66 -6.69
N ASP E 403 -39.72 -5.34 -7.61
CA ASP E 403 -38.54 -4.58 -7.22
C ASP E 403 -38.91 -3.16 -6.81
N LYS E 404 -39.89 -2.55 -7.49
CA LYS E 404 -40.33 -1.22 -7.07
C LYS E 404 -40.98 -1.27 -5.71
N LEU E 405 -41.75 -2.32 -5.43
CA LEU E 405 -42.36 -2.46 -4.11
C LEU E 405 -41.30 -2.67 -3.04
N THR E 406 -40.30 -3.48 -3.34
CA THR E 406 -39.17 -3.67 -2.42
C THR E 406 -38.44 -2.36 -2.16
N VAL E 407 -38.19 -1.58 -3.21
CA VAL E 407 -37.50 -0.31 -3.02
C VAL E 407 -38.32 0.63 -2.16
N SER E 408 -39.62 0.72 -2.40
CA SER E 408 -40.46 1.63 -1.64
C SER E 408 -40.52 1.23 -0.17
N ARG E 409 -40.72 -0.06 0.09
CA ARG E 409 -40.76 -0.52 1.49
C ARG E 409 -39.42 -0.36 2.16
N ALA E 410 -38.32 -0.64 1.46
CA ALA E 410 -37.00 -0.48 2.03
C ALA E 410 -36.70 0.97 2.36
N ARG E 411 -37.16 1.90 1.53
CA ARG E 411 -36.95 3.31 1.84
C ARG E 411 -37.79 3.75 3.02
N LYS E 412 -39.03 3.26 3.12
CA LYS E 412 -39.84 3.56 4.29
C LYS E 412 -39.18 3.02 5.56
N ILE E 413 -38.58 1.83 5.47
CA ILE E 413 -37.94 1.23 6.63
C ILE E 413 -36.67 1.99 7.00
N GLN E 414 -35.90 2.42 6.01
CA GLN E 414 -34.75 3.27 6.26
C GLN E 414 -35.15 4.53 7.02
N ARG E 415 -36.20 5.21 6.55
CA ARG E 415 -36.67 6.40 7.28
C ARG E 415 -37.08 6.03 8.69
N PHE E 416 -37.89 4.99 8.85
CA PHE E 416 -38.42 4.65 10.16
C PHE E 416 -37.35 4.13 11.11
N LEU E 417 -36.15 3.83 10.63
CA LEU E 417 -35.08 3.46 11.55
C LEU E 417 -34.50 4.69 12.25
N SER E 418 -34.66 5.87 11.68
CA SER E 418 -34.20 7.09 12.31
C SER E 418 -35.07 7.45 13.50
N GLN E 419 -34.59 8.36 14.33
CA GLN E 419 -35.29 8.69 15.57
C GLN E 419 -34.71 9.96 16.15
N PRO E 420 -35.53 10.85 16.70
CA PRO E 420 -34.99 12.03 17.38
C PRO E 420 -34.60 11.69 18.81
N PHE E 421 -33.42 12.14 19.21
CA PHE E 421 -32.89 11.89 20.54
C PHE E 421 -33.19 13.07 21.45
N GLN E 422 -33.22 12.80 22.76
CA GLN E 422 -33.44 13.87 23.71
C GLN E 422 -32.19 14.71 23.89
N VAL E 423 -31.01 14.11 23.71
CA VAL E 423 -29.77 14.88 23.72
C VAL E 423 -29.57 15.67 22.44
N ALA E 424 -30.33 15.36 21.39
CA ALA E 424 -30.22 16.05 20.11
C ALA E 424 -31.29 17.11 19.93
N GLU E 425 -32.16 17.30 20.91
CA GLU E 425 -33.19 18.34 20.80
C GLU E 425 -32.60 19.72 20.61
N VAL E 426 -31.47 20.02 21.26
CA VAL E 426 -30.98 21.39 21.32
C VAL E 426 -30.64 21.92 19.93
N PHE E 427 -30.13 21.07 19.04
CA PHE E 427 -29.77 21.52 17.70
C PHE E 427 -30.67 20.93 16.63
N THR E 428 -31.82 20.37 16.99
CA THR E 428 -32.79 19.88 16.01
C THR E 428 -34.20 20.33 16.30
N GLY E 429 -34.52 20.72 17.54
CA GLY E 429 -35.83 21.21 17.88
C GLY E 429 -36.88 20.14 18.08
N HIS E 430 -36.73 18.98 17.44
CA HIS E 430 -37.68 17.90 17.64
C HIS E 430 -37.48 17.29 19.02
N MET E 431 -38.57 17.08 19.73
CA MET E 431 -38.50 16.44 21.04
C MET E 431 -38.07 14.99 20.88
N GLY E 432 -37.24 14.51 21.79
CA GLY E 432 -36.74 13.16 21.70
C GLY E 432 -37.84 12.14 21.93
N LYS E 433 -37.60 10.93 21.43
CA LYS E 433 -38.55 9.83 21.52
C LYS E 433 -37.88 8.61 22.13
N LEU E 434 -38.58 7.95 23.03
CA LEU E 434 -38.10 6.72 23.66
C LEU E 434 -39.15 5.65 23.33
N VAL E 435 -38.86 4.85 22.31
CA VAL E 435 -39.82 3.91 21.77
C VAL E 435 -39.68 2.56 22.46
N PRO E 436 -40.73 2.06 23.11
CA PRO E 436 -40.67 0.72 23.70
C PRO E 436 -40.44 -0.36 22.64
N LEU E 437 -39.95 -1.50 23.10
CA LEU E 437 -39.60 -2.57 22.18
C LEU E 437 -40.84 -3.12 21.47
N LYS E 438 -41.93 -3.27 22.21
CA LYS E 438 -43.20 -3.69 21.61
C LYS E 438 -43.61 -2.79 20.46
N GLU E 439 -43.54 -1.47 20.66
CA GLU E 439 -43.97 -0.55 19.61
C GLU E 439 -43.03 -0.60 18.41
N THR E 440 -41.74 -0.82 18.63
CA THR E 440 -40.80 -0.96 17.53
C THR E 440 -41.13 -2.20 16.70
N ILE E 441 -41.26 -3.35 17.36
CA ILE E 441 -41.56 -4.58 16.65
C ILE E 441 -42.88 -4.44 15.89
N LYS E 442 -43.88 -3.82 16.52
CA LYS E 442 -45.17 -3.66 15.87
C LYS E 442 -45.07 -2.78 14.63
N GLY E 443 -44.44 -1.61 14.77
CA GLY E 443 -44.32 -0.71 13.64
C GLY E 443 -43.58 -1.31 12.47
N PHE E 444 -42.50 -2.05 12.76
CA PHE E 444 -41.74 -2.61 11.64
C PHE E 444 -42.45 -3.82 11.04
N GLN E 445 -43.15 -4.62 11.86
CA GLN E 445 -44.01 -5.67 11.32
C GLN E 445 -45.06 -5.10 10.40
N GLN E 446 -45.66 -3.96 10.78
CA GLN E 446 -46.70 -3.36 9.97
C GLN E 446 -46.14 -2.79 8.67
N ILE E 447 -44.97 -2.15 8.72
CA ILE E 447 -44.38 -1.64 7.47
C ILE E 447 -44.03 -2.80 6.55
N LEU E 448 -43.48 -3.88 7.11
CA LEU E 448 -43.14 -5.03 6.28
C LEU E 448 -44.38 -5.66 5.67
N ALA E 449 -45.50 -5.62 6.39
CA ALA E 449 -46.75 -6.18 5.88
C ALA E 449 -47.30 -5.39 4.70
N GLY E 450 -47.02 -4.10 4.61
CA GLY E 450 -47.60 -3.27 3.60
C GLY E 450 -48.75 -2.41 4.06
N GLU E 451 -49.04 -2.38 5.36
CA GLU E 451 -50.15 -1.61 5.90
C GLU E 451 -49.99 -0.12 5.68
N TYR E 452 -48.83 0.33 5.22
CA TYR E 452 -48.60 1.76 5.02
C TYR E 452 -47.99 2.04 3.66
N ASP E 453 -48.21 1.14 2.69
CA ASP E 453 -47.68 1.35 1.35
C ASP E 453 -48.29 2.59 0.69
N HIS E 454 -49.35 3.15 1.27
CA HIS E 454 -49.99 4.34 0.70
C HIS E 454 -49.43 5.63 1.26
N LEU E 455 -48.81 5.61 2.43
CA LEU E 455 -48.23 6.82 2.99
C LEU E 455 -46.91 7.13 2.28
N PRO E 456 -46.52 8.40 2.23
CA PRO E 456 -45.23 8.75 1.66
C PRO E 456 -44.08 8.39 2.60
N GLU E 457 -42.90 8.19 2.01
CA GLU E 457 -41.76 7.77 2.79
C GLU E 457 -41.33 8.87 3.76
N GLN E 458 -41.54 10.12 3.38
CA GLN E 458 -41.08 11.23 4.21
C GLN E 458 -41.92 11.36 5.49
N ALA E 459 -42.97 10.54 5.63
CA ALA E 459 -43.77 10.57 6.84
C ALA E 459 -43.17 9.71 7.94
N PHE E 460 -42.29 8.77 7.58
CA PHE E 460 -41.63 7.92 8.55
C PHE E 460 -40.34 8.51 9.08
N TYR E 461 -39.92 9.66 8.56
CA TYR E 461 -38.63 10.23 8.89
C TYR E 461 -38.69 10.97 10.22
N MET E 462 -37.83 10.58 11.16
CA MET E 462 -37.66 11.27 12.44
C MET E 462 -38.94 11.26 13.26
N VAL E 463 -39.50 10.08 13.48
CA VAL E 463 -40.66 9.91 14.34
C VAL E 463 -40.32 8.86 15.40
N GLY E 464 -41.25 8.67 16.33
CA GLY E 464 -41.11 7.66 17.33
C GLY E 464 -41.84 6.39 16.93
N PRO E 465 -42.98 6.14 17.54
CA PRO E 465 -43.80 5.00 17.13
C PRO E 465 -44.45 5.24 15.79
N ILE E 466 -45.09 4.18 15.27
CA ILE E 466 -45.71 4.25 13.95
C ILE E 466 -46.95 5.14 13.95
N GLU E 467 -47.58 5.32 15.11
CA GLU E 467 -48.71 6.23 15.19
C GLU E 467 -48.29 7.66 14.88
N GLU E 468 -47.09 8.05 15.31
CA GLU E 468 -46.58 9.35 14.93
C GLU E 468 -46.28 9.42 13.44
N ALA E 469 -45.95 8.28 12.84
CA ALA E 469 -45.76 8.25 11.39
C ALA E 469 -47.06 8.50 10.66
N VAL E 470 -48.16 7.88 11.10
CA VAL E 470 -49.43 8.10 10.43
C VAL E 470 -49.96 9.50 10.72
N ALA E 471 -49.67 10.04 11.91
CA ALA E 471 -50.05 11.42 12.19
C ALA E 471 -49.30 12.40 11.30
N LYS E 472 -48.00 12.17 11.10
CA LYS E 472 -47.22 13.03 10.23
C LYS E 472 -47.69 12.91 8.79
N ALA E 473 -48.09 11.70 8.37
CA ALA E 473 -48.64 11.52 7.03
C ALA E 473 -49.94 12.28 6.87
N ASP E 474 -50.80 12.23 7.89
CA ASP E 474 -52.06 12.96 7.88
C ASP E 474 -51.85 14.47 7.92
N LYS E 475 -50.74 14.93 8.48
CA LYS E 475 -50.50 16.37 8.54
C LYS E 475 -49.77 16.88 7.30
N LEU E 476 -49.08 16.00 6.58
CA LEU E 476 -48.51 16.40 5.29
C LEU E 476 -49.58 16.56 4.23
N ALA E 477 -50.48 15.59 4.09
CA ALA E 477 -51.60 15.70 3.17
C ALA E 477 -52.66 16.63 3.76
N ALA F 11 37.55 -33.99 6.80
CA ALA F 11 37.16 -32.70 6.27
C ALA F 11 37.07 -31.65 7.36
N ALA F 12 36.51 -30.50 7.04
CA ALA F 12 36.43 -29.39 7.98
C ALA F 12 35.29 -29.62 8.97
N THR F 13 35.51 -29.21 10.21
CA THR F 13 34.52 -29.35 11.27
C THR F 13 34.27 -27.97 11.89
N GLY F 14 33.00 -27.58 11.95
CA GLY F 14 32.60 -26.35 12.56
C GLY F 14 31.58 -26.55 13.67
N ARG F 15 31.16 -25.42 14.25
CA ARG F 15 30.24 -25.43 15.37
C ARG F 15 29.07 -24.50 15.08
N ILE F 16 27.87 -24.92 15.50
CA ILE F 16 26.70 -24.05 15.40
C ILE F 16 26.84 -22.92 16.40
N VAL F 17 26.71 -21.69 15.93
CA VAL F 17 26.79 -20.53 16.81
C VAL F 17 25.47 -19.78 16.92
N ALA F 18 24.56 -19.94 15.98
CA ALA F 18 23.28 -19.26 16.03
C ALA F 18 22.22 -20.12 15.36
N VAL F 19 21.01 -20.08 15.89
CA VAL F 19 19.86 -20.77 15.33
C VAL F 19 18.68 -19.82 15.43
N ILE F 20 18.25 -19.28 14.31
CA ILE F 20 17.05 -18.43 14.26
C ILE F 20 16.14 -18.98 13.19
N GLY F 21 15.23 -19.87 13.58
CA GLY F 21 14.30 -20.43 12.61
C GLY F 21 14.95 -21.52 11.80
N ALA F 22 14.82 -21.41 10.47
CA ALA F 22 15.43 -22.35 9.55
C ALA F 22 16.79 -21.90 9.06
N VAL F 23 17.37 -20.88 9.70
CA VAL F 23 18.67 -20.35 9.32
C VAL F 23 19.64 -20.62 10.46
N VAL F 24 20.77 -21.22 10.15
CA VAL F 24 21.75 -21.68 11.13
C VAL F 24 23.11 -21.13 10.74
N ASP F 25 23.77 -20.43 11.65
CA ASP F 25 25.12 -19.95 11.44
C ASP F 25 26.11 -20.97 12.01
N VAL F 26 27.17 -21.25 11.25
CA VAL F 26 28.18 -22.23 11.64
C VAL F 26 29.54 -21.57 11.55
N GLN F 27 30.35 -21.73 12.59
CA GLN F 27 31.70 -21.16 12.64
C GLN F 27 32.72 -22.27 12.45
N PHE F 28 33.67 -22.06 11.55
CA PHE F 28 34.71 -23.03 11.25
C PHE F 28 36.04 -22.46 11.72
N ASP F 29 36.88 -23.31 12.33
CA ASP F 29 38.24 -22.90 12.64
C ASP F 29 39.15 -23.08 11.44
N GLU F 30 39.21 -24.31 10.90
CA GLU F 30 40.04 -24.63 9.76
C GLU F 30 39.15 -24.97 8.57
N GLY F 31 39.44 -24.39 7.42
CA GLY F 31 38.78 -24.79 6.20
C GLY F 31 37.33 -24.37 6.05
N LEU F 32 37.08 -23.08 5.88
CA LEU F 32 35.75 -22.60 5.56
C LEU F 32 35.22 -23.32 4.32
N PRO F 33 34.01 -23.86 4.35
CA PRO F 33 33.46 -24.52 3.17
C PRO F 33 32.95 -23.50 2.16
N PRO F 34 33.04 -23.80 0.87
CA PRO F 34 32.49 -22.89 -0.14
C PRO F 34 30.98 -22.75 -0.03
N ILE F 35 30.47 -21.73 -0.72
CA ILE F 35 29.03 -21.55 -0.80
C ILE F 35 28.42 -22.70 -1.60
N LEU F 36 27.21 -23.10 -1.21
CA LEU F 36 26.38 -24.18 -1.76
C LEU F 36 26.79 -25.55 -1.25
N ASN F 37 27.78 -25.66 -0.39
CA ASN F 37 28.15 -26.97 0.14
C ASN F 37 27.10 -27.49 1.10
N ALA F 38 26.98 -28.80 1.17
CA ALA F 38 26.13 -29.44 2.15
C ALA F 38 26.93 -29.77 3.39
N LEU F 39 26.36 -29.46 4.55
CA LEU F 39 26.98 -29.72 5.84
C LEU F 39 26.11 -30.71 6.60
N GLU F 40 26.76 -31.61 7.33
CA GLU F 40 26.05 -32.60 8.13
C GLU F 40 26.12 -32.19 9.59
N VAL F 41 24.96 -32.08 10.24
CA VAL F 41 24.94 -31.78 11.66
C VAL F 41 25.14 -33.08 12.44
N GLN F 42 26.20 -33.12 13.25
CA GLN F 42 26.52 -34.31 14.02
C GLN F 42 25.70 -34.36 15.29
N GLY F 43 25.42 -35.58 15.75
CA GLY F 43 24.68 -35.76 16.98
C GLY F 43 23.17 -35.70 16.83
N ARG F 44 22.65 -36.07 15.66
CA ARG F 44 21.22 -36.07 15.40
C ARG F 44 20.77 -37.45 14.98
N GLU F 45 19.59 -37.85 15.46
CA GLU F 45 19.10 -39.20 15.18
C GLU F 45 18.68 -39.33 13.72
N THR F 46 18.16 -38.26 13.14
CA THR F 46 17.88 -38.20 11.71
C THR F 46 18.89 -37.27 11.04
N ARG F 47 18.95 -37.34 9.72
CA ARG F 47 19.95 -36.61 8.96
C ARG F 47 19.50 -35.17 8.76
N LEU F 48 20.28 -34.22 9.27
CA LEU F 48 20.01 -32.80 9.05
C LEU F 48 21.14 -32.22 8.21
N VAL F 49 20.79 -31.71 7.05
CA VAL F 49 21.75 -31.13 6.11
C VAL F 49 21.58 -29.63 6.10
N LEU F 50 22.69 -28.91 6.22
CA LEU F 50 22.71 -27.45 6.13
C LEU F 50 23.39 -27.08 4.83
N GLU F 51 22.77 -26.20 4.05
CA GLU F 51 23.35 -25.74 2.80
C GLU F 51 23.94 -24.35 3.01
N VAL F 52 25.24 -24.21 2.72
CA VAL F 52 25.90 -22.93 2.94
C VAL F 52 25.33 -21.90 1.98
N ALA F 53 24.93 -20.75 2.52
CA ALA F 53 24.35 -19.69 1.72
C ALA F 53 25.28 -18.49 1.60
N GLN F 54 25.89 -18.06 2.71
CA GLN F 54 26.69 -16.85 2.73
C GLN F 54 27.92 -17.07 3.59
N HIS F 55 29.01 -16.37 3.23
CA HIS F 55 30.19 -16.26 4.08
C HIS F 55 30.09 -14.92 4.81
N LEU F 56 29.91 -14.97 6.12
CA LEU F 56 29.64 -13.76 6.88
C LEU F 56 30.89 -13.02 7.32
N GLY F 57 32.07 -13.57 7.08
CA GLY F 57 33.28 -13.09 7.72
C GLY F 57 33.39 -13.66 9.11
N GLU F 58 34.57 -13.47 9.71
CA GLU F 58 34.84 -13.97 11.06
C GLU F 58 34.76 -15.50 11.08
N SER F 59 35.09 -16.12 9.95
CA SER F 59 35.13 -17.57 9.78
C SER F 59 33.78 -18.22 10.01
N THR F 60 32.69 -17.47 9.84
CA THR F 60 31.34 -17.97 10.01
C THR F 60 30.65 -18.04 8.66
N VAL F 61 29.84 -19.06 8.45
CA VAL F 61 28.98 -19.16 7.28
C VAL F 61 27.54 -19.17 7.76
N ARG F 62 26.64 -18.65 6.95
CA ARG F 62 25.22 -18.73 7.24
C ARG F 62 24.58 -19.77 6.33
N THR F 63 23.83 -20.68 6.94
CA THR F 63 23.32 -21.83 6.22
C THR F 63 21.81 -21.91 6.37
N ILE F 64 21.18 -22.60 5.42
CA ILE F 64 19.76 -22.90 5.47
C ILE F 64 19.61 -24.39 5.76
N ALA F 65 18.69 -24.73 6.66
CA ALA F 65 18.51 -26.12 7.04
C ALA F 65 17.51 -26.80 6.11
N MET F 66 17.84 -28.03 5.72
CA MET F 66 16.96 -28.83 4.88
C MET F 66 15.90 -29.56 5.68
N ASP F 67 16.00 -29.57 7.00
CA ASP F 67 14.96 -30.13 7.85
C ASP F 67 14.72 -29.19 9.02
N GLY F 68 13.99 -29.65 10.04
CA GLY F 68 13.69 -28.78 11.16
C GLY F 68 14.91 -28.56 12.04
N THR F 69 14.94 -27.39 12.69
CA THR F 69 16.07 -27.01 13.53
C THR F 69 15.79 -27.16 15.02
N GLU F 70 14.71 -27.82 15.41
CA GLU F 70 14.45 -28.04 16.82
C GLU F 70 15.50 -28.98 17.40
N GLY F 71 15.93 -28.69 18.62
CA GLY F 71 16.91 -29.50 19.28
C GLY F 71 18.35 -29.18 18.93
N LEU F 72 18.60 -28.21 18.07
CA LEU F 72 19.96 -27.80 17.77
C LEU F 72 20.52 -26.95 18.90
N VAL F 73 21.79 -27.15 19.20
CA VAL F 73 22.46 -26.49 20.32
C VAL F 73 23.61 -25.66 19.77
N ARG F 74 23.87 -24.52 20.40
CA ARG F 74 25.05 -23.75 20.06
C ARG F 74 26.29 -24.49 20.51
N GLY F 75 27.25 -24.65 19.61
CA GLY F 75 28.40 -25.48 19.86
C GLY F 75 28.29 -26.89 19.31
N GLN F 76 27.12 -27.26 18.79
CA GLN F 76 26.97 -28.56 18.15
C GLN F 76 27.87 -28.64 16.93
N LYS F 77 28.51 -29.79 16.75
CA LYS F 77 29.51 -29.92 15.69
C LYS F 77 28.83 -30.16 14.35
N VAL F 78 29.47 -29.67 13.30
CA VAL F 78 28.97 -29.77 11.94
C VAL F 78 30.13 -30.22 11.06
N LEU F 79 29.85 -31.11 10.11
CA LEU F 79 30.88 -31.69 9.27
C LEU F 79 30.66 -31.25 7.83
N ASP F 80 31.74 -30.88 7.15
CA ASP F 80 31.66 -30.44 5.76
C ASP F 80 31.72 -31.64 4.83
N SER F 81 30.77 -31.74 3.91
CA SER F 81 30.78 -32.82 2.93
C SER F 81 31.84 -32.61 1.86
N GLY F 82 32.20 -31.36 1.56
CA GLY F 82 33.13 -31.08 0.49
C GLY F 82 32.50 -30.98 -0.87
N ALA F 83 31.18 -30.94 -0.96
CA ALA F 83 30.47 -30.88 -2.22
C ALA F 83 29.05 -30.42 -1.94
N PRO F 84 28.31 -29.99 -2.96
CA PRO F 84 26.90 -29.68 -2.75
C PRO F 84 26.09 -30.92 -2.42
N ILE F 85 24.78 -30.76 -2.23
CA ILE F 85 23.93 -31.92 -1.96
C ILE F 85 24.04 -32.88 -3.14
N LYS F 86 24.41 -34.11 -2.86
CA LYS F 86 24.62 -35.13 -3.89
C LYS F 86 23.55 -36.21 -3.77
N ILE F 87 22.78 -36.41 -4.83
CA ILE F 87 21.69 -37.37 -4.82
C ILE F 87 22.04 -38.56 -5.69
N PRO F 88 21.45 -39.73 -5.47
CA PRO F 88 21.63 -40.84 -6.41
C PRO F 88 20.91 -40.55 -7.71
N VAL F 89 21.61 -40.77 -8.82
CA VAL F 89 21.03 -40.66 -10.15
C VAL F 89 21.25 -41.96 -10.89
N GLY F 90 20.35 -42.28 -11.80
CA GLY F 90 20.49 -43.48 -12.58
C GLY F 90 19.16 -44.18 -12.79
N PRO F 91 19.20 -45.35 -13.42
CA PRO F 91 17.98 -46.13 -13.58
C PRO F 91 17.36 -46.57 -12.26
N GLU F 92 18.18 -46.77 -11.22
CA GLU F 92 17.66 -47.31 -9.97
C GLU F 92 16.76 -46.34 -9.24
N THR F 93 16.72 -45.08 -9.66
CA THR F 93 15.80 -44.13 -9.09
C THR F 93 14.37 -44.30 -9.58
N LEU F 94 14.17 -45.09 -10.63
CA LEU F 94 12.85 -45.22 -11.23
C LEU F 94 11.96 -46.10 -10.37
N GLY F 95 10.75 -45.63 -10.11
CA GLY F 95 9.85 -46.31 -9.20
C GLY F 95 10.05 -45.97 -7.75
N ARG F 96 11.09 -45.22 -7.41
CA ARG F 96 11.35 -44.81 -6.05
C ARG F 96 10.89 -43.38 -5.81
N ILE F 97 10.69 -43.04 -4.54
CA ILE F 97 10.44 -41.68 -4.11
C ILE F 97 11.62 -41.26 -3.25
N MET F 98 12.23 -40.13 -3.58
CA MET F 98 13.30 -39.59 -2.77
C MET F 98 12.94 -38.17 -2.35
N ASN F 99 13.57 -37.71 -1.27
CA ASN F 99 13.36 -36.35 -0.78
C ASN F 99 14.47 -35.44 -1.31
N VAL F 100 14.54 -34.23 -0.76
CA VAL F 100 15.43 -33.20 -1.30
C VAL F 100 16.89 -33.65 -1.24
N ILE F 101 17.26 -34.42 -0.22
CA ILE F 101 18.65 -34.81 -0.05
C ILE F 101 18.92 -36.22 -0.57
N GLY F 102 17.98 -36.82 -1.28
CA GLY F 102 18.22 -38.08 -1.94
C GLY F 102 17.92 -39.30 -1.12
N GLU F 103 17.32 -39.17 0.04
CA GLU F 103 16.98 -40.36 0.80
C GLU F 103 15.65 -40.93 0.31
N PRO F 104 15.51 -42.25 0.31
CA PRO F 104 14.22 -42.86 -0.10
C PRO F 104 13.19 -42.67 0.99
N ILE F 105 12.00 -42.25 0.60
CA ILE F 105 10.92 -42.01 1.54
C ILE F 105 9.72 -42.90 1.24
N ASP F 106 9.93 -43.99 0.50
CA ASP F 106 8.88 -44.97 0.24
C ASP F 106 9.06 -46.23 1.06
N GLU F 107 10.01 -46.25 2.00
CA GLU F 107 10.24 -47.38 2.90
C GLU F 107 10.58 -48.66 2.15
N ARG F 108 11.32 -48.55 1.05
CA ARG F 108 11.71 -49.71 0.25
C ARG F 108 13.21 -49.89 0.17
N GLY F 109 13.97 -49.32 1.10
CA GLY F 109 15.38 -49.58 1.19
C GLY F 109 16.22 -48.61 0.41
N PRO F 110 17.54 -48.71 0.54
CA PRO F 110 18.43 -47.75 -0.10
C PRO F 110 18.36 -47.79 -1.62
N ILE F 111 18.49 -46.60 -2.22
CA ILE F 111 18.57 -46.47 -3.67
C ILE F 111 20.02 -46.69 -4.08
N LYS F 112 20.33 -47.88 -4.59
CA LYS F 112 21.72 -48.26 -4.89
C LYS F 112 22.01 -47.95 -6.35
N THR F 113 22.57 -46.77 -6.57
CA THR F 113 22.99 -46.34 -7.89
C THR F 113 24.51 -46.32 -7.97
N LYS F 114 25.02 -46.30 -9.20
CA LYS F 114 26.46 -46.31 -9.43
C LYS F 114 27.07 -44.93 -9.39
N GLN F 115 26.27 -43.86 -9.41
CA GLN F 115 26.81 -42.52 -9.46
C GLN F 115 25.87 -41.57 -8.75
N PHE F 116 26.45 -40.51 -8.20
CA PHE F 116 25.72 -39.44 -7.52
C PHE F 116 25.94 -38.15 -8.29
N ALA F 117 24.96 -37.27 -8.26
CA ALA F 117 25.15 -36.03 -8.96
C ALA F 117 24.85 -34.85 -8.06
N PRO F 118 25.65 -33.78 -8.11
CA PRO F 118 25.34 -32.60 -7.32
C PRO F 118 24.11 -31.88 -7.86
N ILE F 119 23.25 -31.43 -6.96
CA ILE F 119 22.01 -30.78 -7.36
C ILE F 119 22.23 -29.34 -7.79
N HIS F 120 23.45 -28.85 -7.71
CA HIS F 120 23.81 -27.52 -8.20
C HIS F 120 24.78 -27.70 -9.34
N ALA F 121 24.36 -27.34 -10.55
CA ALA F 121 25.18 -27.47 -11.73
C ALA F 121 24.95 -26.26 -12.62
N GLU F 122 25.87 -26.06 -13.56
CA GLU F 122 25.77 -24.96 -14.50
C GLU F 122 24.73 -25.26 -15.57
N ALA F 123 24.15 -24.21 -16.12
CA ALA F 123 23.20 -24.36 -17.21
C ALA F 123 23.94 -24.69 -18.51
N PRO F 124 23.28 -25.30 -19.47
CA PRO F 124 23.91 -25.55 -20.77
C PRO F 124 24.27 -24.25 -21.48
N GLU F 125 25.34 -24.31 -22.26
CA GLU F 125 25.84 -23.13 -22.94
C GLU F 125 24.94 -22.75 -24.11
N PHE F 126 25.32 -21.69 -24.81
CA PHE F 126 24.53 -21.21 -25.94
C PHE F 126 24.67 -22.15 -27.15
N MET F 127 25.86 -22.72 -27.34
CA MET F 127 26.05 -23.62 -28.47
C MET F 127 25.36 -24.95 -28.27
N GLU F 128 24.92 -25.25 -27.05
CA GLU F 128 24.25 -26.51 -26.78
C GLU F 128 22.76 -26.48 -27.09
N MET F 129 22.22 -25.34 -27.49
CA MET F 129 20.78 -25.24 -27.69
C MET F 129 20.36 -25.95 -28.97
N SER F 130 19.11 -26.36 -29.02
CA SER F 130 18.52 -26.95 -30.21
C SER F 130 17.34 -26.11 -30.65
N VAL F 131 17.20 -25.90 -31.96
CA VAL F 131 16.16 -25.03 -32.49
C VAL F 131 14.97 -25.81 -33.04
N GLU F 132 14.99 -27.14 -32.92
CA GLU F 132 13.91 -27.95 -33.47
C GLU F 132 12.63 -27.76 -32.64
N GLN F 133 11.51 -27.61 -33.33
CA GLN F 133 10.21 -27.42 -32.70
C GLN F 133 9.22 -28.37 -33.37
N GLU F 134 8.88 -29.45 -32.69
CA GLU F 134 7.89 -30.40 -33.20
C GLU F 134 6.74 -30.51 -32.21
N ILE F 135 5.52 -30.54 -32.73
CA ILE F 135 4.34 -30.53 -31.89
C ILE F 135 4.24 -31.82 -31.11
N LEU F 136 3.85 -31.71 -29.85
CA LEU F 136 3.55 -32.85 -28.99
C LEU F 136 2.04 -32.87 -28.81
N VAL F 137 1.38 -33.81 -29.45
CA VAL F 137 -0.08 -33.89 -29.37
C VAL F 137 -0.46 -34.51 -28.02
N THR F 138 -1.35 -33.83 -27.32
CA THR F 138 -1.76 -34.21 -25.97
C THR F 138 -3.10 -34.92 -25.93
N GLY F 139 -3.94 -34.74 -26.95
CA GLY F 139 -5.30 -35.23 -26.91
C GLY F 139 -6.29 -34.31 -26.25
N ILE F 140 -5.87 -33.13 -25.79
CA ILE F 140 -6.77 -32.15 -25.21
C ILE F 140 -7.07 -31.10 -26.26
N LYS F 141 -8.36 -30.83 -26.47
CA LYS F 141 -8.77 -30.03 -27.62
C LYS F 141 -8.23 -28.60 -27.52
N VAL F 142 -8.46 -27.93 -26.39
CA VAL F 142 -8.06 -26.53 -26.27
C VAL F 142 -6.54 -26.39 -26.35
N VAL F 143 -5.82 -27.30 -25.71
CA VAL F 143 -4.36 -27.23 -25.73
C VAL F 143 -3.84 -27.53 -27.13
N ASP F 144 -4.31 -28.63 -27.74
CA ASP F 144 -3.86 -28.99 -29.07
C ASP F 144 -4.15 -27.90 -30.09
N LEU F 145 -5.29 -27.23 -29.94
CA LEU F 145 -5.72 -26.29 -30.97
C LEU F 145 -5.12 -24.91 -30.77
N LEU F 146 -5.32 -24.30 -29.60
CA LEU F 146 -5.02 -22.90 -29.41
C LEU F 146 -3.60 -22.62 -28.96
N ALA F 147 -2.99 -23.54 -28.21
CA ALA F 147 -1.64 -23.35 -27.69
C ALA F 147 -0.94 -24.70 -27.61
N PRO F 148 -0.55 -25.27 -28.75
CA PRO F 148 0.00 -26.62 -28.74
C PRO F 148 1.36 -26.68 -28.07
N TYR F 149 1.65 -27.83 -27.47
CA TYR F 149 2.92 -28.06 -26.81
C TYR F 149 3.95 -28.56 -27.82
N ALA F 150 5.21 -28.46 -27.45
CA ALA F 150 6.31 -28.85 -28.31
C ALA F 150 7.13 -29.96 -27.67
N LYS F 151 7.64 -30.87 -28.49
CA LYS F 151 8.51 -31.91 -27.99
C LYS F 151 9.84 -31.31 -27.56
N GLY F 152 10.16 -31.45 -26.28
CA GLY F 152 11.37 -30.87 -25.75
C GLY F 152 11.29 -29.41 -25.38
N GLY F 153 10.09 -28.86 -25.21
CA GLY F 153 9.91 -27.49 -24.80
C GLY F 153 9.37 -27.39 -23.39
N LYS F 154 9.47 -26.18 -22.83
CA LYS F 154 8.97 -25.91 -21.49
C LYS F 154 7.55 -25.39 -21.58
N ILE F 155 6.64 -25.95 -20.78
CA ILE F 155 5.23 -25.65 -21.00
C ILE F 155 4.68 -24.70 -19.95
N GLY F 156 4.55 -25.14 -18.70
CA GLY F 156 4.04 -24.21 -17.71
C GLY F 156 2.52 -24.09 -17.69
N LEU F 157 1.90 -24.32 -16.55
CA LEU F 157 0.45 -24.25 -16.40
C LEU F 157 0.14 -23.26 -15.29
N PHE F 158 -0.40 -22.10 -15.65
CA PHE F 158 -0.71 -21.07 -14.67
C PHE F 158 -2.14 -21.23 -14.17
N GLY F 159 -2.33 -20.93 -12.89
CA GLY F 159 -3.66 -20.96 -12.33
C GLY F 159 -3.71 -20.68 -10.84
N GLY F 160 -4.79 -20.07 -10.39
CA GLY F 160 -4.99 -19.83 -8.98
C GLY F 160 -5.26 -21.13 -8.22
N ALA F 161 -5.86 -20.96 -7.05
CA ALA F 161 -6.15 -22.10 -6.19
C ALA F 161 -7.50 -22.71 -6.56
N GLY F 162 -7.47 -23.98 -6.95
CA GLY F 162 -8.69 -24.69 -7.24
C GLY F 162 -9.23 -24.54 -8.64
N VAL F 163 -8.38 -24.20 -9.61
CA VAL F 163 -8.85 -24.07 -10.98
C VAL F 163 -8.57 -25.31 -11.83
N GLY F 164 -7.64 -26.16 -11.41
CA GLY F 164 -7.43 -27.40 -12.13
C GLY F 164 -6.01 -27.70 -12.56
N LYS F 165 -5.02 -27.07 -11.94
CA LYS F 165 -3.63 -27.34 -12.32
C LYS F 165 -3.25 -28.78 -12.03
N THR F 166 -3.62 -29.29 -10.86
CA THR F 166 -3.26 -30.66 -10.51
C THR F 166 -3.98 -31.67 -11.37
N VAL F 167 -5.28 -31.47 -11.61
CA VAL F 167 -6.03 -32.39 -12.46
C VAL F 167 -5.47 -32.37 -13.87
N LEU F 168 -5.14 -31.19 -14.39
CA LEU F 168 -4.59 -31.10 -15.74
C LEU F 168 -3.22 -31.75 -15.83
N ILE F 169 -2.39 -31.59 -14.80
CA ILE F 169 -1.06 -32.18 -14.86
C ILE F 169 -1.15 -33.69 -14.69
N MET F 170 -2.16 -34.19 -13.98
CA MET F 170 -2.33 -35.64 -13.90
C MET F 170 -2.87 -36.21 -15.20
N GLU F 171 -3.76 -35.47 -15.87
CA GLU F 171 -4.21 -35.87 -17.19
C GLU F 171 -3.06 -35.92 -18.19
N LEU F 172 -2.18 -34.90 -18.15
CA LEU F 172 -1.03 -34.91 -19.03
C LEU F 172 -0.09 -36.06 -18.68
N ILE F 173 0.10 -36.33 -17.40
CA ILE F 173 0.90 -37.50 -17.00
C ILE F 173 0.33 -38.74 -17.65
N ASN F 174 -0.95 -39.01 -17.40
CA ASN F 174 -1.65 -40.15 -17.99
C ASN F 174 -1.33 -40.24 -19.47
N ASN F 175 -1.82 -39.26 -20.23
CA ASN F 175 -1.77 -39.31 -21.69
C ASN F 175 -0.33 -39.41 -22.20
N VAL F 176 0.47 -38.37 -21.96
CA VAL F 176 1.79 -38.31 -22.56
C VAL F 176 2.71 -39.36 -21.94
N ALA F 177 2.79 -39.39 -20.62
CA ALA F 177 3.79 -40.21 -19.96
C ALA F 177 3.57 -41.70 -20.23
N LYS F 178 2.33 -42.16 -20.45
CA LYS F 178 2.22 -43.55 -20.87
C LYS F 178 2.33 -43.69 -22.39
N ALA F 179 1.96 -42.65 -23.14
CA ALA F 179 2.30 -42.63 -24.55
C ALA F 179 3.80 -42.54 -24.79
N HIS F 180 4.57 -42.22 -23.75
CA HIS F 180 6.00 -42.00 -23.83
C HIS F 180 6.75 -43.27 -23.43
N GLY F 181 8.02 -43.35 -23.82
CA GLY F 181 8.85 -44.46 -23.43
C GLY F 181 10.22 -44.05 -22.94
N GLY F 182 10.27 -42.96 -22.18
CA GLY F 182 11.54 -42.30 -21.94
C GLY F 182 11.87 -41.78 -20.55
N TYR F 183 11.42 -42.46 -19.50
CA TYR F 183 11.81 -42.11 -18.13
C TYR F 183 11.36 -40.70 -17.75
N SER F 184 10.05 -40.57 -17.55
CA SER F 184 9.51 -39.39 -16.90
C SER F 184 10.14 -39.16 -15.53
N VAL F 185 10.02 -37.92 -15.04
CA VAL F 185 10.36 -37.55 -13.67
C VAL F 185 9.26 -36.62 -13.18
N PHE F 186 8.78 -36.86 -11.95
CA PHE F 186 7.83 -35.96 -11.31
C PHE F 186 8.46 -35.41 -10.05
N ALA F 187 8.44 -34.09 -9.92
CA ALA F 187 8.94 -33.42 -8.72
C ALA F 187 7.78 -32.71 -8.04
N GLY F 188 7.45 -33.15 -6.83
CA GLY F 188 6.44 -32.48 -6.03
C GLY F 188 7.05 -31.43 -5.14
N VAL F 189 6.83 -30.16 -5.46
CA VAL F 189 7.49 -29.04 -4.80
C VAL F 189 6.44 -28.31 -3.99
N GLY F 190 6.53 -28.44 -2.66
CA GLY F 190 5.71 -27.68 -1.75
C GLY F 190 4.22 -27.84 -1.93
N GLU F 191 3.76 -29.04 -2.25
CA GLU F 191 2.34 -29.27 -2.45
C GLU F 191 1.83 -30.28 -1.42
N ARG F 192 0.58 -30.70 -1.58
CA ARG F 192 -0.08 -31.49 -0.54
C ARG F 192 0.43 -32.93 -0.54
N THR F 193 0.59 -33.49 0.66
CA THR F 193 1.07 -34.86 0.80
C THR F 193 0.00 -35.86 0.40
N ARG F 194 -1.26 -35.55 0.67
CA ARG F 194 -2.35 -36.40 0.20
C ARG F 194 -2.29 -36.57 -1.32
N GLU F 195 -2.01 -35.49 -2.05
CA GLU F 195 -1.90 -35.58 -3.50
C GLU F 195 -0.70 -36.42 -3.92
N GLY F 196 0.38 -36.36 -3.15
CA GLY F 196 1.54 -37.17 -3.47
C GLY F 196 1.26 -38.66 -3.29
N ASN F 197 0.59 -39.01 -2.19
CA ASN F 197 0.16 -40.38 -1.99
C ASN F 197 -0.79 -40.83 -3.10
N ASP F 198 -1.73 -39.96 -3.49
CA ASP F 198 -2.66 -40.29 -4.55
C ASP F 198 -1.94 -40.56 -5.87
N LEU F 199 -0.98 -39.70 -6.23
CA LEU F 199 -0.24 -39.90 -7.47
C LEU F 199 0.59 -41.17 -7.42
N TYR F 200 1.25 -41.42 -6.28
CA TYR F 200 2.02 -42.65 -6.12
C TYR F 200 1.16 -43.88 -6.34
N HIS F 201 -0.05 -43.89 -5.79
CA HIS F 201 -0.88 -45.08 -5.90
C HIS F 201 -1.55 -45.19 -7.25
N GLU F 202 -1.89 -44.08 -7.89
CA GLU F 202 -2.33 -44.17 -9.29
C GLU F 202 -1.24 -44.72 -10.18
N MET F 203 0.02 -44.34 -9.94
CA MET F 203 1.10 -44.85 -10.78
C MET F 203 1.39 -46.32 -10.50
N ILE F 204 1.27 -46.76 -9.25
CA ILE F 204 1.43 -48.18 -8.96
C ILE F 204 0.31 -48.97 -9.59
N GLU F 205 -0.91 -48.42 -9.56
CA GLU F 205 -2.06 -49.14 -10.10
C GLU F 205 -2.06 -49.17 -11.62
N SER F 206 -1.60 -48.10 -12.27
CA SER F 206 -1.62 -48.03 -13.73
C SER F 206 -0.37 -48.60 -14.38
N GLY F 207 0.46 -49.34 -13.64
CA GLY F 207 1.61 -49.99 -14.21
C GLY F 207 2.80 -49.11 -14.49
N VAL F 208 2.68 -47.80 -14.30
CA VAL F 208 3.80 -46.90 -14.56
C VAL F 208 4.90 -47.08 -13.53
N ILE F 209 4.55 -47.35 -12.28
CA ILE F 209 5.50 -47.73 -11.25
C ILE F 209 5.30 -49.22 -10.99
N ASN F 210 6.40 -49.97 -10.93
CA ASN F 210 6.37 -51.41 -10.77
C ASN F 210 7.11 -51.74 -9.48
N LEU F 211 6.36 -52.10 -8.43
CA LEU F 211 6.98 -52.35 -7.13
C LEU F 211 7.85 -53.60 -7.18
N LYS F 212 7.36 -54.66 -7.81
CA LYS F 212 8.14 -55.83 -8.14
C LYS F 212 8.40 -55.85 -9.63
N ASP F 213 9.45 -56.54 -10.05
CA ASP F 213 9.80 -56.65 -11.47
C ASP F 213 9.99 -55.26 -12.07
N ALA F 214 11.10 -54.64 -11.65
CA ALA F 214 11.28 -53.20 -11.78
C ALA F 214 11.44 -52.80 -13.26
N THR F 215 10.30 -52.59 -13.91
CA THR F 215 10.20 -51.98 -15.21
C THR F 215 9.50 -50.64 -15.11
N SER F 216 9.74 -49.92 -14.03
CA SER F 216 9.14 -48.62 -13.81
C SER F 216 9.79 -47.58 -14.72
N LYS F 217 9.05 -46.51 -15.00
CA LYS F 217 9.50 -45.51 -15.95
C LYS F 217 9.30 -44.08 -15.44
N VAL F 218 9.11 -43.89 -14.14
CA VAL F 218 8.96 -42.57 -13.54
C VAL F 218 9.76 -42.55 -12.25
N ALA F 219 10.55 -41.49 -12.06
CA ALA F 219 11.22 -41.21 -10.80
C ALA F 219 10.43 -40.15 -10.06
N LEU F 220 10.27 -40.30 -8.75
CA LEU F 220 9.50 -39.37 -7.94
C LEU F 220 10.42 -38.67 -6.94
N VAL F 221 10.27 -37.35 -6.84
CA VAL F 221 10.96 -36.54 -5.85
C VAL F 221 9.91 -35.68 -5.16
N TYR F 222 9.89 -35.70 -3.82
CA TYR F 222 8.83 -35.04 -3.08
C TYR F 222 9.39 -34.25 -1.92
N GLY F 223 9.19 -32.94 -1.95
CA GLY F 223 9.31 -32.11 -0.77
C GLY F 223 8.06 -31.28 -0.62
N GLN F 224 7.26 -31.57 0.40
CA GLN F 224 5.89 -31.08 0.46
C GLN F 224 5.75 -29.91 1.42
N MET F 225 4.52 -29.45 1.59
CA MET F 225 4.27 -28.22 2.39
C MET F 225 4.91 -28.28 3.78
N ASN F 226 4.84 -29.42 4.46
CA ASN F 226 5.32 -29.46 5.83
C ASN F 226 6.83 -29.28 5.94
N GLU F 227 7.54 -29.26 4.81
CA GLU F 227 8.98 -29.14 4.86
C GLU F 227 9.39 -27.69 5.12
N PRO F 228 10.55 -27.48 5.73
CA PRO F 228 11.07 -26.13 5.93
C PRO F 228 11.38 -25.48 4.60
N PRO F 229 11.62 -24.17 4.57
CA PRO F 229 11.82 -23.49 3.29
C PRO F 229 13.03 -23.97 2.51
N GLY F 230 14.10 -24.41 3.17
CA GLY F 230 15.25 -24.90 2.43
C GLY F 230 14.95 -26.13 1.59
N ALA F 231 14.20 -27.06 2.17
CA ALA F 231 13.85 -28.28 1.45
C ALA F 231 12.95 -27.97 0.28
N ARG F 232 11.97 -27.08 0.46
CA ARG F 232 11.08 -26.72 -0.63
C ARG F 232 11.76 -25.87 -1.68
N ALA F 233 12.88 -25.23 -1.34
CA ALA F 233 13.63 -24.47 -2.31
C ALA F 233 14.64 -25.31 -3.09
N ARG F 234 15.05 -26.46 -2.56
CA ARG F 234 15.99 -27.31 -3.27
C ARG F 234 15.39 -28.57 -3.87
N VAL F 235 14.14 -28.91 -3.55
CA VAL F 235 13.58 -30.15 -4.09
C VAL F 235 13.37 -30.08 -5.59
N ALA F 236 13.05 -28.89 -6.11
CA ALA F 236 12.94 -28.73 -7.56
C ALA F 236 14.27 -28.98 -8.24
N LEU F 237 15.37 -28.59 -7.59
CA LEU F 237 16.69 -28.83 -8.14
C LEU F 237 17.06 -30.31 -8.07
N THR F 238 16.59 -31.01 -7.04
CA THR F 238 16.82 -32.46 -6.98
C THR F 238 16.12 -33.18 -8.13
N GLY F 239 14.84 -32.86 -8.35
CA GLY F 239 14.13 -33.47 -9.46
C GLY F 239 14.75 -33.10 -10.80
N LEU F 240 15.12 -31.83 -10.96
CA LEU F 240 15.85 -31.36 -12.12
C LEU F 240 17.13 -32.17 -12.34
N THR F 241 17.82 -32.51 -11.26
CA THR F 241 19.08 -33.24 -11.39
C THR F 241 18.86 -34.66 -11.88
N VAL F 242 17.83 -35.32 -11.37
CA VAL F 242 17.49 -36.65 -11.88
C VAL F 242 17.19 -36.57 -13.38
N ALA F 243 16.34 -35.62 -13.77
CA ALA F 243 15.99 -35.46 -15.18
C ALA F 243 17.21 -35.12 -16.02
N GLU F 244 18.12 -34.33 -15.48
CA GLU F 244 19.34 -33.96 -16.20
C GLU F 244 20.22 -35.16 -16.44
N TYR F 245 20.35 -36.03 -15.44
CA TYR F 245 21.10 -37.27 -15.67
C TYR F 245 20.46 -38.08 -16.79
N PHE F 246 19.14 -38.23 -16.75
CA PHE F 246 18.49 -39.02 -17.80
C PHE F 246 18.70 -38.41 -19.17
N ARG F 247 18.71 -37.08 -19.27
CA ARG F 247 18.90 -36.43 -20.56
C ARG F 247 20.33 -36.53 -21.05
N ASP F 248 21.31 -36.22 -20.19
CA ASP F 248 22.70 -36.06 -20.61
C ASP F 248 23.45 -37.39 -20.68
N GLN F 249 23.52 -38.11 -19.57
CA GLN F 249 24.32 -39.33 -19.53
C GLN F 249 23.57 -40.56 -20.01
N GLU F 250 22.41 -40.39 -20.64
CA GLU F 250 21.79 -41.45 -21.39
C GLU F 250 21.28 -41.02 -22.76
N GLY F 251 21.22 -39.72 -23.04
CA GLY F 251 20.64 -39.24 -24.27
C GLY F 251 19.13 -39.38 -24.36
N GLN F 252 18.50 -39.99 -23.36
CA GLN F 252 17.07 -40.26 -23.41
C GLN F 252 16.26 -38.97 -23.57
N ASP F 253 15.05 -39.11 -24.08
CA ASP F 253 14.09 -38.03 -24.11
C ASP F 253 13.26 -38.09 -22.84
N VAL F 254 13.27 -37.02 -22.06
CA VAL F 254 12.77 -37.05 -20.69
C VAL F 254 11.53 -36.17 -20.58
N LEU F 255 10.64 -36.54 -19.67
CA LEU F 255 9.51 -35.72 -19.28
C LEU F 255 9.71 -35.30 -17.83
N LEU F 256 9.61 -34.00 -17.57
CA LEU F 256 9.76 -33.47 -16.22
C LEU F 256 8.48 -32.76 -15.83
N PHE F 257 7.84 -33.22 -14.76
CA PHE F 257 6.61 -32.63 -14.26
C PHE F 257 6.88 -32.01 -12.90
N ILE F 258 6.60 -30.72 -12.76
CA ILE F 258 6.88 -30.00 -11.53
C ILE F 258 5.59 -29.36 -11.03
N ASP F 259 5.12 -29.81 -9.87
CA ASP F 259 3.94 -29.24 -9.22
C ASP F 259 4.29 -29.11 -7.74
N ASN F 260 4.46 -27.88 -7.26
CA ASN F 260 4.23 -26.65 -7.99
C ASN F 260 5.48 -25.81 -7.97
N ILE F 261 5.82 -25.15 -9.08
CA ILE F 261 7.11 -24.47 -9.13
C ILE F 261 7.07 -23.11 -8.46
N PHE F 262 5.89 -22.57 -8.14
CA PHE F 262 5.83 -21.33 -7.39
C PHE F 262 6.44 -21.50 -5.99
N ARG F 263 6.38 -22.71 -5.44
CA ARG F 263 6.85 -22.95 -4.08
C ARG F 263 8.35 -22.78 -3.96
N PHE F 264 9.09 -22.97 -5.06
CA PHE F 264 10.52 -22.68 -5.06
C PHE F 264 10.78 -21.22 -4.73
N THR F 265 10.10 -20.32 -5.45
CA THR F 265 10.21 -18.90 -5.18
C THR F 265 9.69 -18.55 -3.79
N GLN F 266 8.58 -19.16 -3.39
CA GLN F 266 7.99 -18.84 -2.10
C GLN F 266 8.90 -19.24 -0.95
N ALA F 267 9.60 -20.37 -1.08
CA ALA F 267 10.56 -20.77 -0.06
C ALA F 267 11.75 -19.82 -0.02
N GLY F 268 12.23 -19.42 -1.20
CA GLY F 268 13.24 -18.37 -1.25
C GLY F 268 12.82 -17.13 -0.47
N SER F 269 11.60 -16.66 -0.71
CA SER F 269 11.12 -15.46 -0.02
C SER F 269 10.96 -15.71 1.47
N GLU F 270 10.64 -16.94 1.87
CA GLU F 270 10.46 -17.24 3.28
C GLU F 270 11.78 -17.19 4.03
N VAL F 271 12.88 -17.52 3.36
CA VAL F 271 14.18 -17.39 4.03
C VAL F 271 14.89 -16.08 3.76
N SER F 272 14.38 -15.26 2.83
CA SER F 272 15.11 -14.07 2.37
C SER F 272 15.54 -13.17 3.53
N ALA F 273 14.60 -12.74 4.37
CA ALA F 273 14.91 -11.72 5.37
C ALA F 273 15.89 -12.21 6.42
N LEU F 274 15.80 -13.49 6.81
CA LEU F 274 16.72 -14.04 7.80
C LEU F 274 18.13 -14.23 7.26
N LEU F 275 18.31 -14.23 5.95
CA LEU F 275 19.62 -14.19 5.34
C LEU F 275 20.18 -12.78 5.25
N GLY F 276 19.50 -11.80 5.84
CA GLY F 276 20.00 -10.45 5.88
C GLY F 276 19.76 -9.62 4.63
N ARG F 277 18.64 -9.81 3.95
CA ARG F 277 18.42 -9.19 2.66
C ARG F 277 17.22 -8.24 2.73
N ILE F 278 17.42 -7.01 2.28
CA ILE F 278 16.33 -5.98 2.27
C ILE F 278 15.23 -6.52 1.36
N PRO F 279 13.93 -6.43 1.75
CA PRO F 279 12.88 -7.02 0.94
C PRO F 279 12.75 -6.30 -0.40
N SER F 280 12.25 -7.00 -1.42
CA SER F 280 12.00 -6.35 -2.73
C SER F 280 10.50 -6.04 -2.81
N ALA F 281 9.93 -6.03 -4.00
CA ALA F 281 8.51 -5.68 -4.15
C ALA F 281 7.63 -6.89 -3.82
N VAL F 282 6.48 -6.66 -3.17
CA VAL F 282 5.51 -7.74 -2.84
C VAL F 282 6.16 -8.74 -1.86
N GLY F 283 7.20 -8.32 -1.15
CA GLY F 283 7.81 -9.18 -0.12
C GLY F 283 8.74 -10.24 -0.67
N TYR F 284 9.05 -10.18 -1.97
CA TYR F 284 9.88 -11.25 -2.58
C TYR F 284 11.36 -10.96 -2.33
N GLN F 285 12.20 -11.98 -2.40
CA GLN F 285 13.61 -11.73 -2.24
C GLN F 285 14.11 -10.85 -3.38
N PRO F 286 15.17 -10.08 -3.16
CA PRO F 286 15.75 -9.31 -4.27
C PRO F 286 16.23 -10.17 -5.42
N THR F 287 16.58 -11.43 -5.15
CA THR F 287 17.19 -12.32 -6.13
C THR F 287 16.18 -13.24 -6.80
N LEU F 288 14.90 -12.86 -6.83
CA LEU F 288 13.86 -13.73 -7.38
C LEU F 288 14.17 -14.11 -8.82
N ALA F 289 14.48 -13.13 -9.66
CA ALA F 289 14.64 -13.39 -11.09
C ALA F 289 15.86 -14.24 -11.36
N THR F 290 16.99 -13.95 -10.71
CA THR F 290 18.20 -14.71 -10.99
C THR F 290 18.14 -16.13 -10.42
N ASP F 291 17.46 -16.31 -9.29
CA ASP F 291 17.24 -17.66 -8.78
C ASP F 291 16.36 -18.47 -9.73
N MET F 292 15.22 -17.90 -10.10
CA MET F 292 14.36 -18.56 -11.08
C MET F 292 15.10 -18.84 -12.37
N GLY F 293 16.04 -17.96 -12.75
CA GLY F 293 16.75 -18.15 -13.99
C GLY F 293 17.80 -19.25 -13.92
N THR F 294 18.55 -19.30 -12.83
CA THR F 294 19.55 -20.34 -12.69
C THR F 294 18.91 -21.70 -12.53
N MET F 295 17.69 -21.75 -11.99
CA MET F 295 17.00 -23.03 -11.89
C MET F 295 16.34 -23.41 -13.21
N GLN F 296 15.77 -22.43 -13.92
CA GLN F 296 14.95 -22.74 -15.08
C GLN F 296 15.79 -22.94 -16.33
N GLU F 297 17.00 -22.37 -16.37
CA GLU F 297 17.83 -22.51 -17.55
C GLU F 297 18.46 -23.89 -17.64
N ARG F 298 18.39 -24.68 -16.57
CA ARG F 298 18.89 -26.05 -16.64
C ARG F 298 17.81 -26.99 -17.17
N ILE F 299 16.54 -26.63 -17.02
CA ILE F 299 15.44 -27.42 -17.55
C ILE F 299 15.29 -27.07 -19.02
N THR F 300 16.02 -27.76 -19.88
CA THR F 300 16.02 -27.37 -21.28
C THR F 300 16.48 -28.54 -22.15
N THR F 301 16.05 -28.51 -23.40
CA THR F 301 16.55 -29.45 -24.40
C THR F 301 17.87 -28.95 -24.96
N THR F 302 18.88 -29.80 -24.92
CA THR F 302 20.15 -29.53 -25.54
C THR F 302 20.30 -30.39 -26.79
N LYS F 303 21.48 -30.35 -27.39
CA LYS F 303 21.78 -31.28 -28.46
C LYS F 303 22.07 -32.69 -27.94
N LYS F 304 22.37 -32.81 -26.66
CA LYS F 304 22.62 -34.10 -26.04
C LYS F 304 21.35 -34.90 -25.81
N GLY F 305 20.23 -34.25 -25.53
CA GLY F 305 18.99 -34.94 -25.30
C GLY F 305 17.88 -33.95 -25.04
N SER F 306 16.67 -34.49 -24.95
CA SER F 306 15.46 -33.70 -24.86
C SER F 306 14.88 -33.80 -23.46
N ILE F 307 14.38 -32.68 -22.94
CA ILE F 307 13.63 -32.63 -21.69
C ILE F 307 12.34 -31.86 -21.98
N THR F 308 11.22 -32.58 -22.07
CA THR F 308 9.93 -31.93 -22.16
C THR F 308 9.44 -31.62 -20.76
N SER F 309 9.28 -30.35 -20.44
CA SER F 309 9.01 -29.91 -19.09
C SER F 309 7.59 -29.37 -18.99
N VAL F 310 6.82 -29.91 -18.06
CA VAL F 310 5.49 -29.41 -17.73
C VAL F 310 5.52 -28.94 -16.30
N GLN F 311 5.28 -27.65 -16.08
CA GLN F 311 5.37 -27.06 -14.75
C GLN F 311 4.03 -26.46 -14.38
N ALA F 312 3.53 -26.81 -13.20
CA ALA F 312 2.39 -26.10 -12.65
C ALA F 312 2.88 -24.87 -11.91
N ILE F 313 2.21 -23.74 -12.12
CA ILE F 313 2.64 -22.46 -11.59
C ILE F 313 1.46 -21.84 -10.87
N TYR F 314 1.56 -21.75 -9.54
CA TYR F 314 0.49 -21.18 -8.75
C TYR F 314 0.47 -19.67 -8.90
N VAL F 315 -0.71 -19.11 -9.09
CA VAL F 315 -0.91 -17.68 -9.27
C VAL F 315 -1.61 -17.15 -8.02
N PRO F 316 -0.90 -16.44 -7.13
CA PRO F 316 -1.51 -16.04 -5.87
C PRO F 316 -2.61 -15.01 -6.08
N ALA F 317 -3.80 -15.33 -5.55
CA ALA F 317 -4.98 -14.46 -5.63
C ALA F 317 -5.38 -14.16 -7.07
N ASP F 318 -5.04 -15.07 -8.00
CA ASP F 318 -5.39 -14.94 -9.41
C ASP F 318 -4.84 -13.64 -10.01
N ASP F 319 -3.60 -13.31 -9.68
CA ASP F 319 -3.06 -12.01 -10.09
C ASP F 319 -2.45 -12.06 -11.48
N LEU F 320 -1.43 -12.90 -11.68
CA LEU F 320 -0.71 -13.07 -12.94
C LEU F 320 0.21 -11.89 -13.22
N THR F 321 0.10 -10.83 -12.42
CA THR F 321 1.07 -9.76 -12.42
C THR F 321 1.95 -9.81 -11.18
N ASP F 322 1.66 -10.73 -10.27
CA ASP F 322 2.55 -11.02 -9.17
C ASP F 322 3.94 -11.33 -9.71
N PRO F 323 5.00 -10.91 -9.01
CA PRO F 323 6.35 -11.08 -9.58
C PRO F 323 6.74 -12.52 -9.88
N ALA F 324 6.20 -13.50 -9.16
CA ALA F 324 6.62 -14.88 -9.41
C ALA F 324 6.05 -15.44 -10.70
N PRO F 325 4.73 -15.43 -10.94
CA PRO F 325 4.25 -15.87 -12.26
C PRO F 325 4.74 -14.98 -13.39
N ALA F 326 4.80 -13.67 -13.15
CA ALA F 326 5.25 -12.74 -14.19
C ALA F 326 6.70 -13.00 -14.57
N THR F 327 7.52 -13.46 -13.63
CA THR F 327 8.89 -13.81 -13.94
C THR F 327 8.99 -15.19 -14.56
N THR F 328 8.04 -16.08 -14.25
CA THR F 328 8.06 -17.39 -14.87
C THR F 328 7.66 -17.35 -16.34
N PHE F 329 6.84 -16.36 -16.72
CA PHE F 329 6.27 -16.34 -18.08
C PHE F 329 7.34 -16.39 -19.16
N ALA F 330 8.43 -15.64 -18.98
CA ALA F 330 9.44 -15.58 -20.03
C ALA F 330 10.30 -16.83 -20.12
N HIS F 331 10.13 -17.79 -19.23
CA HIS F 331 10.93 -19.00 -19.22
C HIS F 331 10.24 -20.17 -19.88
N LEU F 332 9.15 -19.94 -20.59
CA LEU F 332 8.32 -21.02 -21.12
C LEU F 332 8.15 -20.90 -22.62
N ASP F 333 7.80 -22.01 -23.24
CA ASP F 333 7.56 -22.07 -24.68
C ASP F 333 6.10 -22.20 -25.03
N ALA F 334 5.25 -22.63 -24.09
CA ALA F 334 3.80 -22.72 -24.34
C ALA F 334 3.08 -22.59 -23.01
N THR F 335 2.62 -21.38 -22.71
CA THR F 335 1.97 -21.10 -21.44
C THR F 335 0.48 -21.37 -21.53
N THR F 336 -0.03 -22.21 -20.64
CA THR F 336 -1.46 -22.50 -20.54
C THR F 336 -1.99 -21.86 -19.27
N VAL F 337 -2.94 -20.93 -19.42
CA VAL F 337 -3.43 -20.11 -18.31
C VAL F 337 -4.83 -20.56 -17.96
N LEU F 338 -5.02 -21.02 -16.72
CA LEU F 338 -6.31 -21.50 -16.26
C LEU F 338 -7.07 -20.36 -15.59
N SER F 339 -8.27 -20.08 -16.08
CA SER F 339 -9.07 -18.97 -15.59
C SER F 339 -10.15 -19.47 -14.65
N ARG F 340 -10.31 -18.77 -13.53
CA ARG F 340 -11.37 -19.12 -12.59
C ARG F 340 -12.74 -18.75 -13.15
N ALA F 341 -12.79 -17.71 -13.98
CA ALA F 341 -14.06 -17.32 -14.60
C ALA F 341 -14.58 -18.39 -15.54
N ILE F 342 -13.69 -19.14 -16.17
CA ILE F 342 -14.10 -20.21 -17.05
C ILE F 342 -14.47 -21.46 -16.26
N ALA F 343 -13.77 -21.71 -15.15
CA ALA F 343 -14.15 -22.81 -14.29
C ALA F 343 -15.51 -22.58 -13.65
N GLU F 344 -15.88 -21.32 -13.42
CA GLU F 344 -17.20 -21.03 -12.86
C GLU F 344 -18.31 -21.24 -13.87
N LEU F 345 -17.98 -21.15 -15.17
CA LEU F 345 -18.93 -21.50 -16.22
C LEU F 345 -19.15 -23.00 -16.34
N GLY F 346 -18.53 -23.81 -15.49
CA GLY F 346 -18.60 -25.25 -15.61
C GLY F 346 -17.68 -25.84 -16.65
N ILE F 347 -16.96 -25.03 -17.41
CA ILE F 347 -16.11 -25.54 -18.48
C ILE F 347 -14.81 -26.05 -17.88
N TYR F 348 -14.45 -27.28 -18.21
CA TYR F 348 -13.21 -27.88 -17.77
C TYR F 348 -12.57 -28.65 -18.92
N PRO F 349 -11.26 -28.52 -19.14
CA PRO F 349 -10.30 -27.73 -18.36
C PRO F 349 -10.54 -26.23 -18.46
N ALA F 350 -10.16 -25.49 -17.43
CA ALA F 350 -10.48 -24.08 -17.32
C ALA F 350 -9.55 -23.19 -18.12
N VAL F 351 -8.89 -23.74 -19.14
CA VAL F 351 -7.94 -22.99 -19.96
C VAL F 351 -8.59 -21.72 -20.46
N ASP F 352 -7.84 -20.62 -20.39
CA ASP F 352 -8.26 -19.35 -20.96
C ASP F 352 -7.82 -19.29 -22.42
N PRO F 353 -8.76 -19.31 -23.35
CA PRO F 353 -8.38 -19.32 -24.77
C PRO F 353 -7.75 -18.01 -25.23
N LEU F 354 -8.06 -16.90 -24.57
CA LEU F 354 -7.53 -15.60 -24.91
C LEU F 354 -6.36 -15.20 -24.01
N ASP F 355 -5.75 -16.17 -23.33
CA ASP F 355 -4.59 -15.89 -22.49
C ASP F 355 -3.51 -16.95 -22.60
N SER F 356 -3.69 -17.96 -23.43
CA SER F 356 -2.72 -19.05 -23.57
C SER F 356 -1.99 -18.91 -24.90
N THR F 357 -0.68 -19.10 -24.87
CA THR F 357 0.18 -18.78 -25.99
C THR F 357 1.17 -19.92 -26.22
N SER F 358 1.47 -20.19 -27.49
CA SER F 358 2.47 -21.18 -27.84
C SER F 358 3.44 -20.56 -28.85
N ARG F 359 4.70 -20.96 -28.76
CA ARG F 359 5.70 -20.47 -29.72
C ARG F 359 5.66 -21.21 -31.04
N ILE F 360 4.95 -22.33 -31.11
CA ILE F 360 4.81 -23.07 -32.37
C ILE F 360 3.44 -22.86 -32.99
N MET F 361 2.64 -21.94 -32.47
CA MET F 361 1.40 -21.52 -33.14
C MET F 361 1.80 -20.61 -34.31
N ASP F 362 2.44 -21.24 -35.30
CA ASP F 362 3.01 -20.57 -36.44
C ASP F 362 2.54 -21.31 -37.70
N PRO F 363 1.97 -20.62 -38.69
CA PRO F 363 1.51 -21.33 -39.89
C PRO F 363 2.63 -22.00 -40.67
N ASN F 364 3.88 -21.64 -40.41
CA ASN F 364 5.02 -22.31 -41.01
C ASN F 364 5.51 -23.50 -40.19
N ILE F 365 4.79 -23.86 -39.12
CA ILE F 365 5.14 -25.00 -38.28
C ILE F 365 3.99 -25.99 -38.17
N VAL F 366 2.78 -25.49 -37.92
CA VAL F 366 1.62 -26.35 -37.72
C VAL F 366 0.73 -26.43 -38.95
N GLY F 367 0.93 -25.56 -39.93
CA GLY F 367 0.08 -25.58 -41.10
C GLY F 367 -0.95 -24.47 -41.08
N SER F 368 -1.41 -24.11 -42.28
CA SER F 368 -2.30 -22.97 -42.41
C SER F 368 -3.72 -23.29 -41.95
N GLU F 369 -4.13 -24.55 -42.08
CA GLU F 369 -5.47 -24.93 -41.63
C GLU F 369 -5.59 -24.82 -40.12
N HIS F 370 -4.62 -25.40 -39.39
CA HIS F 370 -4.63 -25.36 -37.94
C HIS F 370 -4.51 -23.93 -37.43
N TYR F 371 -3.60 -23.16 -38.02
CA TYR F 371 -3.41 -21.78 -37.61
C TYR F 371 -4.65 -20.95 -37.86
N ASP F 372 -5.26 -21.09 -39.04
CA ASP F 372 -6.45 -20.31 -39.35
C ASP F 372 -7.62 -20.69 -38.45
N VAL F 373 -7.78 -21.98 -38.13
CA VAL F 373 -8.87 -22.38 -37.24
C VAL F 373 -8.64 -21.81 -35.84
N ALA F 374 -7.40 -21.88 -35.34
CA ALA F 374 -7.12 -21.34 -34.01
C ALA F 374 -7.37 -19.84 -33.96
N ARG F 375 -6.89 -19.11 -34.97
CA ARG F 375 -7.07 -17.67 -34.97
C ARG F 375 -8.54 -17.29 -35.12
N GLY F 376 -9.31 -18.05 -35.91
CA GLY F 376 -10.73 -17.77 -36.02
C GLY F 376 -11.48 -18.04 -34.73
N VAL F 377 -11.10 -19.09 -34.02
CA VAL F 377 -11.69 -19.37 -32.71
C VAL F 377 -11.41 -18.23 -31.75
N GLN F 378 -10.15 -17.78 -31.69
CA GLN F 378 -9.81 -16.69 -30.78
C GLN F 378 -10.50 -15.39 -31.17
N LYS F 379 -10.63 -15.14 -32.47
CA LYS F 379 -11.31 -13.91 -32.90
C LYS F 379 -12.79 -13.95 -32.56
N ILE F 380 -13.45 -15.10 -32.74
CA ILE F 380 -14.86 -15.15 -32.42
C ILE F 380 -15.08 -15.06 -30.92
N LEU F 381 -14.13 -15.58 -30.12
CA LEU F 381 -14.26 -15.44 -28.67
C LEU F 381 -14.03 -14.01 -28.21
N GLN F 382 -13.11 -13.28 -28.84
CA GLN F 382 -12.92 -11.88 -28.52
C GLN F 382 -14.14 -11.04 -28.91
N ASP F 383 -14.71 -11.29 -30.09
CA ASP F 383 -15.92 -10.57 -30.48
C ASP F 383 -17.09 -10.91 -29.57
N TYR F 384 -17.16 -12.14 -29.08
CA TYR F 384 -18.17 -12.50 -28.08
C TYR F 384 -17.98 -11.70 -26.80
N LYS F 385 -16.73 -11.58 -26.34
CA LYS F 385 -16.44 -10.74 -25.18
C LYS F 385 -16.95 -9.32 -25.39
N SER F 386 -16.76 -8.78 -26.59
CA SER F 386 -17.23 -7.40 -26.82
C SER F 386 -18.75 -7.31 -26.91
N LEU F 387 -19.40 -8.33 -27.48
CA LEU F 387 -20.86 -8.30 -27.62
C LEU F 387 -21.57 -8.51 -26.29
N GLN F 388 -20.89 -9.10 -25.30
CA GLN F 388 -21.53 -9.30 -24.01
C GLN F 388 -21.90 -7.98 -23.34
N ASP F 389 -21.17 -6.89 -23.63
CA ASP F 389 -21.51 -5.59 -23.08
C ASP F 389 -22.88 -5.13 -23.57
N ILE F 390 -23.05 -5.12 -24.89
CA ILE F 390 -24.31 -4.74 -25.49
C ILE F 390 -25.43 -5.67 -25.07
N ILE F 391 -25.13 -6.94 -24.84
CA ILE F 391 -26.14 -7.82 -24.25
C ILE F 391 -26.53 -7.33 -22.86
N ALA F 392 -25.55 -6.94 -22.05
CA ALA F 392 -25.82 -6.53 -20.69
C ALA F 392 -26.71 -5.29 -20.64
N ILE F 393 -26.51 -4.37 -21.56
CA ILE F 393 -27.30 -3.14 -21.55
C ILE F 393 -28.63 -3.30 -22.26
N LEU F 394 -28.63 -3.93 -23.44
CA LEU F 394 -29.82 -3.98 -24.28
C LEU F 394 -30.61 -5.28 -24.13
N GLY F 395 -29.95 -6.36 -23.74
CA GLY F 395 -30.55 -7.68 -23.83
C GLY F 395 -30.25 -8.35 -25.15
N MET F 396 -30.55 -9.64 -25.20
CA MET F 396 -30.16 -10.45 -26.35
C MET F 396 -31.12 -10.29 -27.54
N ASP F 397 -32.31 -9.74 -27.33
CA ASP F 397 -33.29 -9.67 -28.40
C ASP F 397 -33.11 -8.47 -29.32
N GLU F 398 -32.33 -7.46 -28.91
CA GLU F 398 -32.16 -6.27 -29.73
C GLU F 398 -30.86 -6.27 -30.51
N LEU F 399 -30.23 -7.43 -30.70
CA LEU F 399 -29.04 -7.50 -31.53
C LEU F 399 -29.41 -7.81 -32.97
N SER F 400 -28.50 -7.48 -33.87
CA SER F 400 -28.63 -7.92 -35.25
C SER F 400 -28.62 -9.44 -35.32
N GLU F 401 -29.00 -9.98 -36.48
CA GLU F 401 -29.04 -11.43 -36.61
C GLU F 401 -27.64 -12.02 -36.77
N GLU F 402 -26.73 -11.28 -37.41
CA GLU F 402 -25.36 -11.76 -37.52
C GLU F 402 -24.64 -11.66 -36.18
N ASP F 403 -25.01 -10.69 -35.34
CA ASP F 403 -24.49 -10.66 -33.98
C ASP F 403 -25.00 -11.86 -33.18
N LYS F 404 -26.27 -12.20 -33.33
CA LYS F 404 -26.79 -13.39 -32.67
C LYS F 404 -26.09 -14.65 -33.17
N LEU F 405 -25.77 -14.69 -34.46
CA LEU F 405 -25.03 -15.83 -34.99
C LEU F 405 -23.63 -15.91 -34.39
N THR F 406 -22.96 -14.77 -34.27
CA THR F 406 -21.65 -14.73 -33.62
C THR F 406 -21.73 -15.24 -32.19
N VAL F 407 -22.73 -14.76 -31.43
CA VAL F 407 -22.86 -15.16 -30.04
C VAL F 407 -23.15 -16.65 -29.94
N SER F 408 -24.01 -17.18 -30.82
CA SER F 408 -24.37 -18.59 -30.78
C SER F 408 -23.15 -19.46 -31.10
N ARG F 409 -22.43 -19.13 -32.16
CA ARG F 409 -21.25 -19.91 -32.51
C ARG F 409 -20.18 -19.79 -31.45
N ALA F 410 -20.07 -18.63 -30.79
CA ALA F 410 -19.07 -18.45 -29.75
C ALA F 410 -19.40 -19.29 -28.53
N ARG F 411 -20.68 -19.34 -28.14
CA ARG F 411 -21.07 -20.21 -27.05
C ARG F 411 -20.83 -21.67 -27.39
N LYS F 412 -21.10 -22.07 -28.63
CA LYS F 412 -20.82 -23.44 -29.04
C LYS F 412 -19.33 -23.76 -29.01
N ILE F 413 -18.49 -22.80 -29.43
CA ILE F 413 -17.04 -23.02 -29.41
C ILE F 413 -16.53 -23.09 -27.97
N GLN F 414 -17.08 -22.27 -27.08
CA GLN F 414 -16.76 -22.38 -25.66
C GLN F 414 -17.10 -23.75 -25.12
N ARG F 415 -18.33 -24.23 -25.34
CA ARG F 415 -18.70 -25.56 -24.88
C ARG F 415 -17.76 -26.60 -25.45
N PHE F 416 -17.53 -26.58 -26.76
CA PHE F 416 -16.75 -27.61 -27.41
C PHE F 416 -15.28 -27.58 -27.00
N LEU F 417 -14.79 -26.45 -26.46
CA LEU F 417 -13.43 -26.44 -25.96
C LEU F 417 -13.28 -27.30 -24.70
N SER F 418 -14.35 -27.49 -23.95
CA SER F 418 -14.32 -28.35 -22.77
C SER F 418 -14.26 -29.82 -23.19
N GLN F 419 -13.61 -30.63 -22.37
CA GLN F 419 -13.41 -32.02 -22.69
C GLN F 419 -13.36 -32.83 -21.40
N PRO F 420 -14.00 -33.99 -21.36
CA PRO F 420 -13.94 -34.83 -20.16
C PRO F 420 -12.62 -35.56 -20.07
N PHE F 421 -12.05 -35.59 -18.88
CA PHE F 421 -10.75 -36.20 -18.63
C PHE F 421 -10.92 -37.59 -18.04
N GLN F 422 -9.94 -38.45 -18.31
CA GLN F 422 -9.92 -39.77 -17.68
C GLN F 422 -9.72 -39.65 -16.17
N VAL F 423 -8.93 -38.69 -15.73
CA VAL F 423 -8.65 -38.52 -14.30
C VAL F 423 -9.75 -37.76 -13.57
N ALA F 424 -10.82 -37.39 -14.27
CA ALA F 424 -11.89 -36.59 -13.68
C ALA F 424 -13.22 -37.32 -13.64
N GLU F 425 -13.25 -38.62 -13.94
CA GLU F 425 -14.51 -39.35 -13.90
C GLU F 425 -15.17 -39.29 -12.53
N VAL F 426 -14.37 -39.29 -11.46
CA VAL F 426 -14.92 -39.15 -10.13
C VAL F 426 -15.53 -37.77 -9.91
N PHE F 427 -14.99 -36.75 -10.57
CA PHE F 427 -15.55 -35.39 -10.49
C PHE F 427 -16.68 -35.20 -11.48
N THR F 428 -16.51 -35.65 -12.72
CA THR F 428 -17.47 -35.41 -13.78
C THR F 428 -18.54 -36.48 -13.92
N GLY F 429 -18.22 -37.74 -13.68
CA GLY F 429 -19.14 -38.81 -14.01
C GLY F 429 -18.95 -39.27 -15.45
N HIS F 430 -18.80 -38.32 -16.37
CA HIS F 430 -18.53 -38.64 -17.76
C HIS F 430 -17.24 -39.44 -17.88
N MET F 431 -17.10 -40.14 -19.00
CA MET F 431 -15.89 -40.90 -19.29
C MET F 431 -14.88 -40.00 -19.99
N GLY F 432 -13.61 -40.41 -19.93
CA GLY F 432 -12.56 -39.61 -20.54
C GLY F 432 -12.55 -39.73 -22.05
N LYS F 433 -12.04 -38.70 -22.71
CA LYS F 433 -11.90 -38.67 -24.17
C LYS F 433 -10.52 -38.13 -24.50
N LEU F 434 -9.84 -38.80 -25.44
CA LEU F 434 -8.54 -38.35 -25.94
C LEU F 434 -8.70 -38.11 -27.44
N VAL F 435 -8.71 -36.84 -27.83
CA VAL F 435 -9.15 -36.42 -29.17
C VAL F 435 -7.92 -36.14 -30.01
N PRO F 436 -7.79 -36.74 -31.20
CA PRO F 436 -6.64 -36.45 -32.05
C PRO F 436 -6.62 -35.01 -32.53
N LEU F 437 -5.50 -34.63 -33.14
CA LEU F 437 -5.30 -33.25 -33.55
C LEU F 437 -6.20 -32.89 -34.72
N LYS F 438 -6.22 -33.73 -35.76
CA LYS F 438 -7.04 -33.43 -36.93
C LYS F 438 -8.52 -33.47 -36.61
N GLU F 439 -8.93 -34.34 -35.68
CA GLU F 439 -10.32 -34.33 -35.23
C GLU F 439 -10.68 -32.99 -34.60
N THR F 440 -9.78 -32.44 -33.76
CA THR F 440 -10.01 -31.15 -33.15
C THR F 440 -10.13 -30.05 -34.19
N ILE F 441 -9.15 -30.00 -35.11
CA ILE F 441 -9.16 -28.96 -36.13
C ILE F 441 -10.42 -29.04 -36.97
N LYS F 442 -10.83 -30.26 -37.34
CA LYS F 442 -12.01 -30.45 -38.17
C LYS F 442 -13.28 -30.03 -37.44
N GLY F 443 -13.42 -30.45 -36.18
CA GLY F 443 -14.60 -30.05 -35.42
C GLY F 443 -14.73 -28.54 -35.29
N PHE F 444 -13.63 -27.87 -34.93
CA PHE F 444 -13.72 -26.43 -34.75
C PHE F 444 -13.88 -25.70 -36.08
N GLN F 445 -13.26 -26.22 -37.15
CA GLN F 445 -13.46 -25.64 -38.47
C GLN F 445 -14.92 -25.72 -38.88
N GLN F 446 -15.58 -26.83 -38.55
CA GLN F 446 -16.99 -26.98 -38.92
C GLN F 446 -17.88 -26.08 -38.08
N ILE F 447 -17.61 -25.97 -36.77
CA ILE F 447 -18.42 -25.08 -35.95
C ILE F 447 -18.21 -23.63 -36.38
N LEU F 448 -17.02 -23.30 -36.88
CA LEU F 448 -16.76 -21.96 -37.36
C LEU F 448 -17.45 -21.69 -38.68
N ALA F 449 -17.46 -22.68 -39.58
CA ALA F 449 -18.11 -22.54 -40.88
C ALA F 449 -19.63 -22.52 -40.79
N GLY F 450 -20.20 -22.84 -39.64
CA GLY F 450 -21.64 -22.80 -39.48
C GLY F 450 -22.36 -24.08 -39.79
N GLU F 451 -21.68 -25.22 -39.71
CA GLU F 451 -22.30 -26.49 -40.06
C GLU F 451 -23.20 -27.03 -38.97
N TYR F 452 -23.32 -26.37 -37.83
CA TYR F 452 -24.16 -26.89 -36.76
C TYR F 452 -24.97 -25.80 -36.08
N ASP F 453 -25.43 -24.80 -36.83
CA ASP F 453 -26.31 -23.81 -36.22
C ASP F 453 -27.68 -24.37 -35.89
N HIS F 454 -27.98 -25.59 -36.33
CA HIS F 454 -29.24 -26.23 -35.97
C HIS F 454 -29.15 -27.00 -34.66
N LEU F 455 -27.95 -27.46 -34.29
CA LEU F 455 -27.78 -28.20 -33.05
C LEU F 455 -27.76 -27.22 -31.87
N PRO F 456 -28.25 -27.65 -30.71
CA PRO F 456 -28.20 -26.79 -29.53
C PRO F 456 -26.81 -26.74 -28.91
N GLU F 457 -26.56 -25.67 -28.16
CA GLU F 457 -25.21 -25.44 -27.64
C GLU F 457 -24.82 -26.48 -26.60
N GLN F 458 -25.78 -26.98 -25.85
CA GLN F 458 -25.44 -27.93 -24.75
C GLN F 458 -24.90 -29.25 -25.33
N ALA F 459 -25.14 -29.52 -26.61
CA ALA F 459 -24.70 -30.79 -27.18
C ALA F 459 -23.19 -30.86 -27.28
N PHE F 460 -22.51 -29.71 -27.42
CA PHE F 460 -21.06 -29.66 -27.54
C PHE F 460 -20.35 -29.72 -26.20
N TYR F 461 -21.06 -29.56 -25.10
CA TYR F 461 -20.45 -29.50 -23.77
C TYR F 461 -20.05 -30.88 -23.29
N MET F 462 -18.78 -31.03 -22.92
CA MET F 462 -18.24 -32.24 -22.28
C MET F 462 -18.35 -33.46 -23.20
N VAL F 463 -17.85 -33.32 -24.42
CA VAL F 463 -17.79 -34.41 -25.37
C VAL F 463 -16.39 -34.49 -25.94
N GLY F 464 -16.18 -35.48 -26.80
CA GLY F 464 -14.91 -35.64 -27.47
C GLY F 464 -14.92 -34.95 -28.81
N PRO F 465 -14.84 -35.74 -29.89
CA PRO F 465 -14.92 -35.15 -31.24
C PRO F 465 -16.32 -34.68 -31.59
N ILE F 466 -16.51 -34.21 -32.83
CA ILE F 466 -17.77 -33.61 -33.23
C ILE F 466 -18.85 -34.67 -33.47
N GLU F 467 -18.44 -35.92 -33.75
CA GLU F 467 -19.42 -36.99 -33.86
C GLU F 467 -20.12 -37.24 -32.54
N GLU F 468 -19.37 -37.16 -31.44
CA GLU F 468 -20.01 -37.25 -30.13
C GLU F 468 -20.97 -36.09 -29.92
N ALA F 469 -20.66 -34.93 -30.48
CA ALA F 469 -21.56 -33.79 -30.38
C ALA F 469 -22.87 -34.06 -31.09
N VAL F 470 -22.81 -34.60 -32.32
CA VAL F 470 -24.06 -34.84 -33.06
C VAL F 470 -24.85 -35.95 -32.39
N ALA F 471 -24.17 -36.95 -31.84
CA ALA F 471 -24.87 -38.04 -31.15
C ALA F 471 -25.57 -37.51 -29.89
N LYS F 472 -24.87 -36.69 -29.11
CA LYS F 472 -25.50 -36.10 -27.93
C LYS F 472 -26.68 -35.23 -28.31
N ALA F 473 -26.55 -34.44 -29.39
CA ALA F 473 -27.67 -33.63 -29.84
C ALA F 473 -28.87 -34.50 -30.21
N ASP F 474 -28.61 -35.60 -30.92
CA ASP F 474 -29.69 -36.53 -31.27
C ASP F 474 -30.39 -37.05 -30.03
N LYS F 475 -29.63 -37.45 -29.02
CA LYS F 475 -30.26 -38.04 -27.85
C LYS F 475 -31.03 -37.01 -27.03
N LEU F 476 -30.49 -35.79 -26.90
CA LEU F 476 -31.24 -34.73 -26.23
C LEU F 476 -32.52 -34.42 -26.98
N ALA F 477 -32.47 -34.40 -28.31
CA ALA F 477 -33.69 -34.19 -29.09
C ALA F 477 -34.69 -35.31 -28.83
N GLU F 478 -34.20 -36.56 -28.73
CA GLU F 478 -35.08 -37.68 -28.43
C GLU F 478 -35.79 -37.49 -27.09
N GLU F 479 -35.06 -37.08 -26.06
CA GLU F 479 -35.68 -36.95 -24.75
C GLU F 479 -36.43 -35.62 -24.59
N HIS F 480 -35.77 -34.51 -24.89
CA HIS F 480 -36.39 -33.19 -24.74
C HIS F 480 -37.20 -32.80 -25.97
N THR G 2 -10.25 -2.47 -2.54
CA THR G 2 -9.15 -3.15 -3.23
C THR G 2 -8.98 -2.52 -4.61
N LEU G 3 -7.73 -2.43 -5.07
CA LEU G 3 -7.46 -1.73 -6.32
C LEU G 3 -8.04 -2.48 -7.51
N LYS G 4 -8.02 -3.81 -7.48
CA LYS G 4 -8.54 -4.56 -8.61
C LYS G 4 -10.07 -4.51 -8.68
N ASP G 5 -10.75 -4.48 -7.53
CA ASP G 5 -12.20 -4.30 -7.54
C ASP G 5 -12.57 -2.94 -8.12
N ILE G 6 -11.85 -1.89 -7.72
CA ILE G 6 -12.15 -0.56 -8.24
C ILE G 6 -11.87 -0.49 -9.73
N THR G 7 -10.81 -1.14 -10.20
CA THR G 7 -10.53 -1.12 -11.63
C THR G 7 -11.59 -1.89 -12.42
N ARG G 8 -12.01 -3.04 -11.91
CA ARG G 8 -13.12 -3.77 -12.52
C ARG G 8 -14.36 -2.88 -12.65
N ARG G 9 -14.73 -2.22 -11.56
CA ARG G 9 -15.94 -1.41 -11.56
C ARG G 9 -15.82 -0.21 -12.49
N LEU G 10 -14.66 0.45 -12.49
CA LEU G 10 -14.41 1.53 -13.45
C LEU G 10 -14.58 1.07 -14.87
N LYS G 11 -13.98 -0.07 -15.23
CA LYS G 11 -14.09 -0.57 -16.59
C LYS G 11 -15.53 -0.85 -16.95
N SER G 12 -16.25 -1.52 -16.04
CA SER G 12 -17.66 -1.83 -16.28
C SER G 12 -18.49 -0.58 -16.54
N ILE G 13 -18.32 0.44 -15.69
CA ILE G 13 -19.16 1.62 -15.83
C ILE G 13 -18.74 2.47 -17.03
N LYS G 14 -17.46 2.46 -17.40
CA LYS G 14 -17.07 3.13 -18.64
C LYS G 14 -17.73 2.48 -19.84
N ASN G 15 -17.79 1.15 -19.84
CA ASN G 15 -18.48 0.46 -20.92
C ASN G 15 -19.97 0.80 -20.94
N ILE G 16 -20.60 0.82 -19.78
CA ILE G 16 -22.03 1.16 -19.71
C ILE G 16 -22.25 2.57 -20.25
N GLN G 17 -21.35 3.49 -19.94
CA GLN G 17 -21.51 4.88 -20.37
C GLN G 17 -21.39 4.97 -21.88
N LYS G 18 -20.42 4.28 -22.48
CA LYS G 18 -20.30 4.28 -23.93
C LYS G 18 -21.54 3.67 -24.59
N ILE G 19 -22.04 2.56 -24.05
CA ILE G 19 -23.19 1.92 -24.67
C ILE G 19 -24.42 2.80 -24.60
N THR G 20 -24.68 3.41 -23.44
CA THR G 20 -25.85 4.28 -23.33
C THR G 20 -25.71 5.51 -24.21
N LYS G 21 -24.49 6.02 -24.40
CA LYS G 21 -24.32 7.14 -25.32
C LYS G 21 -24.64 6.75 -26.76
N SER G 22 -24.17 5.57 -27.18
CA SER G 22 -24.49 5.10 -28.52
C SER G 22 -25.99 4.88 -28.69
N MET G 23 -26.63 4.31 -27.66
CA MET G 23 -28.08 4.10 -27.71
C MET G 23 -28.83 5.43 -27.78
N LYS G 24 -28.34 6.45 -27.09
CA LYS G 24 -28.95 7.77 -27.18
C LYS G 24 -28.85 8.32 -28.59
N MET G 25 -27.69 8.16 -29.24
CA MET G 25 -27.57 8.63 -30.62
C MET G 25 -28.49 7.84 -31.56
N VAL G 26 -28.61 6.54 -31.34
CA VAL G 26 -29.45 5.71 -32.20
C VAL G 26 -30.92 6.08 -32.04
N ALA G 27 -31.34 6.35 -30.80
CA ALA G 27 -32.71 6.81 -30.59
C ALA G 27 -32.93 8.20 -31.16
N ALA G 28 -31.91 9.05 -31.12
CA ALA G 28 -32.04 10.37 -31.74
C ALA G 28 -32.20 10.26 -33.25
N ALA G 29 -31.58 9.25 -33.86
CA ALA G 29 -31.78 9.04 -35.29
C ALA G 29 -33.15 8.45 -35.59
N LYS G 30 -33.56 7.44 -34.82
CA LYS G 30 -34.85 6.81 -35.06
C LYS G 30 -36.02 7.72 -34.71
N TYR G 31 -35.77 8.78 -33.95
CA TYR G 31 -36.82 9.74 -33.62
C TYR G 31 -37.05 10.75 -34.74
N ALA G 32 -36.08 10.94 -35.62
CA ALA G 32 -36.26 11.85 -36.74
C ALA G 32 -37.15 11.25 -37.83
N SER G 223 -42.55 9.23 -29.92
CA SER G 223 -42.89 9.46 -28.52
C SER G 223 -42.20 8.45 -27.61
N GLU G 224 -42.06 7.22 -28.09
CA GLU G 224 -41.21 6.25 -27.40
C GLU G 224 -39.75 6.47 -27.75
N GLN G 225 -39.47 6.92 -28.97
CA GLN G 225 -38.10 7.24 -29.36
C GLN G 225 -37.57 8.43 -28.59
N SER G 226 -38.38 9.46 -28.36
CA SER G 226 -37.96 10.58 -27.55
C SER G 226 -37.70 10.15 -26.10
N ALA G 227 -38.58 9.32 -25.55
CA ALA G 227 -38.37 8.83 -24.21
C ALA G 227 -37.09 8.02 -24.11
N ARG G 228 -36.81 7.18 -25.10
CA ARG G 228 -35.57 6.40 -25.07
C ARG G 228 -34.36 7.29 -25.22
N MET G 229 -34.44 8.33 -26.05
CA MET G 229 -33.32 9.24 -26.22
C MET G 229 -33.01 9.95 -24.90
N THR G 230 -34.03 10.52 -24.25
CA THR G 230 -33.78 11.19 -22.99
C THR G 230 -33.33 10.22 -21.90
N ALA G 231 -33.88 9.00 -21.91
CA ALA G 231 -33.51 8.03 -20.88
C ALA G 231 -32.05 7.61 -21.02
N MET G 232 -31.60 7.36 -22.25
CA MET G 232 -30.21 6.99 -22.45
C MET G 232 -29.28 8.16 -22.21
N ASP G 233 -29.71 9.38 -22.52
CA ASP G 233 -28.93 10.55 -22.12
C ASP G 233 -28.76 10.63 -20.61
N ASN G 234 -29.83 10.41 -19.86
CA ASN G 234 -29.73 10.44 -18.40
C ASN G 234 -28.85 9.30 -17.89
N ALA G 235 -28.97 8.12 -18.49
CA ALA G 235 -28.13 7.00 -18.06
C ALA G 235 -26.66 7.28 -18.31
N SER G 236 -26.32 7.90 -19.45
CA SER G 236 -24.93 8.26 -19.71
C SER G 236 -24.45 9.31 -18.73
N LYS G 237 -25.30 10.27 -18.38
CA LYS G 237 -24.89 11.30 -17.42
C LYS G 237 -24.64 10.70 -16.04
N ASN G 238 -25.52 9.82 -15.59
CA ASN G 238 -25.32 9.16 -14.29
C ASN G 238 -24.08 8.28 -14.31
N ALA G 239 -23.83 7.59 -15.43
CA ALA G 239 -22.64 6.76 -15.54
C ALA G 239 -21.38 7.61 -15.50
N SER G 240 -21.40 8.80 -16.12
CA SER G 240 -20.25 9.69 -16.06
C SER G 240 -20.00 10.18 -14.63
N GLU G 241 -21.06 10.45 -13.88
CA GLU G 241 -20.84 10.85 -12.50
C GLU G 241 -20.28 9.72 -11.65
N MET G 242 -20.79 8.51 -11.81
CA MET G 242 -20.20 7.37 -11.12
C MET G 242 -18.76 7.16 -11.54
N ILE G 243 -18.44 7.41 -12.82
CA ILE G 243 -17.07 7.26 -13.29
C ILE G 243 -16.16 8.27 -12.62
N ASP G 244 -16.63 9.51 -12.44
CA ASP G 244 -15.82 10.52 -11.80
C ASP G 244 -15.55 10.17 -10.34
N LYS G 245 -16.59 9.77 -9.60
CA LYS G 245 -16.40 9.39 -8.21
C LYS G 245 -15.47 8.18 -8.08
N LEU G 246 -15.63 7.19 -8.96
CA LEU G 246 -14.77 6.02 -8.90
C LEU G 246 -13.34 6.33 -9.33
N THR G 247 -13.13 7.31 -10.22
CA THR G 247 -11.78 7.68 -10.58
C THR G 247 -11.09 8.35 -9.41
N LEU G 248 -11.81 9.18 -8.66
CA LEU G 248 -11.25 9.74 -7.44
C LEU G 248 -10.89 8.64 -6.45
N THR G 249 -11.80 7.67 -6.25
CA THR G 249 -11.51 6.57 -5.34
C THR G 249 -10.33 5.73 -5.81
N PHE G 250 -10.21 5.52 -7.12
CA PHE G 250 -9.12 4.72 -7.66
C PHE G 250 -7.78 5.40 -7.45
N ASN G 251 -7.69 6.70 -7.73
CA ASN G 251 -6.44 7.41 -7.51
C ASN G 251 -6.06 7.40 -6.04
N ARG G 252 -7.05 7.59 -5.17
CA ARG G 252 -6.80 7.53 -3.73
C ARG G 252 -6.25 6.16 -3.33
N THR G 253 -6.85 5.09 -3.84
CA THR G 253 -6.46 3.74 -3.46
C THR G 253 -5.08 3.38 -4.02
N ARG G 254 -4.75 3.84 -5.23
CA ARG G 254 -3.44 3.52 -5.77
C ARG G 254 -2.34 4.29 -5.04
N GLN G 255 -2.60 5.53 -4.64
CA GLN G 255 -1.64 6.24 -3.81
C GLN G 255 -1.43 5.51 -2.48
N ALA G 256 -2.52 5.05 -1.87
CA ALA G 256 -2.39 4.30 -0.62
C ALA G 256 -1.61 3.01 -0.80
N VAL G 257 -1.79 2.34 -1.93
CA VAL G 257 -1.09 1.07 -2.16
C VAL G 257 0.40 1.31 -2.35
N ILE G 258 0.77 2.35 -3.09
CA ILE G 258 2.18 2.68 -3.24
C ILE G 258 2.80 3.02 -1.89
N THR G 259 2.10 3.81 -1.08
CA THR G 259 2.64 4.17 0.23
C THR G 259 2.80 2.94 1.12
N LYS G 260 1.82 2.04 1.10
CA LYS G 260 1.90 0.86 1.95
C LYS G 260 3.07 -0.05 1.54
N GLU G 261 3.29 -0.23 0.24
CA GLU G 261 4.40 -1.06 -0.18
C GLU G 261 5.74 -0.43 0.16
N LEU G 262 5.86 0.89 -0.01
CA LEU G 262 7.08 1.57 0.43
C LEU G 262 7.33 1.39 1.92
N ILE G 263 6.29 1.54 2.73
CA ILE G 263 6.46 1.40 4.17
C ILE G 263 6.90 0.00 4.53
N GLU G 264 6.37 -1.02 3.82
CA GLU G 264 6.81 -2.39 4.06
C GLU G 264 8.28 -2.57 3.73
N ILE G 265 8.72 -2.04 2.59
CA ILE G 265 10.13 -2.17 2.21
C ILE G 265 11.03 -1.45 3.21
N ILE G 266 10.61 -0.25 3.61
CA ILE G 266 11.42 0.57 4.56
C ILE G 266 11.54 -0.19 5.89
N SER G 267 10.43 -0.70 6.41
CA SER G 267 10.45 -1.38 7.69
C SER G 267 11.24 -2.68 7.62
N GLY G 268 11.24 -3.34 6.47
CA GLY G 268 12.12 -4.48 6.31
C GLY G 268 13.59 -4.10 6.30
N ALA G 269 13.93 -2.97 5.68
CA ALA G 269 15.32 -2.55 5.64
C ALA G 269 15.80 -2.00 6.98
N ALA G 270 14.92 -1.40 7.76
CA ALA G 270 15.31 -0.81 9.04
C ALA G 270 15.52 -1.85 10.13
N ALA G 271 15.03 -3.06 9.95
CA ALA G 271 15.19 -4.13 10.91
C ALA G 271 16.48 -4.92 10.72
N LEU G 272 17.31 -4.51 9.77
CA LEU G 272 18.60 -5.17 9.55
C LEU G 272 19.71 -4.36 10.21
N ALA H 2 44.83 -15.99 7.64
CA ALA H 2 45.55 -16.76 8.64
C ALA H 2 44.60 -17.34 9.67
N LYS H 3 45.05 -18.36 10.40
CA LYS H 3 44.20 -18.99 11.40
C LYS H 3 44.31 -18.24 12.73
N LEU H 4 43.17 -17.97 13.34
CA LEU H 4 43.13 -17.24 14.60
C LEU H 4 42.89 -18.20 15.77
N VAL H 5 43.49 -17.89 16.90
CA VAL H 5 43.39 -18.72 18.10
C VAL H 5 42.26 -18.18 18.96
N ARG H 6 41.21 -18.96 19.14
CA ARG H 6 40.03 -18.50 19.88
C ARG H 6 40.25 -18.67 21.38
N PRO H 7 39.88 -17.69 22.19
CA PRO H 7 40.07 -17.80 23.64
C PRO H 7 39.08 -18.77 24.25
N PRO H 8 39.30 -19.21 25.50
CA PRO H 8 38.36 -20.18 26.10
C PRO H 8 36.95 -19.66 26.22
N VAL H 9 36.77 -18.41 26.64
CA VAL H 9 35.45 -17.80 26.69
C VAL H 9 35.35 -16.81 25.52
N GLN H 10 34.12 -16.53 25.11
CA GLN H 10 33.84 -15.67 23.97
C GLN H 10 33.13 -14.42 24.47
N VAL H 11 33.64 -13.24 24.10
CA VAL H 11 32.96 -11.97 24.31
C VAL H 11 32.64 -11.39 22.94
N TYR H 12 31.58 -10.59 22.87
CA TYR H 12 31.09 -10.07 21.60
C TYR H 12 31.01 -8.55 21.63
N GLY H 13 30.72 -7.96 20.47
CA GLY H 13 30.78 -6.53 20.31
C GLY H 13 32.15 -6.07 19.90
N ILE H 14 32.31 -4.74 19.87
CA ILE H 14 33.61 -4.15 19.57
C ILE H 14 34.64 -4.61 20.59
N GLU H 15 34.30 -4.54 21.87
CA GLU H 15 35.20 -4.98 22.93
C GLU H 15 35.55 -6.45 22.77
N GLY H 16 34.55 -7.27 22.46
CA GLY H 16 34.80 -8.69 22.29
C GLY H 16 35.72 -8.99 21.12
N ARG H 17 35.52 -8.31 19.99
CA ARG H 17 36.38 -8.57 18.83
C ARG H 17 37.80 -8.12 19.09
N TYR H 18 37.99 -6.94 19.68
CA TYR H 18 39.36 -6.47 19.93
C TYR H 18 40.05 -7.31 20.99
N ALA H 19 39.30 -7.79 21.99
CA ALA H 19 39.89 -8.64 23.00
C ALA H 19 40.27 -10.00 22.43
N THR H 20 39.42 -10.57 21.58
CA THR H 20 39.76 -11.83 20.93
C THR H 20 40.98 -11.65 20.04
N ALA H 21 41.06 -10.53 19.33
CA ALA H 21 42.23 -10.25 18.50
C ALA H 21 43.51 -10.21 19.33
N LEU H 22 43.51 -9.41 20.40
CA LEU H 22 44.69 -9.31 21.24
C LEU H 22 45.03 -10.65 21.89
N TYR H 23 44.02 -11.42 22.27
CA TYR H 23 44.28 -12.72 22.89
C TYR H 23 44.95 -13.66 21.91
N SER H 24 44.44 -13.75 20.69
CA SER H 24 45.08 -14.59 19.69
C SER H 24 46.49 -14.10 19.39
N ALA H 25 46.68 -12.79 19.30
CA ALA H 25 47.99 -12.25 18.95
C ALA H 25 49.00 -12.43 20.06
N ALA H 26 48.54 -12.51 21.31
CA ALA H 26 49.45 -12.73 22.42
C ALA H 26 49.74 -14.21 22.62
N SER H 27 48.74 -15.07 22.42
CA SER H 27 49.00 -16.50 22.41
C SER H 27 49.86 -16.92 21.23
N LYS H 28 49.92 -16.10 20.18
CA LYS H 28 50.90 -16.31 19.12
C LYS H 28 52.31 -16.14 19.62
N GLN H 29 52.51 -15.33 20.66
CA GLN H 29 53.82 -15.04 21.21
C GLN H 29 53.91 -15.36 22.70
N ASN H 30 52.93 -16.09 23.24
CA ASN H 30 52.86 -16.47 24.66
C ASN H 30 53.34 -15.35 25.59
N LYS H 31 52.67 -14.20 25.49
CA LYS H 31 52.89 -13.07 26.38
C LYS H 31 51.58 -12.63 27.03
N LEU H 32 50.78 -13.58 27.51
CA LEU H 32 49.43 -13.24 27.97
C LEU H 32 49.46 -12.38 29.23
N GLU H 33 50.29 -12.73 30.21
CA GLU H 33 50.30 -11.98 31.47
C GLU H 33 50.94 -10.61 31.30
N GLN H 34 51.98 -10.51 30.48
CA GLN H 34 52.66 -9.24 30.25
C GLN H 34 51.68 -8.23 29.64
N VAL H 35 50.97 -8.63 28.59
CA VAL H 35 49.98 -7.75 27.98
C VAL H 35 48.77 -7.57 28.89
N GLU H 36 48.46 -8.55 29.73
CA GLU H 36 47.35 -8.39 30.68
C GLU H 36 47.61 -7.25 31.65
N LYS H 37 48.78 -7.27 32.29
CA LYS H 37 49.08 -6.19 33.22
C LYS H 37 49.33 -4.88 32.49
N GLU H 38 49.86 -4.91 31.27
CA GLU H 38 50.00 -3.65 30.53
C GLU H 38 48.64 -3.06 30.15
N LEU H 39 47.64 -3.91 29.88
CA LEU H 39 46.30 -3.39 29.65
C LEU H 39 45.70 -2.84 30.93
N LEU H 40 45.95 -3.48 32.07
CA LEU H 40 45.49 -2.90 33.33
C LEU H 40 46.10 -1.52 33.54
N ARG H 41 47.38 -1.38 33.23
CA ARG H 41 48.05 -0.09 33.38
C ARG H 41 47.46 0.94 32.42
N VAL H 42 47.18 0.54 31.18
CA VAL H 42 46.55 1.45 30.23
C VAL H 42 45.18 1.88 30.72
N ALA H 43 44.42 0.93 31.27
CA ALA H 43 43.06 1.24 31.72
C ALA H 43 43.08 2.22 32.88
N GLN H 44 44.05 2.08 33.79
CA GLN H 44 44.15 3.05 34.87
C GLN H 44 44.76 4.37 34.39
N ILE H 45 45.55 4.34 33.32
CA ILE H 45 46.11 5.57 32.76
C ILE H 45 45.02 6.42 32.14
N LEU H 46 44.17 5.81 31.31
CA LEU H 46 43.18 6.59 30.58
C LEU H 46 42.01 6.99 31.46
N LYS H 47 41.67 6.20 32.47
CA LYS H 47 40.52 6.50 33.31
C LYS H 47 40.72 7.75 34.16
N GLU H 48 41.97 8.12 34.47
CA GLU H 48 42.18 9.37 35.20
C GLU H 48 41.71 10.55 34.35
N PRO H 49 40.95 11.49 34.95
CA PRO H 49 40.20 12.47 34.14
C PRO H 49 40.99 13.20 33.06
N LYS H 50 42.30 13.39 33.21
CA LYS H 50 43.09 14.07 32.19
C LYS H 50 42.96 13.37 30.84
N VAL H 51 43.45 12.14 30.75
CA VAL H 51 43.45 11.44 29.47
C VAL H 51 42.03 11.08 29.06
N ALA H 52 41.15 10.79 30.02
CA ALA H 52 39.77 10.51 29.69
C ALA H 52 39.12 11.69 28.97
N ALA H 53 39.24 12.89 29.53
CA ALA H 53 38.69 14.07 28.89
C ALA H 53 39.41 14.39 27.58
N SER H 54 40.70 14.04 27.48
CA SER H 54 41.42 14.33 26.24
C SER H 54 40.99 13.42 25.09
N VAL H 55 40.75 12.14 25.35
CA VAL H 55 40.54 11.18 24.27
C VAL H 55 39.05 10.97 24.00
N LEU H 56 38.20 11.28 24.98
CA LEU H 56 36.77 11.19 24.75
C LEU H 56 36.21 12.45 24.10
N ASN H 57 37.06 13.41 23.79
CA ASN H 57 36.63 14.65 23.15
C ASN H 57 36.50 14.43 21.65
N PRO H 58 35.29 14.55 21.07
CA PRO H 58 35.10 14.20 19.67
C PRO H 58 35.36 15.31 18.65
N TYR H 59 35.58 16.56 19.07
CA TYR H 59 35.89 17.59 18.10
C TYR H 59 37.40 17.82 17.92
N VAL H 60 38.22 17.47 18.91
CA VAL H 60 39.66 17.47 18.68
C VAL H 60 40.00 16.33 17.73
N LYS H 61 40.95 16.56 16.84
CA LYS H 61 41.17 15.70 15.70
C LYS H 61 41.60 14.30 16.13
N ARG H 62 41.30 13.32 15.27
CA ARG H 62 41.65 11.94 15.56
C ARG H 62 43.16 11.75 15.60
N SER H 63 43.87 12.30 14.62
CA SER H 63 45.31 12.07 14.53
C SER H 63 46.05 12.68 15.72
N ILE H 64 45.55 13.78 16.25
CA ILE H 64 46.19 14.40 17.41
C ILE H 64 46.14 13.47 18.62
N LYS H 65 44.97 12.88 18.87
CA LYS H 65 44.87 11.96 20.00
C LYS H 65 45.58 10.64 19.71
N VAL H 66 45.68 10.24 18.44
CA VAL H 66 46.48 9.05 18.11
C VAL H 66 47.94 9.30 18.46
N LYS H 67 48.46 10.48 18.11
CA LYS H 67 49.83 10.85 18.45
C LYS H 67 50.03 10.93 19.96
N SER H 68 49.06 11.50 20.69
CA SER H 68 49.19 11.59 22.13
C SER H 68 49.15 10.21 22.78
N LEU H 69 48.30 9.31 22.29
CA LEU H 69 48.27 7.95 22.83
C LEU H 69 49.54 7.19 22.52
N ASN H 70 50.11 7.37 21.33
CA ASN H 70 51.38 6.73 21.03
C ASN H 70 52.47 7.26 21.95
N ASP H 71 52.48 8.58 22.18
CA ASP H 71 53.40 9.18 23.15
C ASP H 71 53.26 8.53 24.52
N ILE H 72 52.03 8.49 25.05
CA ILE H 72 51.83 8.03 26.42
C ILE H 72 52.00 6.52 26.56
N THR H 73 51.88 5.75 25.47
CA THR H 73 52.14 4.32 25.53
C THR H 73 53.62 4.00 25.33
N ALA H 74 54.38 4.89 24.67
CA ALA H 74 55.82 4.71 24.63
C ALA H 74 56.48 5.16 25.92
N LYS H 75 55.96 6.22 26.54
CA LYS H 75 56.58 6.79 27.73
C LYS H 75 56.56 5.80 28.89
N GLU H 76 55.56 4.91 28.92
CA GLU H 76 55.38 3.97 30.03
C GLU H 76 55.93 2.59 29.75
N ARG H 77 56.77 2.43 28.72
CA ARG H 77 57.50 1.19 28.46
C ARG H 77 56.56 0.02 28.19
N PHE H 78 55.73 0.18 27.17
CA PHE H 78 54.76 -0.83 26.80
C PHE H 78 55.25 -1.69 25.64
N SER H 79 54.76 -2.93 25.61
CA SER H 79 55.14 -3.86 24.56
C SER H 79 54.66 -3.39 23.20
N PRO H 80 55.31 -3.80 22.11
CA PRO H 80 54.77 -3.48 20.77
C PRO H 80 53.36 -3.98 20.56
N LEU H 81 53.00 -5.14 21.12
CA LEU H 81 51.64 -5.65 20.99
C LEU H 81 50.62 -4.65 21.50
N THR H 82 50.69 -4.31 22.79
CA THR H 82 49.72 -3.39 23.35
C THR H 82 49.88 -1.98 22.77
N THR H 83 51.08 -1.63 22.31
CA THR H 83 51.27 -0.30 21.73
C THR H 83 50.50 -0.17 20.43
N ASN H 84 50.68 -1.12 19.50
CA ASN H 84 49.91 -1.03 18.26
C ASN H 84 48.45 -1.40 18.50
N LEU H 85 48.12 -2.05 19.61
CA LEU H 85 46.73 -2.24 19.97
C LEU H 85 46.07 -0.92 20.32
N ILE H 86 46.73 -0.11 21.15
CA ILE H 86 46.21 1.21 21.47
C ILE H 86 46.18 2.08 20.21
N ASN H 87 47.18 1.95 19.35
CA ASN H 87 47.16 2.65 18.08
C ASN H 87 45.96 2.25 17.23
N LEU H 88 45.64 0.96 17.18
CA LEU H 88 44.50 0.49 16.41
C LEU H 88 43.20 1.00 16.99
N LEU H 89 43.06 0.97 18.31
CA LEU H 89 41.88 1.55 18.94
C LEU H 89 41.79 3.04 18.68
N ALA H 90 42.93 3.70 18.46
CA ALA H 90 42.92 5.13 18.21
C ALA H 90 42.57 5.47 16.76
N GLU H 91 42.95 4.61 15.80
CA GLU H 91 42.60 4.90 14.41
C GLU H 91 41.13 4.60 14.13
N ASN H 92 40.65 3.45 14.59
CA ASN H 92 39.24 3.11 14.41
C ASN H 92 38.31 3.98 15.24
N GLY H 93 38.87 4.84 16.10
CA GLY H 93 38.04 5.68 16.93
C GLY H 93 37.32 4.95 18.05
N ARG H 94 37.81 3.77 18.43
CA ARG H 94 37.20 2.97 19.47
C ARG H 94 37.88 3.16 20.82
N LEU H 95 38.52 4.32 21.04
CA LEU H 95 39.13 4.59 22.33
C LEU H 95 38.11 4.57 23.46
N SER H 96 36.86 4.96 23.16
CA SER H 96 35.79 4.85 24.14
C SER H 96 35.60 3.42 24.62
N ASN H 97 35.90 2.44 23.77
CA ASN H 97 35.74 1.03 24.08
C ASN H 97 36.99 0.43 24.72
N THR H 98 37.91 1.27 25.21
CA THR H 98 39.17 0.76 25.74
C THR H 98 38.94 -0.02 27.03
N GLN H 99 38.16 0.54 27.96
CA GLN H 99 37.89 -0.13 29.21
C GLN H 99 37.13 -1.44 28.97
N GLY H 100 36.24 -1.43 27.97
CA GLY H 100 35.54 -2.66 27.62
C GLY H 100 36.47 -3.72 27.06
N VAL H 101 37.41 -3.33 26.20
CA VAL H 101 38.40 -4.27 25.68
C VAL H 101 39.22 -4.84 26.82
N VAL H 102 39.64 -3.97 27.76
CA VAL H 102 40.43 -4.41 28.90
C VAL H 102 39.65 -5.39 29.76
N SER H 103 38.37 -5.10 29.99
CA SER H 103 37.54 -5.98 30.82
C SER H 103 37.32 -7.33 30.14
N ALA H 104 37.06 -7.31 28.83
CA ALA H 104 36.87 -8.56 28.10
C ALA H 104 38.14 -9.41 28.12
N PHE H 105 39.29 -8.78 27.88
CA PHE H 105 40.56 -9.51 27.96
C PHE H 105 40.77 -10.05 29.37
N SER H 106 40.39 -9.28 30.38
CA SER H 106 40.63 -9.68 31.76
C SER H 106 39.78 -10.89 32.13
N THR H 107 38.51 -10.90 31.71
CA THR H 107 37.66 -12.06 32.00
C THR H 107 38.09 -13.28 31.18
N MET H 108 38.60 -13.04 29.96
CA MET H 108 39.16 -14.12 29.17
C MET H 108 40.33 -14.77 29.89
N MET H 109 41.25 -13.95 30.40
CA MET H 109 42.41 -14.51 31.08
C MET H 109 42.03 -15.08 32.45
N SER H 110 40.95 -14.59 33.05
CA SER H 110 40.50 -15.15 34.31
C SER H 110 39.94 -16.55 34.13
N VAL H 111 39.13 -16.75 33.09
CA VAL H 111 38.67 -18.11 32.80
C VAL H 111 39.80 -18.95 32.22
N HIS H 112 40.84 -18.33 31.67
CA HIS H 112 42.01 -19.07 31.24
C HIS H 112 42.85 -19.52 32.42
N ARG H 113 42.72 -18.84 33.56
CA ARG H 113 43.32 -19.29 34.81
C ARG H 113 42.46 -20.34 35.52
N GLY H 114 41.28 -20.63 35.01
CA GLY H 114 40.39 -21.56 35.67
C GLY H 114 39.54 -20.97 36.77
N GLU H 115 39.25 -19.67 36.70
CA GLU H 115 38.46 -19.01 37.73
C GLU H 115 36.98 -19.07 37.36
N VAL H 116 36.17 -19.68 38.22
CA VAL H 116 34.74 -19.82 38.00
C VAL H 116 34.00 -18.92 38.98
N PRO H 117 33.06 -18.11 38.52
CA PRO H 117 32.33 -17.20 39.42
C PRO H 117 31.25 -17.93 40.19
N CYS H 118 31.46 -18.06 41.51
CA CYS H 118 30.53 -18.77 42.37
C CYS H 118 29.80 -17.79 43.29
N THR H 119 28.48 -17.89 43.31
CA THR H 119 27.63 -17.04 44.12
C THR H 119 26.85 -17.92 45.09
N VAL H 120 26.81 -17.53 46.36
CA VAL H 120 26.12 -18.28 47.39
C VAL H 120 25.22 -17.31 48.14
N THR H 121 23.95 -17.29 47.78
CA THR H 121 22.98 -16.42 48.43
C THR H 121 22.49 -17.07 49.71
N SER H 122 22.33 -16.26 50.77
CA SER H 122 21.87 -16.77 52.05
C SER H 122 20.97 -15.72 52.70
N ALA H 123 20.13 -16.20 53.63
CA ALA H 123 19.19 -15.31 54.30
C ALA H 123 19.88 -14.35 55.26
N SER H 124 20.96 -14.79 55.89
CA SER H 124 21.67 -14.02 56.89
C SER H 124 23.16 -14.05 56.59
N PRO H 125 23.93 -13.10 57.13
CA PRO H 125 25.38 -13.20 57.03
C PRO H 125 25.87 -14.52 57.58
N LEU H 126 26.54 -15.27 56.71
CA LEU H 126 26.77 -16.69 56.95
C LEU H 126 28.05 -16.90 57.73
N GLU H 127 28.13 -18.03 58.42
CA GLU H 127 29.23 -18.32 59.33
C GLU H 127 30.53 -18.54 58.55
N GLU H 128 31.66 -18.22 59.18
CA GLU H 128 32.93 -18.23 58.47
C GLU H 128 33.52 -19.63 58.36
N ALA H 129 33.48 -20.43 59.42
CA ALA H 129 33.93 -21.82 59.29
C ALA H 129 32.94 -22.63 58.46
N THR H 130 31.64 -22.34 58.61
CA THR H 130 30.66 -22.91 57.70
C THR H 130 30.96 -22.52 56.26
N LEU H 131 31.36 -21.27 56.04
CA LEU H 131 31.68 -20.83 54.67
C LEU H 131 32.94 -21.50 54.14
N SER H 132 33.91 -21.77 55.01
CA SER H 132 35.10 -22.49 54.55
C SER H 132 34.77 -23.94 54.21
N GLU H 133 33.93 -24.58 55.02
CA GLU H 133 33.45 -25.91 54.69
C GLU H 133 32.67 -25.88 53.38
N LEU H 134 31.91 -24.80 53.15
CA LEU H 134 31.20 -24.63 51.90
C LEU H 134 32.16 -24.53 50.72
N LYS H 135 33.22 -23.73 50.86
CA LYS H 135 34.25 -23.68 49.83
C LYS H 135 34.79 -25.07 49.53
N THR H 136 35.15 -25.81 50.58
CA THR H 136 35.70 -27.15 50.40
C THR H 136 34.74 -28.07 49.67
N VAL H 137 33.45 -27.98 49.99
CA VAL H 137 32.47 -28.83 49.31
C VAL H 137 32.23 -28.37 47.87
N LEU H 138 32.27 -27.07 47.61
CA LEU H 138 32.03 -26.55 46.27
C LEU H 138 33.19 -26.81 45.33
N LYS H 139 34.41 -27.01 45.85
CA LYS H 139 35.50 -27.40 44.97
C LYS H 139 35.28 -28.77 44.35
N SER H 140 34.30 -29.53 44.83
CA SER H 140 34.02 -30.86 44.30
C SER H 140 33.24 -30.84 42.99
N PHE H 141 32.59 -29.73 42.66
CA PHE H 141 31.83 -29.62 41.43
C PHE H 141 32.68 -29.21 40.25
N LEU H 142 33.97 -28.97 40.44
CA LEU H 142 34.82 -28.41 39.42
C LEU H 142 35.69 -29.48 38.78
N SER H 143 36.14 -29.20 37.56
CA SER H 143 37.21 -29.97 36.97
C SER H 143 38.53 -29.61 37.64
N GLN H 144 39.63 -30.18 37.14
CA GLN H 144 40.92 -29.82 37.69
C GLN H 144 41.44 -28.57 37.00
N GLY H 145 42.29 -27.82 37.69
CA GLY H 145 42.69 -26.52 37.21
C GLY H 145 41.62 -25.47 37.35
N GLN H 146 40.73 -25.62 38.32
CA GLN H 146 39.64 -24.70 38.57
C GLN H 146 39.77 -24.14 39.98
N VAL H 147 39.51 -22.84 40.12
CA VAL H 147 39.50 -22.20 41.44
C VAL H 147 38.21 -21.41 41.58
N LEU H 148 37.69 -21.39 42.80
CA LEU H 148 36.40 -20.80 43.12
C LEU H 148 36.58 -19.35 43.49
N LYS H 149 35.95 -18.45 42.73
CA LYS H 149 35.93 -17.02 43.05
C LYS H 149 34.57 -16.74 43.66
N LEU H 150 34.48 -16.91 44.98
CA LEU H 150 33.20 -16.89 45.68
C LEU H 150 32.92 -15.47 46.16
N GLU H 151 31.72 -14.98 45.84
CA GLU H 151 31.22 -13.71 46.36
C GLU H 151 29.80 -13.93 46.83
N ALA H 152 29.62 -14.05 48.15
CA ALA H 152 28.33 -14.37 48.73
C ALA H 152 27.61 -13.10 49.16
N LYS H 153 26.55 -12.76 48.45
CA LYS H 153 25.66 -11.67 48.83
C LYS H 153 24.49 -12.25 49.60
N THR H 154 23.89 -11.43 50.48
CA THR H 154 22.85 -11.87 51.40
C THR H 154 21.50 -11.37 50.91
N ASP H 155 20.58 -12.30 50.65
CA ASP H 155 19.18 -12.00 50.37
C ASP H 155 18.36 -12.58 51.51
N PRO H 156 17.79 -11.74 52.39
CA PRO H 156 17.05 -12.28 53.53
C PRO H 156 15.70 -12.87 53.18
N SER H 157 15.20 -12.66 51.97
CA SER H 157 13.85 -13.08 51.63
C SER H 157 13.77 -14.57 51.29
N ILE H 158 14.90 -15.27 51.23
CA ILE H 158 14.88 -16.71 50.95
C ILE H 158 14.57 -17.53 52.18
N LEU H 159 14.47 -16.90 53.36
CA LEU H 159 13.98 -17.47 54.61
C LEU H 159 14.90 -18.51 55.22
N GLY H 160 16.03 -18.83 54.58
CA GLY H 160 16.93 -19.83 55.08
C GLY H 160 17.48 -20.66 53.94
N GLY H 161 18.38 -21.57 54.27
CA GLY H 161 19.07 -22.35 53.27
C GLY H 161 20.18 -21.55 52.60
N MET H 162 20.55 -21.99 51.41
CA MET H 162 21.53 -21.29 50.59
C MET H 162 21.30 -21.61 49.12
N ILE H 163 21.34 -20.57 48.29
CA ILE H 163 21.21 -20.71 46.85
C ILE H 163 22.61 -20.54 46.27
N VAL H 164 23.12 -21.60 45.63
CA VAL H 164 24.50 -21.63 45.15
C VAL H 164 24.47 -21.68 43.62
N ARG H 165 25.30 -20.85 43.00
CA ARG H 165 25.47 -20.84 41.54
C ARG H 165 26.95 -21.03 41.24
N ILE H 166 27.30 -22.16 40.63
CA ILE H 166 28.69 -22.49 40.31
C ILE H 166 28.83 -22.31 38.81
N GLY H 167 29.24 -21.12 38.39
CA GLY H 167 29.24 -20.81 36.98
C GLY H 167 27.82 -20.75 36.45
N GLU H 168 27.42 -21.76 35.68
CA GLU H 168 26.04 -21.89 35.26
C GLU H 168 25.29 -23.00 35.96
N LYS H 169 25.98 -23.84 36.72
CA LYS H 169 25.30 -24.82 37.56
C LYS H 169 24.61 -24.10 38.71
N TYR H 170 23.56 -24.73 39.25
CA TYR H 170 22.67 -24.01 40.14
C TYR H 170 21.90 -25.00 41.01
N VAL H 171 21.97 -24.81 42.32
CA VAL H 171 21.20 -25.59 43.28
C VAL H 171 20.40 -24.60 44.12
N ASP H 172 19.08 -24.82 44.18
CA ASP H 172 18.18 -23.95 44.92
C ASP H 172 17.81 -24.65 46.22
N MET H 173 18.68 -24.49 47.23
CA MET H 173 18.47 -25.09 48.53
C MET H 173 17.88 -24.11 49.55
N SER H 174 17.38 -22.97 49.10
CA SER H 174 16.66 -22.09 49.99
C SER H 174 15.37 -22.76 50.45
N VAL H 175 14.88 -22.36 51.61
CA VAL H 175 13.68 -22.98 52.13
C VAL H 175 12.42 -22.35 51.52
N LYS H 176 12.50 -21.09 51.07
CA LYS H 176 11.35 -20.49 50.41
C LYS H 176 10.95 -21.29 49.18
N THR H 177 11.93 -21.81 48.45
CA THR H 177 11.64 -22.72 47.34
C THR H 177 10.86 -23.94 47.83
N LYS H 178 11.25 -24.49 48.99
CA LYS H 178 10.57 -25.65 49.54
C LYS H 178 9.11 -25.32 49.88
N ILE H 179 8.88 -24.19 50.54
CA ILE H 179 7.52 -23.81 50.89
C ILE H 179 6.70 -23.51 49.65
N GLN H 180 7.30 -22.91 48.62
CA GLN H 180 6.54 -22.64 47.40
C GLN H 180 6.18 -23.93 46.68
N LYS H 181 7.08 -24.90 46.68
CA LYS H 181 6.77 -26.21 46.10
C LYS H 181 5.65 -26.89 46.87
N LEU H 182 5.69 -26.79 48.20
CA LEU H 182 4.63 -27.41 49.00
C LEU H 182 3.29 -26.71 48.81
N GLY H 183 3.31 -25.38 48.62
CA GLY H 183 2.08 -24.67 48.34
C GLY H 183 1.50 -25.03 46.99
N ARG H 184 2.35 -25.11 45.96
CA ARG H 184 1.91 -25.58 44.65
C ARG H 184 1.38 -27.00 44.72
N ALA H 185 1.98 -27.84 45.56
CA ALA H 185 1.52 -29.22 45.67
C ALA H 185 0.17 -29.29 46.37
N MET H 186 -0.04 -28.46 47.39
CA MET H 186 -1.32 -28.44 48.07
C MET H 186 -2.43 -27.90 47.17
N ARG H 187 -2.13 -26.85 46.41
CA ARG H 187 -3.17 -26.25 45.57
C ARG H 187 -3.44 -27.08 44.32
N GLU H 188 -2.51 -27.93 43.92
CA GLU H 188 -2.67 -28.72 42.70
C GLU H 188 -2.59 -30.22 43.00
N GLY I 11 -11.16 -2.63 -22.85
CA GLY I 11 -11.99 -3.15 -21.76
C GLY I 11 -13.21 -3.86 -22.28
N ALA I 12 -13.03 -4.92 -23.06
CA ALA I 12 -14.16 -5.64 -23.68
C ALA I 12 -14.64 -6.74 -22.73
N GLY I 13 -15.95 -6.80 -22.48
CA GLY I 13 -16.49 -7.86 -21.62
C GLY I 13 -16.17 -7.54 -20.19
N SER I 14 -15.93 -6.26 -19.91
CA SER I 14 -15.58 -5.82 -18.56
C SER I 14 -16.85 -5.62 -17.73
N ILE I 15 -18.03 -5.59 -18.36
CA ILE I 15 -19.30 -5.49 -17.57
C ILE I 15 -19.55 -6.85 -16.90
N ARG I 16 -19.40 -7.92 -17.65
CA ARG I 16 -19.61 -9.29 -17.11
C ARG I 16 -18.46 -9.65 -16.17
N GLU I 17 -17.24 -9.19 -16.45
CA GLU I 17 -16.04 -9.57 -15.67
C GLU I 17 -16.06 -8.93 -14.29
N ALA I 18 -16.79 -7.82 -14.14
CA ALA I 18 -16.91 -7.10 -12.85
C ALA I 18 -17.97 -7.76 -11.99
N GLY I 19 -18.72 -8.71 -12.54
CA GLY I 19 -19.69 -9.48 -11.74
C GLY I 19 -20.64 -8.65 -10.90
N GLY I 20 -21.22 -7.61 -11.48
CA GLY I 20 -22.10 -6.71 -10.70
C GLY I 20 -23.55 -7.07 -10.86
N ALA I 21 -24.45 -6.12 -10.66
CA ALA I 21 -25.87 -6.39 -10.92
C ALA I 21 -26.06 -6.41 -12.43
N PHE I 22 -25.13 -5.83 -13.18
CA PHE I 22 -25.23 -5.79 -14.66
C PHE I 22 -24.60 -7.05 -15.25
N GLY I 23 -23.56 -7.60 -14.64
CA GLY I 23 -22.93 -8.86 -15.09
C GLY I 23 -23.86 -10.02 -14.83
N LYS I 24 -24.67 -9.96 -13.77
CA LYS I 24 -25.67 -11.03 -13.51
C LYS I 24 -26.85 -10.86 -14.46
N ARG I 25 -27.21 -9.62 -14.76
CA ARG I 25 -28.35 -9.36 -15.69
C ARG I 25 -27.96 -9.89 -17.05
N GLU I 26 -26.73 -9.65 -17.48
CA GLU I 26 -26.26 -10.09 -18.80
C GLU I 26 -26.31 -11.63 -18.86
N GLN I 27 -25.76 -12.30 -17.86
CA GLN I 27 -25.68 -13.77 -17.89
C GLN I 27 -27.09 -14.37 -17.93
N ALA I 28 -28.00 -13.83 -17.13
CA ALA I 28 -29.40 -14.32 -17.07
C ALA I 28 -30.03 -14.19 -18.45
N GLU I 29 -29.73 -13.11 -19.17
CA GLU I 29 -30.28 -12.90 -20.54
C GLU I 29 -29.74 -13.95 -21.51
N GLU I 30 -28.44 -14.14 -21.55
CA GLU I 30 -27.81 -15.09 -22.50
C GLU I 30 -28.37 -16.50 -22.28
N GLU I 31 -28.62 -16.88 -21.03
CA GLU I 31 -29.07 -18.26 -20.74
C GLU I 31 -30.56 -18.39 -21.04
N ARG I 32 -31.34 -17.35 -20.73
CA ARG I 32 -32.79 -17.36 -21.02
C ARG I 32 -33.00 -17.42 -22.54
N TYR I 33 -32.25 -16.61 -23.30
CA TYR I 33 -32.46 -16.56 -24.76
C TYR I 33 -31.99 -17.86 -25.38
N PHE I 34 -30.93 -18.44 -24.86
CA PHE I 34 -30.35 -19.63 -25.54
C PHE I 34 -30.97 -20.90 -24.98
N ARG I 35 -31.74 -20.81 -23.91
CA ARG I 35 -32.44 -22.02 -23.41
C ARG I 35 -33.74 -22.11 -24.22
N ALA I 36 -34.34 -20.97 -24.53
CA ALA I 36 -35.52 -20.93 -25.41
C ALA I 36 -35.11 -21.36 -26.81
N GLN I 37 -33.99 -20.85 -27.34
CA GLN I 37 -33.52 -21.32 -28.67
C GLN I 37 -33.24 -22.83 -28.65
N SER I 38 -32.66 -23.36 -27.58
CA SER I 38 -32.27 -24.80 -27.58
C SER I 38 -33.52 -25.69 -27.55
N ARG I 39 -34.59 -25.19 -26.92
CA ARG I 39 -35.84 -25.97 -26.86
C ARG I 39 -36.46 -25.92 -28.27
N GLU I 40 -36.34 -24.78 -28.95
CA GLU I 40 -36.91 -24.63 -30.31
C GLU I 40 -36.00 -25.35 -31.33
N GLN I 41 -34.76 -25.68 -30.95
CA GLN I 41 -33.80 -26.29 -31.90
C GLN I 41 -33.76 -27.80 -31.67
N LEU I 42 -34.22 -28.25 -30.50
CA LEU I 42 -34.23 -29.70 -30.16
C LEU I 42 -35.57 -30.27 -30.62
N ALA I 43 -36.64 -29.49 -30.51
CA ALA I 43 -37.96 -29.96 -30.99
C ALA I 43 -37.85 -30.29 -32.48
N ALA I 44 -37.31 -29.37 -33.28
CA ALA I 44 -37.12 -29.62 -34.72
C ALA I 44 -36.09 -30.76 -34.89
N LEU I 45 -35.06 -30.79 -34.03
CA LEU I 45 -34.02 -31.85 -34.12
C LEU I 45 -34.61 -33.18 -33.67
PG ATP J . 7.22 -12.16 -24.74
O1G ATP J . 7.55 -13.60 -24.65
O2G ATP J . 6.25 -11.77 -23.66
O3G ATP J . 8.48 -11.33 -24.61
PB ATP J . 6.73 -10.46 -27.03
O1B ATP J . 8.18 -10.10 -27.07
O2B ATP J . 5.95 -9.39 -26.34
O3B ATP J . 6.55 -11.86 -26.21
PA ATP J . 6.37 -11.94 -29.53
O1A ATP J . 7.34 -11.60 -30.62
O2A ATP J . 6.91 -13.11 -28.75
O3A ATP J . 6.13 -10.64 -28.55
O5' ATP J . 4.91 -12.34 -30.17
C5' ATP J . 4.08 -13.30 -29.52
C4' ATP J . 3.46 -14.19 -30.53
O4' ATP J . 2.59 -13.40 -31.47
C3' ATP J . 4.51 -14.86 -31.32
O3' ATP J . 4.14 -16.26 -31.49
C2' ATP J . 4.51 -14.22 -32.63
O2' ATP J . 4.88 -15.21 -33.64
C1' ATP J . 3.15 -13.76 -32.84
N9 ATP J . 3.12 -12.62 -33.68
C8 ATP J . 3.78 -11.57 -33.41
N7 ATP J . 3.56 -10.70 -34.38
C5 ATP J . 2.70 -11.26 -35.27
C6 ATP J . 2.08 -10.90 -36.45
N6 ATP J . 2.32 -9.59 -37.03
N1 ATP J . 1.30 -11.75 -37.05
C2 ATP J . 1.06 -12.95 -36.54
N3 ATP J . 1.62 -13.35 -35.42
C4 ATP J . 2.43 -12.57 -34.75
MG MG K . 10.21 -10.64 -26.22
PG ATP L . -5.84 29.00 -1.03
O1G ATP L . -5.91 27.53 -1.21
O2G ATP L . -4.85 29.60 -1.99
O3G ATP L . -5.40 29.31 0.39
PB ATP L . -8.44 29.77 -0.07
O1B ATP L . -7.78 30.20 1.19
O2B ATP L . -9.11 28.46 0.13
O3B ATP L . -7.33 29.66 -1.26
PA ATP L . -9.39 32.46 -0.83
O1A ATP L . -7.95 32.75 -1.13
O2A ATP L . -9.82 33.30 0.33
O3A ATP L . -9.61 30.87 -0.47
O5' ATP L . -10.34 32.77 -2.12
C5' ATP L . -9.86 32.55 -3.45
C4' ATP L . -10.41 33.64 -4.27
O4' ATP L . -11.89 33.48 -4.37
C3' ATP L . -10.16 34.92 -3.59
O3' ATP L . -8.97 35.57 -4.13
C2' ATP L . -11.31 35.76 -3.85
O2' ATP L . -11.01 36.62 -4.99
C1' ATP L . -12.43 34.88 -4.21
N9 ATP L . -13.41 34.92 -3.20
C8 ATP L . -13.25 34.34 -2.08
N7 ATP L . -14.33 34.55 -1.35
C5 ATP L . -15.20 35.31 -2.11
C6 ATP L . -16.46 35.85 -1.94
N6 ATP L . -17.20 35.65 -0.70
N1 ATP L . -16.99 36.54 -2.92
C2 ATP L . -16.33 36.73 -4.06
N3 ATP L . -15.13 36.24 -4.27
C4 ATP L . -14.53 35.53 -3.33
MG MG M . -5.82 30.42 2.10
PG ATP N . -17.29 -13.72 14.82
O1G ATP N . -16.02 -14.47 14.54
O2G ATP N . -17.10 -12.28 14.41
O3G ATP N . -17.62 -13.80 16.29
PB ATP N . -18.53 -15.89 13.34
O1B ATP N . -17.74 -16.81 14.20
O2B ATP N . -17.96 -15.85 11.96
O3B ATP N . -18.53 -14.39 13.97
PA ATP N . -21.09 -16.76 14.48
O1A ATP N . -21.81 -18.04 14.21
O2A ATP N . -20.31 -16.92 15.75
O3A ATP N . -20.09 -16.42 13.22
O5' ATP N . -22.16 -15.52 14.65
C5' ATP N . -22.93 -15.12 13.53
C4' ATP N . -24.28 -14.75 14.00
O4' ATP N . -25.30 -15.22 13.01
C3' ATP N . -24.56 -15.42 15.28
O3' ATP N . -25.34 -14.53 16.14
C2' ATP N . -25.34 -16.59 14.97
O2' ATP N . -26.29 -16.85 16.05
C1' ATP N . -26.05 -16.31 13.73
N9 ATP N . -26.09 -17.47 12.93
C8 ATP N . -25.04 -18.10 12.62
N7 ATP N . -25.39 -19.13 11.87
C5 ATP N . -26.75 -19.10 11.72
C6 ATP N . -27.71 -19.85 11.07
N6 ATP N . -27.34 -21.04 10.31
N1 ATP N . -28.97 -19.50 11.15
C2 ATP N . -29.33 -18.43 11.85
N3 ATP N . -28.47 -17.68 12.48
C4 ATP N . -27.18 -17.96 12.45
MG MG O . -16.48 -16.73 15.90
PB ADP P . -18.32 11.81 17.15
O1B ADP P . -17.93 11.73 18.59
O2B ADP P . -17.52 12.89 16.48
O3B ADP P . -18.04 10.49 16.43
PA ADP P . -20.70 13.46 17.56
O1A ADP P . -19.68 14.53 17.98
O2A ADP P . -21.59 13.11 18.77
O3A ADP P . -19.91 12.10 17.01
O5' ADP P . -21.67 14.05 16.33
C5' ADP P . -21.46 15.39 15.95
C4' ADP P . -22.57 15.86 15.11
O4' ADP P . -23.18 14.69 14.35
C3' ADP P . -23.65 16.38 15.93
O3' ADP P . -23.38 17.75 16.33
C2' ADP P . -24.78 16.33 15.03
O2' ADP P . -24.65 17.41 14.06
C1' ADP P . -24.63 15.06 14.31
N9 ADP P . -25.39 14.05 14.99
C8 ADP P . -24.83 13.07 15.59
N7 ADP P . -25.80 12.32 16.13
C5 ADP P . -26.98 12.89 15.82
C6 ADP P . -28.29 12.62 16.06
N6 ADP P . -28.68 11.40 16.86
N1 ADP P . -29.23 13.43 15.56
C2 ADP P . -28.89 14.52 14.84
N3 ADP P . -27.65 14.83 14.59
C4 ADP P . -26.67 14.06 15.04
MG MG Q . -16.76 12.34 20.16
PB ADP R . -5.44 -26.64 -8.36
O1B ADP R . -4.32 -27.61 -8.20
O2B ADP R . -5.09 -25.61 -9.38
O3B ADP R . -5.71 -25.95 -7.03
PA ADP R . -7.04 -29.04 -8.65
O1A ADP R . -6.38 -29.52 -7.34
O2A ADP R . -6.41 -29.81 -9.85
O3A ADP R . -6.78 -27.42 -8.86
O5' ADP R . -8.67 -29.33 -8.60
C5' ADP R . -9.52 -28.31 -8.09
C4' ADP R . -10.92 -28.75 -8.20
O4' ADP R . -11.55 -28.14 -9.44
C3' ADP R . -10.99 -30.20 -8.37
O3' ADP R . -11.08 -30.89 -7.09
C2' ADP R . -12.20 -30.41 -9.14
O2' ADP R . -13.34 -30.36 -8.23
C1' ADP R . -12.30 -29.28 -10.07
N9 ADP R . -11.68 -29.63 -11.34
C8 ADP R . -10.47 -29.29 -11.63
N7 ADP R . -10.21 -29.76 -12.85
C5 ADP R . -11.31 -30.40 -13.31
C6 ADP R . -11.65 -31.07 -14.44
N6 ADP R . -10.67 -31.20 -15.55
N1 ADP R . -12.88 -31.58 -14.53
C2 ADP R . -13.76 -31.45 -13.53
N3 ADP R . -13.49 -30.83 -12.42
C4 ADP R . -12.29 -30.28 -12.24
MG MG S . -2.60 -28.23 -6.98
#